data_3NBZ
#
_entry.id   3NBZ
#
_cell.length_a   72.660
_cell.length_b   224.617
_cell.length_c   164.021
_cell.angle_alpha   90.00
_cell.angle_beta   100.82
_cell.angle_gamma   90.00
#
_symmetry.space_group_name_H-M   'P 1 21 1'
#
loop_
_entity.id
_entity.type
_entity.pdbx_description
1 polymer Exportin-1
2 polymer Snurportin-1
3 polymer 'GTP-binding nuclear protein Ran'
4 non-polymer "GUANOSINE-5'-TRIPHOSPHATE"
5 non-polymer 'MAGNESIUM ION'
6 non-polymer 'SODIUM ION'
7 water water
#
loop_
_entity_poly.entity_id
_entity_poly.type
_entity_poly.pdbx_seq_one_letter_code
_entity_poly.pdbx_strand_id
1 'polypeptide(L)'
;GSMPAIMTMLADHAARQLLDFSQKLDINLLDNVVNCLYHGEGAQQRMAQEVLTHLKEHPDAWTRVDTILEFSQNMNTKYY
GLQILENVIKTRWKILPRNQCEGIKKYVVGLIIKTSSDPTCVEKEKVYIGKLNMILVQILKQEWPKHWPTFISDIVGASR
TSESLCQNNMVILKLLSEEVFDFSSGQITQVKAKHLKDSMCNEFSQIFQLCQFVMENSQNAPLVHATLETLLRFLNWIPL
GYIFETKLISTLIYKFLNVPMFRNVSLKCLTEIAGVSVSQYEEQFETLFTLTMMQLKQMLPLNTNIRLAYSNGKDDEQNF
IQNLSLFLCTFLKEHGQLLEKRLNLREALMEALHYMLLVSEVEETEIFKICLEYWNHLAAELYRESPFSTSASPLLSGSQ
HFDIPPRRQLYLTVLSKVRLLMVSRMAKPEEVLVVENDQGEVVREFMKDTDSINLYKNMRETLVYLTHLDYVDTEIIMTK
KLQNQVNGTEWSWKNLNTLCWAIGSISGAMHEEDEKRFLVTVIKDLLGLCEQKRGKDNKAIIASNIMYIVGQYPRFLRAH
WKFLKTVVNKLFEFMHETHDGVQDMACDTFIKIAQKCRRHFVQVQVGEVMPFIDEILNNINTIICDLQPQQVHTFYEAVG
YMIGAQTDQTVQEHLIEKYMLLPNQVWDSIIQQATKNVDILKDPETVKQLGSILKTNVRACKAVGHPFVIQLGRIYLDML
NVYKCLSENISAAIQANGEMVTKQPLIRSMRTVKRETLKLISGWVSRSNDPQMVAENFVPPLLDAVLIDYQRNVPAAREP
EVLSTMAIIVNKLGGHITAEIPQIFDAVFECTLNMINKDFEEYPEHRTNFFLLLQAVNSHCFPAFLAIPPAQFKLVLDSI
IWAFKHTMRNVADTGLQILFTLLQNVAQEEAAAQSFYQTYFCDILQHIFSVVTDTSHTAGLTMHASILAYMFNLVEEGKI
STPLNPGNPVNNQMFIQDYVANLLKSAFPHLQDAQVKLFVTGLFSLNQDIPAFKEHLRDFLVQIKEFAGEDTSDLFLEER
ETALRQAQEEKHKLQMSVPGILNPHEIPEEMCD
;
A,D
2 'polypeptide(L)'
;GSPVPLQLPPLERLTLSQDLNSTAAPHPRLSQYKSKYSSLEQSERRRRLLELQKSKRLDYVNHARRLAEDDWTGMESEEE
NKKDDEEMDIDTVKKLPKHYANQLMLSEWLIDVPSDLGQEWIVVVCPVGKRALIVASRGSTSAYTKSGYCVNRFSSLLPG
GNRRNSTAKDYTILDCIYNEVNQTYYVLDVMCWRGHPFYDCQTDFRFYWMHSKLPEEEGLGEKTKLNPFKFVGLKNFPCT
PESLCDVLSMDFPFEVDGLLFYHKQTHYSPGSTPLVGWLRPYMVSDVLGVAVPAGPLTTKPDYAGHQLQQIMEHKKSQKE
GMKEKLTHKASENGHYELEHLSTPKLKGSSHSPDHPGCLMEN
;
B,E
3 'polypeptide(L)'
;GEPQVQFKLVLVGDGGTGKTTFVKRHLTGEFEKKYVATLGVEVHPLVFHTNRGPIKFNVWDTAGLEKFGGLRDGYYIQAQ
CAIIMFDVTSRVTYKNVPNWHRDLVRVCENIPIVLCGNKVDIKDRKVKAKSIVFHRKKNLQYYDISAKSNYNFEKPFLWL
ARKLIGDPNLEFVAMP
;
C,F
#
# COMPACT_ATOMS: atom_id res chain seq x y z
N HIS A 13 -16.95 10.18 61.60
CA HIS A 13 -18.35 10.52 61.39
C HIS A 13 -18.88 9.93 60.09
N ALA A 14 -19.33 8.68 60.12
CA ALA A 14 -19.89 8.01 58.96
C ALA A 14 -21.15 8.72 58.47
N ALA A 15 -22.03 9.06 59.41
CA ALA A 15 -23.19 9.93 59.15
C ALA A 15 -24.20 9.40 58.14
N ARG A 16 -24.36 8.08 58.06
CA ARG A 16 -25.35 7.50 57.16
C ARG A 16 -26.68 7.29 57.88
N GLN A 17 -27.78 7.35 57.13
CA GLN A 17 -29.12 7.22 57.71
C GLN A 17 -30.15 6.57 56.79
N LEU A 18 -30.16 5.24 56.78
CA LEU A 18 -31.18 4.46 56.08
C LEU A 18 -32.14 3.87 57.11
N LEU A 19 -31.98 4.30 58.36
CA LEU A 19 -32.68 3.69 59.49
C LEU A 19 -33.92 4.46 59.93
N ASP A 20 -35.07 4.11 59.38
CA ASP A 20 -36.32 4.79 59.72
C ASP A 20 -36.91 4.24 61.01
N PHE A 21 -36.88 2.92 61.16
CA PHE A 21 -37.49 2.26 62.31
C PHE A 21 -36.79 2.66 63.61
N SER A 22 -35.92 3.65 63.53
CA SER A 22 -35.29 4.22 64.70
C SER A 22 -35.56 5.72 64.78
N GLN A 23 -35.74 6.23 66.00
CA GLN A 23 -36.00 7.64 66.23
C GLN A 23 -34.87 8.51 65.69
N LYS A 24 -35.00 8.95 64.44
CA LYS A 24 -33.90 9.60 63.74
C LYS A 24 -33.82 11.12 63.88
N LEU A 25 -32.65 11.56 64.34
CA LEU A 25 -32.47 12.89 64.89
C LEU A 25 -32.35 14.00 63.86
N ASP A 26 -32.09 15.21 64.37
CA ASP A 26 -32.07 16.40 63.56
C ASP A 26 -30.71 17.07 63.61
N ILE A 27 -30.11 17.09 64.79
CA ILE A 27 -28.80 17.70 64.99
C ILE A 27 -27.77 17.07 64.04
N ASN A 28 -27.97 15.79 63.72
CA ASN A 28 -27.02 15.09 62.90
C ASN A 28 -27.14 15.46 61.42
N LEU A 29 -28.32 15.25 60.85
CA LEU A 29 -28.59 15.64 59.48
C LEU A 29 -28.24 17.12 59.26
N LEU A 30 -28.47 17.93 60.28
CA LEU A 30 -28.21 19.36 60.22
C LEU A 30 -26.71 19.63 60.22
N ASP A 31 -25.92 18.57 60.38
CA ASP A 31 -24.47 18.68 60.45
C ASP A 31 -23.83 18.33 59.11
N ASN A 32 -24.53 17.52 58.33
CA ASN A 32 -24.04 17.12 57.03
C ASN A 32 -24.33 18.19 56.01
N VAL A 33 -25.49 18.82 56.14
CA VAL A 33 -25.89 19.90 55.26
C VAL A 33 -24.94 21.08 55.35
N VAL A 34 -24.38 21.30 56.54
CA VAL A 34 -23.39 22.36 56.72
C VAL A 34 -22.09 21.95 56.02
N ASN A 35 -21.86 20.64 55.94
CA ASN A 35 -20.70 20.10 55.22
C ASN A 35 -20.85 20.29 53.72
N CYS A 36 -22.03 19.97 53.20
CA CYS A 36 -22.35 20.14 51.79
C CYS A 36 -22.06 21.56 51.31
N LEU A 37 -22.30 22.55 52.17
CA LEU A 37 -22.12 23.93 51.78
C LEU A 37 -20.77 24.55 52.21
N TYR A 38 -19.99 23.86 53.06
CA TYR A 38 -18.85 24.53 53.71
C TYR A 38 -17.39 24.01 53.60
N HIS A 39 -17.14 22.70 53.61
CA HIS A 39 -15.75 22.28 53.87
C HIS A 39 -14.84 21.67 52.77
N GLY A 40 -15.11 20.46 52.28
CA GLY A 40 -14.20 19.90 51.30
C GLY A 40 -14.44 18.50 50.77
N GLU A 41 -13.36 17.73 50.64
CA GLU A 41 -13.43 16.38 50.09
C GLU A 41 -14.29 15.48 50.96
N GLY A 42 -14.53 15.91 52.19
CA GLY A 42 -15.47 15.23 53.04
C GLY A 42 -16.88 15.52 52.56
N ALA A 43 -17.05 16.72 52.00
CA ALA A 43 -18.36 17.16 51.53
C ALA A 43 -18.90 16.31 50.39
N GLN A 44 -18.01 15.71 49.61
CA GLN A 44 -18.42 14.77 48.58
C GLN A 44 -19.31 13.70 49.20
N GLN A 45 -18.86 13.16 50.33
CA GLN A 45 -19.59 12.09 51.02
C GLN A 45 -20.91 12.62 51.55
N ARG A 46 -20.89 13.84 52.07
CA ARG A 46 -22.08 14.47 52.62
C ARG A 46 -23.13 14.65 51.54
N MET A 47 -22.74 15.31 50.45
CA MET A 47 -23.61 15.47 49.29
C MET A 47 -24.05 14.11 48.80
N ALA A 48 -23.16 13.13 48.89
CA ALA A 48 -23.43 11.79 48.40
C ALA A 48 -24.43 11.03 49.27
N GLN A 49 -24.61 11.46 50.51
CA GLN A 49 -25.50 10.76 51.43
C GLN A 49 -26.89 11.38 51.49
N GLU A 50 -26.96 12.70 51.30
CA GLU A 50 -28.25 13.37 51.22
C GLU A 50 -28.97 13.00 49.93
N VAL A 51 -28.22 12.71 48.88
CA VAL A 51 -28.81 12.17 47.65
C VAL A 51 -29.48 10.83 47.98
N LEU A 52 -28.92 10.13 48.96
CA LEU A 52 -29.43 8.81 49.33
C LEU A 52 -30.58 8.84 50.35
N THR A 53 -30.72 9.94 51.08
CA THR A 53 -31.87 10.12 51.98
C THR A 53 -33.15 10.36 51.18
N HIS A 54 -33.12 9.97 49.90
CA HIS A 54 -34.29 10.02 49.02
C HIS A 54 -34.61 8.64 48.50
N LEU A 55 -34.92 7.72 49.42
CA LEU A 55 -35.22 6.33 49.08
C LEU A 55 -36.66 5.98 49.45
N LYS A 56 -36.85 5.59 50.71
CA LYS A 56 -38.16 5.19 51.20
C LYS A 56 -39.20 6.27 50.95
N GLU A 57 -39.26 7.25 51.85
CA GLU A 57 -40.23 8.34 51.72
C GLU A 57 -39.77 9.60 52.46
N HIS A 58 -40.74 10.40 52.89
CA HIS A 58 -40.48 11.65 53.59
C HIS A 58 -41.18 11.71 54.94
N PRO A 59 -41.22 10.58 55.67
CA PRO A 59 -41.84 10.64 56.99
C PRO A 59 -41.02 11.53 57.91
N ASP A 60 -39.90 12.03 57.39
CA ASP A 60 -39.02 12.91 58.14
C ASP A 60 -39.41 14.37 57.91
N ALA A 61 -39.94 14.67 56.74
CA ALA A 61 -40.28 16.02 56.36
C ALA A 61 -40.85 16.82 57.52
N TRP A 62 -41.93 16.31 58.11
CA TRP A 62 -42.69 17.03 59.13
C TRP A 62 -41.83 17.49 60.31
N THR A 63 -40.95 16.61 60.78
CA THR A 63 -40.13 16.93 61.94
C THR A 63 -38.85 17.68 61.55
N ARG A 64 -38.53 17.68 60.26
CA ARG A 64 -37.34 18.37 59.78
C ARG A 64 -37.56 19.88 59.68
N VAL A 65 -38.72 20.28 59.16
CA VAL A 65 -39.09 21.71 59.13
C VAL A 65 -39.66 22.16 60.48
N ASP A 66 -40.26 21.22 61.21
CA ASP A 66 -40.69 21.48 62.59
C ASP A 66 -39.48 21.86 63.43
N THR A 67 -38.82 20.84 63.96
CA THR A 67 -37.58 21.03 64.67
C THR A 67 -36.51 21.37 63.63
N ILE A 68 -36.09 22.63 63.62
CA ILE A 68 -35.20 23.16 62.59
C ILE A 68 -33.98 22.30 62.31
N GLN A 73 -27.05 25.54 57.29
CA GLN A 73 -27.41 25.74 58.69
C GLN A 73 -28.86 25.37 58.94
N ASN A 74 -29.65 26.33 59.42
CA ASN A 74 -31.06 26.11 59.73
C ASN A 74 -31.95 26.09 58.49
N MET A 75 -32.15 27.26 57.90
CA MET A 75 -33.01 27.39 56.73
C MET A 75 -32.62 26.41 55.63
N ASN A 76 -31.31 26.14 55.55
CA ASN A 76 -30.77 25.21 54.58
C ASN A 76 -31.29 23.78 54.74
N THR A 77 -31.48 23.35 55.99
CA THR A 77 -32.02 22.01 56.26
C THR A 77 -33.50 21.94 55.95
N LYS A 78 -34.22 23.01 56.31
CA LYS A 78 -35.64 23.12 55.97
C LYS A 78 -35.78 23.11 54.46
N TYR A 79 -34.93 23.87 53.79
CA TYR A 79 -34.92 23.89 52.33
C TYR A 79 -34.77 22.47 51.77
N TYR A 80 -33.78 21.74 52.26
CA TYR A 80 -33.54 20.36 51.82
C TYR A 80 -34.78 19.49 52.00
N GLY A 81 -35.43 19.61 53.15
CA GLY A 81 -36.62 18.83 53.44
C GLY A 81 -37.76 19.18 52.50
N LEU A 82 -37.78 20.42 52.03
CA LEU A 82 -38.80 20.89 51.10
C LEU A 82 -38.70 20.19 49.74
N GLN A 83 -37.48 19.94 49.30
CA GLN A 83 -37.24 19.24 48.04
C GLN A 83 -37.89 17.86 48.07
N ILE A 84 -37.82 17.20 49.22
CA ILE A 84 -38.36 15.86 49.38
C ILE A 84 -39.88 15.90 49.31
N LEU A 85 -40.46 16.79 50.11
CA LEU A 85 -41.89 17.05 50.06
C LEU A 85 -42.30 17.42 48.64
N GLU A 86 -41.45 18.20 47.97
CA GLU A 86 -41.73 18.65 46.61
C GLU A 86 -41.86 17.45 45.68
N ASN A 87 -41.01 16.45 45.89
CA ASN A 87 -41.03 15.28 45.03
C ASN A 87 -42.30 14.46 45.16
N VAL A 88 -42.65 14.08 46.39
CA VAL A 88 -43.84 13.27 46.61
C VAL A 88 -45.09 13.92 46.02
N ILE A 89 -45.16 15.24 46.09
CA ILE A 89 -46.29 15.98 45.52
C ILE A 89 -46.37 15.87 44.00
N LYS A 90 -45.24 16.00 43.33
CA LYS A 90 -45.21 15.91 41.87
C LYS A 90 -45.34 14.46 41.41
N THR A 91 -45.26 13.53 42.36
CA THR A 91 -45.13 12.11 42.03
C THR A 91 -46.31 11.25 42.45
N ARG A 92 -46.61 11.26 43.74
CA ARG A 92 -47.60 10.34 44.31
C ARG A 92 -48.84 11.06 44.82
N TRP A 93 -48.91 12.36 44.57
CA TRP A 93 -50.03 13.15 45.06
C TRP A 93 -51.37 12.42 44.82
N LYS A 94 -51.55 11.92 43.59
CA LYS A 94 -52.81 11.27 43.21
C LYS A 94 -53.16 10.05 44.06
N ILE A 95 -52.23 9.13 44.22
CA ILE A 95 -52.50 7.91 44.98
C ILE A 95 -52.50 8.09 46.50
N LEU A 96 -52.17 9.29 46.97
CA LEU A 96 -52.24 9.60 48.39
C LEU A 96 -53.69 9.65 48.84
N PRO A 97 -53.94 9.26 50.10
CA PRO A 97 -55.29 9.39 50.66
C PRO A 97 -55.69 10.86 50.68
N ARG A 98 -56.91 11.17 50.24
CA ARG A 98 -57.36 12.56 50.16
C ARG A 98 -57.14 13.34 51.45
N ASN A 99 -57.50 12.72 52.58
CA ASN A 99 -57.36 13.35 53.88
C ASN A 99 -55.91 13.75 54.21
N GLN A 100 -54.95 13.06 53.61
CA GLN A 100 -53.54 13.36 53.82
C GLN A 100 -53.07 14.47 52.87
N CYS A 101 -53.56 14.46 51.64
CA CYS A 101 -53.29 15.55 50.71
C CYS A 101 -53.73 16.87 51.36
N GLU A 102 -54.86 16.81 52.05
CA GLU A 102 -55.43 17.98 52.69
C GLU A 102 -54.57 18.47 53.85
N GLY A 103 -53.89 17.54 54.52
CA GLY A 103 -52.96 17.90 55.57
C GLY A 103 -51.82 18.70 54.98
N ILE A 104 -51.37 18.30 53.80
CA ILE A 104 -50.22 18.94 53.17
C ILE A 104 -50.52 20.39 52.83
N LYS A 105 -51.66 20.61 52.17
CA LYS A 105 -52.05 21.93 51.71
C LYS A 105 -52.22 22.90 52.86
N LYS A 106 -52.76 22.41 53.97
CA LYS A 106 -52.96 23.24 55.15
C LYS A 106 -51.62 23.53 55.84
N TYR A 107 -50.76 22.51 55.91
CA TYR A 107 -49.43 22.65 56.47
C TYR A 107 -48.62 23.62 55.64
N VAL A 108 -48.75 23.48 54.32
CA VAL A 108 -48.05 24.34 53.37
C VAL A 108 -48.58 25.78 53.40
N VAL A 109 -49.90 25.93 53.31
CA VAL A 109 -50.51 27.27 53.41
C VAL A 109 -50.08 27.94 54.70
N GLY A 110 -50.33 27.27 55.82
CA GLY A 110 -49.93 27.77 57.13
C GLY A 110 -48.48 28.20 57.18
N LEU A 111 -47.59 27.30 56.76
CA LEU A 111 -46.16 27.58 56.69
C LEU A 111 -45.84 28.85 55.89
N ILE A 112 -46.61 29.10 54.84
CA ILE A 112 -46.47 30.32 54.05
C ILE A 112 -46.95 31.53 54.83
N ILE A 113 -48.14 31.40 55.43
CA ILE A 113 -48.70 32.48 56.22
C ILE A 113 -47.69 32.98 57.25
N LYS A 114 -47.20 32.06 58.08
CA LYS A 114 -46.28 32.42 59.17
C LYS A 114 -45.03 33.16 58.73
N THR A 115 -44.28 32.56 57.80
CA THR A 115 -43.00 33.09 57.38
C THR A 115 -43.12 34.51 56.82
N SER A 116 -44.16 34.74 56.02
CA SER A 116 -44.42 36.04 55.41
C SER A 116 -44.46 37.15 56.44
N SER A 117 -45.53 37.18 57.22
CA SER A 117 -45.75 38.19 58.26
C SER A 117 -44.46 38.56 58.98
N ASP A 118 -43.81 37.57 59.58
CA ASP A 118 -42.61 37.77 60.40
C ASP A 118 -41.80 39.00 59.99
N PRO A 119 -41.52 39.89 60.96
CA PRO A 119 -40.69 41.09 60.76
C PRO A 119 -39.29 40.78 60.25
N THR A 120 -38.92 39.50 60.18
CA THR A 120 -37.59 39.10 59.76
C THR A 120 -37.65 38.22 58.51
N CYS A 121 -38.54 38.56 57.58
CA CYS A 121 -38.72 37.76 56.38
C CYS A 121 -37.68 38.06 55.31
N VAL A 122 -37.04 39.22 55.41
CA VAL A 122 -35.97 39.58 54.47
C VAL A 122 -34.68 38.82 54.79
N GLU A 123 -34.58 38.30 56.00
CA GLU A 123 -33.40 37.57 56.44
C GLU A 123 -33.54 36.07 56.20
N LYS A 124 -34.60 35.48 56.74
CA LYS A 124 -34.92 34.09 56.41
C LYS A 124 -35.17 34.07 54.92
N GLU A 125 -34.06 34.00 54.19
CA GLU A 125 -34.00 34.28 52.76
C GLU A 125 -35.29 34.10 51.97
N LYS A 126 -35.44 34.94 50.94
CA LYS A 126 -36.49 34.77 49.95
C LYS A 126 -36.39 33.35 49.41
N VAL A 127 -35.24 32.71 49.65
CA VAL A 127 -34.96 31.35 49.23
C VAL A 127 -35.95 30.35 49.82
N TYR A 128 -36.10 30.36 51.14
CA TYR A 128 -37.06 29.51 51.82
C TYR A 128 -38.49 29.84 51.35
N ILE A 129 -38.82 31.12 51.29
CA ILE A 129 -40.12 31.56 50.80
C ILE A 129 -40.35 31.08 49.38
N GLY A 130 -39.45 31.46 48.48
CA GLY A 130 -39.56 31.08 47.09
C GLY A 130 -39.84 29.61 46.93
N LYS A 131 -39.30 28.81 47.85
CA LYS A 131 -39.47 27.36 47.80
C LYS A 131 -40.86 26.95 48.27
N LEU A 132 -41.30 27.55 49.37
CA LEU A 132 -42.64 27.28 49.89
C LEU A 132 -43.66 27.62 48.81
N ASN A 133 -43.71 28.90 48.43
CA ASN A 133 -44.62 29.33 47.38
C ASN A 133 -44.57 28.38 46.20
N MET A 134 -43.35 28.01 45.80
CA MET A 134 -43.17 27.13 44.65
C MET A 134 -43.81 25.77 44.88
N ILE A 135 -43.79 25.31 46.13
CA ILE A 135 -44.43 24.05 46.48
C ILE A 135 -45.95 24.19 46.41
N LEU A 136 -46.46 25.32 46.91
CA LEU A 136 -47.89 25.62 46.80
C LEU A 136 -48.36 25.55 45.36
N VAL A 137 -47.61 26.17 44.46
CA VAL A 137 -47.90 26.12 43.03
C VAL A 137 -47.89 24.66 42.56
N GLN A 138 -46.90 23.90 43.02
CA GLN A 138 -46.83 22.46 42.77
C GLN A 138 -48.17 21.79 43.09
N ILE A 139 -48.61 21.94 44.33
CA ILE A 139 -49.92 21.44 44.75
C ILE A 139 -51.06 21.95 43.85
N LEU A 140 -51.06 23.23 43.52
CA LEU A 140 -52.13 23.80 42.70
C LEU A 140 -52.20 23.16 41.32
N LYS A 141 -51.05 22.88 40.71
CA LYS A 141 -51.04 22.20 39.42
C LYS A 141 -51.82 20.91 39.52
N GLN A 142 -51.84 20.33 40.71
CA GLN A 142 -52.51 19.07 40.93
C GLN A 142 -54.02 19.18 41.04
N GLU A 143 -54.51 20.10 41.88
CA GLU A 143 -55.95 20.13 42.12
C GLU A 143 -56.60 21.52 42.19
N TRP A 144 -55.92 22.56 41.71
CA TRP A 144 -56.42 23.92 41.83
C TRP A 144 -57.85 24.14 41.32
N PRO A 145 -58.14 23.69 40.09
CA PRO A 145 -59.50 23.88 39.59
C PRO A 145 -60.52 23.05 40.37
N LYS A 146 -60.37 21.74 40.35
CA LYS A 146 -61.40 20.83 40.83
C LYS A 146 -61.53 20.66 42.34
N HIS A 147 -60.43 20.76 43.07
CA HIS A 147 -60.47 20.49 44.51
C HIS A 147 -60.05 21.69 45.36
N TRP A 148 -59.88 22.83 44.70
CA TRP A 148 -59.42 24.05 45.36
C TRP A 148 -60.13 25.23 44.72
N PRO A 149 -61.45 25.10 44.51
CA PRO A 149 -62.18 26.06 43.66
C PRO A 149 -62.09 27.52 44.11
N THR A 150 -62.11 27.76 45.42
CA THR A 150 -62.12 29.13 45.94
C THR A 150 -60.73 29.78 46.00
N PHE A 151 -59.72 29.13 45.42
CA PHE A 151 -58.35 29.59 45.55
C PHE A 151 -58.15 31.05 45.16
N ILE A 152 -58.49 31.38 43.91
CA ILE A 152 -58.30 32.74 43.42
C ILE A 152 -59.09 33.78 44.22
N SER A 153 -60.34 33.47 44.57
CA SER A 153 -61.13 34.37 45.39
C SER A 153 -60.46 34.57 46.75
N ASP A 154 -60.10 33.47 47.41
CA ASP A 154 -59.45 33.52 48.72
C ASP A 154 -58.21 34.41 48.72
N ILE A 155 -57.23 34.08 47.87
CA ILE A 155 -55.98 34.84 47.84
C ILE A 155 -56.20 36.32 47.54
N VAL A 156 -57.22 36.63 46.74
CA VAL A 156 -57.53 38.03 46.45
C VAL A 156 -58.02 38.73 47.69
N GLY A 157 -58.99 38.10 48.38
CA GLY A 157 -59.51 38.63 49.61
C GLY A 157 -58.41 38.85 50.64
N ALA A 158 -57.48 37.92 50.71
CA ALA A 158 -56.37 37.99 51.65
C ALA A 158 -55.39 39.09 51.27
N SER A 159 -55.23 39.31 49.97
CA SER A 159 -54.29 40.31 49.49
C SER A 159 -54.82 41.69 49.80
N ARG A 160 -56.13 41.76 50.03
CA ARG A 160 -56.79 43.04 50.23
C ARG A 160 -56.85 43.41 51.72
N THR A 161 -56.72 42.41 52.57
CA THR A 161 -56.74 42.66 54.01
C THR A 161 -55.34 42.93 54.54
N SER A 162 -54.35 42.21 54.00
CA SER A 162 -52.98 42.33 54.46
C SER A 162 -52.02 42.55 53.29
N GLU A 163 -51.20 43.60 53.40
CA GLU A 163 -50.22 43.91 52.37
C GLU A 163 -49.13 42.85 52.36
N SER A 164 -48.62 42.53 53.55
CA SER A 164 -47.60 41.52 53.68
C SER A 164 -48.05 40.25 52.95
N LEU A 165 -49.32 39.91 53.12
CA LEU A 165 -49.90 38.75 52.45
C LEU A 165 -50.06 39.01 50.95
N CYS A 166 -50.22 40.28 50.60
CA CYS A 166 -50.42 40.68 49.22
C CYS A 166 -49.11 40.59 48.45
N GLN A 167 -48.05 41.09 49.08
CA GLN A 167 -46.72 41.05 48.48
C GLN A 167 -46.28 39.66 48.07
N ASN A 168 -46.52 38.69 48.96
CA ASN A 168 -46.15 37.32 48.68
C ASN A 168 -47.12 36.65 47.72
N ASN A 169 -48.41 36.93 47.89
CA ASN A 169 -49.42 36.38 47.00
C ASN A 169 -49.15 36.79 45.56
N MET A 170 -48.51 37.93 45.39
CA MET A 170 -48.16 38.43 44.07
C MET A 170 -47.06 37.58 43.48
N VAL A 171 -46.22 37.02 44.34
CA VAL A 171 -45.19 36.09 43.89
C VAL A 171 -45.82 34.73 43.56
N ILE A 172 -46.86 34.38 44.33
CA ILE A 172 -47.58 33.13 44.10
C ILE A 172 -48.25 33.13 42.73
N LEU A 173 -48.64 34.31 42.27
CA LEU A 173 -49.32 34.45 40.98
C LEU A 173 -48.34 34.53 39.80
N LYS A 174 -47.15 35.05 40.05
CA LYS A 174 -46.11 35.11 39.04
C LYS A 174 -45.61 33.71 38.74
N LEU A 175 -45.37 32.95 39.80
CA LEU A 175 -44.94 31.55 39.68
C LEU A 175 -46.02 30.71 39.01
N LEU A 176 -47.23 30.74 39.55
CA LEU A 176 -48.31 29.95 38.97
C LEU A 176 -48.45 30.22 37.47
N SER A 177 -48.34 31.49 37.08
CA SER A 177 -48.50 31.90 35.69
C SER A 177 -47.39 31.32 34.79
N GLU A 178 -46.14 31.45 35.23
CA GLU A 178 -45.01 30.95 34.44
C GLU A 178 -44.88 29.43 34.49
N GLU A 179 -45.61 28.80 35.41
CA GLU A 179 -45.63 27.33 35.46
C GLU A 179 -46.71 26.76 34.55
N VAL A 180 -47.66 27.61 34.16
CA VAL A 180 -48.75 27.18 33.30
C VAL A 180 -48.58 27.69 31.85
N PHE A 181 -47.95 28.84 31.69
CA PHE A 181 -47.83 29.45 30.36
C PHE A 181 -46.41 29.60 29.84
N ASP A 182 -45.41 29.40 30.70
CA ASP A 182 -44.03 29.57 30.30
C ASP A 182 -43.26 28.25 30.21
N PHE A 183 -43.50 27.37 31.17
CA PHE A 183 -42.68 26.16 31.29
C PHE A 183 -43.53 24.90 31.38
N SER A 184 -44.75 24.96 30.86
CA SER A 184 -45.66 23.83 30.94
C SER A 184 -45.31 22.73 29.94
N SER A 185 -44.90 23.12 28.74
CA SER A 185 -44.60 22.13 27.70
C SER A 185 -43.44 21.25 28.12
N GLY A 186 -43.74 20.00 28.42
CA GLY A 186 -42.74 19.07 28.89
C GLY A 186 -43.03 18.59 30.29
N GLN A 187 -43.26 19.53 31.21
CA GLN A 187 -43.56 19.15 32.58
C GLN A 187 -45.03 18.76 32.75
N ILE A 188 -45.90 19.41 31.99
CA ILE A 188 -47.34 19.10 32.03
C ILE A 188 -47.76 18.45 30.72
N THR A 189 -48.79 17.61 30.79
CA THR A 189 -49.32 17.02 29.56
C THR A 189 -50.21 18.05 28.85
N GLN A 190 -50.34 17.88 27.53
CA GLN A 190 -51.00 18.86 26.67
C GLN A 190 -52.44 19.20 27.07
N VAL A 191 -53.28 18.18 27.24
CA VAL A 191 -54.67 18.41 27.63
C VAL A 191 -54.79 18.98 29.05
N LYS A 192 -53.94 18.50 29.96
CA LYS A 192 -53.95 19.00 31.33
C LYS A 192 -53.59 20.48 31.35
N ALA A 193 -52.58 20.84 30.57
CA ALA A 193 -52.09 22.21 30.56
C ALA A 193 -53.13 23.19 30.03
N LYS A 194 -53.83 22.78 28.97
CA LYS A 194 -54.86 23.63 28.38
C LYS A 194 -56.01 23.87 29.36
N HIS A 195 -56.30 22.86 30.17
CA HIS A 195 -57.32 23.01 31.18
C HIS A 195 -56.91 24.01 32.26
N LEU A 196 -55.64 24.03 32.61
CA LEU A 196 -55.12 25.01 33.57
C LEU A 196 -55.04 26.39 32.94
N LYS A 197 -54.68 26.43 31.65
CA LYS A 197 -54.67 27.68 30.90
C LYS A 197 -56.08 28.27 30.89
N ASP A 198 -57.04 27.47 30.46
CA ASP A 198 -58.43 27.87 30.49
C ASP A 198 -58.78 28.41 31.88
N SER A 199 -58.46 27.61 32.90
CA SER A 199 -58.76 27.95 34.28
C SER A 199 -58.16 29.29 34.72
N MET A 200 -56.93 29.56 34.29
CA MET A 200 -56.24 30.81 34.62
C MET A 200 -56.89 32.00 33.92
N CYS A 201 -57.60 31.74 32.83
CA CYS A 201 -58.19 32.79 32.02
C CYS A 201 -59.63 33.11 32.43
N ASN A 202 -60.40 32.08 32.81
CA ASN A 202 -61.79 32.28 33.23
C ASN A 202 -61.91 33.03 34.56
N GLU A 203 -60.78 33.31 35.19
CA GLU A 203 -60.79 33.97 36.49
C GLU A 203 -59.69 35.02 36.63
N PHE A 204 -59.31 35.64 35.50
CA PHE A 204 -58.23 36.61 35.52
C PHE A 204 -58.71 38.03 35.80
N SER A 205 -60.01 38.24 35.82
CA SER A 205 -60.55 39.56 36.14
C SER A 205 -60.19 39.95 37.59
N GLN A 206 -60.78 39.25 38.54
CA GLN A 206 -60.49 39.50 39.96
C GLN A 206 -59.01 39.73 40.18
N ILE A 207 -58.18 38.89 39.57
CA ILE A 207 -56.73 39.05 39.64
C ILE A 207 -56.30 40.44 39.18
N PHE A 208 -56.55 40.76 37.92
CA PHE A 208 -56.07 41.98 37.28
C PHE A 208 -56.53 43.23 38.06
N GLN A 209 -57.77 43.17 38.53
CA GLN A 209 -58.30 44.24 39.39
C GLN A 209 -57.35 44.54 40.53
N LEU A 210 -57.09 43.54 41.37
CA LEU A 210 -56.18 43.70 42.50
C LEU A 210 -54.91 44.44 42.10
N CYS A 211 -54.30 44.01 41.00
CA CYS A 211 -53.07 44.62 40.51
C CYS A 211 -53.28 46.11 40.31
N GLN A 212 -54.38 46.47 39.65
CA GLN A 212 -54.71 47.87 39.42
C GLN A 212 -54.92 48.62 40.72
N PHE A 213 -55.64 47.98 41.64
CA PHE A 213 -55.90 48.56 42.94
C PHE A 213 -54.58 48.92 43.61
N VAL A 214 -53.64 47.99 43.56
CA VAL A 214 -52.33 48.22 44.15
C VAL A 214 -51.58 49.36 43.46
N MET A 215 -51.57 49.34 42.14
CA MET A 215 -50.87 50.37 41.37
C MET A 215 -51.41 51.77 41.61
N GLU A 216 -52.71 51.87 41.88
CA GLU A 216 -53.35 53.16 42.10
C GLU A 216 -53.24 53.66 43.54
N ASN A 217 -53.33 52.75 44.49
CA ASN A 217 -53.46 53.14 45.90
C ASN A 217 -52.26 52.84 46.78
N SER A 218 -51.76 51.61 46.69
CA SER A 218 -50.64 51.17 47.53
C SER A 218 -49.44 52.08 47.42
N GLN A 219 -48.89 52.51 48.55
CA GLN A 219 -47.70 53.34 48.56
C GLN A 219 -46.54 52.52 49.09
N ASN A 220 -46.74 51.20 49.09
CA ASN A 220 -45.72 50.26 49.53
C ASN A 220 -44.82 49.85 48.36
N ALA A 221 -43.60 50.39 48.35
CA ALA A 221 -42.70 50.21 47.20
C ALA A 221 -42.38 48.74 46.89
N PRO A 222 -42.02 47.95 47.91
CA PRO A 222 -41.73 46.54 47.65
C PRO A 222 -42.95 45.80 47.10
N LEU A 223 -44.11 46.04 47.70
CA LEU A 223 -45.36 45.47 47.23
C LEU A 223 -45.66 45.90 45.78
N VAL A 224 -45.49 47.19 45.50
CA VAL A 224 -45.80 47.71 44.16
C VAL A 224 -44.83 47.25 43.10
N HIS A 225 -43.53 47.31 43.37
CA HIS A 225 -42.54 46.83 42.42
C HIS A 225 -42.84 45.38 42.04
N ALA A 226 -43.13 44.57 43.04
CA ALA A 226 -43.44 43.16 42.83
C ALA A 226 -44.72 42.96 42.03
N THR A 227 -45.63 43.93 42.09
CA THR A 227 -46.85 43.86 41.27
C THR A 227 -46.53 44.18 39.81
N LEU A 228 -45.49 44.99 39.61
CA LEU A 228 -45.03 45.30 38.26
C LEU A 228 -44.25 44.11 37.73
N GLU A 229 -43.73 43.32 38.65
CA GLU A 229 -42.91 42.18 38.29
C GLU A 229 -43.84 41.04 37.91
N THR A 230 -44.94 40.93 38.62
CA THR A 230 -45.89 39.85 38.35
C THR A 230 -46.63 40.17 37.06
N LEU A 231 -46.83 41.47 36.81
CA LEU A 231 -47.44 41.95 35.58
C LEU A 231 -46.59 41.60 34.36
N LEU A 232 -45.27 41.79 34.49
CA LEU A 232 -44.36 41.49 33.38
C LEU A 232 -44.50 40.04 32.88
N ARG A 233 -44.87 39.12 33.78
CA ARG A 233 -45.02 37.72 33.40
C ARG A 233 -46.46 37.41 33.00
N PHE A 234 -47.35 38.37 33.24
CA PHE A 234 -48.74 38.24 32.83
C PHE A 234 -48.91 38.72 31.38
N LEU A 235 -48.05 39.65 30.97
CA LEU A 235 -48.11 40.20 29.62
C LEU A 235 -47.82 39.14 28.55
N ASN A 236 -47.28 37.99 28.96
CA ASN A 236 -46.97 36.91 28.03
C ASN A 236 -48.20 36.23 27.42
N TRP A 237 -49.35 36.34 28.08
CA TRP A 237 -50.50 35.50 27.73
C TRP A 237 -51.89 36.13 27.93
N ILE A 238 -52.02 37.05 28.87
CA ILE A 238 -53.35 37.58 29.19
C ILE A 238 -54.03 38.15 27.95
N PRO A 239 -55.36 38.06 27.91
CA PRO A 239 -56.16 38.63 26.81
C PRO A 239 -55.81 40.11 26.57
N LEU A 240 -55.65 40.48 25.31
CA LEU A 240 -55.23 41.83 24.93
C LEU A 240 -56.17 42.92 25.46
N GLY A 241 -57.43 42.54 25.67
CA GLY A 241 -58.38 43.46 26.25
C GLY A 241 -57.81 44.16 27.48
N TYR A 242 -57.23 43.39 28.39
CA TYR A 242 -56.71 43.94 29.63
C TYR A 242 -55.57 44.92 29.39
N ILE A 243 -54.97 44.83 28.21
CA ILE A 243 -53.81 45.67 27.91
C ILE A 243 -54.19 46.96 27.21
N PHE A 244 -54.80 46.84 26.03
CA PHE A 244 -55.07 48.02 25.22
C PHE A 244 -56.39 48.69 25.57
N GLU A 245 -57.33 47.94 26.11
CA GLU A 245 -58.64 48.49 26.43
C GLU A 245 -58.77 48.81 27.93
N THR A 246 -57.63 49.00 28.58
CA THR A 246 -57.59 49.51 29.94
C THR A 246 -56.56 50.62 30.03
N LYS A 247 -56.43 51.22 31.22
CA LYS A 247 -55.50 52.31 31.43
C LYS A 247 -54.13 51.80 31.86
N LEU A 248 -53.86 50.52 31.59
CA LEU A 248 -52.60 49.91 31.97
C LEU A 248 -51.42 50.68 31.37
N ILE A 249 -51.45 50.89 30.06
CA ILE A 249 -50.39 51.63 29.40
C ILE A 249 -50.27 53.00 30.04
N SER A 250 -51.42 53.57 30.37
CA SER A 250 -51.48 54.92 30.93
C SER A 250 -50.86 54.98 32.32
N THR A 251 -51.22 54.02 33.18
CA THR A 251 -50.63 53.93 34.52
C THR A 251 -49.10 53.77 34.45
N LEU A 252 -48.65 52.78 33.69
CA LEU A 252 -47.23 52.47 33.58
C LEU A 252 -46.39 53.70 33.23
N ILE A 253 -46.78 54.42 32.18
CA ILE A 253 -46.01 55.56 31.68
C ILE A 253 -46.04 56.79 32.60
N TYR A 254 -47.22 57.14 33.09
CA TYR A 254 -47.35 58.31 33.96
C TYR A 254 -46.78 58.10 35.35
N LYS A 255 -47.01 56.91 35.92
CA LYS A 255 -46.75 56.69 37.33
C LYS A 255 -45.38 56.10 37.66
N PHE A 256 -45.00 55.04 36.96
CA PHE A 256 -43.81 54.29 37.35
C PHE A 256 -42.61 54.51 36.44
N LEU A 257 -42.87 54.72 35.14
CA LEU A 257 -41.78 54.80 34.16
C LEU A 257 -40.67 55.77 34.58
N ASN A 258 -41.04 56.89 35.18
CA ASN A 258 -40.07 57.95 35.50
C ASN A 258 -39.30 57.74 36.81
N VAL A 259 -40.01 57.37 37.87
CA VAL A 259 -39.38 57.14 39.17
C VAL A 259 -38.32 56.05 39.09
N PRO A 260 -37.09 56.36 39.55
CA PRO A 260 -35.93 55.46 39.54
C PRO A 260 -36.28 53.98 39.76
N MET A 261 -36.63 53.61 40.99
CA MET A 261 -36.78 52.19 41.33
C MET A 261 -37.93 51.47 40.63
N PHE A 262 -38.49 52.08 39.59
CA PHE A 262 -39.55 51.44 38.82
C PHE A 262 -39.28 51.53 37.31
N ARG A 263 -38.27 52.30 36.93
CA ARG A 263 -38.00 52.55 35.51
C ARG A 263 -37.73 51.27 34.71
N ASN A 264 -36.94 50.37 35.28
CA ASN A 264 -36.56 49.17 34.54
C ASN A 264 -37.71 48.19 34.35
N VAL A 265 -38.39 47.84 35.43
CA VAL A 265 -39.50 46.92 35.35
C VAL A 265 -40.60 47.52 34.46
N SER A 266 -40.84 48.81 34.64
CA SER A 266 -41.89 49.52 33.90
C SER A 266 -41.63 49.54 32.39
N LEU A 267 -40.39 49.81 32.03
CA LEU A 267 -39.99 49.85 30.63
C LEU A 267 -40.07 48.47 29.97
N LYS A 268 -39.66 47.44 30.70
CA LYS A 268 -39.71 46.06 30.20
C LYS A 268 -41.15 45.66 29.87
N CYS A 269 -42.10 46.08 30.70
CA CYS A 269 -43.52 45.85 30.46
C CYS A 269 -43.90 46.47 29.12
N LEU A 270 -43.54 47.74 28.98
CA LEU A 270 -43.83 48.47 27.77
C LEU A 270 -43.25 47.75 26.57
N THR A 271 -42.01 47.30 26.70
CA THR A 271 -41.37 46.54 25.62
C THR A 271 -42.17 45.30 25.25
N GLU A 272 -42.74 44.63 26.25
CA GLU A 272 -43.52 43.42 25.97
C GLU A 272 -44.80 43.72 25.21
N ILE A 273 -45.41 44.86 25.51
CA ILE A 273 -46.66 45.25 24.87
C ILE A 273 -46.43 45.74 23.44
N ALA A 274 -45.33 46.46 23.24
CA ALA A 274 -44.95 46.96 21.93
C ALA A 274 -44.67 45.82 20.96
N GLY A 275 -44.39 44.63 21.48
CA GLY A 275 -44.03 43.49 20.66
C GLY A 275 -45.21 42.78 20.01
N VAL A 276 -46.43 43.20 20.34
CA VAL A 276 -47.65 42.58 19.83
C VAL A 276 -48.00 43.05 18.40
N SER A 277 -48.70 42.22 17.64
CA SER A 277 -49.22 42.63 16.34
C SER A 277 -50.36 43.64 16.51
N VAL A 278 -50.32 44.72 15.72
CA VAL A 278 -51.14 45.91 15.96
C VAL A 278 -52.49 45.91 15.25
N SER A 279 -52.76 44.87 14.46
CA SER A 279 -53.92 44.86 13.57
C SER A 279 -55.18 45.53 14.13
N GLN A 280 -55.35 45.50 15.44
CA GLN A 280 -56.60 45.95 16.04
C GLN A 280 -56.47 47.16 16.98
N TYR A 281 -55.26 47.50 17.40
CA TYR A 281 -55.07 48.55 18.40
C TYR A 281 -54.12 49.67 17.96
N GLU A 282 -54.14 50.00 16.68
CA GLU A 282 -53.25 51.01 16.12
C GLU A 282 -53.20 52.30 16.95
N GLU A 283 -54.34 52.69 17.52
CA GLU A 283 -54.42 53.93 18.25
C GLU A 283 -53.60 53.87 19.54
N GLN A 284 -53.83 52.82 20.31
CA GLN A 284 -53.15 52.63 21.59
C GLN A 284 -51.64 52.66 21.47
N PHE A 285 -51.10 51.95 20.47
CA PHE A 285 -49.66 51.94 20.24
C PHE A 285 -49.13 53.35 20.00
N GLU A 286 -49.82 54.09 19.14
CA GLU A 286 -49.45 55.46 18.84
C GLU A 286 -49.30 56.27 20.12
N THR A 287 -50.38 56.42 20.88
CA THR A 287 -50.34 57.19 22.11
C THR A 287 -49.45 56.54 23.15
N LEU A 288 -49.08 55.28 22.93
CA LEU A 288 -48.12 54.61 23.80
C LEU A 288 -46.72 55.12 23.48
N PHE A 289 -46.42 55.26 22.20
CA PHE A 289 -45.09 55.71 21.79
C PHE A 289 -44.84 57.16 22.19
N THR A 290 -45.67 58.06 21.68
CA THR A 290 -45.52 59.49 21.92
C THR A 290 -45.56 59.82 23.42
N LEU A 291 -46.42 59.13 24.16
CA LEU A 291 -46.52 59.33 25.60
C LEU A 291 -45.23 58.91 26.30
N THR A 292 -44.61 57.83 25.82
CA THR A 292 -43.37 57.34 26.39
C THR A 292 -42.22 58.26 26.05
N MET A 293 -42.16 58.70 24.80
CA MET A 293 -41.08 59.56 24.36
C MET A 293 -41.02 60.85 25.18
N MET A 294 -42.19 61.41 25.48
CA MET A 294 -42.24 62.58 26.34
C MET A 294 -41.44 62.30 27.61
N GLN A 295 -41.77 61.17 28.24
CA GLN A 295 -41.23 60.83 29.54
C GLN A 295 -39.72 60.57 29.49
N LEU A 296 -39.26 60.03 28.36
CA LEU A 296 -37.83 59.78 28.17
C LEU A 296 -37.07 61.07 27.99
N LYS A 297 -37.61 61.97 27.17
CA LYS A 297 -37.01 63.28 26.94
C LYS A 297 -36.90 64.06 28.25
N GLN A 298 -37.72 63.67 29.23
CA GLN A 298 -37.68 64.29 30.55
C GLN A 298 -36.72 63.51 31.45
N MET A 299 -36.56 62.22 31.18
CA MET A 299 -35.62 61.38 31.92
C MET A 299 -34.22 61.53 31.33
N LEU A 300 -34.08 61.12 30.07
CA LEU A 300 -32.83 61.25 29.35
C LEU A 300 -32.91 62.41 28.36
N PRO A 301 -32.35 63.55 28.73
CA PRO A 301 -32.26 64.65 27.77
C PRO A 301 -31.56 64.23 26.48
N LEU A 302 -31.99 64.77 25.35
CA LEU A 302 -31.49 64.37 24.03
C LEU A 302 -30.03 64.80 23.81
N ASN A 303 -29.58 65.76 24.60
CA ASN A 303 -28.23 66.30 24.44
C ASN A 303 -27.16 65.62 25.32
N THR A 304 -27.51 64.51 25.96
CA THR A 304 -26.57 63.85 26.87
C THR A 304 -25.82 62.68 26.24
N ASN A 305 -24.51 62.64 26.49
CA ASN A 305 -23.64 61.60 25.99
C ASN A 305 -23.96 60.25 26.62
N ILE A 306 -24.68 59.41 25.90
CA ILE A 306 -25.16 58.15 26.47
C ILE A 306 -24.02 57.17 26.75
N ARG A 307 -23.01 57.17 25.88
CA ARG A 307 -21.84 56.32 26.07
C ARG A 307 -21.28 56.52 27.48
N LEU A 308 -21.00 57.77 27.83
CA LEU A 308 -20.47 58.09 29.15
C LEU A 308 -21.43 57.73 30.28
N ALA A 309 -22.72 58.01 30.08
CA ALA A 309 -23.72 57.68 31.09
C ALA A 309 -23.66 56.19 31.38
N TYR A 310 -23.32 55.41 30.36
CA TYR A 310 -23.14 53.97 30.51
C TYR A 310 -21.76 53.68 31.07
N SER A 311 -20.75 54.35 30.51
CA SER A 311 -19.37 54.22 30.96
C SER A 311 -19.28 54.48 32.46
N ASN A 312 -19.89 55.58 32.89
CA ASN A 312 -19.88 55.94 34.30
C ASN A 312 -21.26 55.72 34.91
N GLY A 313 -21.72 54.47 34.87
CA GLY A 313 -23.04 54.14 35.40
C GLY A 313 -23.01 52.89 36.26
N LYS A 314 -24.08 52.68 37.02
CA LYS A 314 -24.22 51.48 37.83
C LYS A 314 -25.04 50.44 37.11
N ASP A 315 -25.38 49.36 37.81
CA ASP A 315 -26.10 48.24 37.20
C ASP A 315 -27.51 48.60 36.75
N ASP A 316 -28.15 49.54 37.46
CA ASP A 316 -29.52 49.93 37.12
C ASP A 316 -29.59 50.99 36.01
N GLU A 317 -28.61 51.89 36.01
CA GLU A 317 -28.52 52.89 34.94
C GLU A 317 -28.00 52.22 33.68
N GLN A 318 -27.22 51.15 33.85
CA GLN A 318 -26.71 50.40 32.71
C GLN A 318 -27.80 49.55 32.08
N ASN A 319 -28.61 48.90 32.90
CA ASN A 319 -29.68 48.09 32.35
C ASN A 319 -30.82 48.92 31.76
N PHE A 320 -31.08 50.06 32.38
CA PHE A 320 -32.08 50.96 31.82
C PHE A 320 -31.75 51.25 30.36
N ILE A 321 -30.47 51.44 30.07
CA ILE A 321 -30.05 51.76 28.71
C ILE A 321 -30.21 50.57 27.78
N GLN A 322 -29.73 49.40 28.21
CA GLN A 322 -29.90 48.18 27.44
C GLN A 322 -31.37 47.99 27.13
N ASN A 323 -32.20 48.18 28.16
CA ASN A 323 -33.65 48.09 28.00
C ASN A 323 -34.14 49.12 26.98
N LEU A 324 -33.68 50.35 27.14
CA LEU A 324 -34.01 51.41 26.20
C LEU A 324 -33.73 50.91 24.79
N SER A 325 -32.59 50.26 24.63
CA SER A 325 -32.26 49.64 23.35
C SER A 325 -33.41 48.73 22.93
N LEU A 326 -33.79 47.82 23.84
CA LEU A 326 -34.82 46.82 23.57
C LEU A 326 -36.15 47.45 23.18
N PHE A 327 -36.63 48.37 24.02
CA PHE A 327 -37.85 49.10 23.72
C PHE A 327 -37.79 49.73 22.31
N LEU A 328 -36.84 50.65 22.12
CA LEU A 328 -36.74 51.38 20.85
C LEU A 328 -36.71 50.45 19.64
N CYS A 329 -35.80 49.49 19.67
CA CYS A 329 -35.66 48.56 18.56
C CYS A 329 -36.90 47.73 18.32
N THR A 330 -37.47 47.19 19.39
CA THR A 330 -38.64 46.32 19.26
C THR A 330 -39.81 47.08 18.68
N PHE A 331 -39.96 48.33 19.07
CA PHE A 331 -41.10 49.13 18.64
C PHE A 331 -40.94 49.58 17.19
N LEU A 332 -39.83 50.26 16.89
CA LEU A 332 -39.58 50.69 15.52
C LEU A 332 -39.71 49.52 14.54
N LYS A 333 -38.96 48.46 14.78
CA LYS A 333 -38.99 47.26 13.94
C LYS A 333 -40.40 46.81 13.61
N GLU A 334 -41.31 46.93 14.56
CA GLU A 334 -42.63 46.36 14.38
C GLU A 334 -43.74 47.37 14.04
N HIS A 335 -43.62 48.61 14.53
CA HIS A 335 -44.66 49.62 14.29
C HIS A 335 -44.13 50.83 13.52
N GLY A 336 -42.93 50.73 12.98
CA GLY A 336 -42.32 51.83 12.25
C GLY A 336 -43.09 52.22 11.01
N GLN A 337 -43.77 51.25 10.41
CA GLN A 337 -44.60 51.50 9.23
C GLN A 337 -45.81 52.37 9.59
N LEU A 338 -45.97 52.64 10.88
CA LEU A 338 -47.13 53.37 11.38
C LEU A 338 -46.72 54.73 11.91
N LEU A 339 -45.51 54.83 12.44
CA LEU A 339 -44.98 56.13 12.83
C LEU A 339 -44.80 57.00 11.57
N GLU A 340 -44.86 56.36 10.41
CA GLU A 340 -44.62 57.05 9.14
C GLU A 340 -45.89 57.66 8.53
N LYS A 341 -46.80 56.80 8.09
CA LYS A 341 -48.03 57.24 7.41
C LYS A 341 -48.75 58.35 8.17
N ARG A 342 -49.00 58.15 9.45
CA ARG A 342 -49.53 59.20 10.30
C ARG A 342 -48.49 60.33 10.30
N LEU A 343 -48.92 61.54 9.95
CA LEU A 343 -47.99 62.64 9.75
C LEU A 343 -47.68 63.39 11.05
N ASN A 344 -48.44 63.08 12.09
CA ASN A 344 -48.29 63.75 13.37
C ASN A 344 -47.17 63.17 14.23
N LEU A 345 -46.78 61.93 13.94
CA LEU A 345 -45.78 61.22 14.74
C LEU A 345 -44.36 61.41 14.21
N ARG A 346 -44.22 62.21 13.16
CA ARG A 346 -42.96 62.36 12.46
C ARG A 346 -41.82 62.90 13.33
N GLU A 347 -42.15 63.68 14.36
CA GLU A 347 -41.13 64.25 15.23
C GLU A 347 -40.67 63.27 16.32
N ALA A 348 -41.62 62.51 16.87
CA ALA A 348 -41.30 61.52 17.89
C ALA A 348 -40.45 60.40 17.31
N LEU A 349 -40.67 60.11 16.04
CA LEU A 349 -39.90 59.11 15.32
C LEU A 349 -38.45 59.58 15.07
N MET A 350 -38.27 60.88 14.89
CA MET A 350 -36.93 61.43 14.67
C MET A 350 -36.15 61.51 15.98
N GLU A 351 -36.87 61.77 17.06
CA GLU A 351 -36.27 61.71 18.39
C GLU A 351 -35.87 60.28 18.73
N ALA A 352 -36.76 59.33 18.44
CA ALA A 352 -36.49 57.92 18.68
C ALA A 352 -35.28 57.46 17.87
N LEU A 353 -35.27 57.83 16.60
CA LEU A 353 -34.13 57.55 15.72
C LEU A 353 -32.87 58.27 16.20
N HIS A 354 -33.04 59.35 16.96
CA HIS A 354 -31.91 60.09 17.51
C HIS A 354 -31.36 59.37 18.72
N TYR A 355 -32.27 58.76 19.47
CA TYR A 355 -31.90 57.97 20.63
C TYR A 355 -31.07 56.75 20.20
N MET A 356 -31.54 56.04 19.18
CA MET A 356 -30.82 54.87 18.68
C MET A 356 -29.39 55.20 18.32
N LEU A 357 -29.17 56.41 17.81
CA LEU A 357 -27.84 56.83 17.42
C LEU A 357 -26.96 57.10 18.65
N LEU A 358 -27.51 57.74 19.66
CA LEU A 358 -26.80 57.95 20.92
C LEU A 358 -26.52 56.62 21.63
N VAL A 359 -27.49 55.71 21.60
CA VAL A 359 -27.32 54.41 22.24
C VAL A 359 -26.35 53.55 21.45
N SER A 360 -26.25 53.83 20.14
CA SER A 360 -25.37 53.08 19.27
C SER A 360 -23.90 53.38 19.55
N GLU A 361 -23.63 54.44 20.29
CA GLU A 361 -22.25 54.79 20.60
C GLU A 361 -21.81 54.27 21.97
N VAL A 362 -22.67 53.52 22.65
CA VAL A 362 -22.30 52.88 23.91
C VAL A 362 -21.25 51.78 23.69
N GLU A 363 -20.25 51.73 24.57
CA GLU A 363 -19.13 50.79 24.42
C GLU A 363 -19.46 49.42 25.03
N GLU A 364 -20.56 48.84 24.59
CA GLU A 364 -20.94 47.50 25.00
C GLU A 364 -21.41 46.73 23.79
N THR A 365 -20.79 45.58 23.55
CA THR A 365 -21.05 44.81 22.34
C THR A 365 -22.48 44.30 22.25
N GLU A 366 -23.06 43.94 23.38
CA GLU A 366 -24.41 43.38 23.37
C GLU A 366 -25.49 44.42 23.06
N ILE A 367 -25.28 45.64 23.54
CA ILE A 367 -26.19 46.73 23.21
C ILE A 367 -26.07 47.09 21.74
N PHE A 368 -24.84 47.19 21.27
CA PHE A 368 -24.64 47.57 19.88
C PHE A 368 -25.28 46.54 18.96
N LYS A 369 -25.25 45.28 19.37
CA LYS A 369 -25.83 44.20 18.59
C LYS A 369 -27.34 44.31 18.52
N ILE A 370 -27.94 44.99 19.50
CA ILE A 370 -29.37 45.21 19.47
C ILE A 370 -29.67 46.39 18.55
N CYS A 371 -28.96 47.49 18.76
CA CYS A 371 -29.08 48.66 17.90
C CYS A 371 -28.85 48.28 16.44
N LEU A 372 -27.81 47.50 16.20
CA LEU A 372 -27.49 47.04 14.86
C LEU A 372 -28.61 46.19 14.27
N GLU A 373 -29.31 45.48 15.14
CA GLU A 373 -30.42 44.66 14.70
C GLU A 373 -31.48 45.50 13.99
N TYR A 374 -31.69 46.73 14.46
CA TYR A 374 -32.66 47.60 13.83
C TYR A 374 -32.12 48.22 12.56
N TRP A 375 -30.89 48.74 12.61
CA TRP A 375 -30.35 49.45 11.45
C TRP A 375 -30.34 48.54 10.24
N ASN A 376 -29.94 47.29 10.45
CA ASN A 376 -29.87 46.30 9.39
C ASN A 376 -31.27 46.08 8.81
N HIS A 377 -32.27 46.35 9.64
CA HIS A 377 -33.66 46.13 9.26
C HIS A 377 -34.24 47.33 8.51
N LEU A 378 -33.79 48.53 8.89
CA LEU A 378 -34.21 49.76 8.24
C LEU A 378 -33.55 49.82 6.88
N ALA A 379 -32.27 49.54 6.85
CA ALA A 379 -31.52 49.61 5.62
C ALA A 379 -32.02 48.57 4.65
N ALA A 380 -32.58 47.49 5.19
CA ALA A 380 -33.08 46.38 4.37
C ALA A 380 -34.51 46.64 3.89
N GLU A 381 -35.28 47.31 4.73
CA GLU A 381 -36.64 47.67 4.39
C GLU A 381 -36.66 48.73 3.28
N LEU A 382 -35.62 49.57 3.25
CA LEU A 382 -35.53 50.64 2.26
C LEU A 382 -34.73 50.22 1.03
N TYR A 383 -34.07 49.07 1.11
CA TYR A 383 -33.37 48.56 -0.06
C TYR A 383 -34.35 47.92 -1.03
N ARG A 384 -35.44 47.38 -0.50
CA ARG A 384 -36.43 46.73 -1.35
C ARG A 384 -37.55 47.68 -1.76
N GLU A 385 -37.64 48.81 -1.08
CA GLU A 385 -38.49 49.89 -1.56
C GLU A 385 -37.91 50.39 -2.87
N SER A 386 -36.59 50.41 -2.94
CA SER A 386 -35.86 50.70 -4.17
C SER A 386 -34.36 50.48 -3.94
N PRO A 387 -33.76 49.56 -4.71
CA PRO A 387 -32.33 49.23 -4.62
C PRO A 387 -31.41 50.25 -5.31
N PHE A 388 -31.98 51.29 -5.90
CA PHE A 388 -31.22 52.19 -6.76
C PHE A 388 -30.86 53.52 -6.08
N SER A 389 -29.85 54.18 -6.62
CA SER A 389 -29.46 55.48 -6.13
C SER A 389 -30.40 56.51 -6.74
N THR A 390 -30.78 57.49 -5.93
CA THR A 390 -31.64 58.58 -6.41
C THR A 390 -30.98 59.22 -7.62
N SER A 391 -31.63 59.16 -8.77
CA SER A 391 -31.08 59.74 -10.00
C SER A 391 -30.25 60.97 -9.64
N ALA A 392 -28.98 60.95 -10.01
CA ALA A 392 -27.97 61.78 -9.37
C ALA A 392 -28.02 63.28 -9.67
N SER A 393 -28.88 63.70 -10.59
CA SER A 393 -28.88 65.10 -11.02
C SER A 393 -30.22 65.81 -10.77
N PRO A 394 -30.23 67.15 -10.88
CA PRO A 394 -31.50 67.90 -10.79
C PRO A 394 -32.22 67.97 -12.13
N LEU A 395 -33.51 68.30 -12.10
CA LEU A 395 -34.29 68.44 -13.33
C LEU A 395 -33.96 69.72 -14.09
N LEU A 396 -34.25 69.73 -15.38
CA LEU A 396 -33.89 70.86 -16.25
C LEU A 396 -34.58 72.15 -15.81
N SER A 397 -35.70 72.02 -15.13
CA SER A 397 -36.45 73.18 -14.67
C SER A 397 -36.04 73.57 -13.25
N GLY A 398 -35.04 72.88 -12.71
CA GLY A 398 -34.56 73.16 -11.37
C GLY A 398 -35.46 72.62 -10.28
N SER A 399 -36.61 72.08 -10.68
CA SER A 399 -37.56 71.51 -9.73
C SER A 399 -36.98 70.29 -9.02
N GLN A 400 -37.78 69.70 -8.12
CA GLN A 400 -37.36 68.48 -7.42
C GLN A 400 -37.28 67.30 -8.38
N HIS A 401 -36.19 66.54 -8.30
CA HIS A 401 -35.97 65.43 -9.22
C HIS A 401 -37.03 64.34 -9.09
N PHE A 402 -37.50 64.14 -7.85
CA PHE A 402 -38.66 63.28 -7.57
C PHE A 402 -38.35 61.79 -7.55
N ASP A 403 -37.12 61.44 -7.91
CA ASP A 403 -36.69 60.04 -7.92
C ASP A 403 -36.65 59.42 -6.52
N ILE A 404 -36.75 60.25 -5.49
CA ILE A 404 -36.71 59.81 -4.09
C ILE A 404 -37.94 58.98 -3.72
N PRO A 405 -37.73 57.71 -3.31
CA PRO A 405 -38.85 56.90 -2.82
C PRO A 405 -39.45 57.49 -1.54
N PRO A 406 -40.76 57.34 -1.34
CA PRO A 406 -41.50 58.09 -0.32
C PRO A 406 -41.00 57.87 1.10
N ARG A 407 -40.54 56.67 1.41
CA ARG A 407 -40.14 56.32 2.77
C ARG A 407 -38.69 56.67 3.09
N ARG A 408 -37.80 56.34 2.16
CA ARG A 408 -36.37 56.64 2.31
C ARG A 408 -36.19 58.15 2.52
N GLN A 409 -37.14 58.92 1.98
CA GLN A 409 -37.16 60.37 2.15
C GLN A 409 -37.07 60.74 3.62
N LEU A 410 -37.85 60.06 4.44
CA LEU A 410 -37.96 60.38 5.86
C LEU A 410 -36.69 60.10 6.66
N TYR A 411 -35.74 59.36 6.08
CA TYR A 411 -34.57 58.90 6.82
C TYR A 411 -33.23 59.40 6.27
N LEU A 412 -33.28 60.11 5.16
CA LEU A 412 -32.03 60.51 4.47
C LEU A 412 -30.93 60.96 5.43
N THR A 413 -31.19 61.98 6.22
CA THR A 413 -30.17 62.52 7.11
C THR A 413 -29.70 61.48 8.12
N VAL A 414 -30.62 60.64 8.59
CA VAL A 414 -30.29 59.56 9.51
C VAL A 414 -29.46 58.46 8.86
N LEU A 415 -29.87 58.02 7.68
CA LEU A 415 -29.11 57.02 6.94
C LEU A 415 -27.64 57.42 6.85
N SER A 416 -27.39 58.72 6.72
CA SER A 416 -26.03 59.23 6.56
C SER A 416 -25.24 59.01 7.84
N LYS A 417 -25.90 59.24 8.97
CA LYS A 417 -25.28 59.01 10.26
C LYS A 417 -25.00 57.52 10.48
N VAL A 418 -25.90 56.66 10.02
CA VAL A 418 -25.71 55.22 10.15
C VAL A 418 -24.55 54.72 9.29
N ARG A 419 -24.37 55.32 8.13
CA ARG A 419 -23.24 54.97 7.29
C ARG A 419 -21.97 55.32 8.04
N LEU A 420 -21.94 56.51 8.62
CA LEU A 420 -20.80 56.94 9.41
C LEU A 420 -20.57 55.93 10.53
N LEU A 421 -21.67 55.45 11.11
CA LEU A 421 -21.58 54.51 12.22
C LEU A 421 -20.84 53.25 11.78
N MET A 422 -21.37 52.56 10.78
CA MET A 422 -20.70 51.37 10.26
C MET A 422 -19.21 51.62 10.00
N VAL A 423 -18.90 52.78 9.45
CA VAL A 423 -17.53 53.10 9.03
C VAL A 423 -16.64 53.46 10.21
N SER A 424 -17.26 53.85 11.33
CA SER A 424 -16.53 54.32 12.50
C SER A 424 -16.30 53.22 13.51
N ARG A 425 -17.02 52.11 13.35
CA ARG A 425 -17.01 51.03 14.34
C ARG A 425 -17.04 49.66 13.68
N MET A 426 -16.66 49.60 12.41
CA MET A 426 -16.61 48.34 11.70
C MET A 426 -15.92 47.29 12.56
N ALA A 427 -16.44 46.07 12.54
CA ALA A 427 -15.86 44.97 13.29
C ALA A 427 -14.72 44.34 12.51
N LYS A 428 -13.79 43.70 13.22
CA LYS A 428 -12.73 42.98 12.54
C LYS A 428 -13.38 41.89 11.72
N PRO A 429 -12.97 41.76 10.46
CA PRO A 429 -13.52 40.84 9.47
C PRO A 429 -13.15 39.39 9.79
N GLU A 430 -11.85 39.09 9.78
CA GLU A 430 -11.37 37.75 10.03
C GLU A 430 -11.05 37.60 11.51
N GLU A 431 -11.21 36.39 12.04
CA GLU A 431 -10.78 36.14 13.41
C GLU A 431 -9.72 35.07 13.50
N VAL A 432 -8.52 35.47 13.92
CA VAL A 432 -7.42 34.53 14.03
C VAL A 432 -7.15 34.10 15.46
N LEU A 433 -7.00 32.80 15.64
CA LEU A 433 -6.70 32.23 16.94
C LEU A 433 -5.53 31.31 16.78
N VAL A 434 -4.42 31.66 17.42
CA VAL A 434 -3.25 30.81 17.42
C VAL A 434 -3.47 29.77 18.50
N VAL A 435 -3.26 28.51 18.15
CA VAL A 435 -3.44 27.43 19.11
C VAL A 435 -2.89 26.12 18.56
N GLU A 436 -2.08 25.43 19.38
CA GLU A 436 -1.41 24.21 18.93
C GLU A 436 -2.28 22.96 18.99
N ASN A 437 -2.28 22.21 17.90
CA ASN A 437 -3.09 21.00 17.78
C ASN A 437 -2.57 19.85 18.63
N ASP A 438 -3.31 18.74 18.64
CA ASP A 438 -2.98 17.60 19.48
C ASP A 438 -1.71 16.88 19.03
N GLN A 439 -0.62 17.63 19.00
CA GLN A 439 0.68 17.10 18.57
C GLN A 439 1.75 17.99 19.15
N GLY A 440 1.32 19.10 19.73
CA GLY A 440 2.26 20.13 20.16
C GLY A 440 2.62 21.00 18.98
N GLU A 441 2.09 20.65 17.81
CA GLU A 441 2.25 21.45 16.60
C GLU A 441 1.52 22.76 16.77
N VAL A 442 2.22 23.88 16.56
CA VAL A 442 1.63 25.20 16.75
C VAL A 442 1.17 25.82 15.42
N VAL A 443 -0.10 26.25 15.39
CA VAL A 443 -0.72 26.69 14.15
C VAL A 443 -1.61 27.92 14.35
N ARG A 444 -2.01 28.54 13.24
CA ARG A 444 -3.03 29.58 13.27
C ARG A 444 -4.32 29.02 12.71
N GLU A 445 -5.37 29.07 13.51
CA GLU A 445 -6.69 28.64 13.07
C GLU A 445 -7.52 29.85 12.67
N PHE A 446 -8.42 29.64 11.71
CA PHE A 446 -9.39 30.65 11.30
C PHE A 446 -10.78 30.28 11.81
N MET A 447 -11.30 31.06 12.76
CA MET A 447 -12.68 30.85 13.23
C MET A 447 -13.61 31.18 12.07
N LYS A 448 -14.78 30.57 12.06
CA LYS A 448 -15.64 30.61 10.87
C LYS A 448 -17.04 31.17 11.12
N ASP A 449 -17.64 30.82 12.26
CA ASP A 449 -19.03 31.17 12.51
C ASP A 449 -19.24 31.83 13.87
N THR A 450 -18.19 32.43 14.41
CA THR A 450 -18.28 33.01 15.73
C THR A 450 -19.19 34.23 15.72
N ASP A 451 -19.88 34.46 16.83
CA ASP A 451 -20.70 35.66 17.01
C ASP A 451 -19.94 36.89 16.51
N SER A 452 -18.67 37.01 16.89
CA SER A 452 -17.85 38.15 16.51
C SER A 452 -17.83 38.38 15.00
N ILE A 453 -17.72 37.29 14.24
CA ILE A 453 -17.66 37.39 12.80
C ILE A 453 -19.05 37.60 12.22
N ASN A 454 -20.07 37.20 12.98
CA ASN A 454 -21.44 37.49 12.60
C ASN A 454 -21.65 38.99 12.74
N LEU A 455 -21.00 39.58 13.72
CA LEU A 455 -21.01 41.02 13.90
C LEU A 455 -20.46 41.66 12.64
N TYR A 456 -19.30 41.19 12.17
CA TYR A 456 -18.74 41.73 10.93
C TYR A 456 -19.73 41.62 9.77
N LYS A 457 -20.21 40.40 9.51
CA LYS A 457 -21.17 40.15 8.44
C LYS A 457 -22.30 41.15 8.47
N ASN A 458 -22.90 41.33 9.65
CA ASN A 458 -24.04 42.23 9.81
C ASN A 458 -23.67 43.67 9.52
N MET A 459 -22.61 44.14 10.15
CA MET A 459 -22.05 45.45 9.82
C MET A 459 -21.91 45.57 8.31
N ARG A 460 -21.24 44.62 7.68
CA ARG A 460 -21.04 44.68 6.24
C ARG A 460 -22.37 44.85 5.54
N GLU A 461 -23.27 43.90 5.77
CA GLU A 461 -24.58 43.88 5.14
C GLU A 461 -25.27 45.24 5.26
N THR A 462 -25.15 45.85 6.43
CA THR A 462 -25.85 47.11 6.67
C THR A 462 -25.27 48.23 5.81
N LEU A 463 -23.95 48.34 5.80
CA LEU A 463 -23.26 49.36 5.01
C LEU A 463 -23.42 49.11 3.52
N VAL A 464 -23.48 47.84 3.13
CA VAL A 464 -23.64 47.45 1.73
C VAL A 464 -25.03 47.80 1.20
N TYR A 465 -26.03 47.70 2.06
CA TYR A 465 -27.37 48.18 1.72
C TYR A 465 -27.34 49.69 1.52
N LEU A 466 -26.75 50.38 2.48
CA LEU A 466 -26.70 51.83 2.44
C LEU A 466 -25.91 52.31 1.25
N THR A 467 -24.90 51.54 0.85
CA THR A 467 -24.08 51.94 -0.29
C THR A 467 -24.84 51.82 -1.61
N HIS A 468 -25.85 50.96 -1.62
CA HIS A 468 -26.69 50.74 -2.79
C HIS A 468 -27.69 51.88 -2.99
N LEU A 469 -28.13 52.48 -1.89
CA LEU A 469 -29.10 53.59 -1.96
C LEU A 469 -28.40 54.92 -2.22
N ASP A 470 -27.10 54.99 -1.93
CA ASP A 470 -26.30 56.20 -2.17
C ASP A 470 -24.83 55.93 -1.89
N TYR A 471 -24.10 55.48 -2.90
CA TYR A 471 -22.70 55.15 -2.69
C TYR A 471 -21.83 56.40 -2.60
N VAL A 472 -22.28 57.48 -3.23
CA VAL A 472 -21.56 58.75 -3.16
C VAL A 472 -21.37 59.14 -1.71
N ASP A 473 -22.45 59.07 -0.92
CA ASP A 473 -22.37 59.35 0.51
C ASP A 473 -21.37 58.40 1.19
N THR A 474 -21.42 57.14 0.80
CA THR A 474 -20.47 56.18 1.32
C THR A 474 -19.05 56.59 0.95
N GLU A 475 -18.81 56.85 -0.34
CA GLU A 475 -17.47 57.19 -0.82
C GLU A 475 -16.95 58.52 -0.27
N ILE A 476 -17.86 59.41 0.12
CA ILE A 476 -17.44 60.67 0.70
C ILE A 476 -17.11 60.51 2.18
N ILE A 477 -17.98 59.82 2.90
CA ILE A 477 -17.72 59.48 4.29
C ILE A 477 -16.34 58.84 4.44
N MET A 478 -16.08 57.81 3.63
CA MET A 478 -14.80 57.12 3.64
C MET A 478 -13.62 58.01 3.26
N THR A 479 -13.88 59.05 2.46
CA THR A 479 -12.82 59.96 2.04
C THR A 479 -12.47 60.93 3.15
N LYS A 480 -13.47 61.43 3.86
CA LYS A 480 -13.23 62.30 5.01
C LYS A 480 -12.44 61.54 6.08
N LYS A 481 -12.94 60.36 6.42
CA LYS A 481 -12.27 59.48 7.37
C LYS A 481 -10.80 59.30 7.00
N LEU A 482 -10.58 58.88 5.76
CA LEU A 482 -9.22 58.60 5.28
C LEU A 482 -8.35 59.82 5.28
N GLN A 483 -8.93 60.98 4.99
CA GLN A 483 -8.15 62.21 4.95
C GLN A 483 -7.82 62.66 6.36
N ASN A 484 -8.79 62.56 7.25
CA ASN A 484 -8.59 62.82 8.68
C ASN A 484 -7.52 61.93 9.28
N GLN A 485 -7.03 60.99 8.50
CA GLN A 485 -5.94 60.13 8.93
C GLN A 485 -4.63 60.63 8.35
N VAL A 486 -4.64 60.95 7.05
CA VAL A 486 -3.47 61.53 6.40
C VAL A 486 -3.02 62.79 7.12
N ASN A 487 -3.73 63.89 6.89
CA ASN A 487 -3.39 65.14 7.56
C ASN A 487 -4.22 65.34 8.82
N GLY A 488 -5.54 65.24 8.68
CA GLY A 488 -6.47 65.49 9.78
C GLY A 488 -5.97 65.03 11.15
N THR A 489 -5.01 64.13 11.15
CA THR A 489 -4.47 63.56 12.38
C THR A 489 -5.56 63.11 13.35
N GLU A 490 -6.34 62.14 12.87
CA GLU A 490 -7.26 61.39 13.70
C GLU A 490 -6.53 60.05 13.77
N TRP A 491 -5.21 60.13 13.63
CA TRP A 491 -4.36 58.99 13.42
C TRP A 491 -4.23 58.09 14.64
N SER A 492 -4.36 56.79 14.39
CA SER A 492 -4.15 55.76 15.38
C SER A 492 -4.35 54.46 14.62
N TRP A 493 -3.68 53.40 15.05
CA TRP A 493 -3.75 52.14 14.34
C TRP A 493 -5.15 51.57 14.37
N LYS A 494 -5.82 51.73 15.51
CA LYS A 494 -7.15 51.17 15.73
C LYS A 494 -8.15 51.76 14.75
N ASN A 495 -8.01 53.06 14.49
CA ASN A 495 -8.89 53.77 13.58
C ASN A 495 -8.57 53.48 12.11
N LEU A 496 -7.29 53.33 11.79
CA LEU A 496 -6.87 53.08 10.41
C LEU A 496 -7.22 51.67 9.99
N ASN A 497 -7.32 50.79 10.97
CA ASN A 497 -7.74 49.42 10.73
C ASN A 497 -9.24 49.41 10.45
N THR A 498 -10.00 50.11 11.28
CA THR A 498 -11.44 50.15 11.14
C THR A 498 -11.89 50.69 9.78
N LEU A 499 -11.15 51.69 9.29
CA LEU A 499 -11.51 52.34 8.03
C LEU A 499 -11.33 51.43 6.83
N CYS A 500 -10.11 50.89 6.69
CA CYS A 500 -9.81 49.97 5.60
C CYS A 500 -10.59 48.67 5.72
N TRP A 501 -10.93 48.27 6.95
CA TRP A 501 -11.84 47.14 7.13
C TRP A 501 -13.17 47.47 6.50
N ALA A 502 -13.60 48.72 6.71
CA ALA A 502 -14.86 49.20 6.17
C ALA A 502 -14.78 49.29 4.64
N ILE A 503 -13.72 49.90 4.14
CA ILE A 503 -13.54 50.04 2.70
C ILE A 503 -13.62 48.68 2.03
N GLY A 504 -13.08 47.67 2.71
CA GLY A 504 -13.00 46.33 2.17
C GLY A 504 -14.34 45.61 2.12
N SER A 505 -15.24 45.99 3.02
CA SER A 505 -16.53 45.33 3.17
C SER A 505 -17.47 45.58 2.01
N ILE A 506 -17.46 46.80 1.46
CA ILE A 506 -18.39 47.19 0.42
C ILE A 506 -17.93 46.77 -0.98
N SER A 507 -16.87 45.98 -1.05
CA SER A 507 -16.38 45.46 -2.32
C SER A 507 -17.48 44.81 -3.15
N GLY A 508 -17.75 45.38 -4.32
CA GLY A 508 -18.75 44.83 -5.22
C GLY A 508 -20.06 45.59 -5.13
N ALA A 509 -20.13 46.55 -4.21
CA ALA A 509 -21.35 47.33 -4.02
C ALA A 509 -21.39 48.56 -4.93
N MET A 510 -20.28 48.84 -5.60
CA MET A 510 -20.24 49.93 -6.57
C MET A 510 -20.30 49.37 -7.99
N HIS A 511 -20.46 50.26 -8.97
CA HIS A 511 -20.33 49.91 -10.37
C HIS A 511 -18.85 49.74 -10.64
N GLU A 512 -18.49 48.82 -11.51
CA GLU A 512 -17.07 48.53 -11.72
C GLU A 512 -16.25 49.77 -12.03
N GLU A 513 -16.91 50.79 -12.59
CA GLU A 513 -16.19 51.99 -13.05
C GLU A 513 -15.89 53.00 -11.93
N ASP A 514 -16.78 53.10 -10.95
CA ASP A 514 -16.53 53.94 -9.77
C ASP A 514 -15.52 53.27 -8.86
N GLU A 515 -15.67 51.96 -8.72
CA GLU A 515 -14.70 51.13 -8.00
C GLU A 515 -13.27 51.47 -8.37
N LYS A 516 -13.01 51.58 -9.67
CA LYS A 516 -11.71 52.05 -10.16
C LYS A 516 -11.27 53.37 -9.53
N ARG A 517 -12.06 54.43 -9.69
CA ARG A 517 -11.65 55.75 -9.19
C ARG A 517 -11.50 55.76 -7.67
N PHE A 518 -12.37 55.00 -7.02
CA PHE A 518 -12.35 54.89 -5.57
C PHE A 518 -11.05 54.23 -5.10
N LEU A 519 -10.82 53.00 -5.55
CA LEU A 519 -9.59 52.27 -5.24
C LEU A 519 -8.33 53.10 -5.42
N VAL A 520 -8.12 53.56 -6.66
CA VAL A 520 -6.94 54.36 -7.02
C VAL A 520 -6.68 55.56 -6.10
N THR A 521 -7.74 56.16 -5.59
CA THR A 521 -7.57 57.36 -4.79
C THR A 521 -7.32 56.97 -3.35
N VAL A 522 -8.17 56.09 -2.84
CA VAL A 522 -7.99 55.50 -1.52
C VAL A 522 -6.53 55.12 -1.32
N ILE A 523 -6.05 54.19 -2.14
CA ILE A 523 -4.73 53.62 -1.95
C ILE A 523 -3.56 54.57 -2.25
N LYS A 524 -3.72 55.47 -3.22
CA LYS A 524 -2.70 56.48 -3.48
C LYS A 524 -2.42 57.26 -2.21
N ASP A 525 -3.47 57.64 -1.52
CA ASP A 525 -3.33 58.37 -0.26
C ASP A 525 -2.63 57.53 0.80
N LEU A 526 -3.04 56.28 0.93
CA LEU A 526 -2.42 55.35 1.87
C LEU A 526 -0.95 55.19 1.54
N LEU A 527 -0.64 54.99 0.27
CA LEU A 527 0.73 54.95 -0.20
C LEU A 527 1.46 56.22 0.24
N GLY A 528 0.80 57.36 0.08
CA GLY A 528 1.34 58.63 0.55
C GLY A 528 1.56 58.62 2.05
N LEU A 529 0.56 58.13 2.78
CA LEU A 529 0.60 58.05 4.23
C LEU A 529 1.75 57.18 4.73
N CYS A 530 2.19 56.26 3.89
CA CYS A 530 3.28 55.36 4.27
C CYS A 530 4.63 56.05 4.19
N GLU A 531 4.82 56.89 3.19
CA GLU A 531 6.07 57.61 3.04
C GLU A 531 6.25 58.64 4.16
N GLN A 532 5.22 59.44 4.43
CA GLN A 532 5.33 60.50 5.43
C GLN A 532 5.53 59.95 6.85
N LYS A 533 5.04 58.74 7.09
CA LYS A 533 5.06 58.17 8.43
C LYS A 533 6.44 57.56 8.73
N ARG A 534 7.03 57.94 9.85
CA ARG A 534 8.32 57.41 10.25
C ARG A 534 8.13 56.25 11.21
N GLY A 535 8.93 55.20 11.04
CA GLY A 535 8.87 54.06 11.93
C GLY A 535 8.34 52.81 11.26
N LYS A 536 9.09 51.73 11.39
CA LYS A 536 8.71 50.45 10.81
C LYS A 536 7.44 49.92 11.48
N ASP A 537 7.16 50.40 12.68
CA ASP A 537 5.90 50.07 13.36
C ASP A 537 4.72 50.63 12.57
N ASN A 538 4.76 51.93 12.28
CA ASN A 538 3.68 52.60 11.56
C ASN A 538 3.55 52.13 10.11
N LYS A 539 4.68 51.90 9.45
CA LYS A 539 4.71 51.54 8.02
C LYS A 539 4.09 50.18 7.71
N ALA A 540 4.36 49.19 8.56
CA ALA A 540 3.82 47.84 8.38
C ALA A 540 2.30 47.79 8.55
N ILE A 541 1.79 48.43 9.60
CA ILE A 541 0.34 48.61 9.79
C ILE A 541 -0.33 49.14 8.54
N ILE A 542 0.25 50.20 7.97
CA ILE A 542 -0.32 50.85 6.79
C ILE A 542 -0.22 49.93 5.56
N ALA A 543 1.00 49.53 5.21
CA ALA A 543 1.24 48.59 4.12
C ALA A 543 0.33 47.35 4.18
N SER A 544 -0.01 46.91 5.39
CA SER A 544 -0.88 45.76 5.60
C SER A 544 -2.33 46.07 5.24
N ASN A 545 -2.75 47.28 5.59
CA ASN A 545 -4.10 47.72 5.25
C ASN A 545 -4.24 47.88 3.75
N ILE A 546 -3.22 48.46 3.13
CA ILE A 546 -3.17 48.57 1.68
C ILE A 546 -3.32 47.18 1.06
N MET A 547 -2.54 46.23 1.56
CA MET A 547 -2.58 44.87 1.05
C MET A 547 -3.92 44.20 1.31
N TYR A 548 -4.52 44.49 2.47
CA TYR A 548 -5.85 43.96 2.76
C TYR A 548 -6.83 44.50 1.73
N ILE A 549 -6.85 45.81 1.55
CA ILE A 549 -7.71 46.46 0.57
C ILE A 549 -7.51 45.92 -0.85
N VAL A 550 -6.28 46.02 -1.35
CA VAL A 550 -5.98 45.52 -2.69
C VAL A 550 -6.32 44.04 -2.80
N GLY A 551 -6.67 43.42 -1.69
CA GLY A 551 -6.98 42.00 -1.70
C GLY A 551 -8.47 41.72 -1.84
N GLN A 552 -9.28 42.64 -1.35
CA GLN A 552 -10.74 42.50 -1.37
C GLN A 552 -11.33 42.85 -2.72
N TYR A 553 -10.53 43.47 -3.57
CA TYR A 553 -11.01 43.96 -4.85
C TYR A 553 -10.28 43.29 -6.02
N PRO A 554 -10.37 41.96 -6.10
CA PRO A 554 -9.79 41.23 -7.23
C PRO A 554 -10.37 41.71 -8.55
N ARG A 555 -11.60 42.22 -8.54
CA ARG A 555 -12.18 42.73 -9.80
C ARG A 555 -11.21 43.67 -10.49
N PHE A 556 -10.83 44.73 -9.77
CA PHE A 556 -9.79 45.66 -10.20
C PHE A 556 -8.50 44.96 -10.64
N LEU A 557 -7.99 44.05 -9.82
CA LEU A 557 -6.73 43.38 -10.14
C LEU A 557 -6.85 42.60 -11.43
N ARG A 558 -8.01 41.98 -11.64
CA ARG A 558 -8.23 41.16 -12.83
C ARG A 558 -8.22 41.99 -14.11
N ALA A 559 -8.41 43.31 -13.97
CA ALA A 559 -8.54 44.16 -15.14
C ALA A 559 -7.34 45.07 -15.30
N HIS A 560 -6.34 44.88 -14.44
CA HIS A 560 -5.12 45.68 -14.49
C HIS A 560 -3.88 44.83 -14.19
N TRP A 561 -3.45 44.04 -15.16
CA TRP A 561 -2.35 43.08 -15.01
C TRP A 561 -1.08 43.63 -14.36
N LYS A 562 -0.50 44.64 -15.00
CA LYS A 562 0.68 45.31 -14.47
C LYS A 562 0.53 45.55 -12.96
N PHE A 563 -0.66 45.97 -12.54
CA PHE A 563 -0.91 46.20 -11.14
C PHE A 563 -0.84 44.89 -10.34
N LEU A 564 -1.59 43.88 -10.80
CA LEU A 564 -1.58 42.57 -10.21
C LEU A 564 -0.13 42.12 -10.02
N LYS A 565 0.64 42.27 -11.10
CA LYS A 565 2.05 41.88 -11.15
C LYS A 565 2.88 42.65 -10.14
N THR A 566 2.64 43.95 -10.06
CA THR A 566 3.39 44.82 -9.14
C THR A 566 3.06 44.46 -7.69
N VAL A 567 1.83 44.00 -7.49
CA VAL A 567 1.36 43.65 -6.16
C VAL A 567 1.94 42.31 -5.68
N VAL A 568 2.00 41.33 -6.57
CA VAL A 568 2.54 40.01 -6.21
C VAL A 568 4.03 40.14 -5.95
N ASN A 569 4.72 40.81 -6.86
CA ASN A 569 6.14 41.09 -6.68
C ASN A 569 6.41 41.80 -5.35
N LYS A 570 5.60 42.82 -5.04
CA LYS A 570 5.76 43.51 -3.76
C LYS A 570 5.51 42.58 -2.59
N LEU A 571 4.61 41.63 -2.76
CA LEU A 571 4.33 40.66 -1.72
C LEU A 571 5.51 39.69 -1.56
N PHE A 572 6.13 39.33 -2.67
CA PHE A 572 7.28 38.43 -2.64
C PHE A 572 8.42 38.99 -1.78
N GLU A 573 8.63 40.29 -1.87
CA GLU A 573 9.70 40.95 -1.12
C GLU A 573 9.30 41.11 0.34
N PHE A 574 8.01 41.38 0.56
CA PHE A 574 7.48 41.38 1.92
C PHE A 574 7.71 40.03 2.62
N MET A 575 7.98 38.99 1.83
CA MET A 575 8.13 37.65 2.36
C MET A 575 9.51 37.44 2.97
N HIS A 576 10.35 38.46 2.86
CA HIS A 576 11.64 38.44 3.52
C HIS A 576 11.65 39.44 4.69
N GLU A 577 10.60 40.25 4.77
CA GLU A 577 10.42 41.19 5.87
C GLU A 577 10.44 40.47 7.21
N THR A 578 11.11 41.06 8.20
CA THR A 578 11.23 40.41 9.51
C THR A 578 10.47 41.08 10.66
N HIS A 579 9.71 42.13 10.36
CA HIS A 579 8.91 42.81 11.37
C HIS A 579 7.71 41.96 11.76
N ASP A 580 7.37 41.94 13.04
CA ASP A 580 6.32 41.05 13.54
C ASP A 580 5.05 41.11 12.67
N GLY A 581 4.64 39.96 12.15
CA GLY A 581 3.35 39.84 11.49
C GLY A 581 3.39 39.90 9.97
N VAL A 582 4.19 40.81 9.43
CA VAL A 582 4.22 41.05 7.99
C VAL A 582 4.20 39.78 7.17
N GLN A 583 5.10 38.85 7.45
CA GLN A 583 5.17 37.62 6.67
C GLN A 583 3.85 36.83 6.69
N ASP A 584 3.13 36.88 7.80
CA ASP A 584 1.77 36.33 7.82
C ASP A 584 0.85 37.07 6.87
N MET A 585 0.95 38.39 6.87
CA MET A 585 0.08 39.22 6.06
C MET A 585 0.30 38.91 4.59
N ALA A 586 1.57 38.97 4.17
CA ALA A 586 1.93 38.79 2.76
C ALA A 586 1.50 37.44 2.17
N CYS A 587 1.44 36.40 3.01
CA CYS A 587 1.07 35.07 2.53
C CYS A 587 -0.45 34.93 2.40
N ASP A 588 -1.19 35.26 3.45
CA ASP A 588 -2.65 35.33 3.41
C ASP A 588 -3.17 36.09 2.17
N THR A 589 -2.67 37.30 1.96
CA THR A 589 -3.01 38.11 0.78
C THR A 589 -2.70 37.39 -0.52
N PHE A 590 -1.55 36.72 -0.58
CA PHE A 590 -1.09 36.11 -1.83
C PHE A 590 -1.90 34.89 -2.24
N ILE A 591 -2.40 34.16 -1.25
CA ILE A 591 -3.17 32.98 -1.56
C ILE A 591 -4.55 33.48 -2.00
N LYS A 592 -5.05 34.45 -1.24
CA LYS A 592 -6.27 35.18 -1.57
C LYS A 592 -6.27 35.63 -3.03
N ILE A 593 -5.17 36.25 -3.46
CA ILE A 593 -5.15 36.78 -4.82
C ILE A 593 -5.03 35.69 -5.86
N ALA A 594 -4.22 34.69 -5.58
CA ALA A 594 -4.02 33.59 -6.52
C ALA A 594 -5.31 32.83 -6.72
N GLN A 595 -6.07 32.64 -5.64
CA GLN A 595 -7.35 31.94 -5.67
C GLN A 595 -8.31 32.61 -6.66
N LYS A 596 -8.32 33.94 -6.66
CA LYS A 596 -9.31 34.69 -7.41
C LYS A 596 -8.80 35.32 -8.69
N CYS A 597 -7.50 35.20 -8.94
CA CYS A 597 -6.91 35.81 -10.13
C CYS A 597 -6.09 34.79 -10.89
N ARG A 598 -6.38 33.51 -10.64
CA ARG A 598 -5.54 32.41 -11.10
C ARG A 598 -5.31 32.33 -12.59
N ARG A 599 -6.31 32.69 -13.40
CA ARG A 599 -6.20 32.48 -14.84
C ARG A 599 -5.16 33.43 -15.44
N HIS A 600 -4.92 34.53 -14.76
CA HIS A 600 -3.95 35.52 -15.22
C HIS A 600 -2.49 35.09 -15.04
N PHE A 601 -2.25 34.18 -14.10
CA PHE A 601 -0.90 33.71 -13.83
C PHE A 601 -0.43 32.64 -14.82
N VAL A 602 -1.37 31.83 -15.30
CA VAL A 602 -1.04 30.74 -16.22
C VAL A 602 -1.23 31.11 -17.70
N GLN A 603 -1.78 32.28 -17.97
CA GLN A 603 -1.96 32.72 -19.35
C GLN A 603 -1.18 34.00 -19.66
N VAL A 604 -0.62 34.08 -20.86
CA VAL A 604 0.27 35.19 -21.21
C VAL A 604 -0.44 36.54 -21.28
N GLN A 605 0.00 37.49 -20.45
CA GLN A 605 -0.62 38.82 -20.42
C GLN A 605 0.06 39.79 -21.38
N VAL A 606 -0.65 40.85 -21.76
CA VAL A 606 -0.09 41.88 -22.63
C VAL A 606 1.07 42.63 -21.98
N GLY A 607 2.28 42.42 -22.50
CA GLY A 607 3.45 43.08 -21.96
C GLY A 607 4.62 42.15 -21.72
N GLU A 608 4.36 40.84 -21.68
CA GLU A 608 5.43 39.84 -21.59
C GLU A 608 5.22 38.69 -22.57
N VAL A 609 6.19 37.78 -22.60
CA VAL A 609 6.14 36.66 -23.54
C VAL A 609 5.67 35.35 -22.89
N MET A 610 6.15 35.09 -21.68
CA MET A 610 5.83 33.85 -20.97
C MET A 610 4.88 34.11 -19.81
N PRO A 611 4.13 33.09 -19.40
CA PRO A 611 3.19 33.18 -18.27
C PRO A 611 3.89 33.34 -16.91
N PHE A 612 3.39 34.27 -16.10
CA PHE A 612 4.01 34.60 -14.81
C PHE A 612 4.37 33.35 -13.98
N ILE A 613 3.48 32.37 -13.95
CA ILE A 613 3.73 31.13 -13.23
C ILE A 613 5.18 30.66 -13.39
N ASP A 614 5.72 30.77 -14.61
CA ASP A 614 7.08 30.35 -14.91
C ASP A 614 8.09 31.03 -14.00
N GLU A 615 8.13 32.36 -14.05
CA GLU A 615 8.97 33.14 -13.14
C GLU A 615 8.84 32.52 -11.76
N ILE A 616 7.61 32.53 -11.24
CA ILE A 616 7.32 32.05 -9.90
C ILE A 616 7.97 30.68 -9.65
N LEU A 617 7.83 29.75 -10.60
CA LEU A 617 8.39 28.40 -10.41
C LEU A 617 9.91 28.37 -10.52
N ASN A 618 10.46 29.06 -11.50
CA ASN A 618 11.92 29.18 -11.62
C ASN A 618 12.65 29.85 -10.44
N ASN A 619 11.91 30.26 -9.42
CA ASN A 619 12.47 31.04 -8.34
C ASN A 619 11.91 30.70 -6.96
N ILE A 620 11.23 29.56 -6.85
CA ILE A 620 10.51 29.26 -5.62
C ILE A 620 11.33 29.46 -4.36
N ASN A 621 12.53 28.89 -4.36
CA ASN A 621 13.37 28.92 -3.18
C ASN A 621 13.77 30.33 -2.76
N THR A 622 14.18 31.16 -3.71
CA THR A 622 14.59 32.53 -3.39
C THR A 622 13.45 33.39 -2.86
N ILE A 623 12.22 33.06 -3.26
CA ILE A 623 11.04 33.72 -2.70
C ILE A 623 10.72 33.24 -1.27
N ILE A 624 10.80 31.94 -1.04
CA ILE A 624 10.25 31.34 0.19
C ILE A 624 11.25 31.00 1.29
N CYS A 625 12.54 31.14 1.01
CA CYS A 625 13.60 30.64 1.89
C CYS A 625 13.71 31.29 3.29
N ASP A 626 12.92 32.32 3.54
CA ASP A 626 12.95 32.97 4.84
C ASP A 626 11.66 32.73 5.59
N LEU A 627 10.78 31.94 4.99
CA LEU A 627 9.46 31.69 5.57
C LEU A 627 9.46 30.52 6.56
N GLN A 628 8.57 30.57 7.54
CA GLN A 628 8.35 29.44 8.43
C GLN A 628 7.68 28.31 7.66
N PRO A 629 7.80 27.09 8.20
CA PRO A 629 7.16 25.89 7.63
C PRO A 629 5.70 26.06 7.20
N GLN A 630 4.85 26.67 8.03
CA GLN A 630 3.43 26.80 7.66
C GLN A 630 3.21 27.79 6.54
N GLN A 631 3.87 28.95 6.62
CA GLN A 631 3.83 29.93 5.54
C GLN A 631 4.20 29.28 4.21
N VAL A 632 5.18 28.38 4.24
CA VAL A 632 5.59 27.66 3.04
C VAL A 632 4.46 26.78 2.51
N HIS A 633 3.69 26.21 3.42
CA HIS A 633 2.52 25.43 3.03
C HIS A 633 1.46 26.32 2.39
N THR A 634 1.24 27.49 2.98
CA THR A 634 0.24 28.41 2.45
C THR A 634 0.65 28.92 1.07
N PHE A 635 1.96 29.12 0.89
CA PHE A 635 2.48 29.58 -0.39
C PHE A 635 2.26 28.52 -1.45
N TYR A 636 2.48 27.26 -1.06
CA TYR A 636 2.33 26.15 -1.99
C TYR A 636 0.88 25.92 -2.40
N GLU A 637 -0.05 26.15 -1.48
CA GLU A 637 -1.49 26.09 -1.80
C GLU A 637 -1.84 27.22 -2.76
N ALA A 638 -1.23 28.38 -2.56
CA ALA A 638 -1.41 29.55 -3.42
C ALA A 638 -1.10 29.27 -4.89
N VAL A 639 0.09 28.71 -5.14
CA VAL A 639 0.50 28.41 -6.49
C VAL A 639 -0.29 27.23 -7.04
N GLY A 640 -0.85 26.42 -6.14
CA GLY A 640 -1.65 25.28 -6.52
C GLY A 640 -2.88 25.71 -7.32
N TYR A 641 -3.52 26.78 -6.89
CA TYR A 641 -4.70 27.30 -7.56
C TYR A 641 -4.35 27.84 -8.96
N MET A 642 -3.15 28.37 -9.09
CA MET A 642 -2.65 28.84 -10.39
C MET A 642 -2.61 27.69 -11.39
N ILE A 643 -1.87 26.64 -11.04
CA ILE A 643 -1.69 25.46 -11.90
C ILE A 643 -3.01 24.76 -12.23
N GLY A 644 -3.97 24.85 -11.31
CA GLY A 644 -5.26 24.24 -11.50
C GLY A 644 -6.03 24.96 -12.59
N ALA A 645 -5.58 26.16 -12.93
CA ALA A 645 -6.19 26.97 -13.99
C ALA A 645 -5.75 26.59 -15.41
N GLN A 646 -4.57 25.99 -15.53
CA GLN A 646 -4.03 25.59 -16.81
C GLN A 646 -4.67 24.29 -17.28
N THR A 647 -5.65 24.42 -18.17
CA THR A 647 -6.47 23.29 -18.60
C THR A 647 -5.84 22.48 -19.75
N ASP A 648 -4.79 23.01 -20.35
CA ASP A 648 -3.98 22.22 -21.28
C ASP A 648 -3.25 21.10 -20.52
N GLN A 649 -3.77 19.89 -20.60
CA GLN A 649 -3.21 18.76 -19.84
C GLN A 649 -1.73 18.47 -20.07
N THR A 650 -1.21 18.75 -21.26
CA THR A 650 0.23 18.63 -21.50
C THR A 650 1.04 19.66 -20.72
N VAL A 651 0.77 20.95 -20.95
CA VAL A 651 1.40 22.02 -20.17
C VAL A 651 1.12 21.93 -18.67
N GLN A 652 -0.06 21.46 -18.29
CA GLN A 652 -0.43 21.36 -16.88
C GLN A 652 0.41 20.32 -16.17
N GLU A 653 0.68 19.21 -16.88
CA GLU A 653 1.50 18.14 -16.32
C GLU A 653 2.94 18.57 -16.08
N HIS A 654 3.51 19.28 -17.06
CA HIS A 654 4.88 19.78 -16.95
C HIS A 654 4.98 20.76 -15.77
N LEU A 655 3.92 21.52 -15.56
CA LEU A 655 3.90 22.54 -14.52
C LEU A 655 3.90 21.87 -13.17
N ILE A 656 3.06 20.84 -13.04
CA ILE A 656 2.92 20.11 -11.77
C ILE A 656 4.23 19.46 -11.39
N GLU A 657 4.87 18.82 -12.35
CA GLU A 657 6.16 18.21 -12.11
C GLU A 657 7.14 19.18 -11.41
N LYS A 658 7.38 20.33 -12.03
CA LYS A 658 8.30 21.33 -11.49
C LYS A 658 7.78 21.99 -10.21
N TYR A 659 6.46 22.14 -10.12
CA TYR A 659 5.79 22.63 -8.93
C TYR A 659 6.27 21.80 -7.74
N MET A 660 6.23 20.48 -7.89
CA MET A 660 6.58 19.55 -6.81
C MET A 660 8.05 19.16 -6.79
N LEU A 661 8.88 19.91 -7.48
CA LEU A 661 10.29 19.55 -7.63
C LEU A 661 11.08 19.64 -6.33
N LEU A 662 10.79 20.66 -5.52
CA LEU A 662 11.50 20.81 -4.26
C LEU A 662 11.08 19.75 -3.21
N PRO A 663 9.77 19.64 -2.92
CA PRO A 663 9.36 18.62 -1.96
C PRO A 663 9.80 17.22 -2.39
N ASN A 664 9.82 16.97 -3.71
CA ASN A 664 10.13 15.64 -4.20
C ASN A 664 11.55 15.21 -3.91
N GLN A 665 12.52 16.10 -4.12
CA GLN A 665 13.92 15.74 -3.93
C GLN A 665 14.28 15.45 -2.46
N VAL A 666 13.63 16.14 -1.54
CA VAL A 666 13.77 15.71 -0.17
C VAL A 666 13.23 14.30 -0.09
N TRP A 667 11.97 14.14 -0.48
CA TRP A 667 11.27 12.85 -0.42
C TRP A 667 12.10 11.74 -1.08
N ASP A 668 12.56 12.00 -2.30
CA ASP A 668 13.31 11.01 -3.06
C ASP A 668 14.65 10.68 -2.43
N SER A 669 15.16 11.59 -1.61
CA SER A 669 16.42 11.37 -0.92
C SER A 669 16.23 10.44 0.28
N ILE A 670 15.14 10.67 1.00
CA ILE A 670 14.83 9.88 2.18
C ILE A 670 14.51 8.46 1.81
N ILE A 671 13.76 8.30 0.72
CA ILE A 671 13.33 6.98 0.27
C ILE A 671 14.52 6.09 -0.11
N GLN A 672 15.46 6.63 -0.86
CA GLN A 672 16.64 5.85 -1.23
C GLN A 672 17.37 5.34 0.03
N GLN A 673 17.41 6.19 1.06
CA GLN A 673 18.05 5.83 2.32
C GLN A 673 17.34 4.69 3.07
N ALA A 674 16.01 4.63 2.95
CA ALA A 674 15.23 3.57 3.60
C ALA A 674 15.26 2.27 2.79
N THR A 675 15.60 2.37 1.51
CA THR A 675 15.81 1.19 0.69
C THR A 675 17.23 0.70 0.94
N LYS A 676 17.71 0.96 2.15
CA LYS A 676 19.02 0.51 2.59
C LYS A 676 18.92 0.24 4.09
N ASN A 677 18.13 1.06 4.76
CA ASN A 677 17.98 0.96 6.22
C ASN A 677 16.64 1.52 6.68
N VAL A 678 15.64 0.65 6.74
CA VAL A 678 14.30 1.05 7.15
C VAL A 678 14.30 1.77 8.52
N ASP A 679 15.42 1.76 9.22
CA ASP A 679 15.51 2.43 10.53
C ASP A 679 15.75 3.93 10.41
N ILE A 680 15.99 4.39 9.19
CA ILE A 680 16.08 5.82 8.92
C ILE A 680 14.71 6.48 9.07
N LEU A 681 13.65 5.71 8.89
CA LEU A 681 12.28 6.18 9.08
C LEU A 681 11.92 6.15 10.56
N LYS A 682 12.95 6.22 11.40
CA LYS A 682 12.80 6.26 12.85
C LYS A 682 13.56 7.47 13.37
N ASP A 683 14.23 8.15 12.45
CA ASP A 683 15.07 9.30 12.74
C ASP A 683 14.20 10.55 12.92
N PRO A 684 14.30 11.19 14.09
CA PRO A 684 13.45 12.33 14.45
C PRO A 684 13.36 13.38 13.36
N GLU A 685 14.47 13.62 12.66
CA GLU A 685 14.50 14.71 11.69
C GLU A 685 13.89 14.29 10.36
N THR A 686 14.24 13.10 9.88
CA THR A 686 13.62 12.59 8.66
C THR A 686 12.10 12.54 8.84
N VAL A 687 11.65 12.22 10.04
CA VAL A 687 10.21 12.16 10.29
C VAL A 687 9.61 13.55 10.26
N LYS A 688 10.28 14.51 10.89
CA LYS A 688 9.85 15.91 10.82
C LYS A 688 9.76 16.43 9.37
N GLN A 689 10.69 15.95 8.53
CA GLN A 689 10.67 16.27 7.11
C GLN A 689 9.50 15.58 6.36
N LEU A 690 9.31 14.29 6.61
CA LEU A 690 8.20 13.55 6.01
C LEU A 690 6.84 14.23 6.25
N GLY A 691 6.59 14.70 7.47
CA GLY A 691 5.33 15.36 7.77
C GLY A 691 5.14 16.65 6.96
N SER A 692 6.18 17.47 6.93
CA SER A 692 6.13 18.75 6.24
C SER A 692 6.06 18.57 4.70
N ILE A 693 6.76 17.56 4.19
CA ILE A 693 6.65 17.23 2.79
C ILE A 693 5.22 16.81 2.45
N LEU A 694 4.61 16.01 3.31
CA LEU A 694 3.22 15.63 3.09
C LEU A 694 2.26 16.80 3.21
N LYS A 695 2.35 17.57 4.31
CA LYS A 695 1.49 18.73 4.48
C LYS A 695 1.49 19.56 3.19
N THR A 696 2.65 19.62 2.55
CA THR A 696 2.78 20.37 1.30
C THR A 696 1.99 19.70 0.20
N ASN A 697 2.07 18.36 0.14
CA ASN A 697 1.33 17.59 -0.84
C ASN A 697 -0.19 17.70 -0.65
N VAL A 698 -0.61 17.80 0.60
CA VAL A 698 -2.00 17.97 0.96
C VAL A 698 -2.56 19.34 0.50
N ARG A 699 -1.79 20.39 0.69
CA ARG A 699 -2.17 21.73 0.25
C ARG A 699 -2.19 21.85 -1.28
N ALA A 700 -1.13 21.36 -1.91
CA ALA A 700 -1.02 21.37 -3.35
C ALA A 700 -2.20 20.64 -3.97
N CYS A 701 -2.55 19.51 -3.37
CA CYS A 701 -3.64 18.68 -3.85
C CYS A 701 -4.97 19.40 -3.71
N LYS A 702 -5.16 20.07 -2.59
CA LYS A 702 -6.40 20.75 -2.31
C LYS A 702 -6.73 21.76 -3.40
N ALA A 703 -5.68 22.41 -3.92
CA ALA A 703 -5.83 23.50 -4.89
C ALA A 703 -5.80 23.02 -6.35
N VAL A 704 -4.97 22.02 -6.65
CA VAL A 704 -4.86 21.50 -8.01
C VAL A 704 -6.01 20.59 -8.39
N GLY A 705 -6.47 19.78 -7.43
CA GLY A 705 -7.53 18.82 -7.67
C GLY A 705 -7.10 17.61 -8.48
N HIS A 706 -8.08 16.89 -9.02
CA HIS A 706 -7.89 15.61 -9.69
C HIS A 706 -6.56 15.44 -10.45
N PRO A 707 -6.18 16.45 -11.27
CA PRO A 707 -4.94 16.40 -12.07
C PRO A 707 -3.72 16.06 -11.22
N PHE A 708 -3.81 16.35 -9.94
CA PHE A 708 -2.74 16.07 -8.99
C PHE A 708 -2.42 14.59 -8.95
N VAL A 709 -3.26 13.76 -9.56
CA VAL A 709 -3.03 12.33 -9.61
C VAL A 709 -1.64 11.99 -10.17
N ILE A 710 -1.11 12.88 -11.01
CA ILE A 710 0.19 12.67 -11.63
C ILE A 710 1.28 12.63 -10.56
N GLN A 711 1.13 13.47 -9.53
CA GLN A 711 2.08 13.49 -8.43
C GLN A 711 1.76 12.42 -7.38
N LEU A 712 0.48 12.26 -7.05
CA LEU A 712 0.08 11.26 -6.09
C LEU A 712 0.44 9.88 -6.61
N GLY A 713 0.21 9.67 -7.90
CA GLY A 713 0.41 8.36 -8.50
C GLY A 713 1.88 8.01 -8.47
N ARG A 714 2.70 9.03 -8.36
CA ARG A 714 4.15 8.87 -8.41
C ARG A 714 4.80 8.49 -7.05
N ILE A 715 4.23 8.94 -5.94
CA ILE A 715 4.77 8.61 -4.63
C ILE A 715 3.88 7.61 -3.90
N TYR A 716 2.76 7.25 -4.51
CA TYR A 716 1.69 6.53 -3.80
C TYR A 716 2.14 5.25 -3.08
N LEU A 717 2.74 4.32 -3.81
CA LEU A 717 3.12 3.03 -3.23
C LEU A 717 4.17 3.16 -2.11
N ASP A 718 5.22 3.93 -2.35
CA ASP A 718 6.23 4.19 -1.30
C ASP A 718 5.63 4.89 -0.07
N MET A 719 4.75 5.86 -0.29
CA MET A 719 4.12 6.61 0.79
C MET A 719 3.36 5.70 1.75
N LEU A 720 2.50 4.84 1.21
CA LEU A 720 1.77 3.84 1.99
C LEU A 720 2.75 2.90 2.69
N ASN A 721 3.93 2.72 2.10
CA ASN A 721 4.92 1.88 2.74
C ASN A 721 5.55 2.51 3.96
N VAL A 722 5.86 3.81 3.92
CA VAL A 722 6.35 4.46 5.14
C VAL A 722 5.21 4.52 6.16
N TYR A 723 3.97 4.64 5.66
CA TYR A 723 2.84 4.61 6.57
C TYR A 723 2.85 3.33 7.43
N LYS A 724 2.94 2.18 6.79
CA LYS A 724 2.97 0.90 7.50
C LYS A 724 4.15 0.84 8.44
N CYS A 725 5.30 1.32 7.97
CA CYS A 725 6.50 1.39 8.81
C CYS A 725 6.19 2.16 10.08
N LEU A 726 5.78 3.42 9.92
CA LEU A 726 5.56 4.29 11.05
C LEU A 726 4.47 3.72 11.97
N SER A 727 3.50 3.04 11.38
CA SER A 727 2.37 2.56 12.14
C SER A 727 2.77 1.34 12.97
N GLU A 728 3.66 0.52 12.42
CA GLU A 728 4.20 -0.61 13.16
C GLU A 728 5.11 -0.14 14.29
N ASN A 729 5.81 0.97 14.06
CA ASN A 729 6.65 1.59 15.09
C ASN A 729 5.88 2.04 16.31
N ILE A 730 4.97 2.99 16.13
CA ILE A 730 4.05 3.43 17.19
C ILE A 730 3.45 2.24 17.96
N SER A 731 2.91 1.26 17.23
CA SER A 731 2.23 0.13 17.89
C SER A 731 3.17 -0.67 18.78
N ALA A 732 4.29 -1.10 18.22
CA ALA A 732 5.33 -1.73 19.03
C ALA A 732 5.58 -0.92 20.30
N ALA A 733 5.99 0.33 20.14
CA ALA A 733 6.30 1.19 21.28
C ALA A 733 5.21 1.14 22.34
N ILE A 734 3.97 1.35 21.92
CA ILE A 734 2.81 1.32 22.83
C ILE A 734 2.64 -0.03 23.53
N GLN A 735 2.57 -1.11 22.75
CA GLN A 735 2.50 -2.45 23.34
C GLN A 735 3.57 -2.67 24.40
N ALA A 736 4.77 -2.14 24.16
CA ALA A 736 5.90 -2.32 25.07
C ALA A 736 5.86 -1.41 26.29
N ASN A 737 5.27 -0.21 26.16
CA ASN A 737 5.33 0.74 27.27
C ASN A 737 4.06 1.51 27.61
N GLY A 738 2.93 1.11 27.02
CA GLY A 738 1.64 1.67 27.37
C GLY A 738 1.36 3.00 26.68
N GLU A 739 0.10 3.43 26.74
CA GLU A 739 -0.33 4.68 26.11
C GLU A 739 0.59 5.87 26.41
N MET A 740 1.28 5.83 27.54
CA MET A 740 2.13 6.94 27.97
C MET A 740 3.10 7.38 26.87
N VAL A 741 3.55 6.43 26.05
CA VAL A 741 4.53 6.73 25.00
C VAL A 741 4.05 7.71 23.92
N THR A 742 2.73 7.75 23.70
CA THR A 742 2.16 8.63 22.68
C THR A 742 2.37 10.09 23.02
N LYS A 743 2.78 10.37 24.25
CA LYS A 743 3.07 11.73 24.66
C LYS A 743 4.58 11.94 24.72
N GLN A 744 5.22 11.74 23.57
CA GLN A 744 6.63 12.03 23.42
C GLN A 744 6.89 12.39 21.95
N PRO A 745 7.74 13.40 21.73
CA PRO A 745 7.97 14.08 20.44
C PRO A 745 8.00 13.17 19.21
N LEU A 746 8.67 12.02 19.29
CA LEU A 746 8.82 11.17 18.10
C LEU A 746 7.57 10.39 17.74
N ILE A 747 6.81 9.97 18.75
CA ILE A 747 5.58 9.21 18.51
C ILE A 747 4.47 10.14 18.03
N ARG A 748 4.58 11.41 18.39
CA ARG A 748 3.64 12.40 17.92
C ARG A 748 4.02 12.85 16.51
N SER A 749 5.33 12.90 16.26
CA SER A 749 5.85 13.19 14.94
C SER A 749 5.42 12.08 13.99
N MET A 750 5.39 10.86 14.50
CA MET A 750 5.00 9.70 13.69
C MET A 750 3.48 9.66 13.44
N ARG A 751 2.69 9.93 14.47
CA ARG A 751 1.25 10.10 14.28
C ARG A 751 1.01 11.08 13.14
N THR A 752 1.78 12.17 13.13
CA THR A 752 1.59 13.22 12.13
C THR A 752 1.75 12.74 10.68
N VAL A 753 2.78 11.95 10.42
CA VAL A 753 2.98 11.40 9.09
C VAL A 753 1.79 10.54 8.68
N LYS A 754 1.27 9.76 9.61
CA LYS A 754 0.13 8.90 9.33
C LYS A 754 -1.10 9.73 9.00
N ARG A 755 -1.34 10.75 9.83
CA ARG A 755 -2.54 11.55 9.75
C ARG A 755 -2.58 12.36 8.45
N GLU A 756 -1.44 12.91 8.07
CA GLU A 756 -1.36 13.70 6.84
C GLU A 756 -1.44 12.81 5.59
N THR A 757 -0.82 11.63 5.66
CA THR A 757 -0.97 10.64 4.61
C THR A 757 -2.43 10.30 4.35
N LEU A 758 -3.21 10.18 5.42
CA LEU A 758 -4.63 9.88 5.31
C LEU A 758 -5.40 11.07 4.76
N LYS A 759 -4.96 12.28 5.12
CA LYS A 759 -5.57 13.50 4.59
C LYS A 759 -5.30 13.56 3.10
N LEU A 760 -4.06 13.27 2.74
CA LEU A 760 -3.65 13.29 1.35
C LEU A 760 -4.48 12.33 0.53
N ILE A 761 -4.67 11.13 1.07
CA ILE A 761 -5.37 10.07 0.35
C ILE A 761 -6.86 10.36 0.23
N SER A 762 -7.49 10.72 1.34
CA SER A 762 -8.91 11.04 1.31
C SER A 762 -9.17 12.40 0.63
N GLY A 763 -8.21 13.31 0.75
CA GLY A 763 -8.29 14.61 0.10
C GLY A 763 -8.38 14.54 -1.42
N TRP A 764 -7.56 13.69 -2.04
CA TRP A 764 -7.58 13.53 -3.49
C TRP A 764 -8.78 12.74 -4.01
N VAL A 765 -9.10 11.61 -3.37
CA VAL A 765 -10.23 10.81 -3.82
C VAL A 765 -11.53 11.61 -3.76
N SER A 766 -11.60 12.58 -2.84
CA SER A 766 -12.71 13.52 -2.73
C SER A 766 -12.91 14.29 -4.04
N ARG A 767 -11.83 14.86 -4.54
CA ARG A 767 -11.88 15.71 -5.71
C ARG A 767 -11.55 14.95 -7.00
N SER A 768 -11.52 13.62 -6.92
CA SER A 768 -11.25 12.80 -8.11
C SER A 768 -12.50 12.69 -8.98
N ASN A 769 -12.31 12.46 -10.29
CA ASN A 769 -13.44 12.32 -11.19
C ASN A 769 -13.36 11.13 -12.15
N ASP A 770 -12.98 9.97 -11.63
CA ASP A 770 -12.93 8.73 -12.40
C ASP A 770 -13.09 7.55 -11.43
N PRO A 771 -14.34 7.25 -11.06
CA PRO A 771 -14.66 6.30 -10.00
C PRO A 771 -13.99 4.95 -10.20
N GLN A 772 -14.09 4.38 -11.39
CA GLN A 772 -13.52 3.06 -11.62
C GLN A 772 -12.00 3.13 -11.52
N MET A 773 -11.43 4.22 -12.03
CA MET A 773 -9.99 4.41 -12.01
C MET A 773 -9.45 4.44 -10.58
N VAL A 774 -10.18 5.12 -9.70
CA VAL A 774 -9.81 5.23 -8.31
C VAL A 774 -10.02 3.88 -7.62
N ALA A 775 -11.04 3.14 -8.03
CA ALA A 775 -11.39 1.88 -7.39
C ALA A 775 -10.47 0.73 -7.80
N GLU A 776 -9.97 0.79 -9.02
CA GLU A 776 -9.11 -0.27 -9.54
C GLU A 776 -7.63 -0.06 -9.15
N ASN A 777 -7.27 1.19 -8.89
CA ASN A 777 -5.86 1.53 -8.66
C ASN A 777 -5.49 1.93 -7.24
N PHE A 778 -6.06 3.02 -6.74
CA PHE A 778 -5.64 3.58 -5.46
C PHE A 778 -6.34 2.97 -4.25
N VAL A 779 -7.32 2.10 -4.50
CA VAL A 779 -8.09 1.48 -3.41
C VAL A 779 -7.49 0.15 -2.91
N PRO A 780 -7.02 -0.71 -3.83
CA PRO A 780 -6.47 -1.99 -3.38
C PRO A 780 -5.25 -1.89 -2.46
N PRO A 781 -4.29 -0.99 -2.76
CA PRO A 781 -3.12 -0.82 -1.89
C PRO A 781 -3.49 -0.24 -0.52
N LEU A 782 -4.59 0.48 -0.45
CA LEU A 782 -5.12 0.93 0.84
C LEU A 782 -5.34 -0.25 1.79
N LEU A 783 -5.80 -1.37 1.23
CA LEU A 783 -6.16 -2.53 2.02
C LEU A 783 -5.02 -3.06 2.87
N ASP A 784 -3.96 -3.55 2.21
CA ASP A 784 -2.83 -4.11 2.92
C ASP A 784 -2.07 -3.07 3.73
N ALA A 785 -1.95 -1.87 3.20
CA ALA A 785 -1.15 -0.85 3.86
C ALA A 785 -1.84 -0.23 5.07
N VAL A 786 -3.13 0.07 4.93
CA VAL A 786 -3.78 0.87 5.96
C VAL A 786 -4.79 0.11 6.79
N LEU A 787 -5.55 -0.79 6.16
CA LEU A 787 -6.65 -1.48 6.84
C LEU A 787 -6.16 -2.68 7.66
N ILE A 788 -5.43 -3.57 7.03
CA ILE A 788 -4.91 -4.72 7.75
C ILE A 788 -3.99 -4.22 8.85
N ASP A 789 -3.29 -3.11 8.56
CA ASP A 789 -2.42 -2.44 9.53
C ASP A 789 -3.18 -1.89 10.75
N TYR A 790 -4.29 -1.22 10.50
CA TYR A 790 -5.18 -0.76 11.56
C TYR A 790 -5.60 -1.98 12.38
N GLN A 791 -5.98 -3.05 11.69
CA GLN A 791 -6.38 -4.30 12.35
C GLN A 791 -5.28 -4.84 13.25
N ARG A 792 -4.06 -4.88 12.72
CA ARG A 792 -2.91 -5.47 13.40
C ARG A 792 -2.25 -4.61 14.49
N ASN A 793 -2.65 -3.35 14.59
CA ASN A 793 -2.15 -2.47 15.64
C ASN A 793 -2.81 -2.88 16.94
N VAL A 794 -2.15 -2.61 18.05
CA VAL A 794 -2.80 -2.73 19.34
C VAL A 794 -3.86 -1.62 19.44
N PRO A 795 -4.97 -1.89 20.15
CA PRO A 795 -6.11 -0.97 20.29
C PRO A 795 -5.71 0.47 20.56
N ALA A 796 -4.89 0.68 21.58
CA ALA A 796 -4.42 2.01 21.95
C ALA A 796 -3.59 2.67 20.84
N ALA A 797 -3.31 1.94 19.77
CA ALA A 797 -2.43 2.44 18.72
C ALA A 797 -3.15 2.69 17.40
N ARG A 798 -4.34 2.13 17.25
CA ARG A 798 -5.10 2.26 16.01
C ARG A 798 -5.52 3.71 15.77
N GLU A 799 -5.42 4.14 14.52
CA GLU A 799 -5.77 5.51 14.15
C GLU A 799 -7.23 5.64 13.76
N PRO A 800 -8.02 6.32 14.61
CA PRO A 800 -9.46 6.55 14.36
C PRO A 800 -9.73 7.16 12.99
N GLU A 801 -8.83 8.01 12.48
CA GLU A 801 -9.02 8.62 11.15
C GLU A 801 -8.85 7.63 9.99
N VAL A 802 -8.47 6.41 10.31
CA VAL A 802 -8.48 5.37 9.29
C VAL A 802 -9.94 5.15 8.92
N LEU A 803 -10.81 5.15 9.93
CA LEU A 803 -12.23 4.88 9.72
C LEU A 803 -12.95 6.03 9.02
N SER A 804 -12.53 7.26 9.30
CA SER A 804 -13.16 8.42 8.68
C SER A 804 -12.58 8.66 7.29
N THR A 805 -11.35 8.25 7.07
CA THR A 805 -10.79 8.27 5.72
C THR A 805 -11.60 7.33 4.84
N MET A 806 -11.78 6.09 5.29
CA MET A 806 -12.60 5.12 4.57
C MET A 806 -14.01 5.66 4.30
N ALA A 807 -14.59 6.33 5.29
CA ALA A 807 -15.94 6.88 5.17
C ALA A 807 -16.01 7.84 4.00
N ILE A 808 -15.10 8.81 4.00
CA ILE A 808 -15.03 9.77 2.92
C ILE A 808 -15.00 9.08 1.56
N ILE A 809 -14.19 8.03 1.42
CA ILE A 809 -14.00 7.41 0.11
C ILE A 809 -15.19 6.55 -0.33
N VAL A 810 -15.88 5.95 0.64
CA VAL A 810 -17.10 5.23 0.33
C VAL A 810 -18.18 6.22 -0.10
N ASN A 811 -18.26 7.35 0.60
CA ASN A 811 -19.12 8.46 0.22
C ASN A 811 -18.90 8.87 -1.24
N LYS A 812 -17.65 8.78 -1.68
CA LYS A 812 -17.25 9.23 -3.02
C LYS A 812 -17.49 8.16 -4.08
N LEU A 813 -17.06 6.94 -3.81
CA LEU A 813 -17.08 5.88 -4.82
C LEU A 813 -18.37 5.11 -4.85
N GLY A 814 -19.02 4.98 -3.69
CA GLY A 814 -20.27 4.24 -3.57
C GLY A 814 -20.26 2.92 -4.33
N GLY A 815 -21.11 2.84 -5.35
CA GLY A 815 -21.28 1.63 -6.15
C GLY A 815 -19.98 0.96 -6.58
N HIS A 816 -18.98 1.76 -6.93
CA HIS A 816 -17.69 1.24 -7.39
C HIS A 816 -16.87 0.57 -6.28
N ILE A 817 -17.28 0.74 -5.03
CA ILE A 817 -16.56 0.09 -3.94
C ILE A 817 -17.41 -0.93 -3.16
N THR A 818 -18.62 -1.21 -3.67
CA THR A 818 -19.54 -2.14 -2.99
C THR A 818 -18.99 -3.56 -2.84
N ALA A 819 -18.19 -3.99 -3.80
CA ALA A 819 -17.64 -5.34 -3.82
C ALA A 819 -16.47 -5.49 -2.84
N GLU A 820 -15.95 -4.38 -2.35
CA GLU A 820 -14.81 -4.43 -1.43
C GLU A 820 -15.26 -4.31 0.03
N ILE A 821 -16.50 -3.86 0.22
CA ILE A 821 -17.01 -3.65 1.57
C ILE A 821 -16.75 -4.82 2.52
N PRO A 822 -17.07 -6.06 2.09
CA PRO A 822 -16.80 -7.19 2.98
C PRO A 822 -15.34 -7.21 3.46
N GLN A 823 -14.40 -7.30 2.52
CA GLN A 823 -12.98 -7.24 2.82
C GLN A 823 -12.59 -6.08 3.73
N ILE A 824 -13.23 -4.92 3.53
CA ILE A 824 -12.99 -3.77 4.41
C ILE A 824 -13.59 -4.02 5.78
N PHE A 825 -14.88 -4.35 5.81
CA PHE A 825 -15.55 -4.67 7.07
C PHE A 825 -14.85 -5.77 7.85
N ASP A 826 -14.05 -6.60 7.18
CA ASP A 826 -13.28 -7.61 7.89
C ASP A 826 -12.19 -6.96 8.72
N ALA A 827 -11.32 -6.22 8.04
CA ALA A 827 -10.17 -5.58 8.66
C ALA A 827 -10.55 -4.80 9.91
N VAL A 828 -11.60 -4.00 9.82
CA VAL A 828 -11.84 -2.97 10.85
C VAL A 828 -13.06 -3.17 11.74
N PHE A 829 -14.09 -3.84 11.22
CA PHE A 829 -15.41 -3.83 11.86
C PHE A 829 -15.47 -4.43 13.25
N GLU A 830 -15.35 -5.74 13.32
CA GLU A 830 -15.47 -6.43 14.59
C GLU A 830 -14.37 -5.98 15.53
N CYS A 831 -13.17 -5.78 15.02
CA CYS A 831 -12.06 -5.37 15.88
C CYS A 831 -12.32 -4.01 16.51
N THR A 832 -12.76 -3.07 15.69
CA THR A 832 -13.16 -1.77 16.21
C THR A 832 -14.28 -1.93 17.21
N LEU A 833 -15.32 -2.66 16.82
CA LEU A 833 -16.50 -2.84 17.68
C LEU A 833 -16.11 -3.26 19.10
N ASN A 834 -15.22 -4.26 19.18
CA ASN A 834 -14.75 -4.77 20.47
C ASN A 834 -14.13 -3.71 21.37
N MET A 835 -13.69 -2.60 20.78
CA MET A 835 -13.13 -1.49 21.56
C MET A 835 -14.24 -0.61 22.13
N ILE A 836 -15.40 -0.58 21.48
CA ILE A 836 -16.47 0.33 21.88
C ILE A 836 -17.73 -0.37 22.42
N ASN A 837 -17.65 -1.68 22.66
CA ASN A 837 -18.81 -2.41 23.14
C ASN A 837 -18.71 -2.92 24.58
N LYS A 838 -18.18 -2.10 25.49
CA LYS A 838 -18.07 -2.48 26.90
C LYS A 838 -18.62 -1.39 27.82
N ASP A 839 -18.64 -0.17 27.31
CA ASP A 839 -19.28 0.96 27.96
C ASP A 839 -19.64 1.98 26.88
N PHE A 840 -19.88 3.23 27.27
CA PHE A 840 -20.22 4.29 26.31
C PHE A 840 -19.27 5.49 26.41
N GLU A 841 -18.04 5.25 26.85
CA GLU A 841 -17.12 6.36 27.11
C GLU A 841 -15.79 6.24 26.37
N GLU A 842 -15.15 5.08 26.47
CA GLU A 842 -13.78 4.88 26.00
C GLU A 842 -13.65 4.84 24.49
N TYR A 843 -12.66 5.57 23.96
CA TYR A 843 -12.36 5.55 22.53
C TYR A 843 -13.42 6.33 21.76
N PRO A 844 -13.65 7.58 22.18
CA PRO A 844 -14.78 8.35 21.65
C PRO A 844 -14.65 8.49 20.15
N GLU A 845 -13.47 8.91 19.72
CA GLU A 845 -13.24 9.22 18.32
C GLU A 845 -13.47 8.00 17.45
N HIS A 846 -13.37 6.83 18.06
CA HIS A 846 -13.62 5.58 17.35
C HIS A 846 -15.11 5.35 17.20
N ARG A 847 -15.86 5.61 18.27
CA ARG A 847 -17.31 5.49 18.22
C ARG A 847 -17.86 6.37 17.11
N THR A 848 -17.57 7.66 17.21
CA THR A 848 -17.95 8.66 16.20
C THR A 848 -17.64 8.24 14.76
N ASN A 849 -16.39 7.90 14.52
CA ASN A 849 -15.94 7.58 13.17
C ASN A 849 -16.45 6.23 12.68
N PHE A 850 -16.37 5.22 13.54
CA PHE A 850 -16.88 3.91 13.18
C PHE A 850 -18.27 4.03 12.58
N PHE A 851 -19.12 4.81 13.23
CA PHE A 851 -20.50 4.96 12.80
C PHE A 851 -20.70 5.93 11.62
N LEU A 852 -19.80 6.89 11.47
CA LEU A 852 -19.78 7.67 10.24
C LEU A 852 -19.47 6.72 9.08
N LEU A 853 -18.58 5.77 9.30
CA LEU A 853 -18.24 4.78 8.28
C LEU A 853 -19.42 3.85 7.97
N LEU A 854 -20.10 3.40 9.02
CA LEU A 854 -21.21 2.47 8.88
C LEU A 854 -22.39 3.15 8.18
N GLN A 855 -22.50 4.45 8.37
CA GLN A 855 -23.51 5.25 7.72
C GLN A 855 -23.22 5.30 6.22
N ALA A 856 -22.02 5.72 5.86
CA ALA A 856 -21.66 5.82 4.46
C ALA A 856 -21.85 4.49 3.75
N VAL A 857 -21.66 3.39 4.47
CA VAL A 857 -21.83 2.08 3.85
C VAL A 857 -23.31 1.78 3.65
N ASN A 858 -24.07 1.81 4.74
CA ASN A 858 -25.52 1.63 4.65
C ASN A 858 -26.15 2.58 3.64
N SER A 859 -25.53 3.74 3.47
CA SER A 859 -26.07 4.81 2.64
C SER A 859 -25.75 4.65 1.15
N HIS A 860 -24.53 4.28 0.83
CA HIS A 860 -24.10 4.21 -0.57
C HIS A 860 -23.67 2.82 -1.00
N CYS A 861 -23.84 1.81 -0.14
CA CYS A 861 -23.37 0.47 -0.45
C CYS A 861 -24.28 -0.64 0.08
N PHE A 862 -25.52 -0.29 0.37
CA PHE A 862 -26.47 -1.22 0.98
C PHE A 862 -26.52 -2.66 0.41
N PRO A 863 -26.30 -2.82 -0.92
CA PRO A 863 -26.33 -4.18 -1.48
C PRO A 863 -25.33 -5.10 -0.80
N ALA A 864 -24.30 -4.51 -0.19
CA ALA A 864 -23.32 -5.26 0.60
C ALA A 864 -23.97 -5.95 1.79
N PHE A 865 -24.78 -5.21 2.53
CA PHE A 865 -25.47 -5.76 3.71
C PHE A 865 -26.29 -6.99 3.41
N LEU A 866 -26.63 -7.18 2.14
CA LEU A 866 -27.45 -8.32 1.73
C LEU A 866 -26.55 -9.48 1.33
N ALA A 867 -25.37 -9.17 0.83
CA ALA A 867 -24.43 -10.16 0.34
C ALA A 867 -23.84 -10.97 1.50
N ILE A 868 -23.48 -10.29 2.57
CA ILE A 868 -22.87 -10.95 3.71
C ILE A 868 -23.87 -11.89 4.41
N PRO A 869 -23.34 -12.88 5.15
CA PRO A 869 -24.16 -13.80 5.95
C PRO A 869 -25.17 -13.12 6.85
N PRO A 870 -26.40 -13.65 6.91
CA PRO A 870 -27.48 -13.19 7.77
C PRO A 870 -27.02 -12.85 9.19
N ALA A 871 -25.89 -13.43 9.61
CA ALA A 871 -25.42 -13.24 10.98
C ALA A 871 -24.47 -12.05 11.12
N GLN A 872 -23.72 -11.74 10.07
CA GLN A 872 -22.91 -10.53 10.07
C GLN A 872 -23.86 -9.34 10.03
N PHE A 873 -24.95 -9.49 9.26
CA PHE A 873 -25.96 -8.45 9.20
C PHE A 873 -26.50 -8.15 10.61
N LYS A 874 -26.99 -9.19 11.28
CA LYS A 874 -27.50 -9.04 12.63
C LYS A 874 -26.48 -8.26 13.47
N LEU A 875 -25.20 -8.59 13.29
CA LEU A 875 -24.13 -7.92 14.01
C LEU A 875 -24.09 -6.45 13.65
N VAL A 876 -24.27 -6.15 12.37
CA VAL A 876 -24.30 -4.78 11.88
C VAL A 876 -25.45 -4.03 12.53
N LEU A 877 -26.65 -4.57 12.36
CA LEU A 877 -27.85 -3.94 12.86
C LEU A 877 -27.76 -3.76 14.37
N ASP A 878 -27.16 -4.73 15.03
CA ASP A 878 -27.02 -4.68 16.47
C ASP A 878 -26.22 -3.45 16.91
N SER A 879 -25.19 -3.13 16.16
CA SER A 879 -24.34 -1.99 16.51
C SER A 879 -25.12 -0.69 16.40
N ILE A 880 -26.02 -0.62 15.42
CA ILE A 880 -26.86 0.56 15.25
C ILE A 880 -27.71 0.82 16.48
N ILE A 881 -28.26 -0.25 17.08
CA ILE A 881 -28.98 -0.10 18.34
C ILE A 881 -28.05 0.41 19.42
N TRP A 882 -26.78 0.00 19.33
CA TRP A 882 -25.73 0.43 20.24
C TRP A 882 -25.46 1.93 20.07
N ALA A 883 -25.49 2.41 18.83
CA ALA A 883 -25.33 3.82 18.57
C ALA A 883 -26.38 4.66 19.29
N PHE A 884 -27.66 4.39 19.05
CA PHE A 884 -28.69 5.26 19.61
C PHE A 884 -28.95 5.05 21.10
N LYS A 885 -28.18 4.15 21.71
CA LYS A 885 -28.17 4.04 23.16
C LYS A 885 -27.17 5.02 23.78
N HIS A 886 -26.32 5.60 22.93
CA HIS A 886 -25.22 6.45 23.38
C HIS A 886 -25.68 7.81 23.92
N THR A 887 -25.09 8.23 25.04
CA THR A 887 -25.38 9.54 25.63
C THR A 887 -24.57 10.66 24.96
N MET A 888 -23.56 10.30 24.18
CA MET A 888 -22.89 11.23 23.29
C MET A 888 -23.86 11.60 22.19
N ARG A 889 -24.37 12.82 22.22
CA ARG A 889 -25.45 13.21 21.30
C ARG A 889 -25.11 12.88 19.86
N ASN A 890 -23.90 13.20 19.41
CA ASN A 890 -23.54 12.98 18.02
C ASN A 890 -23.64 11.51 17.55
N VAL A 891 -23.16 10.58 18.38
CA VAL A 891 -23.21 9.14 18.07
C VAL A 891 -24.64 8.60 18.01
N ALA A 892 -25.43 8.94 19.03
CA ALA A 892 -26.83 8.53 19.10
C ALA A 892 -27.57 9.00 17.85
N ASP A 893 -27.27 10.24 17.43
CA ASP A 893 -27.94 10.83 16.29
C ASP A 893 -27.63 10.06 15.02
N THR A 894 -26.34 9.94 14.73
CA THR A 894 -25.91 9.18 13.57
C THR A 894 -26.54 7.80 13.60
N GLY A 895 -26.71 7.26 14.81
CA GLY A 895 -27.34 5.96 15.02
C GLY A 895 -28.79 5.93 14.58
N LEU A 896 -29.51 7.02 14.80
CA LEU A 896 -30.90 7.10 14.39
C LEU A 896 -31.02 7.30 12.88
N GLN A 897 -30.17 8.15 12.32
CA GLN A 897 -30.16 8.36 10.89
C GLN A 897 -29.87 7.07 10.11
N ILE A 898 -28.97 6.24 10.63
CA ILE A 898 -28.67 4.98 9.98
C ILE A 898 -29.87 4.07 10.01
N LEU A 899 -30.52 3.98 11.18
CA LEU A 899 -31.70 3.13 11.34
C LEU A 899 -32.82 3.59 10.41
N PHE A 900 -33.12 4.89 10.45
CA PHE A 900 -34.19 5.44 9.63
C PHE A 900 -33.91 5.24 8.13
N THR A 901 -32.71 5.58 7.72
CA THR A 901 -32.30 5.33 6.34
C THR A 901 -32.33 3.82 6.05
N LEU A 902 -31.85 3.00 6.99
CA LEU A 902 -31.76 1.55 6.79
C LEU A 902 -33.12 0.95 6.45
N LEU A 903 -34.13 1.33 7.22
CA LEU A 903 -35.48 0.81 7.03
C LEU A 903 -36.01 1.07 5.63
N GLN A 904 -35.62 2.20 5.05
CA GLN A 904 -36.10 2.55 3.72
C GLN A 904 -35.34 1.84 2.61
N ASN A 905 -34.04 1.64 2.80
CA ASN A 905 -33.24 0.82 1.91
C ASN A 905 -33.79 -0.59 1.84
N VAL A 906 -34.28 -1.06 2.98
CA VAL A 906 -34.93 -2.36 3.06
C VAL A 906 -36.21 -2.36 2.26
N ALA A 907 -36.90 -1.21 2.27
CA ALA A 907 -38.19 -1.08 1.59
C ALA A 907 -38.12 -1.31 0.09
N GLN A 908 -37.08 -0.79 -0.56
CA GLN A 908 -36.89 -0.98 -2.00
C GLN A 908 -36.77 -2.46 -2.36
N GLU A 909 -36.04 -3.21 -1.57
CA GLU A 909 -35.82 -4.64 -1.80
C GLU A 909 -37.07 -5.45 -1.48
N GLU A 910 -38.00 -5.50 -2.43
CA GLU A 910 -39.30 -6.14 -2.22
C GLU A 910 -39.20 -7.54 -1.64
N ALA A 911 -38.55 -8.44 -2.38
CA ALA A 911 -38.45 -9.83 -1.96
C ALA A 911 -37.94 -9.98 -0.52
N ALA A 912 -36.66 -9.67 -0.31
CA ALA A 912 -36.02 -9.91 0.97
C ALA A 912 -36.30 -8.85 2.04
N ALA A 913 -37.40 -8.11 1.88
CA ALA A 913 -37.78 -7.11 2.89
C ALA A 913 -38.83 -7.66 3.87
N GLN A 914 -39.52 -8.72 3.46
CA GLN A 914 -40.52 -9.33 4.32
C GLN A 914 -39.85 -10.19 5.38
N SER A 915 -38.65 -10.67 5.08
CA SER A 915 -37.91 -11.44 6.06
C SER A 915 -37.40 -10.54 7.17
N PHE A 916 -37.03 -9.32 6.80
CA PHE A 916 -36.52 -8.35 7.76
C PHE A 916 -37.56 -8.00 8.82
N TYR A 917 -38.80 -7.79 8.36
CA TYR A 917 -39.91 -7.47 9.26
C TYR A 917 -40.19 -8.62 10.21
N GLN A 918 -40.11 -9.84 9.68
CA GLN A 918 -40.29 -11.04 10.46
C GLN A 918 -39.26 -11.12 11.57
N THR A 919 -38.00 -10.92 11.22
CA THR A 919 -36.91 -11.11 12.17
C THR A 919 -36.73 -9.94 13.14
N TYR A 920 -36.87 -8.71 12.64
CA TYR A 920 -36.38 -7.56 13.41
C TYR A 920 -37.41 -6.50 13.83
N PHE A 921 -38.49 -6.37 13.07
CA PHE A 921 -39.45 -5.29 13.32
C PHE A 921 -39.78 -5.05 14.79
N CYS A 922 -40.28 -6.07 15.47
CA CYS A 922 -40.74 -5.92 16.84
C CYS A 922 -39.60 -5.57 17.79
N ASP A 923 -38.41 -6.05 17.47
CA ASP A 923 -37.26 -5.83 18.32
C ASP A 923 -36.75 -4.40 18.20
N ILE A 924 -36.63 -3.91 16.97
CA ILE A 924 -36.23 -2.53 16.73
C ILE A 924 -37.24 -1.61 17.41
N LEU A 925 -38.51 -1.95 17.25
CA LEU A 925 -39.61 -1.25 17.92
C LEU A 925 -39.39 -1.23 19.44
N GLN A 926 -38.96 -2.36 19.99
CA GLN A 926 -38.73 -2.45 21.43
C GLN A 926 -37.57 -1.57 21.85
N HIS A 927 -36.52 -1.54 21.03
CA HIS A 927 -35.29 -0.81 21.35
C HIS A 927 -35.52 0.69 21.30
N ILE A 928 -36.38 1.12 20.38
CA ILE A 928 -36.68 2.55 20.22
C ILE A 928 -37.41 3.11 21.43
N PHE A 929 -38.42 2.39 21.90
CA PHE A 929 -39.13 2.84 23.09
C PHE A 929 -38.15 2.90 24.26
N SER A 930 -37.23 1.94 24.29
CA SER A 930 -36.24 1.84 25.36
C SER A 930 -35.59 3.19 25.66
N VAL A 931 -35.23 3.91 24.60
CA VAL A 931 -34.53 5.18 24.74
C VAL A 931 -35.48 6.38 24.67
N VAL A 932 -36.72 6.13 24.22
CA VAL A 932 -37.73 7.16 24.23
C VAL A 932 -38.10 7.49 25.67
N THR A 933 -38.30 6.45 26.47
CA THR A 933 -38.73 6.63 27.85
C THR A 933 -37.54 6.83 28.78
N ASP A 934 -36.36 7.05 28.20
CA ASP A 934 -35.18 7.32 29.00
C ASP A 934 -34.89 8.82 29.01
N THR A 935 -34.79 9.41 30.20
CA THR A 935 -34.68 10.85 30.31
C THR A 935 -33.40 11.45 29.72
N SER A 936 -32.45 10.59 29.35
CA SER A 936 -31.15 11.05 28.88
C SER A 936 -31.04 11.13 27.35
N HIS A 937 -32.10 10.74 26.66
CA HIS A 937 -32.09 10.72 25.20
C HIS A 937 -33.13 11.64 24.59
N THR A 938 -33.42 12.76 25.25
CA THR A 938 -34.49 13.65 24.80
C THR A 938 -34.14 14.41 23.52
N ALA A 939 -32.85 14.56 23.23
CA ALA A 939 -32.45 15.29 22.03
C ALA A 939 -32.77 14.52 20.76
N GLY A 940 -33.12 13.25 20.91
CA GLY A 940 -33.46 12.42 19.77
C GLY A 940 -34.95 12.34 19.57
N LEU A 941 -35.69 13.18 20.28
CA LEU A 941 -37.15 13.19 20.22
C LEU A 941 -37.66 13.19 18.79
N THR A 942 -37.29 14.24 18.03
CA THR A 942 -37.68 14.38 16.63
C THR A 942 -37.48 13.10 15.81
N MET A 943 -36.28 12.52 15.88
CA MET A 943 -35.97 11.31 15.11
C MET A 943 -36.68 10.07 15.66
N HIS A 944 -36.76 9.97 16.98
CA HIS A 944 -37.57 8.94 17.62
C HIS A 944 -38.96 8.94 16.99
N ALA A 945 -39.57 10.12 16.96
CA ALA A 945 -40.95 10.25 16.50
C ALA A 945 -41.05 9.94 15.02
N SER A 946 -40.04 10.37 14.27
CA SER A 946 -40.00 10.11 12.83
C SER A 946 -39.98 8.62 12.52
N ILE A 947 -39.08 7.91 13.18
CA ILE A 947 -38.88 6.47 12.95
C ILE A 947 -40.10 5.62 13.32
N LEU A 948 -40.63 5.81 14.52
CA LEU A 948 -41.81 5.07 14.95
C LEU A 948 -42.97 5.34 14.00
N ALA A 949 -43.20 6.61 13.72
CA ALA A 949 -44.25 7.01 12.78
C ALA A 949 -44.12 6.22 11.50
N TYR A 950 -42.91 6.19 10.95
CA TYR A 950 -42.67 5.45 9.71
C TYR A 950 -43.00 3.96 9.88
N MET A 951 -42.74 3.42 11.06
CA MET A 951 -42.94 2.00 11.30
C MET A 951 -44.42 1.63 11.47
N PHE A 952 -45.14 2.39 12.29
CA PHE A 952 -46.58 2.17 12.44
C PHE A 952 -47.34 2.40 11.13
N ASN A 953 -47.01 3.46 10.42
CA ASN A 953 -47.60 3.70 9.10
C ASN A 953 -47.33 2.54 8.17
N LEU A 954 -46.10 2.02 8.20
CA LEU A 954 -45.73 0.83 7.46
C LEU A 954 -46.66 -0.30 7.86
N VAL A 955 -46.88 -0.44 9.17
CA VAL A 955 -47.73 -1.48 9.72
C VAL A 955 -49.11 -1.52 9.06
N GLU A 956 -49.71 -0.35 8.86
CA GLU A 956 -51.08 -0.28 8.38
C GLU A 956 -51.31 -0.85 6.99
N GLU A 957 -50.25 -1.32 6.32
CA GLU A 957 -50.40 -1.95 5.00
C GLU A 957 -49.26 -2.91 4.61
N GLY A 958 -48.03 -2.40 4.61
CA GLY A 958 -46.91 -3.06 3.95
C GLY A 958 -46.34 -4.36 4.48
N LYS A 959 -46.62 -4.68 5.74
CA LYS A 959 -46.07 -5.90 6.33
C LYS A 959 -46.94 -7.09 5.94
N ILE A 960 -46.67 -7.65 4.77
CA ILE A 960 -47.59 -8.59 4.11
C ILE A 960 -47.67 -10.00 4.71
N SER A 961 -46.76 -10.32 5.62
CA SER A 961 -46.78 -11.64 6.24
C SER A 961 -47.25 -11.58 7.69
N THR A 962 -47.49 -12.75 8.28
CA THR A 962 -48.02 -12.81 9.64
C THR A 962 -46.92 -12.99 10.68
N PRO A 963 -46.94 -12.15 11.72
CA PRO A 963 -45.94 -12.16 12.80
C PRO A 963 -46.37 -13.00 13.99
N LEU A 964 -47.63 -12.86 14.40
CA LEU A 964 -48.17 -13.63 15.52
C LEU A 964 -48.10 -15.12 15.24
N ASN A 965 -48.42 -15.49 14.00
CA ASN A 965 -48.44 -16.89 13.53
C ASN A 965 -49.73 -17.71 13.76
N PRO A 966 -50.78 -17.09 14.34
CA PRO A 966 -52.08 -17.76 14.33
C PRO A 966 -52.96 -17.26 13.18
N GLY A 967 -52.49 -17.42 11.95
CA GLY A 967 -53.27 -17.08 10.77
C GLY A 967 -53.43 -15.60 10.52
N ASN A 968 -54.40 -15.27 9.67
CA ASN A 968 -54.72 -13.89 9.33
C ASN A 968 -55.73 -13.22 10.28
N PRO A 969 -56.57 -14.02 10.99
CA PRO A 969 -57.48 -13.44 11.98
C PRO A 969 -56.77 -12.62 13.04
N VAL A 970 -55.44 -12.69 13.07
CA VAL A 970 -54.63 -11.87 13.97
C VAL A 970 -53.82 -10.83 13.19
N ASN A 971 -54.52 -10.03 12.39
CA ASN A 971 -53.88 -9.03 11.52
C ASN A 971 -52.82 -8.20 12.25
N ASN A 972 -51.72 -7.91 11.56
CA ASN A 972 -50.55 -7.31 12.20
C ASN A 972 -50.83 -6.04 13.02
N GLN A 973 -51.75 -5.21 12.55
CA GLN A 973 -52.08 -3.99 13.27
C GLN A 973 -52.45 -4.30 14.69
N MET A 974 -53.45 -5.17 14.86
CA MET A 974 -53.94 -5.54 16.19
C MET A 974 -52.80 -6.12 17.02
N PHE A 975 -51.96 -6.93 16.38
CA PHE A 975 -50.82 -7.54 17.05
C PHE A 975 -49.86 -6.48 17.58
N ILE A 976 -49.41 -5.60 16.69
CA ILE A 976 -48.51 -4.52 17.09
C ILE A 976 -49.16 -3.70 18.21
N GLN A 977 -50.46 -3.44 18.09
CA GLN A 977 -51.18 -2.67 19.10
C GLN A 977 -51.18 -3.38 20.45
N ASP A 978 -51.17 -4.71 20.42
CA ASP A 978 -51.19 -5.48 21.66
C ASP A 978 -49.79 -5.84 22.13
N TYR A 979 -48.81 -5.76 21.24
CA TYR A 979 -47.43 -6.03 21.59
C TYR A 979 -46.80 -4.82 22.25
N VAL A 980 -47.13 -3.64 21.74
CA VAL A 980 -46.63 -2.39 22.30
C VAL A 980 -47.33 -2.11 23.62
N ALA A 981 -48.58 -2.53 23.71
CA ALA A 981 -49.37 -2.34 24.92
C ALA A 981 -48.74 -3.01 26.13
N ASN A 982 -48.55 -4.33 26.03
CA ASN A 982 -47.93 -5.09 27.11
C ASN A 982 -46.49 -4.65 27.32
N LEU A 983 -45.83 -4.27 26.23
CA LEU A 983 -44.47 -3.77 26.29
C LEU A 983 -44.41 -2.68 27.34
N LEU A 984 -45.29 -1.68 27.21
CA LEU A 984 -45.33 -0.55 28.12
C LEU A 984 -45.94 -0.92 29.47
N LYS A 985 -46.94 -1.79 29.45
CA LYS A 985 -47.62 -2.18 30.67
C LYS A 985 -46.69 -2.97 31.56
N SER A 986 -45.85 -3.79 30.95
CA SER A 986 -44.90 -4.60 31.69
C SER A 986 -43.72 -3.74 32.16
N ALA A 987 -43.42 -2.70 31.40
CA ALA A 987 -42.28 -1.83 31.69
C ALA A 987 -42.68 -0.71 32.65
N PHE A 988 -43.92 -0.27 32.52
CA PHE A 988 -44.46 0.77 33.38
C PHE A 988 -45.80 0.27 33.95
N PRO A 989 -45.71 -0.62 34.94
CA PRO A 989 -46.85 -1.30 35.56
C PRO A 989 -47.76 -0.35 36.35
N HIS A 990 -47.23 0.82 36.72
CA HIS A 990 -48.03 1.78 37.47
C HIS A 990 -49.08 2.49 36.60
N LEU A 991 -48.84 2.53 35.29
CA LEU A 991 -49.80 3.12 34.38
C LEU A 991 -51.09 2.30 34.35
N GLN A 992 -52.23 2.97 34.42
CA GLN A 992 -53.51 2.29 34.32
C GLN A 992 -53.81 1.96 32.86
N ASP A 993 -54.62 0.92 32.65
CA ASP A 993 -54.94 0.46 31.29
C ASP A 993 -55.35 1.58 30.34
N ALA A 994 -55.97 2.62 30.88
CA ALA A 994 -56.48 3.72 30.06
C ALA A 994 -55.37 4.61 29.52
N GLN A 995 -54.35 4.88 30.34
CA GLN A 995 -53.21 5.66 29.89
C GLN A 995 -52.53 4.94 28.73
N VAL A 996 -52.41 3.62 28.85
CA VAL A 996 -51.71 2.81 27.86
C VAL A 996 -52.52 2.61 26.57
N LYS A 997 -53.83 2.47 26.68
CA LYS A 997 -54.67 2.41 25.50
C LYS A 997 -54.56 3.69 24.69
N LEU A 998 -54.80 4.81 25.37
CA LEU A 998 -54.64 6.14 24.78
C LEU A 998 -53.40 6.21 23.90
N PHE A 999 -52.25 5.91 24.50
CA PHE A 999 -50.96 6.00 23.83
C PHE A 999 -50.88 5.18 22.55
N VAL A 1000 -51.32 3.92 22.61
CA VAL A 1000 -51.24 3.03 21.46
C VAL A 1000 -52.13 3.50 20.30
N THR A 1001 -53.28 4.08 20.64
CA THR A 1001 -54.14 4.64 19.63
C THR A 1001 -53.44 5.79 18.93
N GLY A 1002 -52.81 6.65 19.74
CA GLY A 1002 -52.12 7.81 19.22
C GLY A 1002 -51.02 7.48 18.24
N LEU A 1003 -50.39 6.33 18.44
CA LEU A 1003 -49.28 5.91 17.59
C LEU A 1003 -49.72 5.59 16.17
N PHE A 1004 -50.98 5.26 15.98
CA PHE A 1004 -51.50 4.90 14.66
C PHE A 1004 -52.26 6.04 13.99
N SER A 1005 -52.94 6.85 14.80
CA SER A 1005 -53.72 7.96 14.28
C SER A 1005 -52.85 9.19 14.00
N LEU A 1006 -51.73 9.27 14.69
CA LEU A 1006 -50.77 10.35 14.48
C LEU A 1006 -49.65 9.93 13.53
N ASN A 1007 -49.77 8.73 12.98
CA ASN A 1007 -48.71 8.16 12.13
C ASN A 1007 -48.33 9.04 10.93
N GLN A 1008 -49.09 10.10 10.71
CA GLN A 1008 -48.80 10.99 9.58
C GLN A 1008 -48.60 12.45 9.99
N ASP A 1009 -48.67 12.72 11.30
CA ASP A 1009 -48.41 14.06 11.79
C ASP A 1009 -47.26 14.04 12.80
N ILE A 1010 -46.04 14.24 12.30
CA ILE A 1010 -44.86 14.09 13.14
C ILE A 1010 -44.80 15.04 14.35
N PRO A 1011 -44.99 16.35 14.12
CA PRO A 1011 -45.03 17.24 15.27
C PRO A 1011 -46.03 16.80 16.34
N ALA A 1012 -47.21 16.35 15.91
CA ALA A 1012 -48.22 15.88 16.85
C ALA A 1012 -47.81 14.57 17.49
N PHE A 1013 -47.12 13.74 16.73
CA PHE A 1013 -46.56 12.51 17.23
C PHE A 1013 -45.57 12.84 18.36
N LYS A 1014 -44.73 13.84 18.11
CA LYS A 1014 -43.75 14.28 19.10
C LYS A 1014 -44.41 14.64 20.42
N GLU A 1015 -45.38 15.55 20.37
CA GLU A 1015 -46.05 15.98 21.59
C GLU A 1015 -46.69 14.79 22.30
N HIS A 1016 -47.12 13.81 21.53
CA HIS A 1016 -47.70 12.60 22.11
C HIS A 1016 -46.65 11.89 22.96
N LEU A 1017 -45.50 11.59 22.37
CA LEU A 1017 -44.41 10.96 23.10
C LEU A 1017 -44.11 11.70 24.39
N ARG A 1018 -44.00 13.02 24.30
CA ARG A 1018 -43.65 13.81 25.47
C ARG A 1018 -44.70 13.70 26.56
N ASP A 1019 -45.97 13.64 26.15
CA ASP A 1019 -47.06 13.51 27.10
C ASP A 1019 -46.87 12.20 27.88
N PHE A 1020 -46.54 11.15 27.16
CA PHE A 1020 -46.27 9.86 27.77
C PHE A 1020 -45.10 9.95 28.73
N LEU A 1021 -44.10 10.75 28.36
CA LEU A 1021 -42.89 10.89 29.17
C LEU A 1021 -43.18 11.60 30.49
N VAL A 1022 -44.33 12.27 30.54
CA VAL A 1022 -44.76 12.95 31.75
C VAL A 1022 -45.50 11.98 32.65
N GLN A 1023 -46.47 11.27 32.05
CA GLN A 1023 -47.29 10.32 32.79
C GLN A 1023 -46.46 9.24 33.48
N ILE A 1024 -45.47 8.69 32.77
CA ILE A 1024 -44.65 7.63 33.33
C ILE A 1024 -43.84 8.12 34.53
N LYS A 1025 -43.60 9.42 34.61
CA LYS A 1025 -42.89 9.97 35.77
C LYS A 1025 -43.82 10.11 36.98
N GLU A 1026 -45.13 10.03 36.74
CA GLU A 1026 -46.11 10.19 37.81
C GLU A 1026 -46.84 8.89 38.13
N PHE A 1027 -47.25 8.73 39.39
CA PHE A 1027 -48.12 7.62 39.75
C PHE A 1027 -49.56 8.10 39.71
N ALA A 1028 -50.11 8.17 38.50
CA ALA A 1028 -51.47 8.67 38.29
C ALA A 1028 -52.50 7.80 38.99
N GLY A 1029 -52.10 6.59 39.35
CA GLY A 1029 -52.95 5.66 40.07
C GLY A 1029 -54.23 5.32 39.33
N GLU A 1030 -54.63 4.05 39.42
CA GLU A 1030 -55.91 3.61 38.86
C GLU A 1030 -57.04 4.37 39.55
N ASP A 1031 -56.69 5.07 40.62
CA ASP A 1031 -57.65 5.80 41.43
C ASP A 1031 -58.25 7.00 40.71
N THR A 1032 -57.63 8.16 40.89
CA THR A 1032 -58.17 9.40 40.34
C THR A 1032 -57.94 9.50 38.83
N SER A 1033 -58.83 10.20 38.14
CA SER A 1033 -58.77 10.31 36.69
C SER A 1033 -58.82 11.77 36.23
N ASP A 1034 -57.64 12.38 36.10
CA ASP A 1034 -57.56 13.75 35.58
C ASP A 1034 -57.35 13.76 34.07
N LEU A 1035 -56.93 12.62 33.53
CA LEU A 1035 -56.75 12.50 32.09
C LEU A 1035 -58.10 12.71 31.40
N PHE A 1036 -58.10 13.58 30.41
CA PHE A 1036 -59.33 13.95 29.73
C PHE A 1036 -59.53 13.08 28.50
N LEU A 1037 -59.82 11.80 28.75
CA LEU A 1037 -59.99 10.81 27.69
C LEU A 1037 -60.93 11.28 26.59
N GLU A 1038 -62.22 11.21 26.84
CA GLU A 1038 -63.24 11.53 25.84
C GLU A 1038 -62.85 12.73 24.97
N GLU A 1039 -62.29 13.74 25.60
CA GLU A 1039 -61.84 14.94 24.90
C GLU A 1039 -60.64 14.65 24.01
N ARG A 1040 -59.55 14.21 24.63
CA ARG A 1040 -58.34 13.87 23.91
C ARG A 1040 -58.62 12.77 22.87
N GLU A 1041 -59.41 11.78 23.29
CA GLU A 1041 -59.77 10.62 22.47
C GLU A 1041 -60.21 10.97 21.05
N THR A 1042 -61.15 11.89 20.92
CA THR A 1042 -61.66 12.28 19.60
C THR A 1042 -60.61 13.09 18.82
N ALA A 1043 -59.92 13.99 19.51
CA ALA A 1043 -58.91 14.83 18.88
C ALA A 1043 -57.85 14.00 18.15
N LEU A 1044 -57.75 12.72 18.51
CA LEU A 1044 -56.84 11.80 17.84
C LEU A 1044 -57.41 11.39 16.49
N ARG A 1045 -58.70 11.04 16.49
CA ARG A 1045 -59.37 10.68 15.25
C ARG A 1045 -59.58 11.90 14.35
N GLN A 1046 -59.58 13.07 14.96
CA GLN A 1046 -59.66 14.32 14.21
C GLN A 1046 -58.34 14.55 13.47
N ALA A 1047 -57.37 13.68 13.71
CA ALA A 1047 -56.12 13.68 12.96
C ALA A 1047 -56.08 12.47 12.04
N GLN A 1048 -56.73 11.40 12.48
CA GLN A 1048 -56.84 10.20 11.65
C GLN A 1048 -57.53 10.53 10.33
N GLU A 1049 -58.49 11.44 10.37
CA GLU A 1049 -59.28 11.80 9.19
C GLU A 1049 -58.54 12.74 8.25
N GLU A 1050 -57.63 13.53 8.79
CA GLU A 1050 -56.81 14.44 7.98
C GLU A 1050 -55.95 13.65 6.98
N LYS A 1051 -55.62 12.41 7.34
CA LYS A 1051 -54.78 11.55 6.51
C LYS A 1051 -55.44 11.17 5.21
N HIS A 1052 -56.70 10.72 5.30
CA HIS A 1052 -57.47 10.35 4.11
C HIS A 1052 -58.59 11.36 3.79
N LYS A 1053 -58.22 12.63 3.70
CA LYS A 1053 -59.14 13.68 3.29
C LYS A 1053 -58.57 14.48 2.12
N LEU A 1054 -57.46 15.17 2.38
CA LEU A 1054 -56.85 16.05 1.40
C LEU A 1054 -55.87 15.31 0.49
N PRO B 5 -5.44 53.65 -20.60
CA PRO B 5 -4.62 54.63 -19.87
C PRO B 5 -5.04 54.67 -18.42
N LEU B 6 -4.34 53.90 -17.56
CA LEU B 6 -4.80 53.63 -16.21
C LEU B 6 -4.62 54.77 -15.21
N GLN B 7 -3.41 55.30 -15.13
CA GLN B 7 -3.04 56.22 -14.05
C GLN B 7 -2.92 55.43 -12.75
N LEU B 8 -2.12 54.36 -12.74
CA LEU B 8 -2.14 53.40 -11.63
C LEU B 8 -1.06 53.57 -10.56
N PRO B 9 -1.45 53.51 -9.29
CA PRO B 9 -0.64 53.96 -8.15
C PRO B 9 0.74 53.30 -8.10
N PRO B 10 1.77 54.07 -7.72
CA PRO B 10 3.15 53.56 -7.67
C PRO B 10 3.38 52.68 -6.45
N LEU B 11 2.76 51.51 -6.44
CA LEU B 11 2.86 50.58 -5.32
C LEU B 11 4.27 50.03 -5.15
N GLU B 12 5.08 50.16 -6.21
CA GLU B 12 6.47 49.71 -6.20
C GLU B 12 7.37 50.49 -5.24
N ARG B 13 6.92 51.66 -4.78
CA ARG B 13 7.72 52.44 -3.84
C ARG B 13 7.37 52.08 -2.41
N LEU B 14 6.35 51.24 -2.23
CA LEU B 14 5.97 50.76 -0.91
C LEU B 14 7.14 50.02 -0.27
N THR B 15 7.69 50.57 0.80
CA THR B 15 8.84 49.94 1.45
C THR B 15 8.89 50.22 2.95
N LEU B 16 9.49 49.29 3.69
CA LEU B 16 9.50 49.32 5.13
C LEU B 16 10.90 49.57 5.69
N SER B 17 11.92 49.10 4.98
CA SER B 17 13.29 49.32 5.43
C SER B 17 13.87 50.65 4.90
N GLN B 18 15.16 50.59 4.57
CA GLN B 18 15.91 51.70 3.96
C GLN B 18 17.14 51.03 3.41
N ASP B 19 17.15 49.71 3.58
CA ASP B 19 18.24 48.87 3.12
C ASP B 19 18.46 49.13 1.64
N LEU B 20 19.70 49.50 1.31
CA LEU B 20 20.08 49.73 -0.08
C LEU B 20 20.35 48.41 -0.80
N ASN B 21 19.86 48.32 -2.01
CA ASN B 21 20.09 47.14 -2.85
C ASN B 21 19.71 45.83 -2.17
N SER B 22 18.55 45.83 -1.52
CA SER B 22 18.05 44.66 -0.83
C SER B 22 18.01 43.44 -1.73
N THR B 23 18.58 42.33 -1.27
CA THR B 23 18.46 41.07 -2.00
C THR B 23 17.04 40.52 -1.80
N ALA B 24 16.24 41.23 -1.03
CA ALA B 24 14.85 40.86 -0.82
C ALA B 24 14.09 41.15 -2.10
N ALA B 25 14.75 41.91 -2.98
CA ALA B 25 14.25 42.19 -4.32
C ALA B 25 15.29 41.76 -5.36
N PRO B 26 14.88 41.69 -6.63
CA PRO B 26 15.81 41.45 -7.74
C PRO B 26 16.97 42.47 -7.82
N HIS B 27 17.96 42.17 -8.65
CA HIS B 27 19.10 43.05 -8.88
C HIS B 27 18.59 44.44 -9.25
N PRO B 28 19.25 45.51 -8.76
CA PRO B 28 18.82 46.88 -9.07
C PRO B 28 18.86 47.23 -10.55
N ARG B 29 19.05 46.25 -11.42
CA ARG B 29 19.10 46.52 -12.86
C ARG B 29 17.87 46.01 -13.63
N LEU B 30 17.31 44.89 -13.18
CA LEU B 30 16.20 44.25 -13.88
C LEU B 30 14.93 45.10 -13.97
N SER B 31 14.72 45.96 -12.98
CA SER B 31 13.51 46.76 -12.95
C SER B 31 13.75 48.20 -13.39
N GLN B 32 14.78 48.83 -12.81
CA GLN B 32 15.16 50.19 -13.17
C GLN B 32 16.67 50.34 -13.05
N TYR B 33 17.35 50.55 -14.17
CA TYR B 33 18.80 50.71 -14.15
C TYR B 33 19.19 51.90 -13.29
N LYS B 34 18.47 53.02 -13.45
CA LYS B 34 18.67 54.18 -12.56
C LYS B 34 17.98 53.93 -11.21
N SER B 35 17.27 52.82 -11.15
CA SER B 35 16.87 52.23 -9.88
C SER B 35 15.62 52.79 -9.23
N LYS B 36 15.47 52.50 -7.95
CA LYS B 36 14.40 53.06 -7.15
C LYS B 36 15.04 53.86 -6.02
N TYR B 37 14.25 54.33 -5.08
CA TYR B 37 14.72 55.28 -4.07
C TYR B 37 15.64 54.67 -3.00
N SER B 38 15.39 53.42 -2.65
CA SER B 38 16.24 52.73 -1.68
C SER B 38 17.14 51.70 -2.37
N SER B 39 17.63 52.05 -3.56
CA SER B 39 18.64 51.25 -4.23
C SER B 39 19.76 52.11 -4.79
N LEU B 40 20.93 51.53 -4.94
CA LEU B 40 22.13 52.27 -5.26
C LEU B 40 22.87 51.72 -6.48
N GLU B 41 24.00 52.35 -6.78
CA GLU B 41 24.90 51.91 -7.85
C GLU B 41 26.32 52.21 -7.42
N GLN B 42 26.44 52.96 -6.33
CA GLN B 42 27.74 53.31 -5.77
C GLN B 42 27.95 52.70 -4.39
N SER B 43 28.47 51.48 -4.35
CA SER B 43 28.79 50.82 -3.09
C SER B 43 30.15 51.29 -2.55
N GLU B 44 31.06 51.62 -3.46
CA GLU B 44 32.44 52.00 -3.13
C GLU B 44 32.54 52.96 -1.95
N ARG B 45 31.73 54.01 -2.00
CA ARG B 45 31.73 55.05 -0.98
C ARG B 45 31.54 54.52 0.45
N ARG B 46 30.29 54.17 0.74
CA ARG B 46 29.88 53.75 2.07
C ARG B 46 30.77 52.63 2.62
N ARG B 47 31.25 51.77 1.73
CA ARG B 47 32.16 50.72 2.14
C ARG B 47 33.28 51.33 2.98
N ARG B 48 33.89 52.39 2.45
CA ARG B 48 35.08 52.98 3.04
C ARG B 48 34.83 53.60 4.42
N LEU B 49 33.78 54.40 4.55
CA LEU B 49 33.53 55.05 5.83
C LEU B 49 33.10 54.04 6.89
N LEU B 50 32.28 53.06 6.49
CA LEU B 50 31.79 52.05 7.43
C LEU B 50 32.90 51.37 8.22
N GLU B 51 34.00 50.99 7.55
CA GLU B 51 35.13 50.36 8.25
C GLU B 51 36.17 51.37 8.77
N LEU B 52 36.01 52.61 8.34
CA LEU B 52 36.74 53.72 8.93
C LEU B 52 35.95 54.21 10.13
N GLN B 53 34.97 53.40 10.53
CA GLN B 53 34.06 53.75 11.60
C GLN B 53 34.18 52.70 12.71
N LYS B 54 34.71 51.53 12.36
CA LYS B 54 34.88 50.46 13.33
C LYS B 54 35.86 50.87 14.43
N SER B 55 35.31 51.44 15.49
CA SER B 55 36.07 51.78 16.70
C SER B 55 35.17 51.53 17.89
N LYS B 56 34.95 50.24 18.16
CA LYS B 56 34.01 49.77 19.19
C LYS B 56 33.36 50.86 20.01
N ARG B 57 32.14 51.23 19.63
CA ARG B 57 31.32 52.08 20.45
C ARG B 57 30.25 51.16 21.02
N LEU B 58 30.53 49.85 20.97
CA LEU B 58 29.51 48.83 21.24
C LEU B 58 29.94 47.70 22.18
N ASP B 59 29.08 47.40 23.13
CA ASP B 59 29.30 46.32 24.08
C ASP B 59 28.84 44.98 23.50
N TYR B 60 29.71 44.37 22.71
CA TYR B 60 29.41 43.10 22.10
C TYR B 60 29.52 41.96 23.12
N VAL B 61 30.31 42.18 24.18
CA VAL B 61 30.42 41.20 25.25
C VAL B 61 29.08 41.01 25.94
N ASN B 62 28.50 42.14 26.34
CA ASN B 62 27.21 42.15 27.00
C ASN B 62 26.09 41.61 26.09
N HIS B 63 26.22 41.82 24.79
CA HIS B 63 25.18 41.43 23.84
C HIS B 63 25.17 39.93 23.59
N ALA B 64 26.36 39.33 23.51
CA ALA B 64 26.47 37.89 23.36
C ALA B 64 25.80 37.18 24.54
N ARG B 65 26.03 37.70 25.74
CA ARG B 65 25.42 37.13 26.93
C ARG B 65 23.89 37.25 26.88
N ARG B 66 23.41 38.35 26.32
CA ARG B 66 21.96 38.59 26.21
C ARG B 66 21.27 37.58 25.29
N LEU B 67 21.85 37.32 24.12
CA LEU B 67 21.35 36.27 23.24
C LEU B 67 21.35 34.89 23.90
N ALA B 68 22.41 34.60 24.65
CA ALA B 68 22.57 33.27 25.23
C ALA B 68 21.69 33.03 26.44
N GLU B 69 21.48 34.08 27.24
CA GLU B 69 20.70 33.94 28.45
C GLU B 69 19.28 34.45 28.27
N ASP B 70 18.89 34.73 27.03
CA ASP B 70 17.57 35.27 26.73
C ASP B 70 17.16 36.32 27.75
N ASP B 71 18.05 37.27 28.02
CA ASP B 71 17.80 38.33 29.00
C ASP B 71 17.92 39.72 28.39
N TRP B 72 16.85 40.51 28.47
CA TRP B 72 16.80 41.80 27.80
C TRP B 72 16.27 42.90 28.70
N THR B 73 16.97 43.14 29.80
CA THR B 73 16.54 44.13 30.79
C THR B 73 16.99 45.54 30.39
N GLY B 74 18.11 45.62 29.71
CA GLY B 74 18.63 46.90 29.25
C GLY B 74 18.91 47.89 30.36
N MET B 75 19.51 47.41 31.45
CA MET B 75 19.88 48.30 32.56
C MET B 75 21.39 48.37 32.73
N LYS B 94 22.73 51.69 14.55
CA LYS B 94 23.18 52.48 15.70
C LYS B 94 23.15 51.69 16.99
N LYS B 95 22.20 50.76 17.10
CA LYS B 95 22.11 49.89 18.28
C LYS B 95 21.89 48.44 17.85
N LEU B 96 22.05 47.52 18.80
CA LEU B 96 21.93 46.10 18.48
C LEU B 96 20.53 45.57 18.78
N PRO B 97 19.96 44.81 17.84
CA PRO B 97 18.63 44.21 17.91
C PRO B 97 18.36 43.51 19.24
N LYS B 98 17.16 43.69 19.79
CA LYS B 98 16.89 43.35 21.18
C LYS B 98 16.33 41.95 21.39
N HIS B 99 16.31 41.12 20.35
CA HIS B 99 15.83 39.74 20.50
C HIS B 99 16.51 38.79 19.53
N TYR B 100 15.81 37.75 19.09
CA TYR B 100 16.44 36.75 18.22
C TYR B 100 16.35 37.08 16.74
N ALA B 101 15.59 38.11 16.41
CA ALA B 101 15.48 38.54 15.02
C ALA B 101 16.52 39.59 14.67
N ASN B 102 16.99 39.56 13.42
CA ASN B 102 17.89 40.58 12.90
C ASN B 102 19.26 40.58 13.55
N GLN B 103 19.77 39.38 13.82
CA GLN B 103 21.07 39.21 14.44
C GLN B 103 22.15 38.91 13.38
N LEU B 104 21.71 38.44 12.22
CA LEU B 104 22.64 38.08 11.15
C LEU B 104 23.09 39.28 10.30
N MET B 105 24.27 39.15 9.68
CA MET B 105 24.83 40.22 8.87
C MET B 105 24.56 39.93 7.40
N LEU B 106 23.65 40.72 6.82
CA LEU B 106 23.14 40.45 5.47
C LEU B 106 23.80 41.28 4.38
N SER B 107 23.90 40.71 3.19
CA SER B 107 24.54 41.37 2.07
C SER B 107 23.55 42.18 1.20
N GLU B 108 24.11 43.10 0.42
CA GLU B 108 23.38 43.75 -0.66
C GLU B 108 23.86 43.08 -1.94
N TRP B 109 23.16 43.28 -3.04
CA TRP B 109 23.67 42.79 -4.31
C TRP B 109 25.07 43.36 -4.49
N LEU B 110 25.95 42.64 -5.20
CA LEU B 110 27.25 43.19 -5.55
C LEU B 110 27.10 43.99 -6.84
N ILE B 111 27.21 45.31 -6.73
CA ILE B 111 26.99 46.20 -7.86
C ILE B 111 28.27 46.92 -8.26
N ASP B 112 28.79 47.75 -7.34
CA ASP B 112 30.06 48.42 -7.55
C ASP B 112 31.21 47.44 -7.28
N VAL B 113 31.58 46.66 -8.29
CA VAL B 113 32.64 45.69 -8.14
C VAL B 113 33.95 46.41 -7.85
N PRO B 114 34.55 46.11 -6.70
CA PRO B 114 35.75 46.77 -6.16
C PRO B 114 36.93 46.75 -7.13
N SER B 115 37.76 47.79 -7.10
CA SER B 115 38.96 47.84 -7.92
C SER B 115 40.05 46.91 -7.38
N ASP B 116 39.93 46.55 -6.10
CA ASP B 116 40.91 45.71 -5.43
C ASP B 116 40.33 44.33 -5.07
N LEU B 117 39.22 43.99 -5.71
CA LEU B 117 38.47 42.75 -5.43
C LEU B 117 39.32 41.48 -5.23
N GLY B 118 40.35 41.32 -6.05
CA GLY B 118 41.14 40.10 -6.04
C GLY B 118 42.24 40.06 -5.00
N GLN B 119 42.19 41.00 -4.06
CA GLN B 119 43.25 41.14 -3.07
C GLN B 119 42.70 41.40 -1.69
N GLU B 120 41.57 42.09 -1.62
CA GLU B 120 40.96 42.43 -0.33
C GLU B 120 39.71 41.60 -0.04
N TRP B 121 39.12 41.03 -1.08
CA TRP B 121 37.85 40.35 -0.91
C TRP B 121 38.00 38.84 -0.96
N ILE B 122 36.97 38.15 -0.48
CA ILE B 122 36.92 36.70 -0.50
C ILE B 122 35.51 36.27 -0.88
N VAL B 123 35.35 35.01 -1.26
CA VAL B 123 34.05 34.54 -1.69
C VAL B 123 33.72 33.17 -1.12
N VAL B 124 32.53 33.05 -0.54
CA VAL B 124 32.05 31.79 -0.01
C VAL B 124 30.90 31.27 -0.85
N VAL B 125 31.10 30.10 -1.46
CA VAL B 125 30.01 29.42 -2.17
C VAL B 125 28.94 28.98 -1.19
N CYS B 126 27.72 29.47 -1.41
CA CYS B 126 26.63 29.19 -0.49
C CYS B 126 25.70 28.14 -1.05
N PRO B 127 25.11 27.32 -0.15
CA PRO B 127 24.19 26.26 -0.53
C PRO B 127 22.74 26.71 -0.46
N VAL B 128 21.89 25.99 -1.19
CA VAL B 128 20.45 26.10 -1.07
C VAL B 128 19.98 25.60 0.29
N GLY B 129 19.45 26.51 1.11
CA GLY B 129 18.96 26.13 2.41
C GLY B 129 18.31 27.27 3.16
N LYS B 130 18.36 27.19 4.50
CA LYS B 130 17.74 28.18 5.36
C LYS B 130 18.80 28.94 6.17
N ARG B 131 18.76 30.27 6.08
CA ARG B 131 19.62 31.09 6.93
C ARG B 131 19.15 31.01 8.37
N ALA B 132 20.09 30.77 9.28
CA ALA B 132 19.75 30.66 10.69
C ALA B 132 20.74 31.38 11.61
N LEU B 133 20.23 31.85 12.74
CA LEU B 133 21.05 32.26 13.86
C LEU B 133 21.12 31.09 14.83
N ILE B 134 22.28 30.48 14.96
CA ILE B 134 22.47 29.37 15.89
C ILE B 134 22.95 29.85 17.25
N VAL B 135 22.21 29.53 18.32
CA VAL B 135 22.65 29.90 19.67
C VAL B 135 22.76 28.71 20.60
N ALA B 136 23.98 28.44 21.05
CA ALA B 136 24.22 27.34 21.96
C ALA B 136 24.61 27.84 23.34
N SER B 137 23.73 27.64 24.31
CA SER B 137 24.07 27.94 25.69
C SER B 137 23.13 27.21 26.64
N ARG B 138 23.57 27.14 27.90
CA ARG B 138 22.77 26.59 28.98
C ARG B 138 22.35 25.14 28.72
N GLY B 139 23.14 24.47 27.89
CA GLY B 139 23.00 23.03 27.70
C GLY B 139 22.12 22.66 26.52
N SER B 140 21.97 23.61 25.60
CA SER B 140 21.15 23.35 24.42
C SER B 140 21.55 24.22 23.22
N THR B 141 20.89 23.96 22.10
CA THR B 141 21.14 24.69 20.87
C THR B 141 19.81 24.99 20.15
N SER B 142 19.69 26.21 19.65
CA SER B 142 18.48 26.62 18.92
C SER B 142 18.85 27.27 17.61
N ALA B 143 17.96 27.14 16.63
CA ALA B 143 18.12 27.79 15.34
C ALA B 143 16.98 28.77 15.08
N TYR B 144 17.33 30.01 14.72
CA TYR B 144 16.34 31.05 14.46
C TYR B 144 16.46 31.53 13.03
N THR B 145 15.36 32.07 12.49
CA THR B 145 15.39 32.71 11.18
C THR B 145 15.82 34.15 11.37
N LYS B 146 15.92 34.92 10.28
CA LYS B 146 16.21 36.34 10.39
C LYS B 146 15.09 37.02 11.18
N SER B 147 13.93 36.36 11.18
CA SER B 147 12.74 36.86 11.87
C SER B 147 12.71 36.42 13.32
N GLY B 148 13.79 35.79 13.78
CA GLY B 148 13.86 35.33 15.14
C GLY B 148 12.84 34.26 15.46
N TYR B 149 12.32 33.60 14.42
CA TYR B 149 11.35 32.53 14.62
C TYR B 149 12.08 31.21 14.83
N CYS B 150 11.87 30.60 15.99
CA CYS B 150 12.56 29.35 16.29
C CYS B 150 12.11 28.21 15.39
N VAL B 151 13.08 27.60 14.69
CA VAL B 151 12.83 26.53 13.76
C VAL B 151 13.25 25.20 14.34
N ASN B 152 14.09 25.24 15.36
CA ASN B 152 14.61 24.00 15.96
C ASN B 152 15.22 24.20 17.34
N ARG B 153 15.05 23.16 18.17
CA ARG B 153 15.66 23.08 19.48
C ARG B 153 16.23 21.68 19.61
N PHE B 154 17.53 21.59 19.88
CA PHE B 154 18.21 20.31 19.77
C PHE B 154 19.48 20.23 20.60
N SER B 155 20.12 19.07 20.61
CA SER B 155 21.42 18.93 21.25
C SER B 155 22.48 19.06 20.16
N SER B 156 23.61 19.69 20.51
CA SER B 156 24.71 19.78 19.58
C SER B 156 26.03 19.72 20.32
N LEU B 157 27.11 19.60 19.56
CA LEU B 157 28.43 19.52 20.14
C LEU B 157 29.15 20.88 20.16
N LEU B 158 28.43 21.96 19.83
CA LEU B 158 28.99 23.29 20.04
C LEU B 158 29.02 23.55 21.53
N PRO B 159 30.10 24.18 22.01
CA PRO B 159 30.25 24.60 23.42
C PRO B 159 28.98 25.26 23.97
N GLY B 160 28.33 24.61 24.94
CA GLY B 160 27.12 25.13 25.53
C GLY B 160 25.87 24.49 24.95
N GLY B 161 26.05 23.67 23.92
CA GLY B 161 24.94 23.19 23.11
C GLY B 161 24.43 21.79 23.39
N ASN B 162 25.00 21.14 24.39
CA ASN B 162 24.56 19.81 24.79
C ASN B 162 24.55 19.71 26.30
N ARG B 163 24.02 18.62 26.84
CA ARG B 163 23.86 18.51 28.29
C ARG B 163 25.20 18.29 29.02
N ARG B 164 26.21 17.84 28.28
CA ARG B 164 27.57 17.76 28.84
C ARG B 164 28.41 18.97 28.43
N ASN B 165 28.51 19.95 29.32
CA ASN B 165 29.27 21.16 29.03
C ASN B 165 29.69 21.92 30.28
N SER B 166 30.29 23.09 30.08
CA SER B 166 30.56 24.03 31.17
C SER B 166 29.30 24.82 31.49
N THR B 167 28.94 24.86 32.77
CA THR B 167 27.72 25.50 33.20
C THR B 167 27.90 27.01 33.31
N ALA B 168 28.90 27.55 32.62
CA ALA B 168 29.40 28.87 32.99
C ALA B 168 29.99 29.71 31.86
N LYS B 169 29.13 30.42 31.14
CA LYS B 169 29.59 31.30 30.07
C LYS B 169 30.48 30.55 29.10
N ASP B 170 29.92 29.51 28.49
CA ASP B 170 30.61 28.74 27.47
C ASP B 170 29.74 28.72 26.21
N TYR B 171 28.94 29.76 26.04
CA TYR B 171 28.01 29.84 24.93
C TYR B 171 28.70 30.06 23.58
N THR B 172 27.97 29.75 22.51
CA THR B 172 28.49 29.86 21.15
C THR B 172 27.39 30.41 20.25
N ILE B 173 27.70 31.45 19.49
CA ILE B 173 26.73 31.95 18.52
C ILE B 173 27.26 31.86 17.09
N LEU B 174 26.58 31.08 16.27
CA LEU B 174 27.01 30.89 14.88
C LEU B 174 26.05 31.48 13.86
N ASP B 175 26.50 31.48 12.60
CA ASP B 175 25.74 32.02 11.47
C ASP B 175 25.73 30.95 10.37
N CYS B 176 24.58 30.32 10.16
CA CYS B 176 24.55 29.16 9.28
C CYS B 176 23.46 29.17 8.22
N ILE B 177 23.67 28.33 7.21
CA ILE B 177 22.62 27.97 6.27
C ILE B 177 22.30 26.48 6.46
N TYR B 178 21.06 26.16 6.84
CA TYR B 178 20.67 24.77 7.02
C TYR B 178 20.17 24.10 5.72
N ASN B 179 20.91 23.10 5.27
CA ASN B 179 20.57 22.34 4.07
C ASN B 179 19.78 21.09 4.43
N GLU B 180 18.57 20.94 3.89
CA GLU B 180 17.68 19.83 4.26
C GLU B 180 18.14 18.45 3.81
N VAL B 181 18.60 18.32 2.58
CA VAL B 181 18.98 17.01 2.06
C VAL B 181 20.12 16.38 2.86
N ASN B 182 21.03 17.22 3.36
CA ASN B 182 22.23 16.75 4.04
C ASN B 182 22.13 16.82 5.57
N GLN B 183 20.97 17.23 6.07
CA GLN B 183 20.77 17.51 7.50
C GLN B 183 21.97 18.20 8.16
N THR B 184 22.72 18.94 7.35
CA THR B 184 23.88 19.68 7.81
C THR B 184 23.56 21.16 7.96
N TYR B 185 24.05 21.76 9.04
CA TYR B 185 24.10 23.22 9.16
C TYR B 185 25.48 23.69 8.66
N TYR B 186 25.53 24.24 7.45
CA TYR B 186 26.79 24.81 6.97
C TYR B 186 27.09 26.13 7.68
N VAL B 187 28.25 26.18 8.32
CA VAL B 187 28.63 27.33 9.13
C VAL B 187 29.20 28.39 8.21
N LEU B 188 28.56 29.56 8.21
CA LEU B 188 28.90 30.65 7.30
C LEU B 188 29.83 31.64 8.01
N ASP B 189 29.61 31.81 9.31
CA ASP B 189 30.44 32.68 10.11
C ASP B 189 30.34 32.34 11.60
N VAL B 190 31.26 32.88 12.39
CA VAL B 190 31.20 32.74 13.83
C VAL B 190 31.24 34.10 14.46
N MET B 191 30.24 34.42 15.27
CA MET B 191 30.26 35.71 15.96
C MET B 191 30.55 35.57 17.46
N CYS B 192 30.41 34.37 18.02
CA CYS B 192 30.80 34.13 19.41
C CYS B 192 31.15 32.66 19.70
N TRP B 193 32.32 32.45 20.28
CA TRP B 193 32.80 31.11 20.56
C TRP B 193 33.30 31.00 22.00
N ARG B 194 32.85 29.97 22.69
CA ARG B 194 33.23 29.71 24.09
C ARG B 194 33.15 30.96 24.94
N GLY B 195 32.00 31.63 24.86
CA GLY B 195 31.72 32.75 25.74
C GLY B 195 32.55 33.97 25.44
N HIS B 196 33.18 34.00 24.27
CA HIS B 196 33.97 35.15 23.85
C HIS B 196 33.52 35.60 22.47
N PRO B 197 33.14 36.88 22.35
CA PRO B 197 32.61 37.47 21.12
C PRO B 197 33.67 37.71 20.04
N PHE B 198 33.28 37.51 18.79
CA PHE B 198 34.15 37.72 17.64
C PHE B 198 33.63 38.82 16.71
N TYR B 199 32.59 39.53 17.16
CA TYR B 199 32.04 40.66 16.42
C TYR B 199 33.11 41.68 16.06
N ASP B 200 34.00 41.97 17.02
CA ASP B 200 35.04 42.99 16.84
C ASP B 200 36.17 42.52 15.94
N CYS B 201 36.09 41.29 15.44
CA CYS B 201 37.17 40.74 14.61
C CYS B 201 36.87 40.77 13.12
N GLN B 202 37.93 40.92 12.32
CA GLN B 202 37.82 40.99 10.86
C GLN B 202 37.43 39.65 10.26
N THR B 203 36.87 39.70 9.06
CA THR B 203 36.40 38.49 8.39
C THR B 203 37.55 37.53 8.15
N ASP B 204 38.65 38.07 7.64
CA ASP B 204 39.91 37.34 7.59
C ASP B 204 40.03 36.42 8.83
N PHE B 205 39.99 37.02 10.01
CA PHE B 205 40.20 36.29 11.26
C PHE B 205 39.04 35.35 11.61
N ARG B 206 37.82 35.87 11.52
CA ARG B 206 36.63 35.07 11.77
C ARG B 206 36.65 33.76 10.96
N PHE B 207 36.94 33.87 9.67
CA PHE B 207 36.92 32.70 8.80
C PHE B 207 38.06 31.73 9.12
N TYR B 208 39.29 32.22 9.25
CA TYR B 208 40.42 31.38 9.65
C TYR B 208 40.07 30.58 10.90
N TRP B 209 39.53 31.28 11.90
CA TRP B 209 39.16 30.64 13.15
C TRP B 209 38.19 29.46 12.95
N MET B 210 37.13 29.67 12.18
CA MET B 210 36.17 28.61 11.91
C MET B 210 36.90 27.38 11.43
N HIS B 211 37.78 27.57 10.45
CA HIS B 211 38.38 26.43 9.75
C HIS B 211 39.52 25.79 10.50
N SER B 212 39.83 26.36 11.67
CA SER B 212 40.87 25.81 12.52
C SER B 212 40.28 25.17 13.76
N LYS B 213 39.04 25.52 14.07
CA LYS B 213 38.41 25.02 15.29
C LYS B 213 37.24 24.08 15.03
N LEU B 214 36.48 24.35 13.97
CA LEU B 214 35.36 23.49 13.62
C LEU B 214 35.82 22.06 13.40
N PRO B 215 36.86 21.86 12.58
CA PRO B 215 37.30 20.48 12.31
C PRO B 215 38.14 19.93 13.46
N GLU B 216 37.96 20.51 14.64
CA GLU B 216 38.72 20.11 15.82
C GLU B 216 37.79 19.83 16.99
N GLU B 217 36.49 19.84 16.72
CA GLU B 217 35.52 19.44 17.72
C GLU B 217 35.14 17.98 17.51
N GLU B 218 35.00 17.24 18.61
CA GLU B 218 34.78 15.80 18.59
C GLU B 218 33.97 15.33 17.39
N GLY B 219 32.66 15.29 17.54
CA GLY B 219 31.79 14.81 16.48
C GLY B 219 30.97 15.89 15.81
N LEU B 220 31.37 17.15 16.01
CA LEU B 220 30.62 18.30 15.48
C LEU B 220 30.13 18.10 14.05
N GLY B 221 31.01 17.62 13.18
CA GLY B 221 30.67 17.37 11.79
C GLY B 221 30.17 15.96 11.47
N GLU B 222 29.54 15.30 12.44
CA GLU B 222 28.87 14.04 12.18
C GLU B 222 27.61 13.81 13.03
N LYS B 223 26.83 12.80 12.65
CA LYS B 223 25.52 12.57 13.25
C LYS B 223 25.53 11.46 14.30
N THR B 224 25.05 11.79 15.50
CA THR B 224 24.97 10.86 16.63
C THR B 224 23.88 11.33 17.58
N LYS B 225 23.70 10.63 18.69
CA LYS B 225 22.58 10.91 19.60
C LYS B 225 22.67 12.29 20.26
N LEU B 226 23.88 12.70 20.62
CA LEU B 226 24.09 13.99 21.26
C LEU B 226 24.30 15.10 20.20
N ASN B 227 24.54 14.68 18.97
CA ASN B 227 24.78 15.63 17.89
C ASN B 227 24.13 15.17 16.58
N PRO B 228 22.80 15.32 16.50
CA PRO B 228 21.87 14.93 15.43
C PRO B 228 22.11 15.68 14.11
N PHE B 229 22.69 16.88 14.19
CA PHE B 229 22.94 17.68 13.00
C PHE B 229 24.40 18.03 12.82
N LYS B 230 24.99 17.54 11.74
CA LYS B 230 26.40 17.83 11.48
C LYS B 230 26.59 19.32 11.20
N PHE B 231 27.65 19.89 11.74
CA PHE B 231 28.05 21.25 11.41
C PHE B 231 29.30 21.26 10.54
N VAL B 232 29.15 21.65 9.27
CA VAL B 232 30.31 21.76 8.39
C VAL B 232 30.61 23.22 8.05
N GLY B 233 31.87 23.61 8.14
CA GLY B 233 32.26 24.94 7.71
C GLY B 233 32.35 25.10 6.20
N LEU B 234 31.88 26.23 5.69
CA LEU B 234 31.97 26.53 4.27
C LEU B 234 33.35 27.05 3.95
N LYS B 235 33.94 26.52 2.87
CA LYS B 235 35.22 27.01 2.39
C LYS B 235 35.10 28.44 1.85
N ASN B 236 36.17 29.21 1.95
CA ASN B 236 36.27 30.45 1.21
C ASN B 236 37.38 30.33 0.16
N PHE B 237 37.34 31.21 -0.85
CA PHE B 237 38.36 31.22 -1.89
C PHE B 237 38.75 32.66 -2.24
N PRO B 238 39.88 32.84 -2.95
CA PRO B 238 40.30 34.15 -3.45
C PRO B 238 39.47 34.58 -4.65
N CYS B 239 39.41 35.88 -4.92
CA CYS B 239 38.54 36.42 -5.97
C CYS B 239 39.33 36.90 -7.18
N THR B 240 40.47 36.27 -7.44
CA THR B 240 41.26 36.59 -8.61
C THR B 240 40.67 35.84 -9.81
N PRO B 241 40.80 36.44 -11.00
CA PRO B 241 40.27 35.85 -12.24
C PRO B 241 40.52 34.34 -12.34
N GLU B 242 41.71 33.88 -11.96
CA GLU B 242 42.00 32.46 -11.98
C GLU B 242 41.08 31.72 -11.01
N SER B 243 41.11 32.15 -9.76
CA SER B 243 40.31 31.51 -8.71
C SER B 243 38.84 31.40 -9.08
N LEU B 244 38.20 32.54 -9.34
CA LEU B 244 36.78 32.59 -9.66
C LEU B 244 36.42 31.61 -10.77
N CYS B 245 37.28 31.48 -11.77
CA CYS B 245 37.08 30.51 -12.84
C CYS B 245 37.03 29.10 -12.25
N ASP B 246 38.12 28.68 -11.62
CA ASP B 246 38.21 27.36 -11.01
C ASP B 246 37.07 27.15 -10.03
N VAL B 247 36.70 28.21 -9.31
CA VAL B 247 35.58 28.12 -8.38
C VAL B 247 34.31 27.65 -9.08
N LEU B 248 33.93 28.33 -10.16
CA LEU B 248 32.70 27.99 -10.88
C LEU B 248 32.84 26.67 -11.61
N SER B 249 34.04 26.11 -11.57
CA SER B 249 34.32 24.85 -12.24
C SER B 249 34.26 23.67 -11.26
N MET B 250 33.99 23.98 -9.99
CA MET B 250 34.08 23.00 -8.90
C MET B 250 32.83 22.15 -8.68
N ASP B 251 33.02 21.05 -7.95
CA ASP B 251 31.92 20.28 -7.40
C ASP B 251 31.78 20.57 -5.90
N PHE B 252 30.56 20.52 -5.39
CA PHE B 252 30.34 20.78 -3.96
C PHE B 252 29.43 19.72 -3.36
N PRO B 253 29.50 19.55 -2.03
CA PRO B 253 28.70 18.51 -1.36
C PRO B 253 27.20 18.85 -1.37
N PHE B 254 26.85 19.95 -2.03
CA PHE B 254 25.46 20.43 -2.08
C PHE B 254 25.17 21.13 -3.41
N GLU B 255 23.93 21.57 -3.59
CA GLU B 255 23.59 22.37 -4.76
C GLU B 255 23.83 23.85 -4.48
N VAL B 256 24.34 24.57 -5.48
CA VAL B 256 24.75 25.95 -5.28
C VAL B 256 23.61 26.95 -5.41
N ASP B 257 23.49 27.81 -4.40
CA ASP B 257 22.48 28.85 -4.36
C ASP B 257 23.03 30.14 -4.93
N GLY B 258 24.23 30.51 -4.49
CA GLY B 258 24.89 31.71 -4.97
C GLY B 258 26.26 31.89 -4.37
N LEU B 259 26.77 33.12 -4.44
CA LEU B 259 28.10 33.42 -3.96
C LEU B 259 28.12 34.66 -3.07
N LEU B 260 28.72 34.54 -1.90
CA LEU B 260 28.89 35.66 -0.99
C LEU B 260 30.31 36.23 -1.08
N PHE B 261 30.41 37.55 -1.23
CA PHE B 261 31.72 38.21 -1.30
C PHE B 261 31.91 39.06 -0.07
N TYR B 262 32.99 38.79 0.66
CA TYR B 262 33.26 39.46 1.94
C TYR B 262 34.52 40.28 1.85
N HIS B 263 34.46 41.53 2.25
CA HIS B 263 35.68 42.32 2.40
C HIS B 263 36.44 41.78 3.63
N LYS B 264 37.70 41.41 3.43
CA LYS B 264 38.47 40.77 4.49
C LYS B 264 38.47 41.53 5.81
N GLN B 265 38.30 42.85 5.76
CA GLN B 265 38.50 43.70 6.93
C GLN B 265 37.25 43.99 7.76
N THR B 266 36.08 43.56 7.28
CA THR B 266 34.82 43.92 7.93
C THR B 266 34.65 43.23 9.26
N HIS B 267 34.24 43.99 10.27
CA HIS B 267 33.76 43.38 11.50
C HIS B 267 32.46 42.69 11.16
N TYR B 268 31.76 42.20 12.19
CA TYR B 268 30.49 41.56 11.97
C TYR B 268 29.32 42.39 12.52
N SER B 269 28.66 43.12 11.64
CA SER B 269 27.54 43.98 12.03
C SER B 269 26.18 43.35 11.70
N PRO B 270 25.31 43.18 12.72
CA PRO B 270 23.96 42.70 12.42
C PRO B 270 23.23 43.65 11.48
N GLY B 271 22.48 43.10 10.52
CA GLY B 271 21.78 43.91 9.55
C GLY B 271 22.48 43.89 8.20
N SER B 272 22.02 44.74 7.29
CA SER B 272 22.60 44.83 5.96
C SER B 272 23.86 45.69 5.93
N THR B 273 24.83 45.29 5.10
CA THR B 273 26.02 46.07 4.83
C THR B 273 26.39 45.97 3.35
N PRO B 274 27.12 46.96 2.85
CA PRO B 274 27.75 46.90 1.52
C PRO B 274 29.02 46.06 1.55
N LEU B 275 29.61 45.89 2.73
CA LEU B 275 30.90 45.21 2.84
C LEU B 275 30.83 43.69 2.61
N VAL B 276 29.66 43.20 2.28
CA VAL B 276 29.53 41.87 1.70
C VAL B 276 28.41 41.87 0.66
N GLY B 277 28.71 41.33 -0.51
CA GLY B 277 27.78 41.37 -1.62
C GLY B 277 27.46 39.97 -2.10
N TRP B 278 26.37 39.87 -2.86
CA TRP B 278 25.80 38.59 -3.22
C TRP B 278 25.56 38.56 -4.71
N LEU B 279 25.87 37.43 -5.34
CA LEU B 279 25.55 37.22 -6.75
C LEU B 279 25.14 35.77 -6.96
N ARG B 280 24.31 35.55 -7.98
CA ARG B 280 23.96 34.19 -8.38
C ARG B 280 24.98 33.73 -9.41
N PRO B 281 25.21 32.40 -9.50
CA PRO B 281 26.31 31.87 -10.31
C PRO B 281 26.38 32.48 -11.72
N TYR B 282 25.25 32.62 -12.39
CA TYR B 282 25.21 33.09 -13.77
C TYR B 282 25.52 34.58 -13.88
N MET B 283 25.17 35.34 -12.83
CA MET B 283 25.44 36.77 -12.78
C MET B 283 26.94 37.10 -12.70
N VAL B 284 27.75 36.09 -12.37
CA VAL B 284 29.17 36.33 -12.10
C VAL B 284 30.01 36.52 -13.36
N SER B 285 29.87 35.61 -14.30
CA SER B 285 30.65 35.64 -15.53
C SER B 285 30.11 36.68 -16.49
N ASP B 286 29.33 37.62 -15.95
CA ASP B 286 28.82 38.75 -16.73
C ASP B 286 28.74 40.02 -15.89
N VAL B 287 29.40 40.01 -14.73
CA VAL B 287 29.47 41.20 -13.86
C VAL B 287 30.94 41.55 -13.65
N LEU B 288 31.81 40.61 -13.97
CA LEU B 288 33.25 40.79 -13.85
C LEU B 288 33.91 40.35 -15.17
N GLY B 289 34.17 39.05 -15.32
CA GLY B 289 34.69 38.51 -16.57
C GLY B 289 35.35 37.16 -16.44
N VAL B 290 34.58 36.09 -16.66
CA VAL B 290 35.06 34.73 -16.40
C VAL B 290 34.36 33.70 -17.30
N ALA B 291 34.93 32.49 -17.37
CA ALA B 291 34.35 31.38 -18.14
C ALA B 291 32.91 31.07 -17.73
N VAL B 292 32.13 30.51 -18.65
CA VAL B 292 30.69 30.33 -18.43
C VAL B 292 30.11 28.95 -18.79
N PRO B 293 30.88 27.86 -18.61
CA PRO B 293 30.30 26.58 -19.07
C PRO B 293 29.47 25.78 -18.05
N ALA B 294 30.02 25.52 -16.85
CA ALA B 294 29.43 24.52 -15.94
C ALA B 294 28.11 24.91 -15.24
N GLY B 295 28.19 25.76 -14.20
CA GLY B 295 27.03 26.09 -13.39
C GLY B 295 26.37 27.47 -13.49
N PRO B 296 26.86 28.34 -14.38
CA PRO B 296 26.16 29.62 -14.57
C PRO B 296 25.20 29.66 -15.77
N LEU B 297 23.95 29.30 -15.55
CA LEU B 297 22.89 29.45 -16.54
C LEU B 297 21.66 30.07 -15.87
N THR B 298 21.10 31.11 -16.46
CA THR B 298 19.93 31.71 -15.85
C THR B 298 18.89 30.62 -15.56
N THR B 299 18.46 30.54 -14.30
CA THR B 299 17.43 29.58 -13.88
C THR B 299 17.28 28.39 -14.83
N SER B 349 -6.65 -5.61 -21.12
CA SER B 349 -5.67 -5.36 -20.07
C SER B 349 -5.56 -3.86 -19.76
N SER B 350 -5.94 -3.48 -18.54
CA SER B 350 -5.82 -2.08 -18.11
C SER B 350 -4.36 -1.73 -17.85
N HIS B 351 -4.13 -0.53 -17.32
CA HIS B 351 -2.76 -0.08 -17.08
C HIS B 351 -2.50 0.49 -15.66
N SER B 352 -1.80 -0.29 -14.85
CA SER B 352 -1.31 0.17 -13.55
C SER B 352 0.17 0.55 -13.65
N PRO B 353 0.50 1.84 -13.44
CA PRO B 353 1.80 2.37 -13.86
C PRO B 353 2.80 2.91 -12.81
N ASP B 354 2.70 2.58 -11.53
CA ASP B 354 3.61 3.17 -10.53
C ASP B 354 4.51 2.19 -9.76
N HIS B 355 5.83 2.33 -9.86
CA HIS B 355 6.77 1.35 -9.26
C HIS B 355 7.62 1.85 -8.06
N PRO B 356 7.62 1.09 -6.95
CA PRO B 356 8.07 1.55 -5.64
C PRO B 356 9.56 1.40 -5.35
N GLY B 357 10.11 2.37 -4.63
CA GLY B 357 11.49 2.35 -4.24
C GLY B 357 11.75 1.38 -3.10
N CYS B 358 10.98 1.53 -2.02
CA CYS B 358 11.18 0.75 -0.80
C CYS B 358 10.99 -0.75 -0.98
N LEU B 359 9.82 -1.14 -1.54
CA LEU B 359 9.53 -2.53 -1.88
C LEU B 359 9.21 -3.46 -0.69
N MET B 360 8.42 -2.97 0.26
CA MET B 360 7.97 -3.79 1.38
C MET B 360 6.73 -4.60 0.98
N GLU B 361 6.04 -5.18 1.95
CA GLU B 361 4.87 -6.01 1.65
C GLU B 361 3.79 -5.23 0.92
N ASN B 362 3.18 -5.86 -0.08
CA ASN B 362 2.15 -5.22 -0.89
C ASN B 362 1.40 -4.11 -0.16
N GLN C 4 -6.51 38.09 49.12
CA GLN C 4 -7.38 37.34 48.19
C GLN C 4 -8.73 37.05 48.82
N VAL C 5 -9.77 37.07 47.98
CA VAL C 5 -11.10 36.66 48.42
C VAL C 5 -11.74 35.76 47.36
N GLN C 6 -12.68 34.92 47.80
CA GLN C 6 -13.24 33.88 46.93
C GLN C 6 -14.75 34.03 46.67
N PHE C 7 -15.25 33.24 45.72
CA PHE C 7 -16.66 33.28 45.36
C PHE C 7 -17.18 31.89 45.00
N LYS C 8 -18.50 31.71 45.10
CA LYS C 8 -19.14 30.46 44.69
C LYS C 8 -19.80 30.62 43.32
N LEU C 9 -19.28 29.89 42.34
CA LEU C 9 -19.79 29.97 40.98
C LEU C 9 -20.52 28.68 40.62
N VAL C 10 -21.82 28.80 40.37
CA VAL C 10 -22.62 27.67 39.96
C VAL C 10 -22.55 27.51 38.45
N LEU C 11 -22.15 26.34 37.99
CA LEU C 11 -22.05 26.06 36.56
C LEU C 11 -23.11 25.06 36.13
N VAL C 12 -24.13 25.55 35.43
CA VAL C 12 -25.22 24.69 34.97
C VAL C 12 -25.37 24.64 33.44
N GLY C 13 -26.10 23.65 32.97
CA GLY C 13 -26.26 23.39 31.56
C GLY C 13 -26.75 21.97 31.39
N ASP C 14 -27.05 21.60 30.14
CA ASP C 14 -27.53 20.27 29.79
C ASP C 14 -26.37 19.28 29.83
N GLY C 15 -26.67 18.00 29.60
CA GLY C 15 -25.62 17.01 29.53
C GLY C 15 -24.84 17.11 28.23
N GLY C 16 -23.53 16.89 28.30
CA GLY C 16 -22.67 16.96 27.13
C GLY C 16 -22.28 18.37 26.72
N THR C 17 -22.82 19.35 27.45
CA THR C 17 -22.59 20.74 27.13
C THR C 17 -21.09 21.05 27.05
N GLY C 18 -20.32 20.51 27.99
CA GLY C 18 -18.88 20.73 28.04
C GLY C 18 -18.46 21.37 29.35
N LYS C 19 -19.42 21.50 30.26
CA LYS C 19 -19.17 22.07 31.58
C LYS C 19 -17.91 21.49 32.17
N THR C 20 -17.89 20.17 32.34
CA THR C 20 -16.77 19.53 33.01
C THR C 20 -15.49 19.68 32.20
N THR C 21 -15.55 19.39 30.92
CA THR C 21 -14.40 19.57 30.04
C THR C 21 -13.90 21.00 30.14
N PHE C 22 -14.82 21.94 30.33
CA PHE C 22 -14.44 23.34 30.40
C PHE C 22 -13.57 23.59 31.63
N VAL C 23 -14.05 23.13 32.80
CA VAL C 23 -13.39 23.48 34.06
C VAL C 23 -12.01 22.83 34.23
N LYS C 24 -11.85 21.61 33.70
CA LYS C 24 -10.58 20.90 33.87
C LYS C 24 -9.51 21.41 32.93
N ARG C 25 -9.92 21.98 31.80
CA ARG C 25 -8.99 22.72 30.95
C ARG C 25 -8.35 23.83 31.79
N HIS C 26 -9.18 24.50 32.58
CA HIS C 26 -8.76 25.65 33.36
C HIS C 26 -7.76 25.33 34.49
N LEU C 27 -7.84 24.13 35.06
CA LEU C 27 -6.90 23.76 36.11
C LEU C 27 -5.87 22.70 35.71
N THR C 28 -5.69 22.47 34.42
CA THR C 28 -4.69 21.52 33.95
C THR C 28 -4.17 21.91 32.57
N GLY C 29 -5.01 22.60 31.81
CA GLY C 29 -4.69 22.91 30.43
C GLY C 29 -4.85 21.70 29.54
N GLU C 30 -5.42 20.63 30.09
CA GLU C 30 -5.64 19.40 29.33
C GLU C 30 -7.11 19.28 28.86
N PHE C 31 -7.30 18.48 27.80
CA PHE C 31 -8.61 18.40 27.17
C PHE C 31 -9.17 16.97 27.11
N GLU C 32 -10.31 16.76 27.77
CA GLU C 32 -10.93 15.45 27.83
C GLU C 32 -11.87 15.20 26.65
N LYS C 33 -11.49 14.25 25.80
CA LYS C 33 -12.32 13.89 24.65
C LYS C 33 -13.52 13.01 25.04
N LYS C 34 -13.43 12.37 26.21
CA LYS C 34 -14.47 11.46 26.69
C LYS C 34 -15.67 12.17 27.30
N TYR C 35 -16.83 11.55 27.18
CA TYR C 35 -17.99 12.07 27.88
C TYR C 35 -18.37 11.16 29.03
N VAL C 36 -17.83 11.46 30.21
CA VAL C 36 -18.27 10.77 31.43
C VAL C 36 -19.04 11.72 32.37
N ALA C 37 -20.36 11.52 32.44
CA ALA C 37 -21.28 12.44 33.13
C ALA C 37 -21.01 12.64 34.61
N THR C 38 -21.15 13.89 35.04
CA THR C 38 -21.09 14.24 36.45
C THR C 38 -22.27 13.68 37.23
N LEU C 39 -22.03 13.27 38.47
CA LEU C 39 -23.11 12.84 39.35
C LEU C 39 -23.33 13.85 40.46
N GLY C 40 -24.48 14.52 40.43
CA GLY C 40 -24.75 15.61 41.35
C GLY C 40 -23.86 16.81 41.05
N VAL C 41 -22.78 16.94 41.82
CA VAL C 41 -21.87 18.06 41.63
C VAL C 41 -20.44 17.75 42.09
N GLU C 42 -19.49 18.52 41.59
CA GLU C 42 -18.10 18.42 42.03
C GLU C 42 -17.46 19.81 42.13
N VAL C 43 -17.13 20.23 43.34
CA VAL C 43 -16.60 21.57 43.56
C VAL C 43 -15.11 21.65 43.26
N HIS C 44 -14.76 22.49 42.28
CA HIS C 44 -13.37 22.66 41.87
C HIS C 44 -12.90 24.08 42.09
N PRO C 45 -11.79 24.24 42.81
CA PRO C 45 -11.21 25.57 43.08
C PRO C 45 -10.39 26.06 41.89
N LEU C 46 -10.72 27.24 41.38
CA LEU C 46 -9.93 27.83 40.31
C LEU C 46 -9.35 29.16 40.78
N VAL C 47 -8.07 29.40 40.48
CA VAL C 47 -7.43 30.65 40.84
C VAL C 47 -6.89 31.42 39.65
N PHE C 48 -7.29 32.68 39.56
CA PHE C 48 -6.80 33.59 38.53
C PHE C 48 -6.07 34.74 39.20
N HIS C 49 -4.94 35.15 38.63
CA HIS C 49 -4.14 36.21 39.23
C HIS C 49 -4.34 37.53 38.51
N THR C 50 -4.94 38.48 39.22
CA THR C 50 -5.30 39.76 38.64
C THR C 50 -4.35 40.84 39.12
N ASN C 51 -4.52 42.04 38.58
CA ASN C 51 -3.70 43.17 38.97
C ASN C 51 -4.18 43.77 40.30
N ARG C 52 -5.23 43.17 40.84
CA ARG C 52 -5.74 43.56 42.16
C ARG C 52 -5.76 42.39 43.13
N GLY C 53 -4.71 41.56 43.06
CA GLY C 53 -4.58 40.41 43.94
C GLY C 53 -5.21 39.16 43.36
N PRO C 54 -4.92 38.00 43.95
CA PRO C 54 -5.50 36.73 43.49
C PRO C 54 -7.01 36.68 43.72
N ILE C 55 -7.68 35.81 42.96
CA ILE C 55 -9.12 35.63 43.11
C ILE C 55 -9.45 34.14 42.97
N LYS C 56 -10.27 33.63 43.88
CA LYS C 56 -10.58 32.20 43.87
C LYS C 56 -12.06 31.95 43.57
N PHE C 57 -12.31 31.20 42.50
CA PHE C 57 -13.66 30.75 42.19
C PHE C 57 -13.84 29.34 42.72
N ASN C 58 -14.99 29.08 43.33
CA ASN C 58 -15.34 27.72 43.69
C ASN C 58 -16.36 27.20 42.71
N VAL C 59 -15.87 26.67 41.59
CA VAL C 59 -16.72 26.12 40.56
C VAL C 59 -17.55 24.95 41.09
N TRP C 60 -18.88 25.14 41.09
CA TRP C 60 -19.81 24.08 41.43
C TRP C 60 -20.34 23.45 40.15
N ASP C 61 -19.52 22.59 39.56
CA ASP C 61 -19.84 21.91 38.32
C ASP C 61 -20.96 20.89 38.53
N THR C 62 -22.20 21.34 38.40
CA THR C 62 -23.38 20.47 38.59
C THR C 62 -23.64 19.59 37.36
N ALA C 63 -24.56 18.64 37.50
CA ALA C 63 -24.84 17.68 36.44
C ALA C 63 -26.06 18.06 35.60
N GLY C 64 -25.91 17.95 34.28
CA GLY C 64 -26.98 18.23 33.35
C GLY C 64 -28.01 17.12 33.18
N LEU C 65 -27.59 15.88 33.36
CA LEU C 65 -28.48 14.74 33.15
C LEU C 65 -29.51 14.60 34.26
N GLU C 66 -30.77 14.40 33.87
CA GLU C 66 -31.90 14.40 34.78
C GLU C 66 -31.78 13.35 35.88
N LYS C 67 -31.30 12.16 35.51
CA LYS C 67 -31.20 11.07 36.46
C LYS C 67 -30.04 11.26 37.45
N PHE C 68 -29.09 12.12 37.10
CA PHE C 68 -27.92 12.34 37.92
C PHE C 68 -27.97 13.71 38.61
N GLY C 69 -29.14 14.33 38.56
CA GLY C 69 -29.33 15.69 39.07
C GLY C 69 -28.96 15.97 40.51
N GLY C 70 -29.28 15.05 41.42
CA GLY C 70 -28.94 15.22 42.83
C GLY C 70 -29.76 16.26 43.58
N LEU C 71 -29.07 17.13 44.31
CA LEU C 71 -29.74 18.19 45.08
C LEU C 71 -29.59 19.49 44.32
N ARG C 72 -30.35 19.65 43.26
CA ARG C 72 -30.07 20.65 42.24
C ARG C 72 -30.09 22.09 42.70
N ASP C 73 -31.28 22.66 42.86
CA ASP C 73 -31.41 24.00 43.42
C ASP C 73 -30.75 24.07 44.78
N GLY C 74 -30.70 22.93 45.49
CA GLY C 74 -29.97 22.86 46.73
C GLY C 74 -28.55 23.37 46.60
N TYR C 75 -27.90 23.03 45.49
CA TYR C 75 -26.51 23.40 45.27
C TYR C 75 -26.39 24.89 45.09
N TYR C 76 -27.37 25.47 44.40
CA TYR C 76 -27.32 26.89 44.03
C TYR C 76 -27.23 27.83 45.23
N ILE C 77 -27.81 27.43 46.37
CA ILE C 77 -27.95 28.30 47.53
C ILE C 77 -26.65 28.99 47.91
N GLN C 78 -26.72 30.31 48.11
CA GLN C 78 -25.57 31.12 48.50
C GLN C 78 -24.52 31.29 47.39
N ALA C 79 -24.95 31.13 46.14
CA ALA C 79 -24.08 31.37 45.00
C ALA C 79 -23.92 32.87 44.78
N GLN C 80 -22.85 33.27 44.09
CA GLN C 80 -22.58 34.68 43.86
C GLN C 80 -22.33 34.97 42.38
N CYS C 81 -22.34 33.92 41.56
CA CYS C 81 -22.19 34.07 40.12
C CYS C 81 -22.47 32.74 39.43
N ALA C 82 -22.88 32.80 38.17
CA ALA C 82 -23.21 31.57 37.45
C ALA C 82 -22.71 31.56 36.01
N ILE C 83 -22.63 30.35 35.47
CA ILE C 83 -22.23 30.15 34.07
C ILE C 83 -23.17 29.14 33.43
N ILE C 84 -24.22 29.63 32.79
CA ILE C 84 -25.12 28.75 32.04
C ILE C 84 -24.50 28.43 30.69
N MET C 85 -24.40 27.15 30.36
CA MET C 85 -23.72 26.75 29.14
C MET C 85 -24.63 25.93 28.24
N PHE C 86 -24.36 26.00 26.93
CA PHE C 86 -25.04 25.15 25.96
C PHE C 86 -24.10 24.75 24.82
N ASP C 87 -24.57 23.87 23.94
CA ASP C 87 -23.73 23.31 22.89
C ASP C 87 -24.21 23.78 21.52
N VAL C 88 -23.48 24.71 20.89
CA VAL C 88 -23.96 25.29 19.62
C VAL C 88 -24.12 24.27 18.50
N THR C 89 -23.83 23.00 18.81
CA THR C 89 -24.05 21.91 17.85
C THR C 89 -25.32 21.12 18.20
N SER C 90 -26.04 21.61 19.21
CA SER C 90 -27.26 20.96 19.69
C SER C 90 -28.32 21.99 20.08
N ARG C 91 -29.26 22.26 19.19
CA ARG C 91 -30.28 23.28 19.45
C ARG C 91 -31.03 23.09 20.77
N VAL C 92 -31.36 21.85 21.08
CA VAL C 92 -32.10 21.54 22.31
C VAL C 92 -31.44 22.16 23.55
N THR C 93 -30.12 22.18 23.55
CA THR C 93 -29.35 22.67 24.70
C THR C 93 -29.58 24.14 24.91
N TYR C 94 -29.76 24.87 23.81
CA TYR C 94 -30.08 26.30 23.89
C TYR C 94 -31.54 26.51 24.26
N LYS C 95 -32.41 25.61 23.82
CA LYS C 95 -33.84 25.74 24.09
C LYS C 95 -34.19 25.48 25.55
N ASN C 96 -33.26 24.93 26.31
CA ASN C 96 -33.52 24.64 27.71
C ASN C 96 -32.86 25.61 28.68
N VAL C 97 -31.92 26.40 28.16
CA VAL C 97 -31.29 27.45 28.93
C VAL C 97 -32.29 28.19 29.83
N PRO C 98 -33.47 28.54 29.28
CA PRO C 98 -34.48 29.23 30.09
C PRO C 98 -34.88 28.43 31.33
N ASN C 99 -34.90 27.10 31.22
CA ASN C 99 -35.21 26.26 32.38
C ASN C 99 -34.08 26.33 33.42
N TRP C 100 -32.84 26.23 32.96
CA TRP C 100 -31.70 26.39 33.85
C TRP C 100 -31.72 27.76 34.51
N HIS C 101 -31.95 28.83 33.74
CA HIS C 101 -31.96 30.19 34.28
C HIS C 101 -33.09 30.40 35.28
N ARG C 102 -34.23 29.77 35.00
CA ARG C 102 -35.38 29.79 35.90
C ARG C 102 -35.08 29.20 37.28
N ASP C 103 -34.59 27.96 37.29
CA ASP C 103 -34.28 27.30 38.55
C ASP C 103 -33.28 28.13 39.34
N LEU C 104 -32.41 28.83 38.63
CA LEU C 104 -31.27 29.51 39.24
C LEU C 104 -31.61 30.81 39.95
N VAL C 105 -32.44 31.65 39.31
CA VAL C 105 -32.72 32.99 39.82
C VAL C 105 -33.81 33.01 40.91
N ARG C 106 -34.55 31.91 41.01
CA ARG C 106 -35.49 31.74 42.11
C ARG C 106 -34.72 31.49 43.40
N VAL C 107 -33.51 30.94 43.26
CA VAL C 107 -32.62 30.78 44.39
C VAL C 107 -31.74 32.01 44.56
N CYS C 108 -31.13 32.45 43.47
CA CYS C 108 -30.22 33.59 43.52
C CYS C 108 -30.80 34.75 42.72
N GLU C 109 -31.60 35.58 43.39
CA GLU C 109 -32.41 36.58 42.69
C GLU C 109 -31.65 37.78 42.09
N ASN C 110 -30.39 37.96 42.46
CA ASN C 110 -29.52 38.91 41.75
C ASN C 110 -28.04 38.58 41.84
N ILE C 111 -27.54 37.84 40.86
CA ILE C 111 -26.12 37.56 40.77
C ILE C 111 -25.71 37.72 39.32
N PRO C 112 -24.44 38.09 39.09
CA PRO C 112 -23.94 38.12 37.72
C PRO C 112 -23.99 36.72 37.13
N ILE C 113 -24.55 36.61 35.94
CA ILE C 113 -24.63 35.34 35.24
C ILE C 113 -24.10 35.49 33.82
N VAL C 114 -23.29 34.53 33.38
CA VAL C 114 -22.79 34.51 32.01
C VAL C 114 -23.37 33.32 31.26
N LEU C 115 -23.75 33.54 30.01
CA LEU C 115 -24.23 32.49 29.12
C LEU C 115 -23.14 32.13 28.12
N CYS C 116 -22.83 30.85 28.01
CA CYS C 116 -21.74 30.39 27.15
C CYS C 116 -22.16 29.36 26.11
N GLY C 117 -21.88 29.67 24.84
CA GLY C 117 -22.07 28.73 23.75
C GLY C 117 -20.73 28.10 23.46
N ASN C 118 -20.64 26.80 23.71
CA ASN C 118 -19.40 26.06 23.60
C ASN C 118 -19.41 25.29 22.29
N LYS C 119 -18.28 24.70 21.92
CA LYS C 119 -18.16 23.94 20.67
C LYS C 119 -18.09 24.80 19.40
N VAL C 120 -17.73 26.07 19.52
CA VAL C 120 -17.66 26.92 18.33
C VAL C 120 -16.61 26.41 17.35
N ASP C 121 -15.67 25.62 17.85
CA ASP C 121 -14.58 25.10 17.01
C ASP C 121 -15.13 24.11 16.00
N ILE C 122 -16.24 23.47 16.32
CA ILE C 122 -16.84 22.52 15.40
C ILE C 122 -17.36 23.21 14.16
N LYS C 123 -16.99 22.69 13.00
CA LYS C 123 -17.35 23.33 11.73
C LYS C 123 -18.85 23.31 11.46
N ASP C 124 -19.49 22.18 11.67
CA ASP C 124 -20.93 22.07 11.39
C ASP C 124 -21.79 22.57 12.55
N ARG C 125 -21.99 23.89 12.61
CA ARG C 125 -22.73 24.54 13.69
C ARG C 125 -24.24 24.57 13.44
N LYS C 126 -25.05 24.38 14.48
CA LYS C 126 -26.49 24.33 14.32
C LYS C 126 -27.22 25.50 14.98
N VAL C 127 -26.64 26.05 16.03
CA VAL C 127 -27.19 27.23 16.68
C VAL C 127 -26.50 28.50 16.15
N LYS C 128 -27.03 29.06 15.07
CA LYS C 128 -26.45 30.24 14.44
C LYS C 128 -26.45 31.39 15.44
N ALA C 129 -25.44 32.26 15.34
CA ALA C 129 -25.31 33.36 16.29
C ALA C 129 -26.56 34.25 16.28
N LYS C 130 -27.25 34.25 15.15
CA LYS C 130 -28.47 35.02 14.98
C LYS C 130 -29.53 34.70 16.03
N SER C 131 -29.55 33.45 16.52
CA SER C 131 -30.65 32.96 17.35
C SER C 131 -30.45 33.21 18.85
N ILE C 132 -29.19 33.28 19.28
CA ILE C 132 -28.84 33.47 20.68
C ILE C 132 -29.26 34.86 21.15
N VAL C 133 -30.40 34.94 21.81
CA VAL C 133 -30.93 36.24 22.23
C VAL C 133 -31.53 36.24 23.63
N PHE C 134 -31.53 35.06 24.26
CA PHE C 134 -32.08 34.91 25.60
C PHE C 134 -31.49 35.89 26.60
N HIS C 135 -30.16 36.04 26.56
CA HIS C 135 -29.47 36.88 27.52
C HIS C 135 -29.97 38.34 27.55
N ARG C 136 -30.34 38.86 26.38
CA ARG C 136 -30.75 40.26 26.24
C ARG C 136 -31.71 40.75 27.33
N LYS C 137 -32.91 40.19 27.38
CA LYS C 137 -33.94 40.64 28.30
C LYS C 137 -33.75 40.13 29.73
N LYS C 138 -32.64 39.43 29.95
CA LYS C 138 -32.34 38.95 31.30
C LYS C 138 -31.09 39.65 31.81
N ASN C 139 -30.56 40.56 31.00
CA ASN C 139 -29.41 41.36 31.40
C ASN C 139 -28.26 40.46 31.82
N LEU C 140 -27.94 39.50 30.97
CA LEU C 140 -26.84 38.58 31.16
C LEU C 140 -25.81 38.82 30.07
N GLN C 141 -24.59 38.36 30.31
CA GLN C 141 -23.50 38.48 29.34
C GLN C 141 -23.44 37.22 28.47
N TYR C 142 -23.06 37.37 27.21
CA TYR C 142 -22.87 36.20 26.35
C TYR C 142 -21.48 36.08 25.75
N TYR C 143 -21.02 34.84 25.59
CA TYR C 143 -19.73 34.56 24.94
C TYR C 143 -19.69 33.27 24.12
N ASP C 144 -19.06 33.35 22.96
CA ASP C 144 -18.74 32.17 22.16
C ASP C 144 -17.45 31.62 22.73
N ILE C 145 -17.48 30.35 23.14
CA ILE C 145 -16.29 29.72 23.67
C ILE C 145 -15.96 28.37 23.03
N SER C 146 -14.77 27.88 23.32
CA SER C 146 -14.36 26.55 22.90
C SER C 146 -13.42 26.01 23.96
N ALA C 147 -13.82 24.90 24.56
CA ALA C 147 -12.96 24.21 25.50
C ALA C 147 -11.82 23.55 24.74
N LYS C 148 -12.08 23.19 23.48
CA LYS C 148 -11.12 22.46 22.66
C LYS C 148 -9.99 23.32 22.10
N SER C 149 -10.32 24.56 21.73
CA SER C 149 -9.35 25.44 21.10
C SER C 149 -8.91 26.59 22.02
N ASN C 150 -9.55 26.71 23.18
CA ASN C 150 -9.31 27.85 24.07
C ASN C 150 -9.82 29.17 23.52
N TYR C 151 -10.75 29.11 22.57
CA TYR C 151 -11.32 30.32 22.01
C TYR C 151 -12.15 31.08 23.04
N ASN C 152 -11.71 32.30 23.38
CA ASN C 152 -12.38 33.12 24.38
C ASN C 152 -12.46 32.42 25.74
N PHE C 153 -11.46 31.57 25.98
CA PHE C 153 -11.35 30.69 27.15
C PHE C 153 -11.65 31.34 28.50
N GLU C 154 -10.98 32.47 28.77
CA GLU C 154 -11.05 33.11 30.08
C GLU C 154 -12.14 34.19 30.21
N LYS C 155 -12.81 34.51 29.10
CA LYS C 155 -13.82 35.57 29.10
C LYS C 155 -14.90 35.50 30.22
N PRO C 156 -15.59 34.35 30.36
CA PRO C 156 -16.64 34.25 31.38
C PRO C 156 -16.13 34.62 32.78
N PHE C 157 -14.85 34.39 33.01
CA PHE C 157 -14.24 34.63 34.31
C PHE C 157 -13.78 36.08 34.50
N LEU C 158 -13.23 36.68 33.44
CA LEU C 158 -12.81 38.07 33.51
C LEU C 158 -14.00 38.97 33.80
N TRP C 159 -15.12 38.67 33.15
CA TRP C 159 -16.34 39.47 33.30
C TRP C 159 -16.89 39.42 34.73
N LEU C 160 -17.09 38.21 35.24
CA LEU C 160 -17.56 38.02 36.61
C LEU C 160 -16.66 38.70 37.64
N ALA C 161 -15.35 38.53 37.49
CA ALA C 161 -14.39 39.16 38.40
C ALA C 161 -14.55 40.68 38.36
N ARG C 162 -14.57 41.24 37.15
CA ARG C 162 -14.83 42.67 36.99
C ARG C 162 -16.10 43.12 37.72
N LYS C 163 -17.11 42.24 37.77
CA LYS C 163 -18.39 42.56 38.41
C LYS C 163 -18.37 42.40 39.92
N LEU C 164 -17.72 41.35 40.41
CA LEU C 164 -17.72 41.03 41.83
C LEU C 164 -16.80 41.95 42.64
N ILE C 165 -15.68 42.33 42.03
CA ILE C 165 -14.73 43.24 42.65
C ILE C 165 -15.18 44.67 42.47
N GLY C 166 -16.00 44.90 41.46
CA GLY C 166 -16.45 46.24 41.13
C GLY C 166 -15.36 47.04 40.44
N ASP C 167 -14.68 46.44 39.47
CA ASP C 167 -13.62 47.12 38.73
C ASP C 167 -13.70 46.76 37.26
N PRO C 168 -14.14 47.72 36.43
CA PRO C 168 -14.29 47.50 34.98
C PRO C 168 -12.95 47.27 34.28
N ASN C 169 -11.86 47.79 34.85
CA ASN C 169 -10.55 47.69 34.22
C ASN C 169 -9.67 46.63 34.88
N LEU C 170 -10.31 45.71 35.59
CA LEU C 170 -9.62 44.59 36.19
C LEU C 170 -9.07 43.69 35.09
N GLU C 171 -7.84 43.23 35.25
CA GLU C 171 -7.20 42.41 34.23
C GLU C 171 -6.58 41.14 34.82
N PHE C 172 -6.41 40.12 33.99
CA PHE C 172 -5.68 38.91 34.36
C PHE C 172 -4.23 39.07 33.95
N VAL C 173 -3.31 38.55 34.77
CA VAL C 173 -1.88 38.76 34.52
C VAL C 173 -1.06 37.49 34.65
N ALA C 174 -1.47 36.61 35.57
CA ALA C 174 -0.73 35.37 35.83
C ALA C 174 0.56 35.65 36.59
N MET C 175 0.45 36.43 37.66
CA MET C 175 1.58 36.70 38.54
C MET C 175 1.88 35.46 39.37
N PRO C 176 2.99 35.47 40.12
CA PRO C 176 3.34 34.32 40.97
C PRO C 176 2.16 33.87 41.84
N HIS D 13 52.26 -48.19 -27.90
CA HIS D 13 53.70 -48.09 -28.10
C HIS D 13 54.22 -46.71 -27.72
N ALA D 14 55.50 -46.64 -27.36
CA ALA D 14 56.15 -45.37 -27.09
C ALA D 14 56.66 -44.82 -28.40
N ALA D 15 55.73 -44.49 -29.30
CA ALA D 15 56.08 -44.08 -30.66
C ALA D 15 56.12 -42.56 -30.81
N ARG D 16 57.22 -42.06 -31.37
CA ARG D 16 57.39 -40.62 -31.58
C ARG D 16 58.15 -40.32 -32.87
N GLN D 17 57.66 -39.34 -33.63
CA GLN D 17 58.37 -38.82 -34.79
C GLN D 17 58.67 -37.35 -34.55
N LEU D 18 58.82 -37.00 -33.27
CA LEU D 18 59.14 -35.64 -32.88
C LEU D 18 60.58 -35.33 -33.30
N LEU D 19 61.40 -36.39 -33.31
CA LEU D 19 62.82 -36.27 -33.59
C LEU D 19 63.09 -35.89 -35.04
N ASP D 20 63.02 -34.60 -35.35
CA ASP D 20 63.33 -34.14 -36.69
C ASP D 20 64.77 -33.66 -36.77
N PHE D 21 65.64 -34.35 -36.05
CA PHE D 21 67.08 -34.25 -36.23
C PHE D 21 67.51 -35.55 -36.90
N SER D 22 66.51 -36.33 -37.30
CA SER D 22 66.72 -37.68 -37.81
C SER D 22 66.06 -37.93 -39.18
N GLN D 23 65.49 -36.89 -39.79
CA GLN D 23 64.81 -37.00 -41.08
C GLN D 23 63.69 -38.03 -41.03
N LYS D 24 62.62 -37.69 -40.33
CA LYS D 24 61.54 -38.65 -40.06
C LYS D 24 60.81 -39.21 -41.30
N LEU D 25 60.45 -40.48 -41.21
CA LEU D 25 59.82 -41.20 -42.31
C LEU D 25 58.33 -40.92 -42.42
N ASP D 26 57.68 -41.69 -43.27
CA ASP D 26 56.28 -41.46 -43.61
C ASP D 26 55.42 -42.67 -43.22
N ILE D 27 55.95 -43.86 -43.49
CA ILE D 27 55.23 -45.10 -43.20
C ILE D 27 54.89 -45.19 -41.72
N ASN D 28 55.71 -44.56 -40.88
CA ASN D 28 55.49 -44.60 -39.45
C ASN D 28 54.36 -43.67 -38.99
N LEU D 29 54.51 -42.38 -39.28
CA LEU D 29 53.45 -41.41 -38.99
C LEU D 29 52.13 -41.85 -39.61
N LEU D 30 52.22 -42.54 -40.76
CA LEU D 30 51.03 -42.99 -41.48
C LEU D 30 50.42 -44.17 -40.75
N ASP D 31 51.08 -44.61 -39.69
CA ASP D 31 50.62 -45.77 -38.93
C ASP D 31 49.91 -45.34 -37.66
N ASN D 32 50.27 -44.18 -37.13
CA ASN D 32 49.64 -43.65 -35.94
C ASN D 32 48.29 -43.00 -36.25
N VAL D 33 48.21 -42.36 -37.40
CA VAL D 33 46.97 -41.74 -37.86
C VAL D 33 45.87 -42.77 -38.07
N VAL D 34 46.25 -43.98 -38.49
CA VAL D 34 45.29 -45.07 -38.64
C VAL D 34 44.83 -45.52 -37.26
N ASN D 35 45.71 -45.37 -36.26
CA ASN D 35 45.37 -45.68 -34.89
C ASN D 35 44.38 -44.68 -34.34
N CYS D 36 44.65 -43.42 -34.60
CA CYS D 36 43.78 -42.33 -34.16
C CYS D 36 42.34 -42.56 -34.61
N LEU D 37 42.18 -43.11 -35.80
CA LEU D 37 40.84 -43.29 -36.37
C LEU D 37 40.28 -44.71 -36.23
N TYR D 38 41.14 -45.70 -35.98
CA TYR D 38 40.68 -47.09 -36.06
C TYR D 38 40.96 -47.97 -34.82
N HIS D 39 42.20 -47.97 -34.33
CA HIS D 39 42.51 -48.70 -33.10
C HIS D 39 41.81 -48.00 -31.92
N GLY D 40 41.40 -48.77 -30.92
CA GLY D 40 40.47 -48.28 -29.92
C GLY D 40 41.00 -47.75 -28.59
N GLU D 41 41.86 -48.50 -27.93
CA GLU D 41 42.27 -48.19 -26.57
C GLU D 41 43.53 -47.33 -26.49
N GLY D 42 44.60 -47.81 -27.11
CA GLY D 42 45.86 -47.08 -27.11
C GLY D 42 45.79 -45.78 -27.88
N ALA D 43 44.89 -45.72 -28.86
CA ALA D 43 44.70 -44.54 -29.72
C ALA D 43 44.79 -43.22 -28.97
N GLN D 44 44.56 -43.25 -27.66
CA GLN D 44 44.79 -42.09 -26.81
C GLN D 44 46.22 -41.60 -27.00
N GLN D 45 47.17 -42.53 -26.99
CA GLN D 45 48.58 -42.19 -27.11
C GLN D 45 48.87 -41.61 -28.50
N ARG D 46 48.28 -42.21 -29.52
CA ARG D 46 48.46 -41.76 -30.90
C ARG D 46 47.95 -40.33 -31.08
N MET D 47 46.68 -40.12 -30.72
CA MET D 47 46.12 -38.79 -30.75
C MET D 47 46.95 -37.85 -29.88
N ALA D 48 47.53 -38.38 -28.81
CA ALA D 48 48.32 -37.57 -27.88
C ALA D 48 49.67 -37.19 -28.44
N GLN D 49 50.13 -37.91 -29.47
CA GLN D 49 51.45 -37.67 -30.03
C GLN D 49 51.39 -36.80 -31.27
N GLU D 50 50.31 -36.91 -32.03
CA GLU D 50 50.11 -36.04 -33.19
C GLU D 50 49.81 -34.62 -32.74
N VAL D 51 49.24 -34.48 -31.54
CA VAL D 51 49.07 -33.16 -30.93
C VAL D 51 50.45 -32.57 -30.68
N LEU D 52 51.42 -33.43 -30.41
CA LEU D 52 52.77 -33.00 -30.09
C LEU D 52 53.65 -32.76 -31.33
N THR D 53 53.29 -33.36 -32.46
CA THR D 53 54.01 -33.09 -33.71
C THR D 53 53.72 -31.68 -34.21
N HIS D 54 53.27 -30.82 -33.29
CA HIS D 54 53.01 -29.42 -33.58
C HIS D 54 53.84 -28.55 -32.64
N LEU D 55 55.16 -28.67 -32.74
CA LEU D 55 56.08 -27.93 -31.89
C LEU D 55 56.96 -27.00 -32.72
N LYS D 56 58.07 -27.54 -33.22
CA LYS D 56 59.01 -26.77 -34.00
C LYS D 56 58.34 -26.09 -35.18
N GLU D 57 58.13 -26.84 -36.26
CA GLU D 57 57.53 -26.27 -37.45
C GLU D 57 56.86 -27.32 -38.34
N HIS D 58 56.82 -27.03 -39.65
CA HIS D 58 56.20 -27.90 -40.63
C HIS D 58 57.15 -28.23 -41.78
N PRO D 59 58.45 -28.39 -41.49
CA PRO D 59 59.36 -28.74 -42.59
C PRO D 59 59.07 -30.14 -43.09
N ASP D 60 58.04 -30.75 -42.51
CA ASP D 60 57.61 -32.09 -42.87
C ASP D 60 56.44 -32.01 -43.85
N ALA D 61 55.69 -30.91 -43.77
CA ALA D 61 54.51 -30.71 -44.60
C ALA D 61 54.71 -31.16 -46.05
N TRP D 62 55.75 -30.65 -46.71
CA TRP D 62 55.89 -30.89 -48.14
C TRP D 62 56.20 -32.35 -48.53
N THR D 63 56.87 -33.09 -47.66
CA THR D 63 57.13 -34.51 -47.93
C THR D 63 55.99 -35.40 -47.44
N ARG D 64 55.13 -34.86 -46.57
CA ARG D 64 53.98 -35.59 -46.09
C ARG D 64 52.91 -35.72 -47.17
N VAL D 65 52.54 -34.58 -47.77
CA VAL D 65 51.57 -34.59 -48.85
C VAL D 65 52.18 -35.09 -50.16
N ASP D 66 53.49 -34.89 -50.31
CA ASP D 66 54.23 -35.47 -51.43
C ASP D 66 54.12 -36.99 -51.36
N THR D 67 55.03 -37.59 -50.61
CA THR D 67 54.99 -39.02 -50.35
C THR D 67 53.83 -39.27 -49.39
N ILE D 68 52.78 -39.90 -49.91
CA ILE D 68 51.50 -40.03 -49.21
C ILE D 68 51.59 -40.55 -47.78
N GLN D 73 44.22 -43.34 -43.12
CA GLN D 73 45.02 -43.98 -44.16
C GLN D 73 45.87 -42.96 -44.91
N ASN D 74 45.64 -42.88 -46.23
CA ASN D 74 46.39 -41.97 -47.09
C ASN D 74 45.92 -40.51 -47.00
N MET D 75 44.73 -40.25 -47.54
CA MET D 75 44.17 -38.91 -47.53
C MET D 75 44.17 -38.34 -46.11
N ASN D 76 43.95 -39.21 -45.14
CA ASN D 76 43.92 -38.82 -43.73
C ASN D 76 45.25 -38.23 -43.23
N THR D 77 46.37 -38.76 -43.72
CA THR D 77 47.68 -38.21 -43.36
C THR D 77 47.95 -36.87 -44.05
N LYS D 78 47.57 -36.79 -45.33
CA LYS D 78 47.68 -35.55 -46.07
C LYS D 78 46.82 -34.48 -45.39
N TYR D 79 45.61 -34.87 -45.00
CA TYR D 79 44.72 -33.98 -44.27
C TYR D 79 45.41 -33.42 -43.03
N TYR D 80 46.01 -34.32 -42.24
CA TYR D 80 46.71 -33.93 -41.02
C TYR D 80 47.81 -32.93 -41.30
N GLY D 81 48.57 -33.19 -42.34
CA GLY D 81 49.65 -32.31 -42.75
C GLY D 81 49.15 -30.94 -43.14
N LEU D 82 47.95 -30.90 -43.71
CA LEU D 82 47.31 -29.65 -44.12
C LEU D 82 47.01 -28.73 -42.93
N GLN D 83 46.59 -29.32 -41.82
CA GLN D 83 46.31 -28.58 -40.60
C GLN D 83 47.54 -27.82 -40.12
N ILE D 84 48.70 -28.43 -40.29
CA ILE D 84 49.94 -27.84 -39.84
C ILE D 84 50.27 -26.65 -40.72
N LEU D 85 50.23 -26.87 -42.03
CA LEU D 85 50.42 -25.81 -43.01
C LEU D 85 49.40 -24.71 -42.79
N GLU D 86 48.18 -25.11 -42.41
CA GLU D 86 47.11 -24.14 -42.17
C GLU D 86 47.49 -23.20 -41.05
N ASN D 87 48.11 -23.75 -40.01
CA ASN D 87 48.49 -22.96 -38.85
C ASN D 87 49.53 -21.90 -39.19
N VAL D 88 50.66 -22.32 -39.75
CA VAL D 88 51.73 -21.40 -40.08
C VAL D 88 51.23 -20.22 -40.92
N ILE D 89 50.30 -20.51 -41.83
CA ILE D 89 49.70 -19.47 -42.67
C ILE D 89 48.91 -18.44 -41.87
N LYS D 90 48.15 -18.91 -40.89
CA LYS D 90 47.33 -18.00 -40.08
C LYS D 90 48.19 -17.31 -39.04
N THR D 91 49.43 -17.77 -38.91
CA THR D 91 50.27 -17.35 -37.78
C THR D 91 51.52 -16.56 -38.15
N ARG D 92 52.35 -17.13 -39.02
CA ARG D 92 53.63 -16.53 -39.33
C ARG D 92 53.72 -16.05 -40.78
N TRP D 93 52.61 -16.13 -41.49
CA TRP D 93 52.61 -15.78 -42.91
C TRP D 93 53.37 -14.49 -43.15
N LYS D 94 53.12 -13.49 -42.32
CA LYS D 94 53.70 -12.18 -42.53
C LYS D 94 55.22 -12.11 -42.36
N ILE D 95 55.76 -12.73 -41.32
CA ILE D 95 57.20 -12.71 -41.10
C ILE D 95 57.98 -13.69 -41.99
N LEU D 96 57.26 -14.48 -42.77
CA LEU D 96 57.89 -15.38 -43.72
C LEU D 96 58.52 -14.57 -44.85
N PRO D 97 59.64 -15.08 -45.40
CA PRO D 97 60.25 -14.45 -46.57
C PRO D 97 59.28 -14.46 -47.73
N ARG D 98 59.15 -13.34 -48.44
CA ARG D 98 58.18 -13.22 -49.51
C ARG D 98 58.26 -14.38 -50.49
N ASN D 99 59.47 -14.70 -50.94
CA ASN D 99 59.65 -15.75 -51.93
C ASN D 99 59.18 -17.13 -51.46
N GLN D 100 59.12 -17.33 -50.15
CA GLN D 100 58.64 -18.58 -49.60
C GLN D 100 57.11 -18.60 -49.53
N CYS D 101 56.53 -17.46 -49.18
CA CYS D 101 55.09 -17.31 -49.23
C CYS D 101 54.60 -17.65 -50.62
N GLU D 102 55.38 -17.25 -51.62
CA GLU D 102 55.05 -17.47 -53.01
C GLU D 102 55.13 -18.95 -53.39
N GLY D 103 56.04 -19.67 -52.74
CA GLY D 103 56.14 -21.10 -52.96
C GLY D 103 54.90 -21.80 -52.45
N ILE D 104 54.36 -21.29 -51.34
CA ILE D 104 53.17 -21.87 -50.73
C ILE D 104 51.95 -21.75 -51.64
N LYS D 105 51.71 -20.54 -52.15
CA LYS D 105 50.52 -20.27 -52.94
C LYS D 105 50.52 -21.08 -54.23
N LYS D 106 51.70 -21.24 -54.83
CA LYS D 106 51.82 -22.00 -56.06
C LYS D 106 51.67 -23.49 -55.80
N TYR D 107 52.25 -23.95 -54.70
CA TYR D 107 52.11 -25.33 -54.26
C TYR D 107 50.65 -25.62 -53.93
N VAL D 108 50.00 -24.67 -53.25
CA VAL D 108 48.60 -24.81 -52.88
C VAL D 108 47.68 -24.75 -54.10
N VAL D 109 47.87 -23.72 -54.94
CA VAL D 109 47.10 -23.63 -56.17
C VAL D 109 47.25 -24.92 -56.98
N GLY D 110 48.49 -25.29 -57.26
CA GLY D 110 48.76 -26.48 -58.05
C GLY D 110 48.10 -27.72 -57.48
N LEU D 111 48.23 -27.89 -56.17
CA LEU D 111 47.60 -29.00 -55.46
C LEU D 111 46.09 -29.03 -55.68
N ILE D 112 45.48 -27.84 -55.72
CA ILE D 112 44.05 -27.74 -56.00
C ILE D 112 43.75 -28.15 -57.44
N ILE D 113 44.50 -27.59 -58.39
CA ILE D 113 44.33 -27.96 -59.79
C ILE D 113 44.41 -29.48 -59.91
N LYS D 114 45.50 -30.05 -59.42
CA LYS D 114 45.75 -31.49 -59.50
C LYS D 114 44.53 -32.30 -59.04
N THR D 115 44.01 -31.98 -57.87
CA THR D 115 42.94 -32.77 -57.30
C THR D 115 41.59 -32.53 -57.99
N SER D 116 41.63 -31.80 -59.10
CA SER D 116 40.45 -31.63 -59.95
C SER D 116 40.75 -32.08 -61.39
N SER D 117 41.57 -33.13 -61.50
CA SER D 117 41.92 -33.72 -62.78
C SER D 117 41.79 -35.23 -62.68
N ASP D 118 41.90 -35.74 -61.45
CA ASP D 118 41.78 -37.16 -61.19
C ASP D 118 40.45 -37.71 -61.70
N PRO D 119 40.49 -38.89 -62.33
CA PRO D 119 39.26 -39.60 -62.71
C PRO D 119 38.64 -40.23 -61.46
N THR D 120 39.26 -39.94 -60.32
CA THR D 120 38.88 -40.54 -59.05
C THR D 120 39.15 -39.58 -57.89
N CYS D 121 38.23 -38.64 -57.67
CA CYS D 121 38.39 -37.71 -56.56
C CYS D 121 37.08 -37.41 -55.84
N VAL D 122 35.95 -37.78 -56.45
CA VAL D 122 34.69 -37.85 -55.72
C VAL D 122 34.90 -38.91 -54.65
N GLU D 123 36.00 -39.64 -54.82
CA GLU D 123 36.44 -40.67 -53.88
C GLU D 123 37.48 -40.09 -52.92
N LYS D 124 38.54 -39.51 -53.47
CA LYS D 124 39.49 -38.75 -52.66
C LYS D 124 38.70 -37.62 -52.03
N GLU D 125 37.96 -37.98 -50.98
CA GLU D 125 36.88 -37.19 -50.41
C GLU D 125 36.91 -35.68 -50.66
N LYS D 126 35.72 -35.10 -50.75
CA LYS D 126 35.56 -33.65 -50.74
C LYS D 126 36.26 -33.09 -49.50
N VAL D 127 36.56 -33.98 -48.56
CA VAL D 127 37.25 -33.65 -47.32
C VAL D 127 38.62 -33.06 -47.58
N TYR D 128 39.43 -33.77 -48.36
CA TYR D 128 40.74 -33.27 -48.76
C TYR D 128 40.58 -31.97 -49.57
N ILE D 129 39.69 -31.99 -50.55
CA ILE D 129 39.45 -30.80 -51.36
C ILE D 129 39.04 -29.61 -50.48
N GLY D 130 38.01 -29.83 -49.67
CA GLY D 130 37.47 -28.78 -48.82
C GLY D 130 38.54 -28.15 -47.95
N LYS D 131 39.52 -28.96 -47.58
CA LYS D 131 40.64 -28.49 -46.77
C LYS D 131 41.57 -27.62 -47.60
N LEU D 132 41.95 -28.12 -48.76
CA LEU D 132 42.79 -27.37 -49.68
C LEU D 132 42.18 -25.99 -50.00
N ASN D 133 40.99 -26.00 -50.58
CA ASN D 133 40.30 -24.74 -50.89
C ASN D 133 40.30 -23.84 -49.66
N MET D 134 39.99 -24.45 -48.51
CA MET D 134 39.92 -23.69 -47.26
C MET D 134 41.27 -23.07 -46.91
N ILE D 135 42.34 -23.77 -47.25
CA ILE D 135 43.66 -23.22 -47.05
C ILE D 135 43.89 -22.04 -48.01
N LEU D 136 43.51 -22.22 -49.27
CA LEU D 136 43.66 -21.15 -50.27
C LEU D 136 42.97 -19.89 -49.79
N VAL D 137 41.77 -20.04 -49.23
CA VAL D 137 41.05 -18.93 -48.63
C VAL D 137 41.86 -18.34 -47.49
N GLN D 138 42.48 -19.20 -46.69
CA GLN D 138 43.33 -18.73 -45.61
C GLN D 138 44.39 -17.78 -46.14
N ILE D 139 45.13 -18.24 -47.14
CA ILE D 139 46.12 -17.39 -47.81
C ILE D 139 45.52 -16.10 -48.35
N LEU D 140 44.37 -16.19 -49.00
CA LEU D 140 43.74 -15.00 -49.58
C LEU D 140 43.42 -13.94 -48.52
N LYS D 141 42.94 -14.38 -47.36
CA LYS D 141 42.70 -13.44 -46.26
C LYS D 141 43.95 -12.63 -45.99
N GLN D 142 45.10 -13.25 -46.24
CA GLN D 142 46.37 -12.61 -45.95
C GLN D 142 46.76 -11.54 -46.97
N GLU D 143 46.72 -11.89 -48.26
CA GLU D 143 47.23 -10.96 -49.26
C GLU D 143 46.39 -10.79 -50.54
N TRP D 144 45.15 -11.26 -50.52
CA TRP D 144 44.32 -11.24 -51.74
C TRP D 144 44.26 -9.90 -52.45
N PRO D 145 43.93 -8.83 -51.72
CA PRO D 145 43.85 -7.53 -52.39
C PRO D 145 45.21 -7.07 -52.89
N LYS D 146 46.17 -6.90 -51.98
CA LYS D 146 47.42 -6.21 -52.28
C LYS D 146 48.49 -7.01 -53.03
N HIS D 147 48.53 -8.33 -52.82
CA HIS D 147 49.61 -9.13 -53.39
C HIS D 147 49.11 -10.24 -54.32
N TRP D 148 47.81 -10.20 -54.61
CA TRP D 148 47.15 -11.22 -55.42
C TRP D 148 46.07 -10.55 -56.25
N PRO D 149 46.39 -9.39 -56.84
CA PRO D 149 45.36 -8.52 -57.42
C PRO D 149 44.52 -9.18 -58.52
N THR D 150 45.13 -10.05 -59.31
CA THR D 150 44.44 -10.67 -60.45
C THR D 150 43.64 -11.91 -60.06
N PHE D 151 43.41 -12.12 -58.77
CA PHE D 151 42.79 -13.36 -58.32
C PHE D 151 41.39 -13.61 -58.87
N ILE D 152 40.49 -12.65 -58.65
CA ILE D 152 39.11 -12.76 -59.12
C ILE D 152 39.02 -12.90 -60.66
N SER D 153 39.75 -12.06 -61.39
CA SER D 153 39.81 -12.19 -62.84
C SER D 153 40.29 -13.58 -63.23
N ASP D 154 41.43 -13.99 -62.69
CA ASP D 154 42.01 -15.30 -63.00
C ASP D 154 41.00 -16.43 -62.80
N ILE D 155 40.50 -16.56 -61.58
CA ILE D 155 39.58 -17.63 -61.24
C ILE D 155 38.32 -17.63 -62.13
N VAL D 156 37.89 -16.44 -62.56
CA VAL D 156 36.75 -16.34 -63.48
C VAL D 156 37.10 -16.91 -64.85
N GLY D 157 38.26 -16.51 -65.37
CA GLY D 157 38.71 -16.97 -66.66
C GLY D 157 38.84 -18.48 -66.67
N ALA D 158 39.36 -19.02 -65.57
CA ALA D 158 39.57 -20.46 -65.43
C ALA D 158 38.26 -21.21 -65.32
N SER D 159 37.27 -20.56 -64.71
CA SER D 159 35.96 -21.18 -64.52
C SER D 159 35.25 -21.26 -65.85
N ARG D 160 35.68 -20.43 -66.78
CA ARG D 160 35.03 -20.33 -68.09
C ARG D 160 35.66 -21.28 -69.11
N THR D 161 36.89 -21.70 -68.83
CA THR D 161 37.59 -22.64 -69.72
C THR D 161 37.32 -24.09 -69.32
N SER D 162 37.24 -24.33 -68.01
CA SER D 162 37.05 -25.68 -67.50
C SER D 162 35.92 -25.72 -66.47
N GLU D 163 34.95 -26.59 -66.71
CA GLU D 163 33.83 -26.78 -65.81
C GLU D 163 34.34 -27.34 -64.50
N SER D 164 35.13 -28.41 -64.59
CA SER D 164 35.69 -29.05 -63.42
C SER D 164 36.36 -28.00 -62.52
N LEU D 165 37.08 -27.06 -63.14
CA LEU D 165 37.70 -25.96 -62.43
C LEU D 165 36.67 -24.93 -61.98
N CYS D 166 35.54 -24.89 -62.68
CA CYS D 166 34.46 -23.98 -62.34
C CYS D 166 33.72 -24.50 -61.11
N GLN D 167 33.48 -25.81 -61.08
CA GLN D 167 32.74 -26.43 -59.98
C GLN D 167 33.42 -26.21 -58.65
N ASN D 168 34.73 -26.37 -58.62
CA ASN D 168 35.50 -26.17 -57.41
C ASN D 168 35.70 -24.69 -57.07
N ASN D 169 35.96 -23.88 -58.10
CA ASN D 169 36.10 -22.44 -57.91
C ASN D 169 34.86 -21.83 -57.26
N MET D 170 33.70 -22.43 -57.52
CA MET D 170 32.44 -21.96 -56.94
C MET D 170 32.40 -22.27 -55.46
N VAL D 171 33.13 -23.29 -55.06
CA VAL D 171 33.26 -23.60 -53.64
C VAL D 171 34.29 -22.67 -53.01
N ILE D 172 35.25 -22.23 -53.81
CA ILE D 172 36.28 -21.33 -53.31
C ILE D 172 35.69 -19.95 -53.05
N LEU D 173 34.57 -19.66 -53.72
CA LEU D 173 33.92 -18.37 -53.59
C LEU D 173 32.89 -18.39 -52.48
N LYS D 174 32.33 -19.57 -52.22
CA LYS D 174 31.40 -19.75 -51.11
C LYS D 174 32.14 -19.65 -49.79
N LEU D 175 33.31 -20.28 -49.75
CA LEU D 175 34.16 -20.24 -48.56
C LEU D 175 34.69 -18.84 -48.29
N LEU D 176 35.26 -18.22 -49.32
CA LEU D 176 35.85 -16.89 -49.16
C LEU D 176 34.81 -15.91 -48.67
N SER D 177 33.60 -16.04 -49.20
CA SER D 177 32.49 -15.16 -48.83
C SER D 177 32.11 -15.32 -47.36
N GLU D 178 31.89 -16.56 -46.94
CA GLU D 178 31.46 -16.80 -45.56
C GLU D 178 32.59 -16.59 -44.55
N GLU D 179 33.82 -16.48 -45.04
CA GLU D 179 34.95 -16.18 -44.18
C GLU D 179 35.12 -14.67 -43.99
N VAL D 180 34.56 -13.91 -44.91
CA VAL D 180 34.67 -12.46 -44.84
C VAL D 180 33.39 -11.82 -44.30
N PHE D 181 32.24 -12.42 -44.58
CA PHE D 181 30.96 -11.80 -44.21
C PHE D 181 30.15 -12.59 -43.19
N ASP D 182 30.55 -13.83 -42.91
CA ASP D 182 29.78 -14.67 -41.99
C ASP D 182 30.49 -14.91 -40.67
N PHE D 183 31.79 -15.16 -40.72
CA PHE D 183 32.55 -15.56 -39.54
C PHE D 183 33.79 -14.70 -39.33
N SER D 184 33.75 -13.46 -39.82
CA SER D 184 34.92 -12.60 -39.73
C SER D 184 35.08 -12.00 -38.33
N SER D 185 33.97 -11.60 -37.73
CA SER D 185 34.01 -10.99 -36.41
C SER D 185 34.58 -11.94 -35.39
N GLY D 186 35.78 -11.65 -34.93
CA GLY D 186 36.48 -12.50 -33.99
C GLY D 186 37.77 -13.04 -34.58
N GLN D 187 37.67 -13.66 -35.75
CA GLN D 187 38.84 -14.18 -36.46
C GLN D 187 39.67 -13.05 -37.09
N ILE D 188 38.98 -12.10 -37.69
CA ILE D 188 39.62 -10.98 -38.38
C ILE D 188 39.44 -9.70 -37.59
N THR D 189 40.41 -8.79 -37.65
CA THR D 189 40.26 -7.52 -36.98
C THR D 189 39.32 -6.61 -37.76
N GLN D 190 38.70 -5.67 -37.07
CA GLN D 190 37.63 -4.85 -37.63
C GLN D 190 38.00 -4.09 -38.90
N VAL D 191 39.10 -3.35 -38.85
CA VAL D 191 39.54 -2.59 -40.02
C VAL D 191 39.95 -3.52 -41.17
N LYS D 192 40.66 -4.59 -40.84
CA LYS D 192 41.10 -5.55 -41.85
C LYS D 192 39.91 -6.16 -42.56
N ALA D 193 38.88 -6.50 -41.80
CA ALA D 193 37.69 -7.14 -42.35
C ALA D 193 36.96 -6.24 -43.32
N LYS D 194 36.80 -4.97 -42.96
CA LYS D 194 36.05 -4.04 -43.79
C LYS D 194 36.77 -3.80 -45.12
N HIS D 195 38.09 -3.87 -45.09
CA HIS D 195 38.89 -3.75 -46.29
C HIS D 195 38.67 -4.93 -47.24
N LEU D 196 38.52 -6.13 -46.67
CA LEU D 196 38.21 -7.32 -47.45
C LEU D 196 36.76 -7.30 -47.91
N LYS D 197 35.89 -6.78 -47.06
CA LYS D 197 34.48 -6.60 -47.42
C LYS D 197 34.40 -5.68 -48.63
N ASP D 198 35.01 -4.50 -48.51
CA ASP D 198 35.11 -3.56 -49.62
C ASP D 198 35.63 -4.27 -50.86
N SER D 199 36.75 -4.98 -50.70
CA SER D 199 37.40 -5.67 -51.80
C SER D 199 36.49 -6.69 -52.49
N MET D 200 35.67 -7.37 -51.69
CA MET D 200 34.76 -8.37 -52.22
C MET D 200 33.61 -7.71 -52.99
N CYS D 201 33.35 -6.44 -52.70
CA CYS D 201 32.24 -5.73 -53.31
C CYS D 201 32.65 -4.99 -54.60
N ASN D 202 33.86 -4.41 -54.61
CA ASN D 202 34.33 -3.67 -55.77
C ASN D 202 34.60 -4.56 -56.98
N GLU D 203 34.50 -5.88 -56.78
CA GLU D 203 34.78 -6.83 -57.85
C GLU D 203 33.77 -7.97 -57.90
N PHE D 204 32.53 -7.70 -57.49
CA PHE D 204 31.50 -8.75 -57.47
C PHE D 204 30.73 -8.88 -58.78
N SER D 205 30.92 -7.91 -59.69
CA SER D 205 30.29 -7.99 -61.00
C SER D 205 30.74 -9.24 -61.74
N GLN D 206 32.00 -9.23 -62.16
CA GLN D 206 32.57 -10.37 -62.87
C GLN D 206 32.11 -11.68 -62.28
N ILE D 207 32.11 -11.74 -60.94
CA ILE D 207 31.67 -12.92 -60.19
C ILE D 207 30.21 -13.29 -60.51
N PHE D 208 29.30 -12.38 -60.21
CA PHE D 208 27.87 -12.62 -60.38
C PHE D 208 27.52 -13.00 -61.82
N GLN D 209 28.19 -12.36 -62.77
CA GLN D 209 28.04 -12.71 -64.18
C GLN D 209 28.24 -14.21 -64.38
N LEU D 210 29.43 -14.70 -64.03
CA LEU D 210 29.74 -16.13 -64.16
C LEU D 210 28.58 -16.99 -63.69
N CYS D 211 28.09 -16.69 -62.49
CA CYS D 211 27.00 -17.44 -61.92
C CYS D 211 25.81 -17.47 -62.88
N GLN D 212 25.45 -16.29 -63.39
CA GLN D 212 24.35 -16.21 -64.34
C GLN D 212 24.65 -17.02 -65.58
N PHE D 213 25.88 -16.91 -66.07
CA PHE D 213 26.27 -17.63 -67.26
C PHE D 213 26.02 -19.11 -67.04
N VAL D 214 26.43 -19.61 -65.87
CA VAL D 214 26.26 -21.02 -65.57
C VAL D 214 24.78 -21.41 -65.48
N MET D 215 23.99 -20.59 -64.80
CA MET D 215 22.56 -20.86 -64.62
C MET D 215 21.78 -20.87 -65.94
N GLU D 216 22.24 -20.11 -66.92
CA GLU D 216 21.55 -20.04 -68.21
C GLU D 216 22.01 -21.12 -69.19
N ASN D 217 23.30 -21.44 -69.16
CA ASN D 217 23.91 -22.31 -70.18
C ASN D 217 24.34 -23.71 -69.72
N SER D 218 25.06 -23.76 -68.60
CA SER D 218 25.59 -25.04 -68.11
C SER D 218 24.50 -26.08 -67.88
N GLN D 219 24.71 -27.28 -68.43
CA GLN D 219 23.77 -28.39 -68.26
C GLN D 219 24.38 -29.40 -67.31
N ASN D 220 25.41 -28.95 -66.60
CA ASN D 220 26.11 -29.78 -65.62
C ASN D 220 25.47 -29.63 -64.25
N ALA D 221 24.73 -30.67 -63.84
CA ALA D 221 23.95 -30.61 -62.60
C ALA D 221 24.78 -30.35 -61.34
N PRO D 222 25.86 -31.13 -61.13
CA PRO D 222 26.73 -30.86 -59.98
C PRO D 222 27.27 -29.44 -59.98
N LEU D 223 27.76 -28.99 -61.13
CA LEU D 223 28.26 -27.62 -61.25
C LEU D 223 27.17 -26.59 -60.94
N VAL D 224 25.97 -26.80 -61.49
CA VAL D 224 24.86 -25.86 -61.32
C VAL D 224 24.32 -25.80 -59.90
N HIS D 225 24.09 -26.97 -59.30
CA HIS D 225 23.60 -27.02 -57.93
C HIS D 225 24.55 -26.26 -57.01
N ALA D 226 25.85 -26.46 -57.19
CA ALA D 226 26.84 -25.79 -56.37
C ALA D 226 26.81 -24.28 -56.60
N THR D 227 26.45 -23.85 -57.81
CA THR D 227 26.33 -22.42 -58.08
C THR D 227 25.12 -21.86 -57.36
N LEU D 228 24.09 -22.67 -57.20
CA LEU D 228 22.95 -22.27 -56.40
C LEU D 228 23.33 -22.29 -54.92
N GLU D 229 24.32 -23.11 -54.58
CA GLU D 229 24.75 -23.23 -53.20
C GLU D 229 25.66 -22.06 -52.83
N THR D 230 26.47 -21.64 -53.78
CA THR D 230 27.36 -20.51 -53.56
C THR D 230 26.53 -19.21 -53.55
N LEU D 231 25.48 -19.19 -54.36
CA LEU D 231 24.55 -18.07 -54.41
C LEU D 231 23.86 -17.86 -53.05
N LEU D 232 23.38 -18.95 -52.45
CA LEU D 232 22.70 -18.88 -51.16
C LEU D 232 23.52 -18.16 -50.10
N ARG D 233 24.85 -18.25 -50.19
CA ARG D 233 25.72 -17.60 -49.22
C ARG D 233 26.09 -16.20 -49.68
N PHE D 234 25.80 -15.90 -50.92
CA PHE D 234 26.03 -14.57 -51.45
C PHE D 234 24.88 -13.65 -51.09
N LEU D 235 23.68 -14.23 -50.97
CA LEU D 235 22.49 -13.46 -50.65
C LEU D 235 22.54 -12.81 -49.26
N ASN D 236 23.53 -13.18 -48.46
CA ASN D 236 23.67 -12.62 -47.12
C ASN D 236 24.15 -11.16 -47.13
N TRP D 237 24.84 -10.76 -48.20
CA TRP D 237 25.58 -9.49 -48.17
C TRP D 237 25.61 -8.69 -49.49
N ILE D 238 25.47 -9.37 -50.64
CA ILE D 238 25.60 -8.68 -51.92
C ILE D 238 24.62 -7.53 -52.09
N PRO D 239 25.06 -6.47 -52.79
CA PRO D 239 24.18 -5.33 -53.06
C PRO D 239 22.83 -5.78 -53.65
N LEU D 240 21.74 -5.20 -53.15
CA LEU D 240 20.38 -5.57 -53.55
C LEU D 240 20.16 -5.43 -55.06
N GLY D 241 20.90 -4.51 -55.67
CA GLY D 241 20.85 -4.35 -57.11
C GLY D 241 20.88 -5.70 -57.83
N TYR D 242 21.86 -6.51 -57.47
CA TYR D 242 22.04 -7.80 -58.13
C TYR D 242 20.86 -8.73 -57.93
N ILE D 243 20.02 -8.43 -56.93
CA ILE D 243 18.90 -9.30 -56.61
C ILE D 243 17.61 -8.84 -57.31
N PHE D 244 17.18 -7.62 -57.00
CA PHE D 244 15.88 -7.14 -57.44
C PHE D 244 15.91 -6.50 -58.82
N GLU D 245 17.08 -6.01 -59.22
CA GLU D 245 17.21 -5.34 -60.50
C GLU D 245 17.90 -6.21 -61.55
N THR D 246 17.86 -7.53 -61.31
CA THR D 246 18.26 -8.52 -62.31
C THR D 246 17.18 -9.59 -62.38
N LYS D 247 17.35 -10.55 -63.27
CA LYS D 247 16.36 -11.59 -63.44
C LYS D 247 16.69 -12.83 -62.60
N LEU D 248 17.41 -12.58 -61.51
CA LEU D 248 17.78 -13.65 -60.59
C LEU D 248 16.54 -14.34 -60.04
N ILE D 249 15.59 -13.54 -59.56
CA ILE D 249 14.37 -14.09 -58.99
C ILE D 249 13.63 -14.86 -60.07
N SER D 250 13.77 -14.38 -61.30
CA SER D 250 13.08 -14.95 -62.44
C SER D 250 13.69 -16.29 -62.81
N THR D 251 15.02 -16.33 -62.90
CA THR D 251 15.73 -17.59 -63.16
C THR D 251 15.43 -18.67 -62.11
N LEU D 252 15.55 -18.31 -60.84
CA LEU D 252 15.34 -19.27 -59.75
C LEU D 252 13.98 -19.95 -59.87
N ILE D 253 12.93 -19.14 -59.99
CA ILE D 253 11.56 -19.64 -60.00
C ILE D 253 11.23 -20.46 -61.25
N TYR D 254 11.50 -19.92 -62.43
CA TYR D 254 11.18 -20.63 -63.67
C TYR D 254 12.02 -21.89 -63.89
N LYS D 255 13.31 -21.81 -63.61
CA LYS D 255 14.24 -22.84 -64.05
C LYS D 255 14.51 -23.94 -63.02
N PHE D 256 14.79 -23.57 -61.78
CA PHE D 256 15.25 -24.55 -60.80
C PHE D 256 14.20 -24.94 -59.77
N LEU D 257 13.38 -23.98 -59.36
CA LEU D 257 12.43 -24.21 -58.26
C LEU D 257 11.62 -25.50 -58.40
N ASN D 258 11.25 -25.84 -59.62
CA ASN D 258 10.40 -26.99 -59.88
C ASN D 258 11.13 -28.33 -59.94
N VAL D 259 12.25 -28.36 -60.66
CA VAL D 259 13.02 -29.60 -60.82
C VAL D 259 13.52 -30.14 -59.48
N PRO D 260 13.21 -31.41 -59.19
CA PRO D 260 13.57 -32.11 -57.94
C PRO D 260 14.90 -31.66 -57.34
N MET D 261 16.01 -32.09 -57.92
CA MET D 261 17.32 -31.88 -57.30
C MET D 261 17.76 -30.41 -57.16
N PHE D 262 16.83 -29.49 -57.36
CA PHE D 262 17.13 -28.07 -57.22
C PHE D 262 16.09 -27.36 -56.35
N ARG D 263 14.99 -28.04 -56.05
CA ARG D 263 13.88 -27.42 -55.31
C ARG D 263 14.30 -26.85 -53.95
N ASN D 264 15.12 -27.58 -53.22
CA ASN D 264 15.48 -27.15 -51.87
C ASN D 264 16.44 -25.96 -51.83
N VAL D 265 17.53 -26.04 -52.57
CA VAL D 265 18.48 -24.94 -52.59
C VAL D 265 17.82 -23.70 -53.16
N SER D 266 17.02 -23.91 -54.21
CA SER D 266 16.33 -22.82 -54.90
C SER D 266 15.37 -22.10 -53.98
N LEU D 267 14.60 -22.87 -53.22
CA LEU D 267 13.60 -22.30 -52.32
C LEU D 267 14.26 -21.56 -51.16
N LYS D 268 15.39 -22.08 -50.68
CA LYS D 268 16.11 -21.44 -49.58
C LYS D 268 16.63 -20.07 -49.99
N CYS D 269 17.08 -19.96 -51.24
CA CYS D 269 17.46 -18.67 -51.83
C CYS D 269 16.27 -17.72 -51.78
N LEU D 270 15.15 -18.16 -52.32
CA LEU D 270 13.94 -17.35 -52.31
C LEU D 270 13.61 -16.87 -50.90
N THR D 271 13.72 -17.77 -49.93
CA THR D 271 13.45 -17.42 -48.54
C THR D 271 14.39 -16.32 -48.06
N GLU D 272 15.64 -16.35 -48.51
CA GLU D 272 16.64 -15.35 -48.08
C GLU D 272 16.32 -13.97 -48.63
N ILE D 273 15.79 -13.94 -49.84
CA ILE D 273 15.44 -12.68 -50.48
C ILE D 273 14.16 -12.12 -49.90
N ALA D 274 13.22 -13.01 -49.57
CA ALA D 274 11.95 -12.59 -48.98
C ALA D 274 12.15 -11.94 -47.61
N GLY D 275 13.28 -12.22 -46.97
CA GLY D 275 13.54 -11.69 -45.64
C GLY D 275 14.03 -10.25 -45.59
N VAL D 276 14.23 -9.66 -46.77
CA VAL D 276 14.72 -8.30 -46.88
C VAL D 276 13.63 -7.26 -46.58
N SER D 277 14.00 -6.17 -45.93
CA SER D 277 13.06 -5.12 -45.59
C SER D 277 12.60 -4.30 -46.79
N VAL D 278 11.36 -4.52 -47.21
CA VAL D 278 10.81 -3.86 -48.40
C VAL D 278 10.57 -2.38 -48.15
N SER D 279 11.10 -1.55 -49.03
CA SER D 279 10.85 -0.11 -49.00
C SER D 279 11.24 0.47 -50.33
N GLN D 280 11.92 -0.33 -51.15
CA GLN D 280 12.36 0.14 -52.45
C GLN D 280 12.00 -0.83 -53.59
N TYR D 281 11.64 -2.06 -53.25
CA TYR D 281 11.39 -3.08 -54.29
C TYR D 281 10.03 -3.79 -54.15
N GLU D 282 9.02 -3.04 -53.76
CA GLU D 282 7.68 -3.59 -53.54
C GLU D 282 7.16 -4.39 -54.73
N GLU D 283 7.52 -3.96 -55.94
CA GLU D 283 7.06 -4.64 -57.15
C GLU D 283 7.66 -6.03 -57.25
N GLN D 284 8.98 -6.10 -57.18
CA GLN D 284 9.71 -7.36 -57.30
C GLN D 284 9.17 -8.42 -56.35
N PHE D 285 8.97 -8.05 -55.08
CA PHE D 285 8.43 -8.97 -54.10
C PHE D 285 7.09 -9.54 -54.53
N GLU D 286 6.21 -8.64 -54.97
CA GLU D 286 4.90 -9.05 -55.45
C GLU D 286 5.02 -10.14 -56.50
N THR D 287 5.66 -9.82 -57.63
CA THR D 287 5.81 -10.79 -58.69
C THR D 287 6.66 -11.99 -58.26
N LEU D 288 7.41 -11.84 -57.17
CA LEU D 288 8.14 -12.97 -56.59
C LEU D 288 7.19 -13.95 -55.94
N PHE D 289 6.23 -13.43 -55.20
CA PHE D 289 5.28 -14.26 -54.46
C PHE D 289 4.33 -15.00 -55.41
N THR D 290 3.61 -14.24 -56.24
CA THR D 290 2.64 -14.82 -57.17
C THR D 290 3.28 -15.76 -58.20
N LEU D 291 4.51 -15.47 -58.58
CA LEU D 291 5.25 -16.31 -59.52
C LEU D 291 5.63 -17.64 -58.86
N THR D 292 5.97 -17.59 -57.58
CA THR D 292 6.35 -18.78 -56.82
C THR D 292 5.13 -19.65 -56.52
N MET D 293 4.03 -19.01 -56.14
CA MET D 293 2.81 -19.73 -55.81
C MET D 293 2.28 -20.52 -57.00
N MET D 294 2.39 -19.95 -58.19
CA MET D 294 2.02 -20.68 -59.39
C MET D 294 2.77 -22.01 -59.40
N GLN D 295 4.09 -21.90 -59.27
CA GLN D 295 4.98 -23.05 -59.34
C GLN D 295 4.73 -24.08 -58.23
N LEU D 296 4.36 -23.62 -57.05
CA LEU D 296 4.04 -24.52 -55.95
C LEU D 296 2.75 -25.27 -56.21
N LYS D 297 1.73 -24.55 -56.66
CA LYS D 297 0.44 -25.14 -57.02
C LYS D 297 0.60 -26.21 -58.10
N GLN D 298 1.69 -26.12 -58.84
CA GLN D 298 2.01 -27.11 -59.86
C GLN D 298 2.85 -28.22 -59.24
N MET D 299 3.62 -27.88 -58.22
CA MET D 299 4.43 -28.86 -57.50
C MET D 299 3.59 -29.59 -56.45
N LEU D 300 3.11 -28.82 -55.47
CA LEU D 300 2.26 -29.37 -54.43
C LEU D 300 0.83 -28.95 -54.68
N PRO D 301 0.02 -29.85 -55.26
CA PRO D 301 -1.41 -29.55 -55.41
C PRO D 301 -2.06 -29.20 -54.06
N LEU D 302 -3.02 -28.27 -54.11
CA LEU D 302 -3.64 -27.75 -52.89
C LEU D 302 -4.50 -28.80 -52.19
N ASN D 303 -4.82 -29.86 -52.90
CA ASN D 303 -5.73 -30.88 -52.38
C ASN D 303 -5.01 -32.08 -51.76
N THR D 304 -3.69 -31.98 -51.58
CA THR D 304 -2.92 -33.12 -51.10
C THR D 304 -2.61 -33.06 -49.61
N ASN D 305 -2.79 -34.19 -48.93
CA ASN D 305 -2.53 -34.30 -47.50
C ASN D 305 -1.04 -34.16 -47.19
N ILE D 306 -0.64 -32.97 -46.75
CA ILE D 306 0.77 -32.69 -46.50
C ILE D 306 1.34 -33.52 -45.36
N ARG D 307 0.54 -33.74 -44.32
CA ARG D 307 0.98 -34.55 -43.18
C ARG D 307 1.52 -35.90 -43.65
N LEU D 308 0.72 -36.59 -44.47
CA LEU D 308 1.14 -37.87 -45.03
C LEU D 308 2.35 -37.75 -45.95
N ALA D 309 2.36 -36.74 -46.81
CA ALA D 309 3.50 -36.53 -47.69
C ALA D 309 4.77 -36.44 -46.87
N TYR D 310 4.65 -35.90 -45.66
CA TYR D 310 5.79 -35.81 -44.77
C TYR D 310 5.96 -37.15 -44.07
N SER D 311 4.85 -37.69 -43.58
CA SER D 311 4.85 -38.98 -42.90
C SER D 311 5.50 -40.04 -43.78
N ASN D 312 5.08 -40.09 -45.05
CA ASN D 312 5.65 -41.05 -45.99
C ASN D 312 6.57 -40.34 -46.98
N GLY D 313 7.59 -39.67 -46.46
CA GLY D 313 8.54 -38.94 -47.29
C GLY D 313 9.98 -39.24 -46.92
N LYS D 314 10.89 -38.86 -47.81
CA LYS D 314 12.32 -39.02 -47.56
C LYS D 314 12.91 -37.72 -47.03
N ASP D 315 14.22 -37.67 -46.93
CA ASP D 315 14.89 -36.50 -46.36
C ASP D 315 14.73 -35.24 -47.21
N ASP D 316 14.62 -35.40 -48.53
CA ASP D 316 14.51 -34.25 -49.42
C ASP D 316 13.07 -33.77 -49.56
N GLU D 317 12.12 -34.69 -49.53
CA GLU D 317 10.71 -34.32 -49.54
C GLU D 317 10.30 -33.78 -48.17
N GLN D 318 11.01 -34.23 -47.13
CA GLN D 318 10.75 -33.72 -45.79
C GLN D 318 11.32 -32.33 -45.60
N ASN D 319 12.52 -32.09 -46.09
CA ASN D 319 13.11 -30.75 -45.96
C ASN D 319 12.41 -29.74 -46.84
N PHE D 320 12.03 -30.14 -48.04
CA PHE D 320 11.29 -29.24 -48.89
C PHE D 320 10.12 -28.67 -48.11
N ILE D 321 9.47 -29.49 -47.31
CA ILE D 321 8.29 -29.05 -46.60
C ILE D 321 8.68 -28.10 -45.47
N GLN D 322 9.70 -28.48 -44.71
CA GLN D 322 10.19 -27.62 -43.65
C GLN D 322 10.60 -26.29 -44.26
N ASN D 323 11.25 -26.34 -45.42
CA ASN D 323 11.60 -25.13 -46.16
C ASN D 323 10.37 -24.34 -46.56
N LEU D 324 9.40 -25.01 -47.16
CA LEU D 324 8.13 -24.39 -47.50
C LEU D 324 7.60 -23.63 -46.29
N SER D 325 7.72 -24.25 -45.11
CA SER D 325 7.32 -23.59 -43.87
C SER D 325 8.07 -22.28 -43.76
N LEU D 326 9.38 -22.34 -43.92
CA LEU D 326 10.23 -21.16 -43.79
C LEU D 326 9.86 -20.07 -44.79
N PHE D 327 9.79 -20.44 -46.06
CA PHE D 327 9.41 -19.47 -47.09
C PHE D 327 8.10 -18.78 -46.75
N LEU D 328 7.02 -19.55 -46.66
CA LEU D 328 5.70 -19.04 -46.35
C LEU D 328 5.68 -18.11 -45.15
N CYS D 329 6.13 -18.63 -44.01
CA CYS D 329 6.14 -17.84 -42.79
C CYS D 329 6.96 -16.55 -42.93
N THR D 330 8.19 -16.67 -43.42
CA THR D 330 9.08 -15.53 -43.52
C THR D 330 8.52 -14.43 -44.41
N PHE D 331 7.79 -14.82 -45.46
CA PHE D 331 7.26 -13.85 -46.41
C PHE D 331 6.00 -13.18 -45.88
N LEU D 332 5.01 -13.97 -45.47
CA LEU D 332 3.79 -13.41 -44.89
C LEU D 332 4.10 -12.44 -43.74
N LYS D 333 4.85 -12.93 -42.76
CA LYS D 333 5.25 -12.12 -41.61
C LYS D 333 5.79 -10.75 -42.03
N GLU D 334 6.53 -10.72 -43.12
CA GLU D 334 7.26 -9.51 -43.51
C GLU D 334 6.56 -8.68 -44.58
N HIS D 335 5.92 -9.32 -45.54
CA HIS D 335 5.28 -8.60 -46.65
C HIS D 335 3.77 -8.79 -46.67
N GLY D 336 3.21 -9.34 -45.60
CA GLY D 336 1.78 -9.58 -45.53
C GLY D 336 0.96 -8.31 -45.63
N GLN D 337 1.53 -7.20 -45.16
CA GLN D 337 0.85 -5.90 -45.21
C GLN D 337 0.74 -5.40 -46.65
N LEU D 338 1.33 -6.14 -47.58
CA LEU D 338 1.38 -5.72 -48.98
C LEU D 338 0.55 -6.64 -49.87
N LEU D 339 0.47 -7.91 -49.50
CA LEU D 339 -0.43 -8.83 -50.18
C LEU D 339 -1.88 -8.41 -49.95
N GLU D 340 -2.09 -7.49 -49.01
CA GLU D 340 -3.44 -7.04 -48.63
C GLU D 340 -3.92 -5.84 -49.45
N LYS D 341 -3.28 -4.69 -49.21
CA LYS D 341 -3.66 -3.45 -49.86
C LYS D 341 -3.84 -3.61 -51.37
N ARG D 342 -2.83 -4.13 -52.05
CA ARG D 342 -2.99 -4.52 -53.44
C ARG D 342 -4.11 -5.53 -53.50
N LEU D 343 -5.11 -5.28 -54.34
CA LEU D 343 -6.30 -6.11 -54.33
C LEU D 343 -6.22 -7.27 -55.32
N ASN D 344 -5.15 -7.28 -56.11
CA ASN D 344 -4.93 -8.34 -57.10
C ASN D 344 -4.29 -9.59 -56.50
N LEU D 345 -3.65 -9.45 -55.34
CA LEU D 345 -2.89 -10.53 -54.73
C LEU D 345 -3.72 -11.33 -53.73
N ARG D 346 -4.99 -10.96 -53.60
CA ARG D 346 -5.87 -11.51 -52.58
C ARG D 346 -6.09 -13.02 -52.68
N GLU D 347 -5.97 -13.58 -53.89
CA GLU D 347 -6.17 -15.01 -54.07
C GLU D 347 -4.90 -15.82 -53.78
N ALA D 348 -3.75 -15.27 -54.13
CA ALA D 348 -2.46 -15.92 -53.84
C ALA D 348 -2.20 -15.96 -52.33
N LEU D 349 -2.67 -14.94 -51.63
CA LEU D 349 -2.57 -14.90 -50.17
C LEU D 349 -3.43 -15.96 -49.50
N MET D 350 -4.58 -16.27 -50.09
CA MET D 350 -5.49 -17.26 -49.52
C MET D 350 -5.00 -18.67 -49.78
N GLU D 351 -4.35 -18.86 -50.91
CA GLU D 351 -3.69 -20.13 -51.20
C GLU D 351 -2.51 -20.31 -50.26
N ALA D 352 -1.76 -19.23 -50.05
CA ALA D 352 -0.61 -19.26 -49.14
C ALA D 352 -1.07 -19.55 -47.73
N LEU D 353 -2.14 -18.87 -47.34
CA LEU D 353 -2.76 -19.13 -46.03
C LEU D 353 -3.38 -20.53 -45.98
N HIS D 354 -3.67 -21.11 -47.13
CA HIS D 354 -4.19 -22.47 -47.18
C HIS D 354 -3.07 -23.50 -47.04
N TYR D 355 -1.90 -23.14 -47.57
CA TYR D 355 -0.72 -23.98 -47.43
C TYR D 355 -0.31 -24.07 -45.97
N MET D 356 -0.19 -22.94 -45.30
CA MET D 356 0.16 -22.93 -43.89
C MET D 356 -0.72 -23.88 -43.08
N LEU D 357 -2.00 -23.95 -43.45
CA LEU D 357 -2.93 -24.80 -42.70
C LEU D 357 -2.66 -26.28 -42.96
N LEU D 358 -2.37 -26.63 -44.20
CA LEU D 358 -1.98 -27.99 -44.51
C LEU D 358 -0.64 -28.35 -43.89
N VAL D 359 0.29 -27.40 -43.89
CA VAL D 359 1.61 -27.62 -43.32
C VAL D 359 1.51 -27.69 -41.80
N SER D 360 0.51 -27.01 -41.26
CA SER D 360 0.29 -26.97 -39.81
C SER D 360 -0.19 -28.31 -39.26
N GLU D 361 -0.56 -29.23 -40.15
CA GLU D 361 -1.03 -30.54 -39.70
C GLU D 361 0.06 -31.61 -39.80
N VAL D 362 1.27 -31.21 -40.20
CA VAL D 362 2.40 -32.12 -40.21
C VAL D 362 2.80 -32.51 -38.79
N GLU D 363 3.10 -33.80 -38.60
CA GLU D 363 3.42 -34.35 -37.28
C GLU D 363 4.90 -34.22 -36.95
N GLU D 364 5.40 -32.99 -37.03
CA GLU D 364 6.77 -32.69 -36.62
C GLU D 364 6.73 -31.41 -35.80
N THR D 365 7.33 -31.47 -34.62
CA THR D 365 7.26 -30.36 -33.67
C THR D 365 8.00 -29.10 -34.12
N GLU D 366 9.09 -29.29 -34.86
CA GLU D 366 9.87 -28.14 -35.29
C GLU D 366 9.19 -27.38 -36.42
N ILE D 367 8.49 -28.09 -37.30
CA ILE D 367 7.71 -27.44 -38.36
C ILE D 367 6.51 -26.70 -37.77
N PHE D 368 5.81 -27.36 -36.85
CA PHE D 368 4.66 -26.73 -36.24
C PHE D 368 5.08 -25.46 -35.52
N LYS D 369 6.28 -25.46 -34.95
CA LYS D 369 6.80 -24.28 -34.26
C LYS D 369 7.06 -23.10 -35.19
N ILE D 370 7.36 -23.39 -36.45
CA ILE D 370 7.51 -22.34 -37.45
C ILE D 370 6.12 -21.85 -37.87
N CYS D 371 5.25 -22.78 -38.24
CA CYS D 371 3.89 -22.40 -38.60
C CYS D 371 3.27 -21.56 -37.49
N LEU D 372 3.41 -22.03 -36.26
CA LEU D 372 2.85 -21.36 -35.10
C LEU D 372 3.45 -19.96 -34.95
N GLU D 373 4.66 -19.80 -35.44
CA GLU D 373 5.35 -18.51 -35.32
C GLU D 373 4.58 -17.47 -36.10
N TYR D 374 4.00 -17.88 -37.22
CA TYR D 374 3.21 -16.95 -38.01
C TYR D 374 1.82 -16.72 -37.42
N TRP D 375 1.11 -17.78 -37.04
CA TRP D 375 -0.24 -17.61 -36.53
C TRP D 375 -0.26 -16.66 -35.34
N ASN D 376 0.70 -16.83 -34.44
CA ASN D 376 0.80 -15.97 -33.27
C ASN D 376 1.01 -14.51 -33.68
N HIS D 377 1.59 -14.33 -34.86
CA HIS D 377 1.89 -13.00 -35.37
C HIS D 377 0.69 -12.37 -36.08
N LEU D 378 -0.09 -13.19 -36.76
CA LEU D 378 -1.30 -12.73 -37.42
C LEU D 378 -2.34 -12.39 -36.36
N ALA D 379 -2.50 -13.29 -35.40
CA ALA D 379 -3.51 -13.11 -34.36
C ALA D 379 -3.14 -11.93 -33.48
N ALA D 380 -1.86 -11.59 -33.45
CA ALA D 380 -1.38 -10.47 -32.64
C ALA D 380 -1.48 -9.15 -33.39
N GLU D 381 -1.26 -9.24 -34.70
CA GLU D 381 -1.36 -8.08 -35.58
C GLU D 381 -2.83 -7.64 -35.72
N LEU D 382 -3.75 -8.58 -35.58
CA LEU D 382 -5.17 -8.26 -35.69
C LEU D 382 -5.80 -8.00 -34.33
N TYR D 383 -5.06 -8.25 -33.26
CA TYR D 383 -5.59 -7.96 -31.94
C TYR D 383 -5.38 -6.50 -31.57
N ARG D 384 -4.36 -5.88 -32.17
CA ARG D 384 -4.11 -4.47 -31.92
C ARG D 384 -4.74 -3.57 -33.01
N GLU D 385 -5.23 -4.17 -34.08
CA GLU D 385 -6.09 -3.46 -35.03
C GLU D 385 -7.42 -3.16 -34.33
N SER D 386 -7.86 -4.12 -33.52
CA SER D 386 -9.03 -3.97 -32.65
C SER D 386 -9.15 -5.19 -31.75
N PRO D 387 -9.09 -4.98 -30.42
CA PRO D 387 -9.14 -6.06 -29.43
C PRO D 387 -10.56 -6.54 -29.13
N PHE D 388 -11.55 -5.99 -29.85
CA PHE D 388 -12.94 -6.25 -29.50
C PHE D 388 -13.66 -7.18 -30.46
N SER D 389 -14.73 -7.81 -29.97
CA SER D 389 -15.57 -8.67 -30.80
C SER D 389 -16.55 -7.83 -31.64
N THR D 390 -17.02 -8.38 -32.77
CA THR D 390 -18.00 -7.69 -33.61
C THR D 390 -19.42 -7.77 -33.03
N SER D 391 -20.36 -7.03 -33.62
CA SER D 391 -21.72 -6.93 -33.07
C SER D 391 -22.53 -8.23 -33.16
N ALA D 392 -22.68 -8.90 -32.02
CA ALA D 392 -23.33 -10.20 -31.98
C ALA D 392 -24.82 -10.13 -32.29
N SER D 393 -25.31 -8.94 -32.64
CA SER D 393 -26.66 -8.80 -33.20
C SER D 393 -26.67 -7.93 -34.45
N PRO D 394 -27.56 -8.24 -35.41
CA PRO D 394 -27.60 -7.57 -36.72
C PRO D 394 -27.87 -6.07 -36.64
N LEU D 395 -28.16 -5.45 -37.77
CA LEU D 395 -28.40 -4.01 -37.81
C LEU D 395 -29.88 -3.69 -38.01
N LEU D 396 -30.33 -2.58 -37.41
CA LEU D 396 -31.73 -2.18 -37.39
C LEU D 396 -32.47 -2.34 -38.71
N SER D 397 -31.73 -2.29 -39.82
CA SER D 397 -32.34 -2.36 -41.14
C SER D 397 -32.21 -3.75 -41.74
N GLY D 398 -31.04 -4.35 -41.55
CA GLY D 398 -30.72 -5.65 -42.12
C GLY D 398 -29.31 -5.69 -42.68
N SER D 399 -28.85 -4.54 -43.20
CA SER D 399 -27.54 -4.43 -43.84
C SER D 399 -26.36 -4.42 -42.87
N GLN D 400 -25.15 -4.44 -43.41
CA GLN D 400 -23.94 -4.68 -42.60
C GLN D 400 -23.42 -3.46 -41.84
N HIS D 401 -22.61 -3.73 -40.81
CA HIS D 401 -21.96 -2.69 -40.01
C HIS D 401 -20.63 -2.31 -40.64
N PHE D 402 -19.83 -1.56 -39.89
CA PHE D 402 -18.39 -1.52 -40.13
C PHE D 402 -17.72 -1.95 -38.83
N ASP D 403 -18.45 -2.73 -38.02
CA ASP D 403 -17.92 -3.32 -36.81
C ASP D 403 -16.66 -4.09 -37.14
N ILE D 404 -16.61 -4.61 -38.38
CA ILE D 404 -15.48 -5.42 -38.82
C ILE D 404 -14.31 -4.55 -39.26
N PRO D 405 -13.19 -4.61 -38.52
CA PRO D 405 -11.97 -3.90 -38.94
C PRO D 405 -11.49 -4.40 -40.28
N PRO D 406 -10.92 -3.50 -41.10
CA PRO D 406 -10.68 -3.75 -42.53
C PRO D 406 -9.82 -5.00 -42.81
N ARG D 407 -8.84 -5.27 -41.96
CA ARG D 407 -7.88 -6.35 -42.23
C ARG D 407 -8.34 -7.71 -41.72
N ARG D 408 -8.88 -7.74 -40.51
CA ARG D 408 -9.44 -8.95 -39.95
C ARG D 408 -10.50 -9.53 -40.89
N GLN D 409 -11.16 -8.65 -41.63
CA GLN D 409 -12.15 -9.06 -42.63
C GLN D 409 -11.57 -10.11 -43.56
N LEU D 410 -10.34 -9.87 -44.03
CA LEU D 410 -9.67 -10.73 -44.99
C LEU D 410 -9.32 -12.12 -44.45
N TYR D 411 -9.37 -12.30 -43.14
CA TYR D 411 -8.93 -13.56 -42.54
C TYR D 411 -10.02 -14.36 -41.81
N LEU D 412 -11.20 -13.76 -41.64
CA LEU D 412 -12.26 -14.38 -40.84
C LEU D 412 -12.37 -15.90 -40.94
N THR D 413 -12.46 -16.40 -42.16
CA THR D 413 -12.67 -17.83 -42.36
C THR D 413 -11.42 -18.59 -41.97
N VAL D 414 -10.26 -18.00 -42.23
CA VAL D 414 -8.99 -18.59 -41.83
C VAL D 414 -8.80 -18.56 -40.31
N LEU D 415 -9.13 -17.43 -39.70
CA LEU D 415 -9.04 -17.33 -38.26
C LEU D 415 -9.80 -18.45 -37.58
N SER D 416 -10.91 -18.88 -38.19
CA SER D 416 -11.73 -19.94 -37.61
C SER D 416 -11.03 -21.30 -37.62
N LYS D 417 -10.34 -21.57 -38.72
CA LYS D 417 -9.55 -22.76 -38.85
C LYS D 417 -8.36 -22.77 -37.89
N VAL D 418 -7.75 -21.61 -37.67
CA VAL D 418 -6.63 -21.49 -36.74
C VAL D 418 -7.06 -21.75 -35.30
N ARG D 419 -8.26 -21.28 -34.96
CA ARG D 419 -8.83 -21.56 -33.64
C ARG D 419 -9.01 -23.06 -33.47
N LEU D 420 -9.54 -23.71 -34.51
CA LEU D 420 -9.71 -25.15 -34.49
C LEU D 420 -8.36 -25.80 -34.26
N LEU D 421 -7.35 -25.29 -34.96
CA LEU D 421 -5.99 -25.79 -34.85
C LEU D 421 -5.47 -25.78 -33.41
N MET D 422 -5.47 -24.61 -32.77
CA MET D 422 -5.06 -24.52 -31.37
C MET D 422 -5.80 -25.54 -30.51
N VAL D 423 -7.08 -25.69 -30.74
CA VAL D 423 -7.95 -26.54 -29.92
C VAL D 423 -7.78 -28.03 -30.25
N SER D 424 -7.20 -28.33 -31.40
CA SER D 424 -7.05 -29.70 -31.85
C SER D 424 -5.67 -30.25 -31.57
N ARG D 425 -4.74 -29.36 -31.20
CA ARG D 425 -3.35 -29.75 -31.06
C ARG D 425 -2.71 -29.05 -29.87
N MET D 426 -3.53 -28.54 -28.96
CA MET D 426 -3.02 -27.86 -27.77
C MET D 426 -1.91 -28.68 -27.11
N ALA D 427 -0.84 -28.00 -26.71
CA ALA D 427 0.28 -28.66 -26.08
C ALA D 427 -0.01 -28.91 -24.60
N LYS D 428 0.64 -29.92 -24.02
CA LYS D 428 0.50 -30.15 -22.59
C LYS D 428 1.00 -28.91 -21.87
N PRO D 429 0.21 -28.46 -20.90
CA PRO D 429 0.47 -27.24 -20.13
C PRO D 429 1.65 -27.40 -19.18
N GLU D 430 1.50 -28.23 -18.17
CA GLU D 430 2.56 -28.48 -17.21
C GLU D 430 3.46 -29.62 -17.70
N GLU D 431 4.73 -29.56 -17.38
CA GLU D 431 5.61 -30.67 -17.65
C GLU D 431 6.16 -31.25 -16.35
N VAL D 432 5.88 -32.53 -16.11
CA VAL D 432 6.32 -33.21 -14.92
C VAL D 432 7.41 -34.23 -15.23
N LEU D 433 8.44 -34.24 -14.40
CA LEU D 433 9.55 -35.14 -14.54
C LEU D 433 9.95 -35.69 -13.18
N VAL D 434 10.04 -37.01 -13.05
CA VAL D 434 10.51 -37.61 -11.81
C VAL D 434 11.99 -37.99 -11.88
N VAL D 435 12.76 -37.50 -10.90
CA VAL D 435 14.18 -37.81 -10.80
C VAL D 435 14.56 -37.92 -9.33
N GLU D 436 15.62 -38.68 -9.04
CA GLU D 436 16.15 -38.77 -7.68
C GLU D 436 17.01 -37.54 -7.34
N ASN D 437 16.86 -37.04 -6.12
CA ASN D 437 17.46 -35.75 -5.72
C ASN D 437 18.97 -35.74 -5.42
N ASP D 438 19.46 -34.60 -4.96
CA ASP D 438 20.86 -34.42 -4.58
C ASP D 438 21.37 -35.61 -3.73
N GLN D 439 20.47 -36.24 -2.98
CA GLN D 439 20.84 -37.36 -2.11
C GLN D 439 19.72 -38.39 -1.88
N GLY D 440 19.44 -39.19 -2.90
CA GLY D 440 18.60 -40.37 -2.76
C GLY D 440 17.08 -40.22 -2.70
N GLU D 441 16.58 -38.99 -2.82
CA GLU D 441 15.13 -38.75 -2.71
C GLU D 441 14.38 -39.23 -3.94
N VAL D 442 13.05 -39.33 -3.79
CA VAL D 442 12.16 -39.72 -4.89
C VAL D 442 11.24 -38.56 -5.27
N VAL D 443 11.83 -37.41 -5.65
CA VAL D 443 11.05 -36.19 -5.87
C VAL D 443 10.33 -36.08 -7.21
N ARG D 444 9.32 -35.21 -7.24
CA ARG D 444 8.58 -34.89 -8.46
C ARG D 444 8.83 -33.45 -8.87
N GLU D 445 9.60 -33.28 -9.96
CA GLU D 445 10.02 -31.95 -10.40
C GLU D 445 9.06 -31.33 -11.40
N PHE D 446 8.91 -30.01 -11.30
CA PHE D 446 8.15 -29.25 -12.28
C PHE D 446 9.08 -28.42 -13.16
N MET D 447 9.19 -28.78 -14.44
CA MET D 447 9.97 -27.99 -15.38
C MET D 447 9.29 -26.64 -15.54
N LYS D 448 10.07 -25.62 -15.90
CA LYS D 448 9.58 -24.25 -15.82
C LYS D 448 9.70 -23.45 -17.12
N ASP D 449 10.81 -23.62 -17.83
CA ASP D 449 11.07 -22.80 -19.01
C ASP D 449 11.41 -23.60 -20.25
N THR D 450 11.04 -24.88 -20.26
CA THR D 450 11.43 -25.76 -21.34
C THR D 450 10.73 -25.35 -22.62
N ASP D 451 11.40 -25.57 -23.75
CA ASP D 451 10.83 -25.34 -25.06
C ASP D 451 9.42 -25.89 -25.13
N SER D 452 9.23 -27.10 -24.61
CA SER D 452 7.92 -27.73 -24.64
C SER D 452 6.84 -26.83 -24.04
N ILE D 453 7.14 -26.25 -22.88
CA ILE D 453 6.19 -25.39 -22.19
C ILE D 453 6.07 -24.02 -22.85
N ASN D 454 7.10 -23.64 -23.59
CA ASN D 454 7.02 -22.43 -24.39
C ASN D 454 6.04 -22.68 -25.53
N LEU D 455 6.06 -23.89 -26.05
CA LEU D 455 5.07 -24.30 -27.01
C LEU D 455 3.68 -24.07 -26.44
N TYR D 456 3.43 -24.54 -25.22
CA TYR D 456 2.11 -24.32 -24.61
C TYR D 456 1.75 -22.84 -24.51
N LYS D 457 2.64 -22.05 -23.90
CA LYS D 457 2.43 -20.63 -23.72
C LYS D 457 2.04 -19.99 -25.05
N ASN D 458 2.82 -20.29 -26.08
CA ASN D 458 2.53 -19.78 -27.42
C ASN D 458 1.15 -20.17 -27.94
N MET D 459 0.86 -21.47 -27.96
CA MET D 459 -0.46 -21.95 -28.31
C MET D 459 -1.53 -21.19 -27.52
N ARG D 460 -1.35 -21.09 -26.21
CA ARG D 460 -2.31 -20.37 -25.39
C ARG D 460 -2.49 -18.95 -25.92
N GLU D 461 -1.37 -18.23 -26.03
CA GLU D 461 -1.37 -16.83 -26.46
C GLU D 461 -2.10 -16.66 -27.79
N THR D 462 -1.88 -17.57 -28.71
CA THR D 462 -2.53 -17.51 -30.01
C THR D 462 -4.06 -17.62 -29.88
N LEU D 463 -4.51 -18.64 -29.15
CA LEU D 463 -5.93 -18.89 -28.94
C LEU D 463 -6.60 -17.81 -28.10
N VAL D 464 -5.85 -17.23 -27.18
CA VAL D 464 -6.35 -16.15 -26.32
C VAL D 464 -6.56 -14.87 -27.13
N TYR D 465 -5.69 -14.62 -28.11
CA TYR D 465 -5.88 -13.52 -29.06
C TYR D 465 -7.15 -13.77 -29.87
N LEU D 466 -7.24 -14.97 -30.43
CA LEU D 466 -8.39 -15.30 -31.25
C LEU D 466 -9.70 -15.23 -30.47
N THR D 467 -9.65 -15.55 -29.19
CA THR D 467 -10.85 -15.56 -28.38
C THR D 467 -11.34 -14.15 -28.05
N HIS D 468 -10.41 -13.20 -28.09
CA HIS D 468 -10.75 -11.80 -27.88
C HIS D 468 -11.46 -11.20 -29.10
N LEU D 469 -11.07 -11.66 -30.29
CA LEU D 469 -11.67 -11.14 -31.52
C LEU D 469 -13.02 -11.78 -31.82
N ASP D 470 -13.28 -12.94 -31.24
CA ASP D 470 -14.56 -13.63 -31.40
C ASP D 470 -14.63 -14.87 -30.51
N TYR D 471 -15.02 -14.68 -29.25
CA TYR D 471 -15.05 -15.80 -28.32
C TYR D 471 -16.17 -16.79 -28.61
N VAL D 472 -17.25 -16.30 -29.25
CA VAL D 472 -18.38 -17.15 -29.64
C VAL D 472 -17.91 -18.30 -30.53
N ASP D 473 -17.10 -17.97 -31.55
CA ASP D 473 -16.44 -18.96 -32.39
C ASP D 473 -15.59 -19.93 -31.52
N THR D 474 -14.89 -19.38 -30.53
CA THR D 474 -14.09 -20.21 -29.65
C THR D 474 -14.98 -21.17 -28.86
N GLU D 475 -16.03 -20.63 -28.26
CA GLU D 475 -16.92 -21.43 -27.42
C GLU D 475 -17.74 -22.43 -28.23
N ILE D 476 -17.93 -22.16 -29.52
CA ILE D 476 -18.65 -23.09 -30.38
C ILE D 476 -17.74 -24.21 -30.85
N ILE D 477 -16.54 -23.85 -31.27
CA ILE D 477 -15.51 -24.83 -31.60
C ILE D 477 -15.25 -25.82 -30.44
N MET D 478 -15.12 -25.31 -29.23
CA MET D 478 -14.93 -26.17 -28.06
C MET D 478 -16.19 -26.99 -27.71
N THR D 479 -17.36 -26.51 -28.10
CA THR D 479 -18.59 -27.24 -27.84
C THR D 479 -18.75 -28.40 -28.80
N LYS D 480 -18.34 -28.21 -30.05
CA LYS D 480 -18.38 -29.29 -31.03
C LYS D 480 -17.39 -30.38 -30.65
N LYS D 481 -16.17 -29.97 -30.32
CA LYS D 481 -15.14 -30.91 -29.87
C LYS D 481 -15.67 -31.73 -28.71
N LEU D 482 -16.18 -31.02 -27.70
CA LEU D 482 -16.62 -31.65 -26.47
C LEU D 482 -17.78 -32.60 -26.72
N GLN D 483 -18.67 -32.22 -27.63
CA GLN D 483 -19.82 -33.06 -27.94
C GLN D 483 -19.43 -34.27 -28.79
N ASN D 484 -18.49 -34.06 -29.71
CA ASN D 484 -17.90 -35.17 -30.47
C ASN D 484 -17.17 -36.15 -29.57
N GLN D 485 -17.05 -35.80 -28.30
CA GLN D 485 -16.46 -36.68 -27.31
C GLN D 485 -17.54 -37.45 -26.55
N VAL D 486 -18.57 -36.72 -26.13
CA VAL D 486 -19.71 -37.32 -25.46
C VAL D 486 -20.39 -38.38 -26.32
N ASN D 487 -21.14 -37.94 -27.32
CA ASN D 487 -21.79 -38.88 -28.22
C ASN D 487 -20.99 -39.08 -29.50
N GLY D 488 -20.62 -37.99 -30.16
CA GLY D 488 -19.90 -38.02 -31.42
C GLY D 488 -18.82 -39.11 -31.53
N THR D 489 -18.42 -39.65 -30.39
CA THR D 489 -17.40 -40.70 -30.32
C THR D 489 -16.19 -40.40 -31.19
N GLU D 490 -15.51 -39.32 -30.83
CA GLU D 490 -14.20 -38.98 -31.33
C GLU D 490 -13.33 -39.29 -30.11
N TRP D 491 -13.84 -40.22 -29.31
CA TRP D 491 -13.33 -40.50 -27.98
C TRP D 491 -11.95 -41.16 -27.95
N SER D 492 -11.12 -40.68 -27.04
CA SER D 492 -9.78 -41.19 -26.84
C SER D 492 -9.17 -40.27 -25.80
N TRP D 493 -8.36 -40.83 -24.92
CA TRP D 493 -7.82 -40.04 -23.81
C TRP D 493 -7.02 -38.88 -24.34
N LYS D 494 -6.27 -39.12 -25.41
CA LYS D 494 -5.36 -38.11 -25.95
C LYS D 494 -6.12 -36.88 -26.42
N ASN D 495 -7.30 -37.11 -26.97
CA ASN D 495 -8.15 -36.05 -27.50
C ASN D 495 -8.91 -35.32 -26.40
N LEU D 496 -9.35 -36.07 -25.39
CA LEU D 496 -10.05 -35.49 -24.26
C LEU D 496 -9.11 -34.65 -23.39
N ASN D 497 -7.83 -35.00 -23.40
CA ASN D 497 -6.83 -34.22 -22.71
C ASN D 497 -6.57 -32.91 -23.44
N THR D 498 -6.38 -33.01 -24.74
CA THR D 498 -6.10 -31.82 -25.55
C THR D 498 -7.21 -30.77 -25.49
N LEU D 499 -8.46 -31.21 -25.41
CA LEU D 499 -9.60 -30.30 -25.39
C LEU D 499 -9.69 -29.50 -24.09
N CYS D 500 -9.60 -30.20 -22.96
CA CYS D 500 -9.69 -29.57 -21.66
C CYS D 500 -8.42 -28.77 -21.35
N TRP D 501 -7.31 -29.14 -21.99
CA TRP D 501 -6.10 -28.34 -21.91
C TRP D 501 -6.37 -27.01 -22.56
N ALA D 502 -7.07 -27.09 -23.70
CA ALA D 502 -7.43 -25.92 -24.49
C ALA D 502 -8.42 -25.01 -23.76
N ILE D 503 -9.50 -25.61 -23.26
CA ILE D 503 -10.50 -24.90 -22.47
C ILE D 503 -9.86 -24.13 -21.32
N GLY D 504 -8.87 -24.76 -20.68
CA GLY D 504 -8.23 -24.17 -19.52
C GLY D 504 -7.32 -23.01 -19.89
N SER D 505 -6.80 -23.02 -21.11
CA SER D 505 -5.86 -21.99 -21.53
C SER D 505 -6.50 -20.60 -21.62
N ILE D 506 -7.74 -20.55 -22.12
CA ILE D 506 -8.40 -19.27 -22.37
C ILE D 506 -9.01 -18.65 -21.12
N SER D 507 -8.72 -19.24 -19.96
CA SER D 507 -9.22 -18.70 -18.71
C SER D 507 -8.92 -17.21 -18.54
N GLY D 508 -9.98 -16.41 -18.48
CA GLY D 508 -9.85 -14.97 -18.29
C GLY D 508 -10.03 -14.19 -19.57
N ALA D 509 -10.22 -14.91 -20.67
CA ALA D 509 -10.37 -14.27 -21.98
C ALA D 509 -11.83 -13.98 -22.30
N MET D 510 -12.73 -14.49 -21.46
CA MET D 510 -14.14 -14.16 -21.58
C MET D 510 -14.56 -13.12 -20.54
N HIS D 511 -15.72 -12.52 -20.75
CA HIS D 511 -16.36 -11.67 -19.74
C HIS D 511 -16.81 -12.59 -18.61
N GLU D 512 -16.71 -12.12 -17.38
CA GLU D 512 -17.03 -12.99 -16.25
C GLU D 512 -18.39 -13.66 -16.38
N GLU D 513 -19.29 -13.05 -17.13
CA GLU D 513 -20.66 -13.58 -17.23
C GLU D 513 -20.83 -14.71 -18.24
N ASP D 514 -20.08 -14.70 -19.34
CA ASP D 514 -20.11 -15.80 -20.30
C ASP D 514 -19.31 -16.95 -19.74
N GLU D 515 -18.22 -16.61 -19.06
CA GLU D 515 -17.41 -17.61 -18.39
C GLU D 515 -18.29 -18.55 -17.58
N LYS D 516 -19.28 -18.01 -16.88
CA LYS D 516 -20.17 -18.84 -16.07
C LYS D 516 -20.99 -19.83 -16.90
N ARG D 517 -21.62 -19.37 -17.97
CA ARG D 517 -22.44 -20.25 -18.80
C ARG D 517 -21.57 -21.31 -19.49
N PHE D 518 -20.38 -20.89 -19.92
CA PHE D 518 -19.42 -21.78 -20.54
C PHE D 518 -19.04 -22.90 -19.56
N LEU D 519 -18.46 -22.52 -18.42
CA LEU D 519 -18.04 -23.48 -17.39
C LEU D 519 -19.11 -24.51 -17.02
N VAL D 520 -20.28 -24.01 -16.62
CA VAL D 520 -21.38 -24.85 -16.17
C VAL D 520 -21.82 -25.88 -17.22
N THR D 521 -21.68 -25.53 -18.49
CA THR D 521 -22.12 -26.41 -19.55
C THR D 521 -21.01 -27.39 -19.89
N VAL D 522 -19.82 -26.86 -20.15
CA VAL D 522 -18.64 -27.67 -20.35
C VAL D 522 -18.62 -28.83 -19.35
N ILE D 523 -18.59 -28.51 -18.06
CA ILE D 523 -18.38 -29.54 -17.04
C ILE D 523 -19.59 -30.44 -16.77
N LYS D 524 -20.80 -29.89 -16.85
CA LYS D 524 -22.00 -30.72 -16.80
C LYS D 524 -21.91 -31.90 -17.76
N ASP D 525 -21.54 -31.61 -19.00
CA ASP D 525 -21.35 -32.64 -20.02
C ASP D 525 -20.26 -33.64 -19.63
N LEU D 526 -19.13 -33.13 -19.14
CA LEU D 526 -18.06 -33.99 -18.66
C LEU D 526 -18.54 -34.88 -17.51
N LEU D 527 -19.21 -34.27 -16.54
CA LEU D 527 -19.83 -35.02 -15.46
C LEU D 527 -20.71 -36.11 -16.05
N GLY D 528 -21.48 -35.76 -17.09
CA GLY D 528 -22.31 -36.74 -17.76
C GLY D 528 -21.47 -37.83 -18.41
N LEU D 529 -20.41 -37.42 -19.08
CA LEU D 529 -19.51 -38.34 -19.75
C LEU D 529 -18.88 -39.31 -18.78
N CYS D 530 -18.83 -38.92 -17.51
CA CYS D 530 -18.22 -39.75 -16.49
C CYS D 530 -19.15 -40.87 -16.05
N GLU D 531 -20.44 -40.59 -15.96
CA GLU D 531 -21.40 -41.61 -15.58
C GLU D 531 -21.54 -42.67 -16.68
N GLN D 532 -21.66 -42.23 -17.94
CA GLN D 532 -21.90 -43.14 -19.05
C GLN D 532 -20.71 -44.06 -19.35
N LYS D 533 -19.52 -43.58 -19.03
CA LYS D 533 -18.30 -44.32 -19.34
C LYS D 533 -18.05 -45.40 -18.29
N ARG D 534 -17.81 -46.63 -18.75
CA ARG D 534 -17.53 -47.73 -17.83
C ARG D 534 -16.04 -47.97 -17.72
N GLY D 535 -15.56 -48.18 -16.50
CA GLY D 535 -14.15 -48.45 -16.27
C GLY D 535 -13.45 -47.36 -15.47
N LYS D 536 -12.80 -47.77 -14.38
CA LYS D 536 -12.07 -46.84 -13.53
C LYS D 536 -10.92 -46.18 -14.30
N ASP D 537 -10.51 -46.80 -15.40
CA ASP D 537 -9.50 -46.21 -16.28
C ASP D 537 -10.03 -44.93 -16.92
N ASN D 538 -11.19 -45.05 -17.58
CA ASN D 538 -11.85 -43.93 -18.26
C ASN D 538 -12.32 -42.85 -17.30
N LYS D 539 -12.94 -43.28 -16.19
CA LYS D 539 -13.51 -42.35 -15.21
C LYS D 539 -12.47 -41.38 -14.59
N ALA D 540 -11.31 -41.91 -14.21
CA ALA D 540 -10.24 -41.09 -13.62
C ALA D 540 -9.70 -40.03 -14.60
N ILE D 541 -9.34 -40.46 -15.80
CA ILE D 541 -8.97 -39.53 -16.87
C ILE D 541 -9.97 -38.37 -16.95
N ILE D 542 -11.25 -38.70 -17.01
CA ILE D 542 -12.27 -37.67 -17.14
C ILE D 542 -12.37 -36.79 -15.89
N ALA D 543 -12.49 -37.41 -14.71
CA ALA D 543 -12.53 -36.70 -13.43
C ALA D 543 -11.34 -35.75 -13.24
N SER D 544 -10.18 -36.15 -13.74
CA SER D 544 -8.98 -35.33 -13.65
C SER D 544 -9.06 -34.09 -14.55
N ASN D 545 -9.61 -34.28 -15.74
CA ASN D 545 -9.81 -33.17 -16.66
C ASN D 545 -10.77 -32.15 -16.07
N ILE D 546 -11.86 -32.66 -15.48
CA ILE D 546 -12.83 -31.81 -14.82
C ILE D 546 -12.11 -31.03 -13.75
N MET D 547 -11.37 -31.74 -12.91
CA MET D 547 -10.60 -31.08 -11.86
C MET D 547 -9.60 -30.09 -12.43
N TYR D 548 -8.96 -30.44 -13.55
CA TYR D 548 -8.05 -29.48 -14.17
C TYR D 548 -8.80 -28.20 -14.55
N ILE D 549 -9.84 -28.34 -15.36
CA ILE D 549 -10.69 -27.21 -15.75
C ILE D 549 -11.17 -26.41 -14.55
N VAL D 550 -11.87 -27.05 -13.62
CA VAL D 550 -12.35 -26.36 -12.41
C VAL D 550 -11.22 -25.69 -11.60
N GLY D 551 -9.99 -26.01 -11.94
CA GLY D 551 -8.85 -25.48 -11.23
C GLY D 551 -8.32 -24.21 -11.87
N GLN D 552 -8.52 -24.11 -13.18
CA GLN D 552 -8.02 -22.99 -13.97
C GLN D 552 -8.93 -21.78 -13.89
N TYR D 553 -10.15 -21.98 -13.38
CA TYR D 553 -11.12 -20.90 -13.28
C TYR D 553 -11.50 -20.61 -11.83
N PRO D 554 -10.53 -20.19 -11.02
CA PRO D 554 -10.83 -19.75 -9.65
C PRO D 554 -11.84 -18.59 -9.63
N ARG D 555 -11.87 -17.78 -10.69
CA ARG D 555 -12.83 -16.66 -10.71
C ARG D 555 -14.24 -17.15 -10.42
N PHE D 556 -14.63 -18.22 -11.12
CA PHE D 556 -15.90 -18.87 -10.91
C PHE D 556 -16.01 -19.42 -9.48
N LEU D 557 -14.97 -20.12 -9.02
CA LEU D 557 -15.00 -20.72 -7.68
C LEU D 557 -15.16 -19.65 -6.61
N ARG D 558 -14.52 -18.49 -6.83
CA ARG D 558 -14.54 -17.41 -5.85
C ARG D 558 -15.92 -16.78 -5.71
N ALA D 559 -16.77 -16.97 -6.71
CA ALA D 559 -18.09 -16.37 -6.72
C ALA D 559 -19.19 -17.40 -6.47
N HIS D 560 -18.79 -18.64 -6.19
CA HIS D 560 -19.75 -19.70 -5.94
C HIS D 560 -19.24 -20.66 -4.86
N TRP D 561 -19.32 -20.18 -3.61
CA TRP D 561 -18.84 -20.91 -2.44
C TRP D 561 -19.27 -22.38 -2.40
N LYS D 562 -20.58 -22.60 -2.37
CA LYS D 562 -21.12 -23.96 -2.36
C LYS D 562 -20.38 -24.85 -3.34
N PHE D 563 -20.08 -24.31 -4.51
CA PHE D 563 -19.34 -25.07 -5.50
C PHE D 563 -17.90 -25.31 -5.04
N LEU D 564 -17.25 -24.25 -4.58
CA LEU D 564 -15.90 -24.34 -4.04
C LEU D 564 -15.86 -25.47 -3.01
N LYS D 565 -16.80 -25.40 -2.07
CA LYS D 565 -16.93 -26.39 -1.00
C LYS D 565 -17.10 -27.81 -1.54
N THR D 566 -18.01 -27.97 -2.50
CA THR D 566 -18.27 -29.27 -3.12
C THR D 566 -17.02 -29.83 -3.82
N VAL D 567 -16.19 -28.93 -4.32
CA VAL D 567 -15.02 -29.31 -5.07
C VAL D 567 -13.89 -29.78 -4.13
N VAL D 568 -13.69 -29.03 -3.05
CA VAL D 568 -12.66 -29.37 -2.09
C VAL D 568 -12.99 -30.71 -1.44
N ASN D 569 -14.24 -30.83 -0.99
CA ASN D 569 -14.72 -32.07 -0.39
C ASN D 569 -14.55 -33.26 -1.32
N LYS D 570 -14.82 -33.06 -2.61
CA LYS D 570 -14.66 -34.12 -3.58
C LYS D 570 -13.18 -34.45 -3.73
N LEU D 571 -12.33 -33.42 -3.63
CA LEU D 571 -10.90 -33.63 -3.73
C LEU D 571 -10.40 -34.41 -2.52
N PHE D 572 -10.96 -34.10 -1.35
CA PHE D 572 -10.63 -34.82 -0.13
C PHE D 572 -10.87 -36.31 -0.27
N GLU D 573 -12.00 -36.68 -0.87
CA GLU D 573 -12.31 -38.08 -1.03
C GLU D 573 -11.40 -38.74 -2.07
N PHE D 574 -11.09 -38.00 -3.14
CA PHE D 574 -10.13 -38.48 -4.12
C PHE D 574 -8.76 -38.75 -3.51
N MET D 575 -8.54 -38.26 -2.29
CA MET D 575 -7.23 -38.42 -1.63
C MET D 575 -7.08 -39.80 -1.01
N HIS D 576 -8.14 -40.59 -1.09
CA HIS D 576 -8.11 -41.96 -0.66
C HIS D 576 -8.21 -42.89 -1.85
N GLU D 577 -8.41 -42.30 -3.03
CA GLU D 577 -8.47 -43.04 -4.27
C GLU D 577 -7.14 -43.75 -4.53
N THR D 578 -7.19 -45.00 -4.96
CA THR D 578 -5.95 -45.78 -5.16
C THR D 578 -5.58 -46.08 -6.60
N HIS D 579 -6.31 -45.54 -7.56
CA HIS D 579 -6.00 -45.74 -8.96
C HIS D 579 -4.79 -44.87 -9.34
N ASP D 580 -3.95 -45.40 -10.22
CA ASP D 580 -2.72 -44.69 -10.60
C ASP D 580 -2.92 -43.20 -10.95
N GLY D 581 -2.23 -42.33 -10.20
CA GLY D 581 -2.18 -40.93 -10.54
C GLY D 581 -3.15 -40.04 -9.78
N VAL D 582 -4.36 -40.55 -9.53
CA VAL D 582 -5.42 -39.72 -8.96
C VAL D 582 -4.95 -38.90 -7.77
N GLN D 583 -4.31 -39.54 -6.79
CA GLN D 583 -3.86 -38.81 -5.59
C GLN D 583 -2.91 -37.65 -5.89
N ASP D 584 -2.07 -37.81 -6.91
CA ASP D 584 -1.26 -36.69 -7.40
C ASP D 584 -2.14 -35.55 -7.92
N MET D 585 -3.16 -35.92 -8.67
CA MET D 585 -4.07 -34.96 -9.28
C MET D 585 -4.78 -34.13 -8.22
N ALA D 586 -5.41 -34.82 -7.29
CA ALA D 586 -6.21 -34.19 -6.25
C ALA D 586 -5.42 -33.26 -5.34
N CYS D 587 -4.13 -33.52 -5.18
CA CYS D 587 -3.29 -32.64 -4.36
C CYS D 587 -2.89 -31.38 -5.10
N ASP D 588 -2.30 -31.57 -6.28
CA ASP D 588 -1.97 -30.47 -7.20
C ASP D 588 -3.11 -29.47 -7.35
N THR D 589 -4.30 -30.00 -7.66
CA THR D 589 -5.51 -29.19 -7.79
C THR D 589 -5.83 -28.42 -6.50
N PHE D 590 -5.67 -29.08 -5.35
CA PHE D 590 -6.11 -28.51 -4.08
C PHE D 590 -5.21 -27.40 -3.58
N ILE D 591 -3.93 -27.48 -3.94
CA ILE D 591 -3.04 -26.42 -3.53
C ILE D 591 -3.30 -25.24 -4.46
N LYS D 592 -3.36 -25.52 -5.76
CA LYS D 592 -3.84 -24.57 -6.75
C LYS D 592 -5.03 -23.75 -6.28
N ILE D 593 -6.07 -24.42 -5.82
CA ILE D 593 -7.27 -23.70 -5.42
C ILE D 593 -7.09 -22.89 -4.15
N ALA D 594 -6.42 -23.48 -3.16
CA ALA D 594 -6.22 -22.81 -1.89
C ALA D 594 -5.39 -21.55 -2.07
N GLN D 595 -4.40 -21.63 -2.96
CA GLN D 595 -3.51 -20.51 -3.24
C GLN D 595 -4.33 -19.32 -3.73
N LYS D 596 -5.35 -19.60 -4.53
CA LYS D 596 -6.08 -18.57 -5.23
C LYS D 596 -7.47 -18.30 -4.66
N CYS D 597 -7.88 -19.08 -3.68
CA CYS D 597 -9.20 -18.89 -3.11
C CYS D 597 -9.14 -18.81 -1.60
N ARG D 598 -7.95 -18.50 -1.11
CA ARG D 598 -7.62 -18.62 0.32
C ARG D 598 -8.52 -17.85 1.26
N ARG D 599 -8.96 -16.66 0.86
CA ARG D 599 -9.73 -15.81 1.76
C ARG D 599 -11.08 -16.44 2.10
N HIS D 600 -11.60 -17.25 1.18
CA HIS D 600 -12.88 -17.92 1.41
C HIS D 600 -12.83 -19.04 2.46
N PHE D 601 -11.66 -19.64 2.64
CA PHE D 601 -11.50 -20.71 3.61
C PHE D 601 -11.36 -20.21 5.05
N VAL D 602 -10.81 -19.01 5.23
CA VAL D 602 -10.64 -18.46 6.57
C VAL D 602 -11.74 -17.47 6.99
N GLN D 603 -12.66 -17.14 6.07
CA GLN D 603 -13.77 -16.26 6.44
C GLN D 603 -15.12 -16.97 6.28
N VAL D 604 -16.07 -16.65 7.16
CA VAL D 604 -17.35 -17.36 7.19
C VAL D 604 -18.18 -17.08 5.94
N GLN D 605 -18.56 -18.14 5.23
CA GLN D 605 -19.36 -17.96 4.01
C GLN D 605 -20.86 -18.08 4.30
N VAL D 606 -21.68 -17.58 3.38
CA VAL D 606 -23.12 -17.65 3.52
C VAL D 606 -23.59 -19.09 3.40
N GLY D 607 -24.10 -19.64 4.50
CA GLY D 607 -24.53 -21.02 4.50
C GLY D 607 -24.01 -21.81 5.71
N GLU D 608 -22.97 -21.30 6.35
CA GLU D 608 -22.46 -21.95 7.57
C GLU D 608 -22.12 -20.94 8.67
N VAL D 609 -21.77 -21.47 9.84
CA VAL D 609 -21.46 -20.64 11.00
C VAL D 609 -19.96 -20.41 11.18
N MET D 610 -19.16 -21.46 11.01
CA MET D 610 -17.71 -21.33 11.19
C MET D 610 -16.97 -21.39 9.86
N PRO D 611 -15.72 -20.90 9.84
CA PRO D 611 -14.89 -20.90 8.62
C PRO D 611 -14.40 -22.30 8.25
N PHE D 612 -14.45 -22.63 6.96
CA PHE D 612 -14.10 -23.96 6.48
C PHE D 612 -12.79 -24.50 7.05
N ILE D 613 -11.81 -23.61 7.22
CA ILE D 613 -10.51 -24.00 7.73
C ILE D 613 -10.63 -24.91 8.95
N ASP D 614 -11.57 -24.59 9.85
CA ASP D 614 -11.80 -25.37 11.07
C ASP D 614 -12.08 -26.83 10.78
N GLU D 615 -13.10 -27.10 9.98
CA GLU D 615 -13.36 -28.45 9.50
C GLU D 615 -12.07 -29.12 9.08
N ILE D 616 -11.41 -28.52 8.09
CA ILE D 616 -10.16 -29.03 7.55
C ILE D 616 -9.14 -29.33 8.66
N LEU D 617 -9.00 -28.44 9.63
CA LEU D 617 -8.05 -28.68 10.72
C LEU D 617 -8.50 -29.78 11.69
N ASN D 618 -9.77 -29.75 12.06
CA ASN D 618 -10.32 -30.77 12.95
C ASN D 618 -10.32 -32.19 12.39
N ASN D 619 -9.82 -32.34 11.17
CA ASN D 619 -9.92 -33.60 10.45
C ASN D 619 -8.69 -33.98 9.63
N ILE D 620 -7.57 -33.30 9.88
CA ILE D 620 -6.43 -33.44 9.01
C ILE D 620 -6.04 -34.89 8.78
N ASN D 621 -5.93 -35.66 9.85
CA ASN D 621 -5.45 -37.02 9.73
C ASN D 621 -6.35 -37.90 8.86
N THR D 622 -7.67 -37.78 9.05
CA THR D 622 -8.60 -38.61 8.32
C THR D 622 -8.61 -38.26 6.83
N ILE D 623 -8.28 -37.02 6.51
CA ILE D 623 -8.14 -36.59 5.12
C ILE D 623 -6.85 -37.09 4.46
N ILE D 624 -5.74 -37.04 5.20
CA ILE D 624 -4.42 -37.29 4.60
C ILE D 624 -3.81 -38.67 4.85
N CYS D 625 -4.40 -39.47 5.73
CA CYS D 625 -3.78 -40.72 6.19
C CYS D 625 -3.42 -41.77 5.13
N ASP D 626 -3.89 -41.59 3.90
CA ASP D 626 -3.62 -42.55 2.83
C ASP D 626 -2.61 -42.01 1.84
N LEU D 627 -2.16 -40.78 2.08
CA LEU D 627 -1.26 -40.11 1.15
C LEU D 627 0.19 -40.48 1.40
N GLN D 628 1.00 -40.41 0.35
CA GLN D 628 2.45 -40.58 0.49
C GLN D 628 3.03 -39.35 1.18
N PRO D 629 4.24 -39.50 1.74
CA PRO D 629 4.96 -38.43 2.43
C PRO D 629 4.92 -37.09 1.70
N GLN D 630 5.19 -37.10 0.40
CA GLN D 630 5.29 -35.86 -0.37
C GLN D 630 3.96 -35.16 -0.59
N GLN D 631 2.94 -35.92 -1.01
CA GLN D 631 1.58 -35.41 -1.10
C GLN D 631 1.13 -34.74 0.20
N VAL D 632 1.58 -35.28 1.33
CA VAL D 632 1.29 -34.69 2.65
C VAL D 632 1.95 -33.32 2.81
N HIS D 633 3.14 -33.17 2.26
CA HIS D 633 3.83 -31.89 2.25
C HIS D 633 3.09 -30.87 1.37
N THR D 634 2.64 -31.31 0.19
CA THR D 634 1.87 -30.46 -0.69
C THR D 634 0.53 -30.08 -0.07
N PHE D 635 -0.07 -31.01 0.67
CA PHE D 635 -1.31 -30.72 1.36
C PHE D 635 -1.08 -29.65 2.44
N TYR D 636 0.00 -29.80 3.21
CA TYR D 636 0.35 -28.83 4.25
C TYR D 636 0.68 -27.43 3.70
N GLU D 637 1.32 -27.37 2.54
CA GLU D 637 1.60 -26.10 1.89
C GLU D 637 0.27 -25.45 1.48
N ALA D 638 -0.67 -26.29 1.06
CA ALA D 638 -2.00 -25.85 0.63
C ALA D 638 -2.76 -25.14 1.73
N VAL D 639 -2.81 -25.75 2.91
CA VAL D 639 -3.51 -25.15 4.05
C VAL D 639 -2.74 -23.95 4.57
N GLY D 640 -1.45 -23.90 4.29
CA GLY D 640 -0.59 -22.81 4.71
C GLY D 640 -0.96 -21.50 4.06
N TYR D 641 -1.41 -21.57 2.81
CA TYR D 641 -1.89 -20.38 2.12
C TYR D 641 -3.20 -19.89 2.74
N MET D 642 -4.03 -20.83 3.19
CA MET D 642 -5.28 -20.48 3.86
C MET D 642 -5.02 -19.64 5.10
N ILE D 643 -4.33 -20.22 6.08
CA ILE D 643 -3.94 -19.54 7.32
C ILE D 643 -3.22 -18.20 7.08
N GLY D 644 -2.50 -18.09 5.97
CA GLY D 644 -1.82 -16.86 5.65
C GLY D 644 -2.79 -15.72 5.37
N ALA D 645 -4.04 -16.10 5.10
CA ALA D 645 -5.11 -15.15 4.76
C ALA D 645 -5.79 -14.56 6.01
N GLN D 646 -5.70 -15.26 7.13
CA GLN D 646 -6.29 -14.76 8.36
C GLN D 646 -5.42 -13.68 9.00
N THR D 647 -5.78 -12.43 8.80
CA THR D 647 -4.97 -11.30 9.24
C THR D 647 -5.21 -10.87 10.69
N ASP D 648 -6.19 -11.49 11.33
CA ASP D 648 -6.41 -11.28 12.75
C ASP D 648 -5.35 -12.06 13.51
N GLN D 649 -4.33 -11.35 13.96
CA GLN D 649 -3.19 -11.99 14.60
C GLN D 649 -3.53 -12.95 15.75
N THR D 650 -4.53 -12.60 16.57
CA THR D 650 -5.00 -13.54 17.59
C THR D 650 -5.55 -14.85 16.99
N VAL D 651 -6.54 -14.75 16.12
CA VAL D 651 -7.10 -15.93 15.45
C VAL D 651 -6.07 -16.68 14.61
N GLN D 652 -5.15 -15.94 13.99
CA GLN D 652 -4.14 -16.55 13.12
C GLN D 652 -3.16 -17.39 13.95
N GLU D 653 -2.79 -16.90 15.12
CA GLU D 653 -1.88 -17.64 15.98
C GLU D 653 -2.53 -18.93 16.47
N HIS D 654 -3.80 -18.88 16.87
CA HIS D 654 -4.50 -20.09 17.28
C HIS D 654 -4.58 -21.11 16.15
N LEU D 655 -4.79 -20.61 14.94
CA LEU D 655 -4.85 -21.48 13.77
C LEU D 655 -3.50 -22.15 13.51
N ILE D 656 -2.42 -21.37 13.62
CA ILE D 656 -1.09 -21.89 13.34
C ILE D 656 -0.70 -22.98 14.34
N GLU D 657 -1.03 -22.76 15.60
CA GLU D 657 -0.72 -23.76 16.62
C GLU D 657 -1.33 -25.11 16.26
N LYS D 658 -2.64 -25.12 15.96
CA LYS D 658 -3.35 -26.36 15.62
C LYS D 658 -2.93 -26.92 14.26
N TYR D 659 -2.65 -26.02 13.33
CA TYR D 659 -2.08 -26.35 12.03
C TYR D 659 -0.87 -27.28 12.20
N MET D 660 0.04 -26.91 13.09
CA MET D 660 1.28 -27.66 13.28
C MET D 660 1.19 -28.71 14.40
N LEU D 661 -0.03 -28.99 14.83
CA LEU D 661 -0.23 -29.91 15.94
C LEU D 661 0.30 -31.32 15.66
N LEU D 662 0.05 -31.83 14.46
CA LEU D 662 0.51 -33.17 14.13
C LEU D 662 2.03 -33.29 14.01
N PRO D 663 2.67 -32.46 13.16
CA PRO D 663 4.13 -32.52 13.08
C PRO D 663 4.78 -32.29 14.44
N ASN D 664 4.19 -31.40 15.23
CA ASN D 664 4.78 -31.04 16.51
C ASN D 664 4.88 -32.20 17.50
N GLN D 665 3.84 -33.02 17.59
CA GLN D 665 3.85 -34.11 18.57
C GLN D 665 4.88 -35.19 18.25
N VAL D 666 5.07 -35.50 16.97
CA VAL D 666 6.19 -36.36 16.61
C VAL D 666 7.47 -35.72 17.08
N TRP D 667 7.66 -34.46 16.68
CA TRP D 667 8.86 -33.70 17.01
C TRP D 667 9.09 -33.68 18.51
N ASP D 668 8.05 -33.29 19.25
CA ASP D 668 8.15 -33.17 20.70
C ASP D 668 8.41 -34.49 21.38
N SER D 669 8.05 -35.59 20.71
CA SER D 669 8.27 -36.93 21.24
C SER D 669 9.73 -37.35 21.05
N ILE D 670 10.29 -37.02 19.90
CA ILE D 670 11.68 -37.36 19.63
C ILE D 670 12.64 -36.56 20.50
N ILE D 671 12.33 -35.28 20.71
CA ILE D 671 13.19 -34.40 21.52
C ILE D 671 13.29 -34.88 22.96
N GLN D 672 12.16 -35.23 23.57
CA GLN D 672 12.17 -35.69 24.95
C GLN D 672 13.08 -36.93 25.07
N GLN D 673 13.10 -37.74 24.00
CA GLN D 673 13.92 -38.93 23.97
C GLN D 673 15.42 -38.64 23.89
N ALA D 674 15.78 -37.55 23.22
CA ALA D 674 17.19 -37.20 23.08
C ALA D 674 17.70 -36.43 24.30
N THR D 675 16.78 -35.92 25.10
CA THR D 675 17.14 -35.29 26.38
C THR D 675 17.31 -36.38 27.43
N LYS D 676 17.65 -37.58 26.95
CA LYS D 676 17.92 -38.74 27.79
C LYS D 676 19.02 -39.54 27.13
N ASN D 677 19.00 -39.56 25.80
CA ASN D 677 19.95 -40.32 25.01
C ASN D 677 20.18 -39.70 23.62
N VAL D 678 21.14 -38.79 23.55
CA VAL D 678 21.46 -38.12 22.31
C VAL D 678 21.70 -39.11 21.16
N ASP D 679 21.82 -40.40 21.48
CA ASP D 679 22.10 -41.39 20.44
C ASP D 679 20.84 -41.78 19.66
N ILE D 680 19.69 -41.32 20.14
CA ILE D 680 18.43 -41.56 19.45
C ILE D 680 18.39 -40.76 18.15
N LEU D 681 19.15 -39.67 18.11
CA LEU D 681 19.31 -38.87 16.90
C LEU D 681 20.28 -39.54 15.93
N LYS D 682 20.44 -40.85 16.08
CA LYS D 682 21.34 -41.61 15.24
C LYS D 682 20.55 -42.79 14.69
N ASP D 683 19.31 -42.89 15.14
CA ASP D 683 18.39 -43.95 14.77
C ASP D 683 17.79 -43.68 13.39
N PRO D 684 18.01 -44.60 12.45
CA PRO D 684 17.56 -44.48 11.05
C PRO D 684 16.13 -44.00 10.93
N GLU D 685 15.23 -44.47 11.79
CA GLU D 685 13.83 -44.08 11.66
C GLU D 685 13.55 -42.69 12.22
N THR D 686 14.07 -42.39 13.41
CA THR D 686 13.88 -41.06 13.95
C THR D 686 14.42 -40.01 12.99
N VAL D 687 15.52 -40.32 12.31
CA VAL D 687 16.09 -39.38 11.35
C VAL D 687 15.16 -39.19 10.14
N LYS D 688 14.61 -40.29 9.65
CA LYS D 688 13.65 -40.22 8.55
C LYS D 688 12.46 -39.35 8.91
N GLN D 689 12.03 -39.42 10.17
CA GLN D 689 10.93 -38.62 10.66
C GLN D 689 11.32 -37.15 10.79
N LEU D 690 12.51 -36.91 11.34
CA LEU D 690 13.02 -35.56 11.49
C LEU D 690 13.07 -34.83 10.13
N GLY D 691 13.47 -35.54 9.08
CA GLY D 691 13.49 -34.97 7.74
C GLY D 691 12.12 -34.54 7.23
N SER D 692 11.14 -35.42 7.37
CA SER D 692 9.79 -35.19 6.88
C SER D 692 9.08 -34.15 7.73
N ILE D 693 9.35 -34.14 9.02
CA ILE D 693 8.76 -33.12 9.90
C ILE D 693 9.25 -31.73 9.48
N LEU D 694 10.53 -31.62 9.11
CA LEU D 694 11.06 -30.35 8.66
C LEU D 694 10.54 -29.97 7.28
N LYS D 695 10.53 -30.92 6.35
CA LYS D 695 10.01 -30.66 5.01
C LYS D 695 8.61 -30.10 5.11
N THR D 696 7.90 -30.50 6.15
CA THR D 696 6.54 -30.03 6.38
C THR D 696 6.60 -28.60 6.91
N ASN D 697 7.56 -28.33 7.78
CA ASN D 697 7.74 -26.99 8.33
C ASN D 697 8.23 -26.00 7.27
N VAL D 698 9.00 -26.49 6.31
CA VAL D 698 9.50 -25.67 5.22
C VAL D 698 8.36 -25.23 4.28
N ARG D 699 7.45 -26.16 3.98
CA ARG D 699 6.30 -25.89 3.13
C ARG D 699 5.30 -24.95 3.83
N ALA D 700 5.00 -25.30 5.07
CA ALA D 700 4.11 -24.48 5.89
C ALA D 700 4.61 -23.04 5.93
N CYS D 701 5.91 -22.89 6.16
CA CYS D 701 6.55 -21.59 6.25
C CYS D 701 6.46 -20.81 4.94
N LYS D 702 6.59 -21.52 3.83
CA LYS D 702 6.60 -20.87 2.54
C LYS D 702 5.27 -20.17 2.32
N ALA D 703 4.19 -20.81 2.77
CA ALA D 703 2.85 -20.33 2.49
C ALA D 703 2.33 -19.34 3.52
N VAL D 704 2.74 -19.53 4.78
CA VAL D 704 2.27 -18.66 5.86
C VAL D 704 3.05 -17.35 5.92
N GLY D 705 4.34 -17.44 5.67
CA GLY D 705 5.21 -16.28 5.76
C GLY D 705 5.55 -15.87 7.19
N HIS D 706 6.05 -14.66 7.32
CA HIS D 706 6.56 -14.13 8.59
C HIS D 706 5.84 -14.61 9.88
N PRO D 707 4.48 -14.61 9.87
CA PRO D 707 3.70 -15.04 11.04
C PRO D 707 4.11 -16.42 11.54
N PHE D 708 4.75 -17.18 10.68
CA PHE D 708 5.21 -18.50 11.02
C PHE D 708 6.26 -18.45 12.14
N VAL D 709 6.74 -17.25 12.45
CA VAL D 709 7.73 -17.08 13.50
C VAL D 709 7.25 -17.71 14.81
N ILE D 710 5.94 -17.80 14.96
CA ILE D 710 5.36 -18.34 16.19
C ILE D 710 5.75 -19.81 16.33
N GLN D 711 5.75 -20.52 15.21
CA GLN D 711 6.16 -21.92 15.18
C GLN D 711 7.66 -22.08 15.16
N LEU D 712 8.33 -21.34 14.29
CA LEU D 712 9.79 -21.40 14.21
C LEU D 712 10.42 -21.06 15.55
N GLY D 713 9.97 -19.97 16.16
CA GLY D 713 10.52 -19.57 17.43
C GLY D 713 10.37 -20.62 18.51
N ARG D 714 9.45 -21.54 18.30
CA ARG D 714 9.11 -22.55 19.29
C ARG D 714 9.99 -23.80 19.22
N ILE D 715 10.48 -24.14 18.04
CA ILE D 715 11.36 -25.29 17.89
C ILE D 715 12.79 -24.88 17.54
N TYR D 716 13.04 -23.57 17.52
CA TYR D 716 14.29 -23.03 16.97
C TYR D 716 15.55 -23.56 17.65
N LEU D 717 15.67 -23.31 18.94
CA LEU D 717 16.88 -23.72 19.65
C LEU D 717 17.11 -25.23 19.60
N ASP D 718 16.10 -26.03 19.91
CA ASP D 718 16.23 -27.49 19.79
C ASP D 718 16.57 -27.94 18.37
N MET D 719 15.97 -27.30 17.36
CA MET D 719 16.24 -27.67 15.98
C MET D 719 17.72 -27.47 15.62
N LEU D 720 18.28 -26.33 16.00
CA LEU D 720 19.68 -26.05 15.75
C LEU D 720 20.56 -27.06 16.48
N ASN D 721 20.10 -27.50 17.64
CA ASN D 721 20.83 -28.50 18.39
C ASN D 721 20.90 -29.88 17.74
N VAL D 722 19.80 -30.37 17.17
CA VAL D 722 19.89 -31.64 16.44
C VAL D 722 20.76 -31.43 15.21
N TYR D 723 20.66 -30.26 14.61
CA TYR D 723 21.57 -29.92 13.51
C TYR D 723 23.03 -30.19 13.89
N LYS D 724 23.47 -29.61 15.02
CA LYS D 724 24.85 -29.81 15.47
C LYS D 724 25.14 -31.29 15.70
N CYS D 725 24.22 -31.99 16.35
CA CYS D 725 24.40 -33.41 16.57
C CYS D 725 24.58 -34.12 15.24
N LEU D 726 23.63 -33.93 14.33
CA LEU D 726 23.69 -34.62 13.05
C LEU D 726 24.97 -34.26 12.30
N SER D 727 25.39 -33.00 12.42
CA SER D 727 26.57 -32.54 11.68
C SER D 727 27.87 -33.09 12.27
N GLU D 728 27.91 -33.25 13.58
CA GLU D 728 29.08 -33.86 14.21
C GLU D 728 29.14 -35.34 13.85
N ASN D 729 27.98 -35.96 13.72
CA ASN D 729 27.86 -37.37 13.31
C ASN D 729 28.45 -37.67 11.94
N ILE D 730 27.93 -37.02 10.91
CA ILE D 730 28.48 -37.13 9.56
C ILE D 730 29.98 -36.91 9.53
N SER D 731 30.45 -35.84 10.17
CA SER D 731 31.87 -35.48 10.12
C SER D 731 32.76 -36.55 10.75
N ALA D 732 32.37 -37.01 11.92
CA ALA D 732 33.03 -38.14 12.56
C ALA D 732 33.14 -39.31 11.57
N ALA D 733 32.01 -39.82 11.10
CA ALA D 733 32.01 -40.94 10.18
C ALA D 733 32.96 -40.73 9.02
N ILE D 734 32.88 -39.56 8.38
CA ILE D 734 33.77 -39.23 7.25
C ILE D 734 35.27 -39.26 7.62
N GLN D 735 35.64 -38.57 8.69
CA GLN D 735 37.03 -38.55 9.12
C GLN D 735 37.54 -39.98 9.37
N ALA D 736 36.65 -40.82 9.89
CA ALA D 736 37.00 -42.20 10.22
C ALA D 736 37.05 -43.14 9.02
N ASN D 737 36.25 -42.88 8.00
CA ASN D 737 36.18 -43.82 6.88
C ASN D 737 36.16 -43.23 5.46
N GLY D 738 36.35 -41.91 5.35
CA GLY D 738 36.50 -41.28 4.05
C GLY D 738 35.19 -40.94 3.38
N GLU D 739 35.27 -40.11 2.34
CA GLU D 739 34.09 -39.67 1.60
C GLU D 739 33.10 -40.78 1.33
N MET D 740 33.61 -42.00 1.16
CA MET D 740 32.79 -43.15 0.78
C MET D 740 31.54 -43.27 1.65
N VAL D 741 31.65 -42.87 2.91
CA VAL D 741 30.54 -43.05 3.85
C VAL D 741 29.28 -42.25 3.49
N THR D 742 29.46 -41.13 2.79
CA THR D 742 28.35 -40.26 2.42
C THR D 742 27.41 -40.96 1.46
N LYS D 743 27.85 -42.09 0.91
CA LYS D 743 26.95 -42.84 0.05
C LYS D 743 26.39 -44.05 0.77
N GLN D 744 25.67 -43.78 1.85
CA GLN D 744 24.99 -44.81 2.62
C GLN D 744 23.78 -44.18 3.29
N PRO D 745 22.66 -44.91 3.29
CA PRO D 745 21.32 -44.44 3.68
C PRO D 745 21.26 -43.49 4.88
N LEU D 746 21.98 -43.79 5.96
CA LEU D 746 21.84 -43.00 7.18
C LEU D 746 22.54 -41.65 7.09
N ILE D 747 23.68 -41.62 6.40
CA ILE D 747 24.43 -40.38 6.24
C ILE D 747 23.73 -39.44 5.25
N ARG D 748 22.99 -40.02 4.31
CA ARG D 748 22.20 -39.21 3.37
C ARG D 748 20.92 -38.73 4.02
N SER D 749 20.36 -39.55 4.89
CA SER D 749 19.21 -39.15 5.70
C SER D 749 19.62 -38.00 6.63
N MET D 750 20.83 -38.08 7.16
CA MET D 750 21.36 -37.04 8.03
C MET D 750 21.70 -35.74 7.28
N ARG D 751 22.27 -35.86 6.09
CA ARG D 751 22.51 -34.69 5.25
C ARG D 751 21.15 -33.98 5.06
N THR D 752 20.11 -34.78 4.85
CA THR D 752 18.77 -34.24 4.62
C THR D 752 18.25 -33.38 5.77
N VAL D 753 18.33 -33.86 7.00
CA VAL D 753 17.92 -33.04 8.14
C VAL D 753 18.65 -31.70 8.14
N LYS D 754 19.94 -31.71 7.80
CA LYS D 754 20.74 -30.49 7.80
C LYS D 754 20.25 -29.52 6.74
N ARG D 755 20.11 -30.03 5.52
CA ARG D 755 19.74 -29.22 4.36
C ARG D 755 18.36 -28.61 4.51
N GLU D 756 17.42 -29.37 5.08
CA GLU D 756 16.06 -28.88 5.24
C GLU D 756 16.00 -27.86 6.39
N THR D 757 16.79 -28.10 7.43
CA THR D 757 16.95 -27.13 8.51
C THR D 757 17.44 -25.81 7.96
N LEU D 758 18.38 -25.87 7.03
CA LEU D 758 18.92 -24.65 6.44
C LEU D 758 17.91 -23.95 5.54
N LYS D 759 17.07 -24.74 4.86
CA LYS D 759 16.03 -24.20 4.00
C LYS D 759 15.01 -23.53 4.88
N LEU D 760 14.68 -24.18 5.99
CA LEU D 760 13.69 -23.65 6.91
C LEU D 760 14.16 -22.31 7.44
N ILE D 761 15.44 -22.25 7.83
CA ILE D 761 16.01 -21.04 8.44
C ILE D 761 16.14 -19.90 7.44
N SER D 762 16.71 -20.18 6.26
CA SER D 762 16.81 -19.16 5.22
C SER D 762 15.44 -18.85 4.60
N GLY D 763 14.55 -19.84 4.55
CA GLY D 763 13.22 -19.66 3.99
C GLY D 763 12.40 -18.62 4.73
N TRP D 764 12.43 -18.67 6.06
CA TRP D 764 11.70 -17.70 6.89
C TRP D 764 12.34 -16.31 6.93
N VAL D 765 13.65 -16.25 7.14
CA VAL D 765 14.31 -14.96 7.19
C VAL D 765 14.10 -14.18 5.89
N SER D 766 13.95 -14.91 4.78
CA SER D 766 13.59 -14.34 3.49
C SER D 766 12.29 -13.55 3.53
N ARG D 767 11.26 -14.15 4.11
CA ARG D 767 9.94 -13.55 4.12
C ARG D 767 9.65 -12.84 5.45
N SER D 768 10.68 -12.67 6.27
CA SER D 768 10.56 -11.96 7.55
C SER D 768 10.49 -10.44 7.33
N ASN D 769 9.79 -9.73 8.21
CA ASN D 769 9.68 -8.28 8.07
C ASN D 769 9.95 -7.49 9.35
N ASP D 770 11.02 -7.86 10.03
CA ASP D 770 11.48 -7.13 11.22
C ASP D 770 12.98 -7.36 11.36
N PRO D 771 13.77 -6.58 10.61
CA PRO D 771 15.22 -6.80 10.49
C PRO D 771 15.92 -6.91 11.84
N GLN D 772 15.68 -5.96 12.74
CA GLN D 772 16.37 -5.96 14.02
C GLN D 772 15.95 -7.17 14.83
N MET D 773 14.68 -7.54 14.72
CA MET D 773 14.15 -8.67 15.46
C MET D 773 14.83 -9.96 15.01
N VAL D 774 15.02 -10.08 13.71
CA VAL D 774 15.71 -11.23 13.13
C VAL D 774 17.18 -11.24 13.53
N ALA D 775 17.78 -10.05 13.57
CA ALA D 775 19.22 -9.90 13.83
C ALA D 775 19.58 -10.13 15.29
N GLU D 776 18.64 -9.79 16.17
CA GLU D 776 18.91 -9.85 17.61
C GLU D 776 18.56 -11.22 18.19
N ASN D 777 17.71 -11.96 17.49
CA ASN D 777 17.22 -13.24 17.98
C ASN D 777 17.68 -14.47 17.19
N PHE D 778 17.30 -14.56 15.92
CA PHE D 778 17.52 -15.78 15.15
C PHE D 778 18.90 -15.90 14.51
N VAL D 779 19.69 -14.83 14.61
CA VAL D 779 21.01 -14.82 13.99
C VAL D 779 22.13 -15.29 14.92
N PRO D 780 22.12 -14.84 16.19
CA PRO D 780 23.20 -15.26 17.09
C PRO D 780 23.31 -16.78 17.30
N PRO D 781 22.19 -17.50 17.46
CA PRO D 781 22.29 -18.95 17.64
C PRO D 781 22.81 -19.65 16.40
N LEU D 782 22.60 -19.05 15.24
CA LEU D 782 23.14 -19.59 14.00
C LEU D 782 24.64 -19.77 14.09
N LEU D 783 25.27 -18.83 14.80
CA LEU D 783 26.74 -18.77 14.87
C LEU D 783 27.34 -20.00 15.51
N ASP D 784 27.00 -20.27 16.77
CA ASP D 784 27.52 -21.46 17.41
C ASP D 784 27.04 -22.74 16.76
N ALA D 785 25.77 -22.77 16.36
CA ALA D 785 25.18 -24.01 15.87
C ALA D 785 25.60 -24.38 14.47
N VAL D 786 25.62 -23.40 13.57
CA VAL D 786 25.84 -23.73 12.18
C VAL D 786 27.22 -23.31 11.66
N LEU D 787 27.67 -22.12 12.04
CA LEU D 787 28.91 -21.57 11.49
C LEU D 787 30.18 -22.19 12.11
N ILE D 788 30.29 -22.14 13.43
CA ILE D 788 31.44 -22.75 14.09
C ILE D 788 31.43 -24.26 13.82
N ASP D 789 30.24 -24.81 13.62
CA ASP D 789 30.08 -26.21 13.24
C ASP D 789 30.65 -26.50 11.85
N TYR D 790 30.29 -25.66 10.88
CA TYR D 790 30.86 -25.74 9.54
C TYR D 790 32.37 -25.70 9.64
N GLN D 791 32.87 -24.75 10.42
CA GLN D 791 34.32 -24.61 10.61
C GLN D 791 34.97 -25.85 11.18
N ARG D 792 34.31 -26.48 12.15
CA ARG D 792 34.86 -27.61 12.87
C ARG D 792 34.69 -28.94 12.14
N ASN D 793 33.82 -28.97 11.14
CA ASN D 793 33.68 -30.17 10.31
C ASN D 793 34.97 -30.41 9.54
N VAL D 794 35.23 -31.65 9.17
CA VAL D 794 36.30 -31.94 8.22
C VAL D 794 35.83 -31.45 6.84
N PRO D 795 36.76 -31.03 5.97
CA PRO D 795 36.43 -30.47 4.66
C PRO D 795 35.38 -31.28 3.90
N ALA D 796 35.64 -32.58 3.75
CA ALA D 796 34.72 -33.47 3.06
C ALA D 796 33.30 -33.53 3.66
N ALA D 797 33.10 -32.88 4.81
CA ALA D 797 31.81 -33.01 5.50
C ALA D 797 31.07 -31.68 5.67
N ARG D 798 31.75 -30.58 5.37
CA ARG D 798 31.15 -29.25 5.43
C ARG D 798 30.04 -29.07 4.39
N GLU D 799 28.93 -28.46 4.82
CA GLU D 799 27.76 -28.28 3.97
C GLU D 799 27.78 -26.98 3.17
N PRO D 800 28.02 -27.07 1.87
CA PRO D 800 28.12 -25.89 0.99
C PRO D 800 26.92 -24.94 1.11
N GLU D 801 25.73 -25.48 1.40
CA GLU D 801 24.55 -24.64 1.59
C GLU D 801 24.58 -23.81 2.88
N VAL D 802 25.56 -24.07 3.75
CA VAL D 802 25.77 -23.18 4.88
C VAL D 802 26.11 -21.81 4.29
N LEU D 803 26.98 -21.79 3.30
CA LEU D 803 27.43 -20.55 2.69
C LEU D 803 26.34 -19.83 1.91
N SER D 804 25.46 -20.59 1.28
CA SER D 804 24.37 -19.98 0.52
C SER D 804 23.19 -19.62 1.42
N THR D 805 23.04 -20.31 2.54
CA THR D 805 22.07 -19.89 3.55
C THR D 805 22.47 -18.53 4.11
N MET D 806 23.73 -18.39 4.52
CA MET D 806 24.24 -17.11 5.00
C MET D 806 24.06 -15.99 3.99
N ALA D 807 24.36 -16.30 2.73
CA ALA D 807 24.22 -15.35 1.63
C ALA D 807 22.81 -14.76 1.61
N ILE D 808 21.83 -15.65 1.53
CA ILE D 808 20.44 -15.24 1.54
C ILE D 808 20.15 -14.26 2.67
N ILE D 809 20.61 -14.56 3.87
CA ILE D 809 20.23 -13.78 5.04
C ILE D 809 20.94 -12.42 5.05
N VAL D 810 22.17 -12.39 4.54
CA VAL D 810 22.87 -11.12 4.40
C VAL D 810 22.17 -10.21 3.37
N ASN D 811 21.74 -10.82 2.27
CA ASN D 811 20.91 -10.14 1.27
C ASN D 811 19.67 -9.53 1.88
N LYS D 812 19.14 -10.19 2.89
CA LYS D 812 17.91 -9.76 3.55
C LYS D 812 18.12 -8.69 4.60
N LEU D 813 19.09 -8.91 5.48
CA LEU D 813 19.29 -8.05 6.64
C LEU D 813 20.24 -6.90 6.38
N GLY D 814 21.19 -7.13 5.49
CA GLY D 814 22.16 -6.10 5.11
C GLY D 814 22.71 -5.35 6.31
N GLY D 815 22.37 -4.07 6.40
CA GLY D 815 22.87 -3.19 7.43
C GLY D 815 22.74 -3.71 8.86
N HIS D 816 21.69 -4.48 9.12
CA HIS D 816 21.44 -5.01 10.45
C HIS D 816 22.37 -6.17 10.81
N ILE D 817 23.13 -6.67 9.84
CA ILE D 817 24.05 -7.76 10.12
C ILE D 817 25.52 -7.38 9.88
N THR D 818 25.77 -6.12 9.55
CA THR D 818 27.12 -5.64 9.23
C THR D 818 28.11 -5.84 10.38
N ALA D 819 27.62 -5.70 11.60
CA ALA D 819 28.46 -5.83 12.79
C ALA D 819 28.89 -7.28 13.04
N GLU D 820 28.17 -8.23 12.44
CA GLU D 820 28.44 -9.66 12.66
C GLU D 820 29.34 -10.25 11.59
N ILE D 821 29.49 -9.54 10.48
CA ILE D 821 30.29 -10.03 9.36
C ILE D 821 31.68 -10.57 9.75
N PRO D 822 32.45 -9.80 10.53
CA PRO D 822 33.76 -10.32 10.92
C PRO D 822 33.63 -11.72 11.56
N GLN D 823 32.90 -11.80 12.67
CA GLN D 823 32.65 -13.07 13.34
C GLN D 823 32.18 -14.17 12.38
N ILE D 824 31.36 -13.81 11.40
CA ILE D 824 30.94 -14.77 10.39
C ILE D 824 32.11 -15.12 9.48
N PHE D 825 32.76 -14.10 8.94
CA PHE D 825 33.95 -14.31 8.10
C PHE D 825 35.06 -15.09 8.79
N ASP D 826 35.03 -15.13 10.12
CA ASP D 826 36.02 -15.92 10.85
C ASP D 826 35.71 -17.39 10.69
N ALA D 827 34.51 -17.79 11.09
CA ALA D 827 34.09 -19.18 11.04
C ALA D 827 34.36 -19.84 9.68
N VAL D 828 33.95 -19.18 8.60
CA VAL D 828 33.88 -19.84 7.31
C VAL D 828 34.90 -19.40 6.25
N PHE D 829 35.33 -18.13 6.30
CA PHE D 829 36.09 -17.54 5.18
C PHE D 829 37.38 -18.26 4.82
N GLU D 830 38.38 -18.13 5.69
CA GLU D 830 39.71 -18.63 5.39
C GLU D 830 39.70 -20.14 5.28
N CYS D 831 38.89 -20.79 6.12
CA CYS D 831 38.80 -22.25 6.12
C CYS D 831 38.17 -22.76 4.83
N THR D 832 37.13 -22.06 4.37
CA THR D 832 36.55 -22.38 3.06
C THR D 832 37.57 -22.14 1.97
N LEU D 833 38.22 -20.98 2.01
CA LEU D 833 39.17 -20.62 0.96
C LEU D 833 40.20 -21.71 0.73
N ASN D 834 40.79 -22.20 1.83
CA ASN D 834 41.81 -23.26 1.77
C ASN D 834 41.37 -24.52 1.02
N MET D 835 40.06 -24.73 0.92
CA MET D 835 39.53 -25.86 0.15
C MET D 835 39.52 -25.58 -1.37
N ILE D 836 39.38 -24.31 -1.75
CA ILE D 836 39.24 -23.95 -3.17
C ILE D 836 40.42 -23.17 -3.77
N ASN D 837 41.52 -23.06 -3.03
CA ASN D 837 42.69 -22.33 -3.51
C ASN D 837 43.91 -23.21 -3.85
N LYS D 838 43.69 -24.35 -4.50
CA LYS D 838 44.79 -25.21 -4.90
C LYS D 838 44.67 -25.63 -6.35
N ASP D 839 43.48 -25.44 -6.91
CA ASP D 839 43.19 -25.69 -8.31
C ASP D 839 41.84 -25.04 -8.59
N PHE D 840 41.24 -25.30 -9.75
CA PHE D 840 39.95 -24.71 -10.10
C PHE D 840 38.86 -25.76 -10.32
N GLU D 841 38.98 -26.91 -9.67
CA GLU D 841 38.07 -28.03 -9.91
C GLU D 841 37.33 -28.55 -8.68
N GLU D 842 38.06 -28.85 -7.61
CA GLU D 842 37.46 -29.54 -6.46
C GLU D 842 36.60 -28.66 -5.57
N TYR D 843 35.47 -29.22 -5.16
CA TYR D 843 34.56 -28.53 -4.26
C TYR D 843 33.79 -27.44 -4.99
N PRO D 844 33.22 -27.79 -6.16
CA PRO D 844 32.61 -26.78 -7.03
C PRO D 844 31.59 -25.95 -6.26
N GLU D 845 30.59 -26.64 -5.74
CA GLU D 845 29.51 -26.02 -4.99
C GLU D 845 30.00 -25.08 -3.91
N HIS D 846 31.21 -25.32 -3.40
CA HIS D 846 31.78 -24.43 -2.42
C HIS D 846 32.26 -23.16 -3.07
N ARG D 847 32.88 -23.30 -4.24
CA ARG D 847 33.34 -22.14 -5.00
C ARG D 847 32.16 -21.23 -5.29
N THR D 848 31.17 -21.78 -5.99
CA THR D 848 29.93 -21.08 -6.33
C THR D 848 29.34 -20.30 -5.16
N ASN D 849 29.06 -21.03 -4.07
CA ASN D 849 28.41 -20.47 -2.89
C ASN D 849 29.29 -19.51 -2.09
N PHE D 850 30.57 -19.84 -1.97
CA PHE D 850 31.47 -18.97 -1.23
C PHE D 850 31.40 -17.57 -1.81
N PHE D 851 31.42 -17.49 -3.13
CA PHE D 851 31.43 -16.19 -3.81
C PHE D 851 30.06 -15.53 -3.94
N LEU D 852 28.99 -16.33 -3.90
CA LEU D 852 27.67 -15.77 -3.74
C LEU D 852 27.59 -15.06 -2.39
N LEU D 853 28.22 -15.64 -1.38
CA LEU D 853 28.23 -15.05 -0.04
C LEU D 853 29.09 -13.77 -0.01
N LEU D 854 30.24 -13.83 -0.66
CA LEU D 854 31.17 -12.71 -0.66
C LEU D 854 30.54 -11.53 -1.39
N GLN D 855 29.75 -11.84 -2.40
CA GLN D 855 29.05 -10.83 -3.18
C GLN D 855 28.03 -10.13 -2.29
N ALA D 856 27.19 -10.92 -1.63
CA ALA D 856 26.18 -10.37 -0.74
C ALA D 856 26.82 -9.46 0.29
N VAL D 857 28.00 -9.84 0.79
CA VAL D 857 28.67 -9.04 1.79
C VAL D 857 29.21 -7.74 1.20
N ASN D 858 29.98 -7.86 0.12
CA ASN D 858 30.47 -6.68 -0.59
C ASN D 858 29.31 -5.81 -1.06
N SER D 859 28.16 -6.42 -1.26
CA SER D 859 27.02 -5.72 -1.85
C SER D 859 26.16 -5.01 -0.81
N HIS D 860 25.98 -5.61 0.36
CA HIS D 860 25.05 -5.08 1.35
C HIS D 860 25.70 -4.80 2.70
N CYS D 861 27.01 -4.97 2.78
CA CYS D 861 27.69 -4.83 4.07
C CYS D 861 29.10 -4.27 3.96
N PHE D 862 29.35 -3.54 2.88
CA PHE D 862 30.69 -3.05 2.55
C PHE D 862 31.45 -2.37 3.71
N PRO D 863 30.73 -1.65 4.59
CA PRO D 863 31.46 -1.00 5.68
C PRO D 863 32.27 -2.00 6.49
N ALA D 864 31.87 -3.27 6.45
CA ALA D 864 32.63 -4.33 7.09
C ALA D 864 34.04 -4.43 6.51
N PHE D 865 34.14 -4.38 5.19
CA PHE D 865 35.44 -4.50 4.50
C PHE D 865 36.43 -3.41 4.92
N LEU D 866 35.91 -2.33 5.48
CA LEU D 866 36.76 -1.24 5.94
C LEU D 866 37.14 -1.43 7.40
N ALA D 867 36.27 -2.11 8.14
CA ALA D 867 36.48 -2.32 9.57
C ALA D 867 37.63 -3.28 9.83
N ILE D 868 37.66 -4.38 9.10
CA ILE D 868 38.67 -5.40 9.31
C ILE D 868 40.06 -4.87 8.95
N PRO D 869 41.11 -5.51 9.51
CA PRO D 869 42.51 -5.17 9.20
C PRO D 869 42.84 -5.16 7.70
N PRO D 870 43.60 -4.14 7.26
CA PRO D 870 44.06 -3.95 5.89
C PRO D 870 44.53 -5.24 5.23
N ALA D 871 44.98 -6.20 6.03
CA ALA D 871 45.48 -7.47 5.50
C ALA D 871 44.37 -8.49 5.23
N GLN D 872 43.31 -8.49 6.05
CA GLN D 872 42.18 -9.37 5.77
C GLN D 872 41.55 -8.90 4.47
N PHE D 873 41.45 -7.58 4.31
CA PHE D 873 40.90 -6.99 3.10
C PHE D 873 41.66 -7.50 1.88
N LYS D 874 42.98 -7.31 1.89
CA LYS D 874 43.82 -7.81 0.80
C LYS D 874 43.45 -9.26 0.50
N LEU D 875 43.25 -10.03 1.57
CA LEU D 875 42.88 -11.44 1.43
C LEU D 875 41.53 -11.59 0.72
N VAL D 876 40.57 -10.78 1.12
CA VAL D 876 39.27 -10.73 0.47
C VAL D 876 39.43 -10.40 -1.02
N LEU D 877 40.06 -9.27 -1.31
CA LEU D 877 40.21 -8.80 -2.68
C LEU D 877 40.94 -9.84 -3.52
N ASP D 878 41.92 -10.51 -2.91
CA ASP D 878 42.71 -11.52 -3.61
C ASP D 878 41.83 -12.65 -4.11
N SER D 879 40.89 -13.07 -3.28
CA SER D 879 40.00 -14.17 -3.65
C SER D 879 39.15 -13.80 -4.87
N ILE D 880 38.76 -12.53 -4.96
CA ILE D 880 37.96 -12.07 -6.09
C ILE D 880 38.73 -12.22 -7.40
N ILE D 881 40.04 -11.95 -7.36
CA ILE D 881 40.88 -12.19 -8.52
C ILE D 881 40.87 -13.68 -8.82
N TRP D 882 40.78 -14.48 -7.75
CA TRP D 882 40.72 -15.93 -7.87
C TRP D 882 39.43 -16.36 -8.58
N ALA D 883 38.32 -15.72 -8.21
CA ALA D 883 37.04 -15.98 -8.89
C ALA D 883 37.12 -15.80 -10.41
N PHE D 884 37.57 -14.62 -10.86
CA PHE D 884 37.52 -14.35 -12.31
C PHE D 884 38.64 -15.02 -13.10
N LYS D 885 39.49 -15.78 -12.40
CA LYS D 885 40.44 -16.68 -13.06
C LYS D 885 39.76 -18.01 -13.42
N HIS D 886 38.58 -18.23 -12.86
CA HIS D 886 37.92 -19.54 -12.93
C HIS D 886 37.38 -19.83 -14.31
N THR D 887 37.54 -21.07 -14.76
CA THR D 887 36.98 -21.52 -16.04
C THR D 887 35.52 -21.93 -15.91
N MET D 888 35.07 -22.14 -14.67
CA MET D 888 33.64 -22.30 -14.41
C MET D 888 32.97 -20.95 -14.67
N ARG D 889 32.21 -20.87 -15.75
CA ARG D 889 31.68 -19.59 -16.19
C ARG D 889 30.97 -18.85 -15.07
N ASN D 890 30.21 -19.57 -14.26
CA ASN D 890 29.38 -18.92 -13.25
C ASN D 890 30.17 -18.24 -12.13
N VAL D 891 31.27 -18.87 -11.72
CA VAL D 891 32.16 -18.33 -10.69
C VAL D 891 32.92 -17.11 -11.18
N ALA D 892 33.50 -17.24 -12.37
CA ALA D 892 34.24 -16.16 -12.99
C ALA D 892 33.37 -14.93 -13.09
N ASP D 893 32.12 -15.16 -13.46
CA ASP D 893 31.16 -14.09 -13.64
C ASP D 893 30.90 -13.37 -12.33
N THR D 894 30.52 -14.14 -11.31
CA THR D 894 30.25 -13.57 -10.00
C THR D 894 31.47 -12.80 -9.56
N GLY D 895 32.63 -13.31 -9.94
CA GLY D 895 33.89 -12.67 -9.63
C GLY D 895 34.05 -11.30 -10.24
N LEU D 896 33.49 -11.10 -11.44
CA LEU D 896 33.60 -9.81 -12.10
C LEU D 896 32.60 -8.82 -11.53
N GLN D 897 31.40 -9.29 -11.25
CA GLN D 897 30.38 -8.44 -10.65
C GLN D 897 30.84 -7.91 -9.29
N ILE D 898 31.51 -8.75 -8.52
CA ILE D 898 31.97 -8.30 -7.21
C ILE D 898 33.01 -7.22 -7.41
N LEU D 899 33.96 -7.48 -8.31
CA LEU D 899 35.02 -6.52 -8.58
C LEU D 899 34.47 -5.18 -9.06
N PHE D 900 33.57 -5.24 -10.04
CA PHE D 900 32.97 -4.04 -10.61
C PHE D 900 32.17 -3.28 -9.55
N THR D 901 31.34 -4.00 -8.83
CA THR D 901 30.60 -3.45 -7.70
C THR D 901 31.56 -2.89 -6.64
N LEU D 902 32.59 -3.66 -6.30
CA LEU D 902 33.53 -3.27 -5.25
C LEU D 902 34.13 -1.91 -5.52
N LEU D 903 34.61 -1.73 -6.75
CA LEU D 903 35.27 -0.49 -7.16
C LEU D 903 34.38 0.73 -6.93
N GLN D 904 33.08 0.56 -7.12
CA GLN D 904 32.15 1.68 -6.96
C GLN D 904 31.82 1.95 -5.49
N ASN D 905 31.70 0.90 -4.70
CA ASN D 905 31.56 1.05 -3.25
C ASN D 905 32.75 1.80 -2.69
N VAL D 906 33.91 1.54 -3.27
CA VAL D 906 35.13 2.24 -2.90
C VAL D 906 34.99 3.72 -3.23
N ALA D 907 34.38 4.00 -4.38
CA ALA D 907 34.20 5.36 -4.88
C ALA D 907 33.47 6.28 -3.89
N GLN D 908 32.39 5.79 -3.29
CA GLN D 908 31.61 6.55 -2.31
C GLN D 908 32.46 7.03 -1.13
N GLU D 909 33.32 6.15 -0.63
CA GLU D 909 34.16 6.47 0.52
C GLU D 909 35.32 7.38 0.11
N GLU D 910 35.03 8.67 0.02
CA GLU D 910 36.00 9.66 -0.46
C GLU D 910 37.39 9.52 0.18
N ALA D 911 37.44 9.65 1.49
CA ALA D 911 38.71 9.64 2.21
C ALA D 911 39.55 8.41 1.87
N ALA D 912 39.10 7.25 2.33
CA ALA D 912 39.87 6.02 2.21
C ALA D 912 39.78 5.36 0.84
N ALA D 913 39.43 6.14 -0.19
CA ALA D 913 39.36 5.61 -1.55
C ALA D 913 40.66 5.87 -2.32
N GLN D 914 41.41 6.87 -1.87
CA GLN D 914 42.67 7.21 -2.53
C GLN D 914 43.76 6.23 -2.15
N SER D 915 43.64 5.63 -0.97
CA SER D 915 44.61 4.62 -0.56
C SER D 915 44.43 3.35 -1.38
N PHE D 916 43.19 3.05 -1.75
CA PHE D 916 42.89 1.84 -2.51
C PHE D 916 43.54 1.89 -3.89
N TYR D 917 43.43 3.03 -4.55
CA TYR D 917 44.02 3.25 -5.86
C TYR D 917 45.54 3.13 -5.77
N GLN D 918 46.10 3.60 -4.66
CA GLN D 918 47.53 3.57 -4.45
C GLN D 918 48.03 2.14 -4.35
N THR D 919 47.29 1.35 -3.59
CA THR D 919 47.71 -0.02 -3.29
C THR D 919 47.33 -1.02 -4.37
N TYR D 920 46.15 -0.85 -4.97
CA TYR D 920 45.58 -1.94 -5.76
C TYR D 920 45.37 -1.66 -7.25
N PHE D 921 45.13 -0.40 -7.61
CA PHE D 921 44.73 -0.05 -8.97
C PHE D 921 45.50 -0.79 -10.06
N CYS D 922 46.81 -0.60 -10.10
CA CYS D 922 47.62 -1.14 -11.18
C CYS D 922 47.66 -2.67 -11.16
N ASP D 923 47.42 -3.26 -10.00
CA ASP D 923 47.46 -4.70 -9.89
C ASP D 923 46.17 -5.34 -10.40
N ILE D 924 45.03 -4.76 -10.02
CA ILE D 924 43.75 -5.20 -10.53
C ILE D 924 43.75 -5.05 -12.04
N LEU D 925 44.31 -3.93 -12.51
CA LEU D 925 44.46 -3.66 -13.92
C LEU D 925 45.29 -4.76 -14.59
N GLN D 926 46.35 -5.19 -13.92
CA GLN D 926 47.20 -6.26 -14.43
C GLN D 926 46.49 -7.62 -14.48
N HIS D 927 45.66 -7.88 -13.48
CA HIS D 927 44.95 -9.14 -13.39
C HIS D 927 43.82 -9.25 -14.42
N ILE D 928 43.19 -8.12 -14.75
CA ILE D 928 42.12 -8.11 -15.74
C ILE D 928 42.63 -8.42 -17.15
N PHE D 929 43.76 -7.82 -17.54
CA PHE D 929 44.34 -8.13 -18.83
C PHE D 929 44.75 -9.60 -18.89
N SER D 930 45.21 -10.11 -17.75
CA SER D 930 45.62 -11.50 -17.64
C SER D 930 44.59 -12.46 -18.25
N VAL D 931 43.32 -12.22 -17.93
CA VAL D 931 42.25 -13.12 -18.36
C VAL D 931 41.57 -12.60 -19.63
N VAL D 932 41.86 -11.35 -19.99
CA VAL D 932 41.35 -10.80 -21.23
C VAL D 932 42.07 -11.46 -22.41
N THR D 933 43.38 -11.62 -22.26
CA THR D 933 44.20 -12.20 -23.31
C THR D 933 44.30 -13.72 -23.20
N ASP D 934 43.48 -14.31 -22.34
CA ASP D 934 43.38 -15.76 -22.23
C ASP D 934 42.18 -16.26 -23.02
N THR D 935 42.40 -17.23 -23.90
CA THR D 935 41.33 -17.68 -24.80
C THR D 935 40.18 -18.41 -24.11
N SER D 936 40.35 -18.74 -22.83
CA SER D 936 39.35 -19.52 -22.10
C SER D 936 38.35 -18.68 -21.33
N HIS D 937 38.52 -17.37 -21.37
CA HIS D 937 37.67 -16.47 -20.58
C HIS D 937 36.90 -15.50 -21.47
N THR D 938 36.53 -15.95 -22.66
CA THR D 938 35.89 -15.05 -23.63
C THR D 938 34.45 -14.65 -23.27
N ALA D 939 33.78 -15.47 -22.48
CA ALA D 939 32.40 -15.17 -22.08
C ALA D 939 32.32 -13.98 -21.13
N GLY D 940 33.47 -13.55 -20.63
CA GLY D 940 33.52 -12.43 -19.70
C GLY D 940 33.88 -11.15 -20.42
N LEU D 941 33.88 -11.21 -21.75
CA LEU D 941 34.23 -10.07 -22.60
C LEU D 941 33.49 -8.80 -22.19
N THR D 942 32.16 -8.87 -22.13
CA THR D 942 31.32 -7.73 -21.78
C THR D 942 31.70 -7.09 -20.44
N MET D 943 31.88 -7.91 -19.41
CA MET D 943 32.29 -7.39 -18.11
C MET D 943 33.75 -6.94 -18.03
N HIS D 944 34.64 -7.67 -18.71
CA HIS D 944 36.02 -7.24 -18.85
C HIS D 944 36.05 -5.80 -19.36
N ALA D 945 35.33 -5.56 -20.45
CA ALA D 945 35.33 -4.25 -21.11
C ALA D 945 34.69 -3.18 -20.23
N SER D 946 33.62 -3.55 -19.54
CA SER D 946 32.93 -2.65 -18.61
C SER D 946 33.85 -2.16 -17.49
N ILE D 947 34.58 -3.09 -16.87
CA ILE D 947 35.44 -2.81 -15.74
C ILE D 947 36.65 -1.94 -16.11
N LEU D 948 37.31 -2.28 -17.21
CA LEU D 948 38.46 -1.53 -17.65
C LEU D 948 38.03 -0.13 -18.02
N ALA D 949 36.99 -0.04 -18.84
CA ALA D 949 36.41 1.23 -19.22
C ALA D 949 36.20 2.12 -18.00
N TYR D 950 35.60 1.56 -16.96
CA TYR D 950 35.33 2.32 -15.75
C TYR D 950 36.62 2.79 -15.09
N MET D 951 37.67 1.97 -15.23
CA MET D 951 38.93 2.25 -14.57
C MET D 951 39.73 3.32 -15.29
N PHE D 952 39.84 3.22 -16.61
CA PHE D 952 40.51 4.26 -17.38
C PHE D 952 39.76 5.59 -17.32
N ASN D 953 38.44 5.55 -17.41
CA ASN D 953 37.63 6.75 -17.25
C ASN D 953 37.89 7.37 -15.90
N LEU D 954 37.97 6.52 -14.88
CA LEU D 954 38.33 6.95 -13.54
C LEU D 954 39.67 7.66 -13.62
N VAL D 955 40.61 7.04 -14.34
CA VAL D 955 41.94 7.59 -14.49
C VAL D 955 41.94 9.04 -14.95
N GLU D 956 41.10 9.35 -15.92
CA GLU D 956 41.13 10.68 -16.53
C GLU D 956 40.81 11.85 -15.60
N GLU D 957 40.49 11.57 -14.33
CA GLU D 957 40.20 12.64 -13.36
C GLU D 957 40.39 12.25 -11.88
N GLY D 958 39.67 11.21 -11.46
CA GLY D 958 39.44 10.93 -10.05
C GLY D 958 40.57 10.42 -9.17
N LYS D 959 41.64 9.90 -9.77
CA LYS D 959 42.77 9.39 -9.01
C LYS D 959 43.69 10.53 -8.58
N ILE D 960 43.33 11.19 -7.48
CA ILE D 960 43.91 12.49 -7.12
C ILE D 960 45.35 12.49 -6.61
N SER D 961 45.88 11.31 -6.33
CA SER D 961 47.25 11.23 -5.84
C SER D 961 48.20 10.69 -6.88
N THR D 962 49.49 10.74 -6.56
CA THR D 962 50.50 10.32 -7.52
C THR D 962 50.95 8.88 -7.28
N PRO D 963 50.92 8.06 -8.34
CA PRO D 963 51.36 6.67 -8.30
C PRO D 963 52.84 6.46 -8.61
N LEU D 964 53.46 7.28 -9.45
CA LEU D 964 54.80 7.04 -9.95
C LEU D 964 55.92 7.69 -9.13
N ASN D 965 55.55 8.62 -8.26
CA ASN D 965 56.45 9.41 -7.40
C ASN D 965 56.71 10.87 -7.83
N PRO D 966 56.22 11.28 -9.01
CA PRO D 966 56.58 12.63 -9.48
C PRO D 966 55.44 13.64 -9.32
N GLY D 967 55.77 14.94 -9.29
CA GLY D 967 54.76 15.99 -9.16
C GLY D 967 53.78 16.15 -10.32
N ASN D 968 53.17 17.34 -10.45
CA ASN D 968 52.19 17.61 -11.52
C ASN D 968 52.62 17.18 -12.94
N PRO D 969 53.84 17.57 -13.37
CA PRO D 969 54.33 17.26 -14.72
C PRO D 969 54.13 15.79 -15.10
N VAL D 970 54.35 14.89 -14.15
CA VAL D 970 54.22 13.45 -14.40
C VAL D 970 52.97 12.87 -13.72
N ASN D 971 51.81 13.14 -14.30
CA ASN D 971 50.54 12.70 -13.75
C ASN D 971 50.12 11.31 -14.22
N ASN D 972 48.96 10.87 -13.74
CA ASN D 972 48.59 9.46 -13.78
C ASN D 972 48.20 8.90 -15.16
N GLN D 973 47.56 9.71 -15.99
CA GLN D 973 47.15 9.23 -17.31
C GLN D 973 48.34 8.68 -18.07
N MET D 974 49.36 9.52 -18.23
CA MET D 974 50.56 9.14 -18.97
C MET D 974 51.19 7.90 -18.35
N PHE D 975 51.20 7.84 -17.02
CA PHE D 975 51.74 6.69 -16.31
C PHE D 975 50.98 5.41 -16.67
N ILE D 976 49.66 5.41 -16.46
CA ILE D 976 48.85 4.26 -16.79
C ILE D 976 49.05 3.88 -18.26
N GLN D 977 49.14 4.89 -19.12
CA GLN D 977 49.35 4.64 -20.53
C GLN D 977 50.69 3.94 -20.78
N ASP D 978 51.68 4.26 -19.94
CA ASP D 978 53.01 3.68 -20.12
C ASP D 978 53.19 2.41 -19.29
N TYR D 979 52.32 2.20 -18.31
CA TYR D 979 52.34 0.99 -17.50
C TYR D 979 51.65 -0.16 -18.22
N VAL D 980 50.55 0.16 -18.88
CA VAL D 980 49.80 -0.82 -19.65
C VAL D 980 50.58 -1.18 -20.90
N ALA D 981 51.30 -0.21 -21.45
CA ALA D 981 52.11 -0.42 -22.65
C ALA D 981 53.20 -1.47 -22.45
N ASN D 982 54.08 -1.26 -21.47
CA ASN D 982 55.11 -2.26 -21.18
C ASN D 982 54.49 -3.57 -20.70
N LEU D 983 53.37 -3.44 -20.01
CA LEU D 983 52.64 -4.62 -19.54
C LEU D 983 52.44 -5.57 -20.72
N LEU D 984 51.86 -5.04 -21.79
CA LEU D 984 51.55 -5.82 -22.97
C LEU D 984 52.79 -6.12 -23.80
N LYS D 985 53.73 -5.19 -23.82
CA LYS D 985 54.94 -5.34 -24.62
C LYS D 985 55.81 -6.43 -24.01
N SER D 986 55.81 -6.51 -22.70
CA SER D 986 56.60 -7.51 -21.99
C SER D 986 55.93 -8.89 -22.05
N ALA D 987 54.60 -8.89 -22.12
CA ALA D 987 53.83 -10.13 -22.15
C ALA D 987 53.66 -10.64 -23.59
N PHE D 988 53.58 -9.70 -24.53
CA PHE D 988 53.47 -10.03 -25.95
C PHE D 988 54.55 -9.27 -26.74
N PRO D 989 55.80 -9.76 -26.65
CA PRO D 989 57.00 -9.14 -27.23
C PRO D 989 57.00 -9.14 -28.75
N HIS D 990 56.23 -10.03 -29.35
CA HIS D 990 56.14 -10.10 -30.80
C HIS D 990 55.40 -8.90 -31.40
N LEU D 991 54.49 -8.30 -30.62
CA LEU D 991 53.75 -7.14 -31.10
C LEU D 991 54.70 -5.97 -31.33
N GLN D 992 54.53 -5.29 -32.45
CA GLN D 992 55.34 -4.11 -32.76
C GLN D 992 54.82 -2.90 -31.99
N ASP D 993 55.70 -1.93 -31.76
CA ASP D 993 55.34 -0.76 -30.97
C ASP D 993 54.05 -0.08 -31.42
N ALA D 994 53.72 -0.20 -32.71
CA ALA D 994 52.54 0.46 -33.27
C ALA D 994 51.23 -0.24 -32.87
N GLN D 995 51.23 -1.57 -32.86
CA GLN D 995 50.05 -2.32 -32.43
C GLN D 995 49.71 -1.96 -30.99
N VAL D 996 50.74 -1.84 -30.16
CA VAL D 996 50.58 -1.57 -28.72
C VAL D 996 50.18 -0.13 -28.42
N LYS D 997 50.71 0.82 -29.18
CA LYS D 997 50.30 2.22 -29.03
C LYS D 997 48.83 2.36 -29.35
N LEU D 998 48.45 1.89 -30.54
CA LEU D 998 47.06 1.83 -30.96
C LEU D 998 46.16 1.43 -29.81
N PHE D 999 46.44 0.24 -29.26
CA PHE D 999 45.61 -0.34 -28.21
C PHE D 999 45.45 0.56 -26.99
N VAL D 1000 46.55 1.13 -26.51
CA VAL D 1000 46.50 1.98 -25.33
C VAL D 1000 45.68 3.25 -25.56
N THR D 1001 45.77 3.78 -26.77
CA THR D 1001 44.99 4.97 -27.11
C THR D 1001 43.51 4.65 -27.05
N GLY D 1002 43.15 3.53 -27.65
CA GLY D 1002 41.75 3.11 -27.70
C GLY D 1002 41.14 2.90 -26.33
N LEU D 1003 41.98 2.54 -25.36
CA LEU D 1003 41.53 2.30 -24.00
C LEU D 1003 41.04 3.57 -23.32
N PHE D 1004 41.52 4.72 -23.79
CA PHE D 1004 41.13 6.00 -23.21
C PHE D 1004 40.07 6.75 -24.02
N SER D 1005 40.12 6.57 -25.34
CA SER D 1005 39.18 7.25 -26.22
C SER D 1005 37.86 6.51 -26.30
N LEU D 1006 37.88 5.20 -26.04
CA LEU D 1006 36.66 4.39 -26.05
C LEU D 1006 36.11 4.25 -24.64
N ASN D 1007 36.74 4.90 -23.68
CA ASN D 1007 36.37 4.75 -22.26
C ASN D 1007 34.91 5.02 -21.96
N GLN D 1008 34.17 5.51 -22.95
CA GLN D 1008 32.75 5.79 -22.74
C GLN D 1008 31.84 5.05 -23.72
N ASP D 1009 32.42 4.25 -24.60
CA ASP D 1009 31.62 3.45 -25.54
C ASP D 1009 31.92 1.97 -25.38
N ILE D 1010 31.17 1.30 -24.51
CA ILE D 1010 31.48 -0.08 -24.13
C ILE D 1010 31.45 -1.08 -25.30
N PRO D 1011 30.36 -1.07 -26.11
CA PRO D 1011 30.37 -1.94 -27.28
C PRO D 1011 31.61 -1.72 -28.15
N ALA D 1012 32.05 -0.48 -28.30
CA ALA D 1012 33.24 -0.18 -29.12
C ALA D 1012 34.51 -0.61 -28.40
N PHE D 1013 34.50 -0.47 -27.09
CA PHE D 1013 35.58 -0.94 -26.25
C PHE D 1013 35.71 -2.44 -26.45
N LYS D 1014 34.57 -3.13 -26.48
CA LYS D 1014 34.56 -4.59 -26.66
C LYS D 1014 35.25 -5.01 -27.95
N GLU D 1015 34.80 -4.46 -29.07
CA GLU D 1015 35.39 -4.82 -30.35
C GLU D 1015 36.89 -4.54 -30.33
N HIS D 1016 37.29 -3.48 -29.63
CA HIS D 1016 38.70 -3.17 -29.49
C HIS D 1016 39.45 -4.33 -28.84
N LEU D 1017 38.97 -4.77 -27.67
CA LEU D 1017 39.61 -5.90 -27.00
C LEU D 1017 39.72 -7.09 -27.94
N ARG D 1018 38.65 -7.39 -28.66
CA ARG D 1018 38.67 -8.55 -29.54
C ARG D 1018 39.69 -8.41 -30.65
N ASP D 1019 39.85 -7.19 -31.17
CA ASP D 1019 40.83 -6.95 -32.23
C ASP D 1019 42.22 -7.29 -31.72
N PHE D 1020 42.48 -6.89 -30.49
CA PHE D 1020 43.75 -7.19 -29.84
C PHE D 1020 43.92 -8.68 -29.67
N LEU D 1021 42.81 -9.37 -29.38
CA LEU D 1021 42.83 -10.80 -29.15
C LEU D 1021 43.15 -11.56 -30.43
N VAL D 1022 42.99 -10.88 -31.56
CA VAL D 1022 43.33 -11.44 -32.87
C VAL D 1022 44.80 -11.23 -33.15
N GLN D 1023 45.25 -9.99 -32.93
CA GLN D 1023 46.63 -9.61 -33.23
C GLN D 1023 47.64 -10.43 -32.44
N ILE D 1024 47.38 -10.61 -31.14
CA ILE D 1024 48.31 -11.34 -30.29
C ILE D 1024 48.46 -12.79 -30.74
N LYS D 1025 47.44 -13.31 -31.43
CA LYS D 1025 47.48 -14.67 -31.94
C LYS D 1025 48.36 -14.77 -33.20
N GLU D 1026 48.69 -13.63 -33.79
CA GLU D 1026 49.46 -13.61 -35.03
C GLU D 1026 50.83 -13.00 -34.81
N PHE D 1027 51.80 -13.40 -35.64
CA PHE D 1027 53.08 -12.71 -35.65
C PHE D 1027 53.07 -11.71 -36.79
N ALA D 1028 52.48 -10.54 -36.53
CA ALA D 1028 52.34 -9.50 -37.52
C ALA D 1028 53.69 -8.97 -37.97
N GLY D 1029 54.71 -9.24 -37.16
CA GLY D 1029 56.08 -8.85 -37.48
C GLY D 1029 56.25 -7.35 -37.66
N GLU D 1030 57.37 -6.83 -37.15
CA GLU D 1030 57.69 -5.43 -37.33
C GLU D 1030 57.86 -5.16 -38.83
N ASP D 1031 57.89 -6.23 -39.60
CA ASP D 1031 58.09 -6.17 -41.05
C ASP D 1031 56.91 -5.52 -41.77
N THR D 1032 55.98 -6.34 -42.23
CA THR D 1032 54.87 -5.86 -43.04
C THR D 1032 53.84 -5.12 -42.19
N SER D 1033 53.12 -4.19 -42.82
CA SER D 1033 52.16 -3.36 -42.11
C SER D 1033 50.79 -3.35 -42.79
N ASP D 1034 49.92 -4.29 -42.41
CA ASP D 1034 48.56 -4.34 -42.92
C ASP D 1034 47.62 -3.54 -42.02
N LEU D 1035 48.05 -3.30 -40.79
CA LEU D 1035 47.35 -2.44 -39.86
C LEU D 1035 47.06 -1.09 -40.50
N PHE D 1036 45.80 -0.69 -40.53
CA PHE D 1036 45.43 0.59 -41.13
C PHE D 1036 45.40 1.70 -40.09
N LEU D 1037 46.59 2.05 -39.59
CA LEU D 1037 46.75 3.03 -38.53
C LEU D 1037 45.99 4.33 -38.80
N GLU D 1038 46.55 5.16 -39.67
CA GLU D 1038 45.98 6.48 -39.96
C GLU D 1038 44.47 6.46 -40.03
N GLU D 1039 43.93 5.43 -40.67
CA GLU D 1039 42.49 5.27 -40.80
C GLU D 1039 41.83 5.01 -39.45
N ARG D 1040 42.25 3.90 -38.83
CA ARG D 1040 41.75 3.52 -37.52
C ARG D 1040 42.05 4.60 -36.48
N GLU D 1041 43.26 5.14 -36.55
CA GLU D 1041 43.74 6.15 -35.62
C GLU D 1041 42.73 7.28 -35.37
N THR D 1042 42.20 7.86 -36.45
CA THR D 1042 41.28 8.98 -36.34
C THR D 1042 39.92 8.52 -35.82
N ALA D 1043 39.46 7.38 -36.33
CA ALA D 1043 38.18 6.81 -35.92
C ALA D 1043 38.08 6.65 -34.40
N LEU D 1044 39.22 6.62 -33.74
CA LEU D 1044 39.26 6.55 -32.28
C LEU D 1044 38.94 7.92 -31.69
N ARG D 1045 39.54 8.96 -32.26
CA ARG D 1045 39.26 10.32 -31.84
C ARG D 1045 37.83 10.72 -32.20
N GLN D 1046 37.25 10.03 -33.17
CA GLN D 1046 35.84 10.19 -33.51
C GLN D 1046 34.98 9.87 -32.30
N ALA D 1047 35.40 8.85 -31.55
CA ALA D 1047 34.74 8.48 -30.31
C ALA D 1047 35.19 9.42 -29.19
N GLN D 1048 36.47 9.77 -29.21
CA GLN D 1048 37.05 10.68 -28.22
C GLN D 1048 36.23 11.96 -28.15
N GLU D 1049 35.82 12.46 -29.30
CA GLU D 1049 35.12 13.74 -29.38
C GLU D 1049 33.66 13.65 -28.97
N GLU D 1050 33.08 12.45 -29.02
CA GLU D 1050 31.68 12.28 -28.64
C GLU D 1050 31.48 12.40 -27.13
N LYS D 1051 32.59 12.40 -26.39
CA LYS D 1051 32.52 12.51 -24.94
C LYS D 1051 32.37 13.96 -24.48
N HIS D 1052 32.91 14.89 -25.27
CA HIS D 1052 32.88 16.31 -24.93
C HIS D 1052 31.81 17.07 -25.71
N LYS D 1053 31.64 16.71 -26.98
CA LYS D 1053 30.70 17.42 -27.85
C LYS D 1053 29.30 17.49 -27.25
N LEU D 1054 28.89 16.42 -26.56
CA LEU D 1054 27.58 16.38 -25.91
C LEU D 1054 27.58 15.62 -24.58
N PRO E 5 -30.83 -17.71 -9.06
CA PRO E 5 -30.34 -19.02 -9.50
C PRO E 5 -28.80 -19.11 -9.48
N LEU E 6 -28.32 -20.32 -9.75
CA LEU E 6 -26.91 -20.57 -9.96
C LEU E 6 -26.86 -21.74 -10.94
N GLN E 7 -27.74 -22.70 -10.71
CA GLN E 7 -27.80 -23.91 -11.51
C GLN E 7 -26.42 -24.54 -11.68
N LEU E 8 -25.65 -24.60 -10.61
CA LEU E 8 -24.31 -25.17 -10.70
C LEU E 8 -24.38 -26.65 -10.90
N PRO E 9 -23.30 -27.23 -11.44
CA PRO E 9 -23.21 -28.64 -11.81
C PRO E 9 -23.10 -29.56 -10.59
N PRO E 10 -23.72 -30.75 -10.67
CA PRO E 10 -23.71 -31.73 -9.58
C PRO E 10 -22.38 -32.47 -9.49
N LEU E 11 -21.33 -31.77 -9.06
CA LEU E 11 -19.98 -32.32 -9.01
C LEU E 11 -19.87 -33.39 -7.95
N GLU E 12 -20.84 -33.40 -7.04
CA GLU E 12 -20.88 -34.36 -5.94
C GLU E 12 -21.14 -35.80 -6.41
N ARG E 13 -21.61 -35.92 -7.66
CA ARG E 13 -21.88 -37.23 -8.24
C ARG E 13 -20.61 -37.85 -8.82
N LEU E 14 -19.59 -37.02 -8.99
CA LEU E 14 -18.34 -37.48 -9.55
C LEU E 14 -17.78 -38.64 -8.74
N THR E 15 -17.81 -39.92 -9.18
CA THR E 15 -17.38 -41.15 -8.50
C THR E 15 -16.50 -41.98 -9.42
N LEU E 16 -15.63 -42.79 -8.82
CA LEU E 16 -14.88 -43.75 -9.64
C LEU E 16 -15.14 -45.15 -9.13
N SER E 17 -15.71 -45.24 -7.92
CA SER E 17 -15.59 -46.42 -7.06
C SER E 17 -16.77 -47.41 -6.99
N GLN E 18 -17.99 -46.92 -7.00
CA GLN E 18 -19.16 -47.79 -6.83
C GLN E 18 -19.08 -48.60 -5.51
N ASP E 19 -18.01 -48.41 -4.75
CA ASP E 19 -17.94 -48.82 -3.34
C ASP E 19 -19.09 -48.17 -2.56
N LEU E 20 -19.86 -48.99 -1.83
CA LEU E 20 -20.94 -48.43 -1.00
C LEU E 20 -20.47 -47.91 0.35
N ASN E 21 -21.04 -46.75 0.69
CA ASN E 21 -20.75 -46.14 1.98
C ASN E 21 -19.26 -46.00 2.24
N SER E 22 -18.53 -45.59 1.20
CA SER E 22 -17.08 -45.40 1.31
C SER E 22 -16.72 -44.58 2.55
N THR E 23 -15.72 -45.04 3.31
CA THR E 23 -15.20 -44.23 4.40
C THR E 23 -14.29 -43.15 3.83
N ALA E 24 -14.12 -43.16 2.51
CA ALA E 24 -13.35 -42.13 1.83
C ALA E 24 -14.12 -40.81 1.85
N ALA E 25 -15.42 -40.92 2.15
CA ALA E 25 -16.27 -39.77 2.38
C ALA E 25 -16.86 -39.83 3.79
N PRO E 26 -17.47 -38.74 4.25
CA PRO E 26 -18.17 -38.72 5.53
C PRO E 26 -19.29 -39.76 5.64
N HIS E 27 -19.90 -39.86 6.81
CA HIS E 27 -21.02 -40.78 7.04
C HIS E 27 -22.15 -40.48 6.05
N PRO E 28 -22.81 -41.53 5.53
CA PRO E 28 -23.89 -41.32 4.57
C PRO E 28 -25.06 -40.49 5.08
N ARG E 29 -24.96 -39.90 6.27
CA ARG E 29 -26.06 -39.07 6.73
C ARG E 29 -25.74 -37.57 6.85
N LEU E 30 -24.47 -37.22 7.01
CA LEU E 30 -24.11 -35.81 7.13
C LEU E 30 -24.43 -34.98 5.89
N SER E 31 -24.42 -35.60 4.72
CA SER E 31 -24.67 -34.88 3.46
C SER E 31 -26.09 -35.09 2.92
N GLN E 32 -26.49 -36.35 2.83
CA GLN E 32 -27.83 -36.72 2.39
C GLN E 32 -28.26 -37.99 3.11
N TYR E 33 -29.28 -37.86 3.97
CA TYR E 33 -29.80 -39.01 4.71
C TYR E 33 -30.31 -40.05 3.72
N LYS E 34 -31.01 -39.55 2.70
CA LYS E 34 -31.48 -40.37 1.57
C LYS E 34 -30.27 -40.70 0.68
N SER E 35 -29.16 -40.00 0.92
CA SER E 35 -27.84 -40.37 0.44
C SER E 35 -27.51 -39.95 -0.99
N LYS E 36 -26.48 -40.59 -1.54
CA LYS E 36 -26.13 -40.42 -2.94
C LYS E 36 -26.23 -41.78 -3.63
N TYR E 37 -25.78 -41.87 -4.87
CA TYR E 37 -26.05 -43.06 -5.70
C TYR E 37 -25.20 -44.28 -5.34
N SER E 38 -24.00 -44.04 -4.83
CA SER E 38 -23.15 -45.14 -4.41
C SER E 38 -23.02 -45.16 -2.88
N SER E 39 -24.13 -44.92 -2.19
CA SER E 39 -24.21 -45.08 -0.74
C SER E 39 -25.51 -45.76 -0.34
N LEU E 40 -25.49 -46.43 0.81
CA LEU E 40 -26.60 -47.29 1.20
C LEU E 40 -27.14 -46.97 2.59
N GLU E 41 -28.08 -47.79 3.04
CA GLU E 41 -28.64 -47.70 4.37
C GLU E 41 -29.06 -49.11 4.81
N GLN E 42 -28.99 -50.05 3.86
CA GLN E 42 -29.31 -51.45 4.11
C GLN E 42 -28.09 -52.34 3.92
N SER E 43 -27.27 -52.45 4.97
CA SER E 43 -26.11 -53.32 4.93
C SER E 43 -26.53 -54.78 5.15
N GLU E 44 -27.60 -54.98 5.91
CA GLU E 44 -28.04 -56.31 6.32
C GLU E 44 -28.09 -57.36 5.21
N ARG E 45 -28.71 -57.02 4.08
CA ARG E 45 -28.89 -58.01 3.03
C ARG E 45 -27.57 -58.48 2.42
N ARG E 46 -26.80 -57.55 1.84
CA ARG E 46 -25.54 -57.90 1.17
C ARG E 46 -24.60 -58.69 2.09
N ARG E 47 -24.65 -58.40 3.38
CA ARG E 47 -23.85 -59.16 4.34
C ARG E 47 -24.12 -60.64 4.19
N ARG E 48 -25.41 -60.98 4.15
CA ARG E 48 -25.85 -62.38 4.13
C ARG E 48 -25.37 -63.14 2.90
N LEU E 49 -25.63 -62.60 1.72
CA LEU E 49 -25.28 -63.27 0.47
C LEU E 49 -23.77 -63.45 0.33
N LEU E 50 -23.01 -62.42 0.72
CA LEU E 50 -21.55 -62.43 0.58
C LEU E 50 -20.91 -63.64 1.23
N GLU E 51 -21.33 -63.95 2.45
CA GLU E 51 -20.77 -65.08 3.16
C GLU E 51 -21.51 -66.40 2.84
N LEU E 52 -22.68 -66.28 2.23
CA LEU E 52 -23.37 -67.44 1.68
C LEU E 52 -22.74 -67.71 0.33
N GLN E 53 -21.64 -67.01 0.08
CA GLN E 53 -20.97 -67.04 -1.22
C GLN E 53 -19.56 -67.59 -1.05
N LYS E 54 -19.04 -67.51 0.16
CA LYS E 54 -17.72 -68.03 0.44
C LYS E 54 -17.71 -69.53 0.19
N SER E 55 -17.32 -69.91 -1.02
CA SER E 55 -17.06 -71.29 -1.38
C SER E 55 -15.92 -71.28 -2.39
N LYS E 56 -14.70 -71.13 -1.86
CA LYS E 56 -13.49 -70.91 -2.65
C LYS E 56 -13.62 -71.15 -4.16
N ARG E 57 -13.80 -70.07 -4.90
CA ARG E 57 -13.65 -70.10 -6.34
C ARG E 57 -12.33 -69.47 -6.65
N LEU E 58 -11.48 -69.35 -5.63
CA LEU E 58 -10.25 -68.57 -5.72
C LEU E 58 -8.99 -69.30 -5.28
N ASP E 59 -7.95 -69.16 -6.09
CA ASP E 59 -6.64 -69.71 -5.76
C ASP E 59 -5.83 -68.72 -4.89
N TYR E 60 -6.09 -68.74 -3.59
CA TYR E 60 -5.41 -67.86 -2.66
C TYR E 60 -3.98 -68.35 -2.39
N VAL E 61 -3.74 -69.63 -2.64
CA VAL E 61 -2.39 -70.15 -2.49
C VAL E 61 -1.49 -69.49 -3.53
N ASN E 62 -1.91 -69.56 -4.79
CA ASN E 62 -1.16 -68.98 -5.90
C ASN E 62 -0.96 -67.46 -5.75
N HIS E 63 -1.96 -66.78 -5.18
CA HIS E 63 -1.92 -65.32 -5.04
C HIS E 63 -0.90 -64.87 -3.98
N ALA E 64 -0.85 -65.60 -2.87
CA ALA E 64 0.10 -65.30 -1.80
C ALA E 64 1.52 -65.36 -2.32
N ARG E 65 1.79 -66.35 -3.18
CA ARG E 65 3.11 -66.49 -3.76
C ARG E 65 3.40 -65.31 -4.67
N ARG E 66 2.38 -64.86 -5.40
CA ARG E 66 2.54 -63.77 -6.34
C ARG E 66 2.96 -62.47 -5.66
N LEU E 67 2.27 -62.11 -4.57
CA LEU E 67 2.66 -60.95 -3.77
C LEU E 67 4.10 -61.06 -3.25
N ALA E 68 4.47 -62.26 -2.82
CA ALA E 68 5.76 -62.46 -2.15
C ALA E 68 6.90 -62.52 -3.15
N GLU E 69 6.65 -63.15 -4.29
CA GLU E 69 7.70 -63.26 -5.30
C GLU E 69 7.64 -62.15 -6.36
N ASP E 70 6.79 -61.15 -6.12
CA ASP E 70 6.59 -60.08 -7.08
C ASP E 70 6.56 -60.61 -8.52
N ASP E 71 5.71 -61.62 -8.75
CA ASP E 71 5.59 -62.27 -10.06
C ASP E 71 4.16 -62.29 -10.55
N TRP E 72 3.91 -61.66 -11.70
CA TRP E 72 2.53 -61.49 -12.19
C TRP E 72 2.35 -61.94 -13.64
N THR E 73 2.52 -63.24 -13.85
CA THR E 73 2.46 -63.87 -15.17
C THR E 73 1.06 -63.93 -15.79
N GLY E 74 0.08 -64.35 -15.00
CA GLY E 74 -1.29 -64.47 -15.49
C GLY E 74 -1.82 -63.15 -16.00
N MET E 75 -2.51 -63.19 -17.13
CA MET E 75 -3.04 -61.97 -17.74
C MET E 75 -4.41 -62.20 -18.38
N THR E 92 -20.06 -62.91 -10.52
CA THR E 92 -20.24 -62.63 -9.10
C THR E 92 -18.90 -62.63 -8.36
N VAL E 93 -17.95 -63.42 -8.85
CA VAL E 93 -16.63 -63.50 -8.22
C VAL E 93 -15.64 -62.47 -8.78
N LYS E 94 -15.18 -61.59 -7.89
CA LYS E 94 -14.21 -60.55 -8.23
C LYS E 94 -12.79 -61.10 -8.20
N LYS E 95 -12.04 -60.87 -9.27
CA LYS E 95 -10.64 -61.30 -9.34
C LYS E 95 -9.79 -60.62 -8.28
N LEU E 96 -8.58 -61.13 -8.10
CA LEU E 96 -7.66 -60.55 -7.12
C LEU E 96 -6.69 -59.56 -7.76
N PRO E 97 -6.50 -58.40 -7.11
CA PRO E 97 -5.65 -57.29 -7.54
C PRO E 97 -4.27 -57.75 -7.98
N LYS E 98 -3.78 -57.21 -9.10
CA LYS E 98 -2.61 -57.78 -9.76
C LYS E 98 -1.26 -57.22 -9.32
N HIS E 99 -1.26 -56.41 -8.27
CA HIS E 99 0.00 -55.84 -7.77
C HIS E 99 -0.09 -55.55 -6.28
N TYR E 100 0.65 -54.57 -5.79
CA TYR E 100 0.69 -54.28 -4.36
C TYR E 100 -0.41 -53.37 -3.86
N ALA E 101 -1.19 -52.80 -4.77
CA ALA E 101 -2.31 -51.94 -4.39
C ALA E 101 -3.61 -52.73 -4.27
N ASN E 102 -4.47 -52.29 -3.36
CA ASN E 102 -5.80 -52.90 -3.20
C ASN E 102 -5.79 -54.32 -2.71
N GLN E 103 -4.88 -54.61 -1.80
CA GLN E 103 -4.76 -55.94 -1.22
C GLN E 103 -5.49 -56.02 0.10
N LEU E 104 -5.62 -54.88 0.78
CA LEU E 104 -6.26 -54.84 2.09
C LEU E 104 -7.79 -54.89 2.04
N MET E 105 -8.40 -55.39 3.10
CA MET E 105 -9.84 -55.55 3.17
C MET E 105 -10.46 -54.40 3.95
N LEU E 106 -11.10 -53.48 3.22
CA LEU E 106 -11.56 -52.20 3.76
C LEU E 106 -13.03 -52.23 4.15
N SER E 107 -13.35 -51.42 5.17
CA SER E 107 -14.71 -51.36 5.71
C SER E 107 -15.57 -50.27 5.06
N GLU E 108 -16.88 -50.40 5.25
CA GLU E 108 -17.82 -49.32 4.97
C GLU E 108 -18.21 -48.74 6.31
N TRP E 109 -18.82 -47.56 6.33
CA TRP E 109 -19.36 -47.06 7.59
C TRP E 109 -20.30 -48.13 8.14
N LEU E 110 -20.44 -48.18 9.46
CA LEU E 110 -21.43 -49.05 10.08
C LEU E 110 -22.76 -48.32 10.12
N ILE E 111 -23.72 -48.76 9.31
CA ILE E 111 -25.01 -48.09 9.19
C ILE E 111 -26.14 -48.97 9.71
N ASP E 112 -26.37 -50.08 9.04
CA ASP E 112 -27.37 -51.07 9.46
C ASP E 112 -26.77 -51.88 10.60
N VAL E 113 -26.95 -51.41 11.83
CA VAL E 113 -26.41 -52.09 13.00
C VAL E 113 -27.11 -53.42 13.20
N PRO E 114 -26.34 -54.51 13.15
CA PRO E 114 -26.84 -55.90 13.15
C PRO E 114 -27.70 -56.23 14.36
N SER E 115 -28.72 -57.06 14.15
CA SER E 115 -29.61 -57.49 15.23
C SER E 115 -28.89 -58.43 16.20
N ASP E 116 -27.80 -59.03 15.71
CA ASP E 116 -27.05 -60.02 16.48
C ASP E 116 -25.65 -59.52 16.78
N LEU E 117 -25.47 -58.20 16.69
CA LEU E 117 -24.18 -57.54 16.86
C LEU E 117 -23.33 -58.03 18.04
N GLY E 118 -23.96 -58.27 19.18
CA GLY E 118 -23.24 -58.65 20.40
C GLY E 118 -22.91 -60.12 20.53
N GLN E 119 -23.10 -60.86 19.45
CA GLN E 119 -22.90 -62.30 19.47
C GLN E 119 -22.09 -62.78 18.28
N GLU E 120 -22.26 -62.10 17.14
CA GLU E 120 -21.58 -62.50 15.92
C GLU E 120 -20.46 -61.55 15.54
N TRP E 121 -20.47 -60.35 16.09
CA TRP E 121 -19.49 -59.36 15.70
C TRP E 121 -18.43 -59.17 16.76
N ILE E 122 -17.33 -58.54 16.35
CA ILE E 122 -16.26 -58.19 17.26
C ILE E 122 -15.78 -56.79 16.93
N VAL E 123 -14.98 -56.20 17.81
CA VAL E 123 -14.51 -54.84 17.57
C VAL E 123 -13.04 -54.66 17.95
N VAL E 124 -12.28 -54.08 17.03
CA VAL E 124 -10.87 -53.79 17.27
C VAL E 124 -10.64 -52.30 17.36
N VAL E 125 -10.23 -51.82 18.53
CA VAL E 125 -9.86 -50.42 18.66
C VAL E 125 -8.67 -50.10 17.77
N CYS E 126 -8.83 -49.15 16.87
CA CYS E 126 -7.76 -48.81 15.94
C CYS E 126 -7.02 -47.54 16.34
N PRO E 127 -5.71 -47.48 16.03
CA PRO E 127 -4.88 -46.31 16.33
C PRO E 127 -4.75 -45.33 15.17
N VAL E 128 -4.37 -44.11 15.49
CA VAL E 128 -4.00 -43.12 14.50
C VAL E 128 -2.69 -43.52 13.83
N GLY E 129 -2.74 -43.85 12.55
CA GLY E 129 -1.55 -44.25 11.82
C GLY E 129 -1.74 -44.45 10.33
N LYS E 130 -0.89 -45.28 9.75
CA LYS E 130 -0.89 -45.53 8.32
C LYS E 130 -1.27 -46.97 8.01
N ARG E 131 -2.36 -47.17 7.28
CA ARG E 131 -2.74 -48.49 6.82
C ARG E 131 -1.67 -49.00 5.88
N ALA E 132 -1.22 -50.23 6.09
CA ALA E 132 -0.18 -50.78 5.24
C ALA E 132 -0.44 -52.24 4.92
N LEU E 133 -0.04 -52.65 3.72
CA LEU E 133 0.13 -54.06 3.38
C LEU E 133 1.58 -54.50 3.66
N ILE E 134 1.78 -55.32 4.68
CA ILE E 134 3.12 -55.83 5.00
C ILE E 134 3.44 -57.16 4.30
N VAL E 135 4.53 -57.19 3.53
CA VAL E 135 4.96 -58.43 2.87
C VAL E 135 6.38 -58.85 3.22
N ALA E 136 6.51 -60.01 3.83
CA ALA E 136 7.81 -60.52 4.25
C ALA E 136 8.20 -61.78 3.48
N SER E 137 9.12 -61.64 2.54
CA SER E 137 9.65 -62.79 1.83
C SER E 137 11.03 -62.52 1.27
N ARG E 138 11.71 -63.60 0.91
CA ARG E 138 13.01 -63.53 0.25
C ARG E 138 14.03 -62.80 1.10
N GLY E 139 13.81 -62.80 2.41
CA GLY E 139 14.77 -62.26 3.36
C GLY E 139 14.59 -60.78 3.63
N SER E 140 13.40 -60.26 3.33
CA SER E 140 13.10 -58.86 3.56
C SER E 140 11.63 -58.57 3.85
N THR E 141 11.36 -57.34 4.27
CA THR E 141 10.00 -56.95 4.61
C THR E 141 9.68 -55.55 4.04
N SER E 142 8.50 -55.42 3.46
CA SER E 142 8.10 -54.14 2.87
C SER E 142 6.71 -53.72 3.35
N ALA E 143 6.49 -52.40 3.34
CA ALA E 143 5.19 -51.84 3.69
C ALA E 143 4.65 -51.03 2.51
N TYR E 144 3.41 -51.33 2.12
CA TYR E 144 2.76 -50.62 1.03
C TYR E 144 1.53 -49.93 1.55
N THR E 145 1.05 -48.92 0.82
CA THR E 145 -0.22 -48.27 1.15
C THR E 145 -1.31 -49.02 0.42
N LYS E 146 -2.54 -48.55 0.53
CA LYS E 146 -3.63 -49.14 -0.23
C LYS E 146 -3.33 -48.95 -1.71
N SER E 147 -2.58 -47.91 -2.01
CA SER E 147 -2.19 -47.54 -3.37
C SER E 147 -1.00 -48.36 -3.86
N GLY E 148 -0.55 -49.31 -3.06
CA GLY E 148 0.60 -50.13 -3.38
C GLY E 148 1.92 -49.37 -3.38
N TYR E 149 1.91 -48.16 -2.83
CA TYR E 149 3.09 -47.31 -2.85
C TYR E 149 4.03 -47.69 -1.71
N CYS E 150 5.20 -48.21 -2.06
CA CYS E 150 6.14 -48.65 -1.04
C CYS E 150 6.59 -47.49 -0.15
N VAL E 151 6.35 -47.63 1.15
CA VAL E 151 6.70 -46.62 2.15
C VAL E 151 7.94 -47.02 2.96
N ASN E 152 8.28 -48.31 2.92
CA ASN E 152 9.40 -48.78 3.70
C ASN E 152 9.94 -50.13 3.23
N ARG E 153 11.25 -50.30 3.38
CA ARG E 153 11.91 -51.57 3.13
C ARG E 153 12.91 -51.77 4.27
N PHE E 154 12.85 -52.93 4.89
CA PHE E 154 13.50 -53.13 6.18
C PHE E 154 13.65 -54.59 6.58
N SER E 155 14.35 -54.83 7.68
CA SER E 155 14.49 -56.17 8.22
C SER E 155 13.40 -56.31 9.27
N SER E 156 12.83 -57.50 9.37
CA SER E 156 11.88 -57.78 10.44
C SER E 156 12.03 -59.22 10.90
N LEU E 157 11.34 -59.53 11.99
CA LEU E 157 11.38 -60.87 12.56
C LEU E 157 10.16 -61.70 12.17
N LEU E 158 9.38 -61.23 11.20
CA LEU E 158 8.36 -62.05 10.59
C LEU E 158 9.08 -63.03 9.69
N PRO E 159 8.63 -64.31 9.69
CA PRO E 159 9.11 -65.37 8.80
C PRO E 159 9.27 -64.89 7.37
N GLY E 160 10.50 -64.94 6.86
CA GLY E 160 10.80 -64.49 5.50
C GLY E 160 11.34 -63.07 5.44
N GLY E 161 11.34 -62.39 6.58
CA GLY E 161 11.57 -60.96 6.61
C GLY E 161 12.96 -60.51 7.00
N ASN E 162 13.88 -61.46 7.16
CA ASN E 162 15.26 -61.12 7.49
C ASN E 162 16.28 -62.00 6.79
N ARG E 163 17.53 -61.55 6.80
CA ARG E 163 18.61 -62.29 6.20
C ARG E 163 18.72 -63.71 6.76
N ARG E 164 18.13 -63.93 7.93
CA ARG E 164 18.15 -65.25 8.55
C ARG E 164 16.86 -66.07 8.32
N ASN E 165 16.56 -66.35 7.06
CA ASN E 165 15.40 -67.16 6.67
C ASN E 165 15.55 -67.77 5.27
N SER E 166 15.39 -69.09 5.19
CA SER E 166 15.51 -69.83 3.92
C SER E 166 14.69 -69.19 2.81
N THR E 167 13.51 -68.70 3.20
CA THR E 167 12.54 -68.16 2.26
C THR E 167 12.07 -69.20 1.25
N ALA E 168 12.45 -70.46 1.45
CA ALA E 168 11.81 -71.53 0.69
C ALA E 168 10.33 -71.52 1.04
N LYS E 169 9.61 -70.54 0.50
CA LYS E 169 8.19 -70.39 0.76
C LYS E 169 7.90 -70.28 2.26
N ASP E 170 8.53 -69.29 2.90
CA ASP E 170 8.28 -69.03 4.30
C ASP E 170 7.77 -67.60 4.45
N TYR E 171 7.10 -67.10 3.40
CA TYR E 171 6.62 -65.72 3.37
C TYR E 171 5.45 -65.43 4.30
N THR E 172 5.32 -64.17 4.69
CA THR E 172 4.25 -63.71 5.56
C THR E 172 3.59 -62.44 5.02
N ILE E 173 2.26 -62.44 4.94
CA ILE E 173 1.56 -61.25 4.52
C ILE E 173 0.63 -60.71 5.63
N LEU E 174 0.96 -59.52 6.16
CA LEU E 174 0.14 -58.93 7.23
C LEU E 174 -0.64 -57.69 6.81
N ASP E 175 -1.54 -57.27 7.70
CA ASP E 175 -2.40 -56.13 7.49
C ASP E 175 -2.25 -55.26 8.73
N CYS E 176 -1.62 -54.10 8.59
CA CYS E 176 -1.29 -53.30 9.76
C CYS E 176 -1.60 -51.82 9.61
N ILE E 177 -1.62 -51.14 10.76
CA ILE E 177 -1.62 -49.70 10.83
C ILE E 177 -0.30 -49.26 11.50
N TYR E 178 0.51 -48.50 10.77
CA TYR E 178 1.75 -48.01 11.36
C TYR E 178 1.57 -46.68 12.12
N ASN E 179 1.92 -46.73 13.41
CA ASN E 179 1.87 -45.56 14.28
C ASN E 179 3.26 -44.96 14.45
N GLU E 180 3.41 -43.68 14.11
CA GLU E 180 4.70 -43.00 14.10
C GLU E 180 5.34 -42.79 15.48
N VAL E 181 4.55 -42.33 16.45
CA VAL E 181 5.10 -42.03 17.78
C VAL E 181 5.72 -43.26 18.41
N ASN E 182 5.11 -44.43 18.20
CA ASN E 182 5.56 -45.69 18.81
C ASN E 182 6.43 -46.58 17.91
N GLN E 183 6.75 -46.07 16.72
CA GLN E 183 7.46 -46.84 15.69
C GLN E 183 7.01 -48.29 15.65
N THR E 184 5.75 -48.51 16.02
CA THR E 184 5.14 -49.84 15.99
C THR E 184 4.19 -49.99 14.79
N TYR E 185 4.26 -51.14 14.13
CA TYR E 185 3.24 -51.58 13.20
C TYR E 185 2.23 -52.40 13.98
N TYR E 186 1.07 -51.82 14.29
CA TYR E 186 0.01 -52.61 14.91
C TYR E 186 -0.61 -53.57 13.90
N VAL E 187 -0.55 -54.86 14.20
CA VAL E 187 -1.11 -55.87 13.34
C VAL E 187 -2.65 -55.93 13.49
N LEU E 188 -3.35 -55.71 12.38
CA LEU E 188 -4.80 -55.64 12.36
C LEU E 188 -5.38 -56.97 11.93
N ASP E 189 -4.66 -57.67 11.06
CA ASP E 189 -5.08 -58.98 10.60
C ASP E 189 -3.92 -59.76 10.00
N VAL E 190 -4.13 -61.03 9.73
CA VAL E 190 -3.12 -61.84 9.05
C VAL E 190 -3.77 -62.61 7.92
N MET E 191 -3.28 -62.39 6.70
CA MET E 191 -3.82 -63.13 5.56
C MET E 191 -2.90 -64.23 5.06
N CYS E 192 -1.63 -64.21 5.47
CA CYS E 192 -0.69 -65.31 5.16
C CYS E 192 0.47 -65.41 6.14
N TRP E 193 0.75 -66.62 6.59
CA TRP E 193 1.77 -66.86 7.60
C TRP E 193 2.55 -68.13 7.25
N ARG E 194 3.86 -68.00 7.25
CA ARG E 194 4.77 -69.12 6.95
C ARG E 194 4.39 -69.84 5.67
N GLY E 195 4.13 -69.08 4.62
CA GLY E 195 3.89 -69.64 3.31
C GLY E 195 2.57 -70.39 3.21
N HIS E 196 1.68 -70.13 4.14
CA HIS E 196 0.33 -70.69 4.08
C HIS E 196 -0.73 -69.60 4.24
N PRO E 197 -1.63 -69.49 3.26
CA PRO E 197 -2.68 -68.46 3.19
C PRO E 197 -3.79 -68.64 4.22
N PHE E 198 -4.28 -67.54 4.79
CA PHE E 198 -5.38 -67.57 5.75
C PHE E 198 -6.60 -66.83 5.19
N TYR E 199 -6.56 -66.47 3.91
CA TYR E 199 -7.72 -65.79 3.28
C TYR E 199 -8.99 -66.63 3.44
N ASP E 200 -8.84 -67.95 3.37
CA ASP E 200 -9.99 -68.85 3.40
C ASP E 200 -10.56 -69.05 4.80
N CYS E 201 -9.91 -68.47 5.81
CA CYS E 201 -10.33 -68.66 7.19
C CYS E 201 -11.20 -67.51 7.71
N GLN E 202 -12.04 -67.83 8.68
CA GLN E 202 -12.91 -66.83 9.29
C GLN E 202 -12.15 -65.89 10.20
N THR E 203 -12.71 -64.71 10.41
CA THR E 203 -12.09 -63.67 11.25
C THR E 203 -11.84 -64.16 12.66
N ASP E 204 -12.85 -64.81 13.23
CA ASP E 204 -12.70 -65.53 14.48
C ASP E 204 -11.31 -66.19 14.52
N PHE E 205 -11.06 -67.08 13.57
CA PHE E 205 -9.82 -67.84 13.54
C PHE E 205 -8.60 -66.98 13.26
N ARG E 206 -8.70 -66.11 12.25
CA ARG E 206 -7.61 -65.22 11.90
C ARG E 206 -7.14 -64.47 13.14
N PHE E 207 -8.09 -63.90 13.87
CA PHE E 207 -7.73 -63.10 15.03
C PHE E 207 -7.11 -63.95 16.13
N TYR E 208 -7.76 -65.05 16.50
CA TYR E 208 -7.17 -65.97 17.48
C TYR E 208 -5.72 -66.30 17.15
N TRP E 209 -5.45 -66.53 15.87
CA TRP E 209 -4.14 -66.96 15.42
C TRP E 209 -3.07 -65.88 15.63
N MET E 210 -3.42 -64.63 15.36
CA MET E 210 -2.50 -63.52 15.61
C MET E 210 -2.06 -63.48 17.05
N HIS E 211 -3.03 -63.60 17.96
CA HIS E 211 -2.78 -63.44 19.37
C HIS E 211 -2.21 -64.68 20.04
N SER E 212 -1.99 -65.72 19.25
CA SER E 212 -1.39 -66.94 19.75
C SER E 212 0.01 -67.13 19.20
N LYS E 213 0.32 -66.46 18.10
CA LYS E 213 1.60 -66.63 17.44
C LYS E 213 2.45 -65.36 17.45
N LEU E 214 1.81 -64.20 17.36
CA LEU E 214 2.54 -62.95 17.43
C LEU E 214 3.35 -62.87 18.73
N PRO E 215 2.71 -63.12 19.89
CA PRO E 215 3.45 -62.98 21.15
C PRO E 215 4.35 -64.20 21.39
N GLU E 216 4.64 -64.97 20.33
CA GLU E 216 5.48 -66.15 20.44
C GLU E 216 6.65 -66.07 19.47
N GLU E 217 6.83 -64.92 18.82
CA GLU E 217 8.00 -64.70 17.97
C GLU E 217 9.09 -63.98 18.74
N GLU E 218 10.32 -64.46 18.58
CA GLU E 218 11.48 -63.99 19.35
C GLU E 218 11.35 -62.53 19.78
N GLY E 219 11.84 -61.62 18.96
CA GLY E 219 11.80 -60.20 19.30
C GLY E 219 10.84 -59.38 18.47
N LEU E 220 9.89 -60.04 17.81
CA LEU E 220 8.92 -59.39 16.94
C LEU E 220 8.38 -58.07 17.52
N GLY E 221 7.93 -58.13 18.77
CA GLY E 221 7.37 -56.96 19.43
C GLY E 221 8.37 -56.10 20.18
N GLU E 222 9.62 -56.09 19.73
CA GLU E 222 10.61 -55.16 20.27
C GLU E 222 11.63 -54.65 19.24
N LYS E 223 12.36 -53.61 19.61
CA LYS E 223 13.27 -52.95 18.68
C LYS E 223 14.72 -53.41 18.88
N THR E 224 15.36 -53.80 17.77
CA THR E 224 16.75 -54.27 17.76
C THR E 224 17.27 -54.10 16.32
N LYS E 225 18.50 -54.52 16.07
CA LYS E 225 19.11 -54.27 14.76
C LYS E 225 18.47 -55.08 13.62
N LEU E 226 18.05 -56.30 13.92
CA LEU E 226 17.42 -57.16 12.91
C LEU E 226 15.91 -56.88 12.84
N ASN E 227 15.38 -56.22 13.86
CA ASN E 227 13.95 -55.94 13.93
C ASN E 227 13.69 -54.55 14.49
N PRO E 228 13.95 -53.53 13.66
CA PRO E 228 13.87 -52.08 13.92
C PRO E 228 12.47 -51.61 14.29
N PHE E 229 11.44 -52.29 13.78
CA PHE E 229 10.05 -51.94 14.07
C PHE E 229 9.29 -53.04 14.83
N LYS E 230 8.85 -52.72 16.04
CA LYS E 230 8.04 -53.64 16.82
C LYS E 230 6.71 -53.91 16.14
N PHE E 231 6.31 -55.17 16.07
CA PHE E 231 4.95 -55.54 15.63
C PHE E 231 4.08 -55.96 16.79
N VAL E 232 3.09 -55.15 17.14
CA VAL E 232 2.13 -55.53 18.16
C VAL E 232 0.77 -55.82 17.54
N GLY E 233 0.13 -56.90 17.99
CA GLY E 233 -1.23 -57.19 17.60
C GLY E 233 -2.27 -56.41 18.39
N LEU E 234 -3.27 -55.91 17.67
CA LEU E 234 -4.40 -55.20 18.27
C LEU E 234 -5.41 -56.15 18.91
N LYS E 235 -5.77 -55.86 20.17
CA LYS E 235 -6.78 -56.64 20.88
C LYS E 235 -8.13 -56.52 20.20
N ASN E 236 -8.94 -57.58 20.32
CA ASN E 236 -10.35 -57.47 19.99
C ASN E 236 -11.22 -57.67 21.24
N PHE E 237 -12.44 -57.16 21.21
CA PHE E 237 -13.37 -57.27 22.32
C PHE E 237 -14.75 -57.63 21.78
N PRO E 238 -15.64 -58.10 22.67
CA PRO E 238 -17.05 -58.37 22.35
C PRO E 238 -17.89 -57.09 22.20
N CYS E 239 -18.99 -57.18 21.46
CA CYS E 239 -19.79 -56.00 21.14
C CYS E 239 -21.08 -55.93 21.94
N THR E 240 -21.08 -56.51 23.13
CA THR E 240 -22.24 -56.41 24.00
C THR E 240 -22.23 -55.06 24.71
N PRO E 241 -23.43 -54.53 25.01
CA PRO E 241 -23.58 -53.25 25.71
C PRO E 241 -22.59 -53.07 26.86
N GLU E 242 -22.37 -54.11 27.67
CA GLU E 242 -21.38 -54.03 28.74
C GLU E 242 -19.98 -53.79 28.19
N SER E 243 -19.54 -54.69 27.31
CA SER E 243 -18.22 -54.60 26.71
C SER E 243 -17.95 -53.23 26.11
N LEU E 244 -18.79 -52.84 25.14
CA LEU E 244 -18.62 -51.57 24.42
C LEU E 244 -18.44 -50.40 25.38
N CYS E 245 -19.20 -50.42 26.48
CA CYS E 245 -19.04 -49.40 27.51
C CYS E 245 -17.62 -49.42 28.06
N ASP E 246 -17.24 -50.54 28.66
CA ASP E 246 -15.91 -50.69 29.23
C ASP E 246 -14.84 -50.40 28.20
N VAL E 247 -15.10 -50.78 26.95
CA VAL E 247 -14.16 -50.49 25.87
C VAL E 247 -13.86 -49.00 25.77
N LEU E 248 -14.91 -48.18 25.66
CA LEU E 248 -14.76 -46.73 25.51
C LEU E 248 -14.25 -46.10 26.80
N SER E 249 -14.10 -46.92 27.83
CA SER E 249 -13.64 -46.46 29.12
C SER E 249 -12.18 -46.80 29.33
N MET E 250 -11.57 -47.44 28.33
CA MET E 250 -10.21 -47.98 28.44
C MET E 250 -9.09 -47.00 28.12
N ASP E 251 -7.88 -47.36 28.56
CA ASP E 251 -6.66 -46.69 28.13
C ASP E 251 -5.97 -47.55 27.08
N PHE E 252 -5.24 -46.93 26.17
CA PHE E 252 -4.53 -47.66 25.12
C PHE E 252 -3.10 -47.14 24.95
N PRO E 253 -2.20 -47.98 24.41
CA PRO E 253 -0.80 -47.56 24.27
C PRO E 253 -0.66 -46.48 23.19
N PHE E 254 -1.79 -46.06 22.62
CA PHE E 254 -1.80 -45.11 21.53
C PHE E 254 -3.02 -44.21 21.58
N GLU E 255 -3.09 -43.26 20.65
CA GLU E 255 -4.28 -42.42 20.54
C GLU E 255 -5.30 -43.05 19.58
N VAL E 256 -6.57 -42.99 19.97
CA VAL E 256 -7.62 -43.71 19.25
C VAL E 256 -8.15 -42.98 18.00
N ASP E 257 -8.12 -43.70 16.89
CA ASP E 257 -8.59 -43.18 15.62
C ASP E 257 -10.06 -43.54 15.44
N GLY E 258 -10.39 -44.81 15.63
CA GLY E 258 -11.76 -45.27 15.51
C GLY E 258 -11.95 -46.70 15.95
N LEU E 259 -13.06 -47.30 15.53
CA LEU E 259 -13.39 -48.66 15.92
C LEU E 259 -13.81 -49.50 14.71
N LEU E 260 -13.16 -50.65 14.56
CA LEU E 260 -13.50 -51.58 13.48
C LEU E 260 -14.37 -52.72 14.00
N PHE E 261 -15.49 -52.96 13.31
CA PHE E 261 -16.41 -54.05 13.65
C PHE E 261 -16.34 -55.16 12.62
N TYR E 262 -15.95 -56.35 13.06
CA TYR E 262 -15.82 -57.49 12.16
C TYR E 262 -16.88 -58.53 12.45
N HIS E 263 -17.54 -59.03 11.41
CA HIS E 263 -18.38 -60.20 11.56
C HIS E 263 -17.49 -61.43 11.69
N LYS E 264 -17.68 -62.21 12.76
CA LYS E 264 -16.77 -63.30 13.07
C LYS E 264 -16.54 -64.28 11.91
N GLN E 265 -17.51 -64.38 11.01
CA GLN E 265 -17.47 -65.44 9.99
C GLN E 265 -16.88 -65.05 8.64
N THR E 266 -16.53 -63.78 8.46
CA THR E 266 -16.07 -63.30 7.15
C THR E 266 -14.71 -63.82 6.79
N HIS E 267 -14.54 -64.32 5.57
CA HIS E 267 -13.20 -64.58 5.07
C HIS E 267 -12.54 -63.23 4.90
N TYR E 268 -11.36 -63.20 4.30
CA TYR E 268 -10.67 -61.95 4.10
C TYR E 268 -10.60 -61.59 2.62
N SER E 269 -11.50 -60.71 2.18
CA SER E 269 -11.56 -60.30 0.79
C SER E 269 -10.90 -58.92 0.55
N PRO E 270 -9.94 -58.86 -0.38
CA PRO E 270 -9.35 -57.55 -0.71
C PRO E 270 -10.44 -56.64 -1.22
N GLY E 271 -10.39 -55.37 -0.86
CA GLY E 271 -11.39 -54.41 -1.29
C GLY E 271 -12.41 -54.11 -0.20
N SER E 272 -13.46 -53.39 -0.55
CA SER E 272 -14.49 -53.01 0.43
C SER E 272 -15.53 -54.10 0.66
N THR E 273 -16.00 -54.19 1.90
CA THR E 273 -17.05 -55.13 2.27
C THR E 273 -17.95 -54.50 3.31
N PRO E 274 -19.21 -54.97 3.38
CA PRO E 274 -20.15 -54.60 4.44
C PRO E 274 -19.86 -55.40 5.69
N LEU E 275 -19.15 -56.51 5.54
CA LEU E 275 -18.94 -57.43 6.65
C LEU E 275 -17.91 -56.94 7.68
N VAL E 276 -17.37 -55.76 7.46
CA VAL E 276 -16.71 -55.03 8.53
C VAL E 276 -17.06 -53.56 8.41
N GLY E 277 -17.41 -52.95 9.53
CA GLY E 277 -17.83 -51.56 9.53
C GLY E 277 -16.98 -50.71 10.46
N TRP E 278 -17.12 -49.41 10.29
CA TRP E 278 -16.23 -48.45 10.94
C TRP E 278 -17.02 -47.34 11.60
N LEU E 279 -16.63 -46.99 12.81
CA LEU E 279 -17.21 -45.83 13.48
C LEU E 279 -16.11 -45.07 14.23
N ARG E 280 -16.30 -43.76 14.36
CA ARG E 280 -15.43 -42.96 15.20
C ARG E 280 -16.01 -43.01 16.61
N PRO E 281 -15.15 -42.86 17.63
CA PRO E 281 -15.57 -43.10 19.01
C PRO E 281 -16.86 -42.37 19.41
N TYR E 282 -17.00 -41.11 19.02
CA TYR E 282 -18.19 -40.33 19.38
C TYR E 282 -19.47 -40.80 18.68
N MET E 283 -19.32 -41.29 17.45
CA MET E 283 -20.44 -41.84 16.70
C MET E 283 -21.06 -43.09 17.36
N VAL E 284 -20.31 -43.73 18.24
CA VAL E 284 -20.72 -45.02 18.80
C VAL E 284 -21.87 -44.90 19.80
N SER E 285 -21.78 -43.94 20.71
CA SER E 285 -22.75 -43.85 21.79
C SER E 285 -24.15 -43.50 21.29
N ASP E 286 -24.26 -43.28 19.99
CA ASP E 286 -25.55 -42.99 19.38
C ASP E 286 -25.93 -44.03 18.34
N VAL E 287 -25.85 -45.29 18.73
CA VAL E 287 -26.43 -46.38 17.95
C VAL E 287 -27.19 -47.23 18.94
N LEU E 288 -26.46 -47.76 19.93
CA LEU E 288 -27.06 -48.38 21.10
C LEU E 288 -26.05 -48.44 22.25
N GLY E 289 -25.79 -47.29 22.87
CA GLY E 289 -24.83 -47.21 23.96
C GLY E 289 -25.24 -46.22 25.03
N VAL E 290 -24.53 -46.22 26.15
CA VAL E 290 -24.90 -45.36 27.27
C VAL E 290 -23.71 -44.61 27.89
N ALA E 291 -22.48 -44.99 27.54
CA ALA E 291 -21.30 -44.32 28.06
C ALA E 291 -21.30 -42.87 27.65
N VAL E 292 -20.77 -42.00 28.51
CA VAL E 292 -20.70 -40.56 28.22
C VAL E 292 -19.48 -39.84 28.82
N PRO E 293 -18.67 -40.54 29.64
CA PRO E 293 -17.65 -39.78 30.36
C PRO E 293 -16.32 -39.60 29.63
N ALA E 294 -15.88 -40.61 28.88
CA ALA E 294 -14.54 -40.62 28.30
C ALA E 294 -14.22 -39.38 27.47
N GLY E 295 -13.08 -39.41 26.77
CA GLY E 295 -12.70 -38.31 25.90
C GLY E 295 -12.71 -38.66 24.41
N PRO E 296 -13.83 -39.21 23.92
CA PRO E 296 -13.94 -39.55 22.51
C PRO E 296 -14.97 -38.67 21.82
N LEU E 297 -15.34 -37.56 22.45
CA LEU E 297 -16.39 -36.67 21.94
C LEU E 297 -15.94 -35.84 20.75
N THR E 298 -16.89 -35.56 19.85
CA THR E 298 -16.62 -34.82 18.62
C THR E 298 -15.82 -33.53 18.85
N THR E 299 -15.16 -33.07 17.80
CA THR E 299 -14.31 -31.87 17.86
C THR E 299 -15.08 -30.62 18.30
N SER E 349 11.78 -6.32 29.46
CA SER E 349 12.12 -5.21 28.59
C SER E 349 12.83 -5.65 27.30
N SER E 350 13.07 -6.95 27.18
CA SER E 350 13.63 -7.52 25.95
C SER E 350 12.76 -8.68 25.46
N HIS E 351 12.98 -9.12 24.22
CA HIS E 351 12.16 -10.18 23.63
C HIS E 351 12.74 -11.57 23.90
N SER E 352 11.86 -12.58 23.87
CA SER E 352 12.28 -13.96 24.11
C SER E 352 11.12 -14.92 23.82
N PRO E 353 11.13 -15.54 22.63
CA PRO E 353 10.10 -16.50 22.20
C PRO E 353 10.55 -17.96 22.23
N ASP E 354 11.84 -18.21 22.44
CA ASP E 354 12.40 -19.55 22.30
C ASP E 354 12.78 -20.19 23.64
N HIS E 355 12.67 -21.52 23.72
CA HIS E 355 13.06 -22.25 24.94
C HIS E 355 13.58 -23.67 24.63
N PRO E 356 14.79 -24.00 25.10
CA PRO E 356 15.42 -25.30 24.79
C PRO E 356 14.86 -26.45 25.61
N GLY E 357 14.62 -27.57 24.95
CA GLY E 357 14.21 -28.78 25.63
C GLY E 357 15.44 -29.49 26.14
N CYS E 358 16.43 -29.62 25.27
CA CYS E 358 17.74 -30.14 25.64
C CYS E 358 18.76 -29.08 25.28
N LEU E 359 19.91 -29.08 25.95
CA LEU E 359 20.88 -28.01 25.75
C LEU E 359 22.32 -28.39 26.10
N MET E 360 23.22 -28.19 25.12
CA MET E 360 24.62 -28.52 25.31
C MET E 360 25.52 -27.66 24.41
N GLU E 361 26.32 -26.80 25.04
CA GLU E 361 27.24 -25.93 24.32
C GLU E 361 26.55 -25.19 23.17
N ASN E 362 25.47 -24.47 23.51
CA ASN E 362 24.76 -23.62 22.54
C ASN E 362 24.17 -24.39 21.35
N GLN F 4 27.13 -56.81 -36.11
CA GLN F 4 27.23 -55.91 -34.97
C GLN F 4 27.50 -54.47 -35.41
N VAL F 5 26.43 -53.70 -35.58
CA VAL F 5 26.51 -52.36 -36.18
C VAL F 5 26.75 -51.22 -35.19
N GLN F 6 27.59 -50.27 -35.60
CA GLN F 6 27.97 -49.14 -34.76
C GLN F 6 28.13 -47.87 -35.60
N PHE F 7 28.28 -46.73 -34.95
CA PHE F 7 28.43 -45.45 -35.64
C PHE F 7 29.40 -44.50 -34.94
N LYS F 8 29.91 -43.52 -35.68
CA LYS F 8 30.80 -42.53 -35.07
C LYS F 8 30.08 -41.22 -34.81
N LEU F 9 29.94 -40.87 -33.54
CA LEU F 9 29.23 -39.66 -33.15
C LEU F 9 30.20 -38.59 -32.64
N VAL F 10 30.33 -37.50 -33.38
CA VAL F 10 31.14 -36.39 -32.93
C VAL F 10 30.32 -35.46 -32.04
N LEU F 11 30.81 -35.22 -30.83
CA LEU F 11 30.14 -34.36 -29.87
C LEU F 11 30.95 -33.07 -29.65
N VAL F 12 30.48 -31.97 -30.20
CA VAL F 12 31.17 -30.68 -30.06
C VAL F 12 30.33 -29.64 -29.33
N GLY F 13 31.00 -28.56 -28.93
CA GLY F 13 30.34 -27.48 -28.23
C GLY F 13 31.40 -26.71 -27.48
N ASP F 14 31.03 -25.58 -26.89
CA ASP F 14 31.97 -24.79 -26.10
C ASP F 14 32.41 -25.50 -24.80
N GLY F 15 33.32 -24.86 -24.07
CA GLY F 15 33.74 -25.39 -22.78
C GLY F 15 32.72 -25.15 -21.68
N GLY F 16 32.51 -26.16 -20.84
CA GLY F 16 31.54 -26.06 -19.76
C GLY F 16 30.12 -26.38 -20.21
N THR F 17 29.99 -26.67 -21.50
CA THR F 17 28.69 -26.94 -22.08
C THR F 17 27.98 -28.08 -21.34
N GLY F 18 28.72 -29.14 -21.06
CA GLY F 18 28.17 -30.30 -20.36
C GLY F 18 28.37 -31.57 -21.16
N LYS F 19 29.06 -31.42 -22.28
CA LYS F 19 29.36 -32.55 -23.16
C LYS F 19 29.80 -33.77 -22.37
N THR F 20 30.92 -33.65 -21.66
CA THR F 20 31.49 -34.77 -20.92
C THR F 20 30.55 -35.27 -19.82
N THR F 21 30.04 -34.35 -19.02
CA THR F 21 29.06 -34.70 -17.99
C THR F 21 27.90 -35.47 -18.62
N PHE F 22 27.51 -35.08 -19.82
CA PHE F 22 26.39 -35.71 -20.50
C PHE F 22 26.69 -37.18 -20.80
N VAL F 23 27.86 -37.46 -21.37
CA VAL F 23 28.19 -38.81 -21.83
C VAL F 23 28.41 -39.80 -20.68
N LYS F 24 28.97 -39.33 -19.58
CA LYS F 24 29.27 -40.23 -18.47
C LYS F 24 28.01 -40.58 -17.68
N ARG F 25 27.03 -39.68 -17.69
CA ARG F 25 25.71 -39.99 -17.15
C ARG F 25 25.17 -41.20 -17.91
N HIS F 26 25.43 -41.23 -19.21
CA HIS F 26 24.89 -42.28 -20.07
C HIS F 26 25.52 -43.67 -19.83
N LEU F 27 26.78 -43.71 -19.43
CA LEU F 27 27.42 -45.00 -19.19
C LEU F 27 27.73 -45.30 -17.72
N THR F 28 27.08 -44.58 -16.80
CA THR F 28 27.24 -44.85 -15.38
C THR F 28 26.00 -44.47 -14.59
N GLY F 29 25.24 -43.53 -15.14
CA GLY F 29 24.08 -43.00 -14.46
C GLY F 29 24.49 -42.07 -13.33
N GLU F 30 25.78 -41.72 -13.27
CA GLU F 30 26.27 -40.80 -12.26
C GLU F 30 26.45 -39.40 -12.83
N PHE F 31 26.49 -38.40 -11.95
CA PHE F 31 26.56 -37.01 -12.37
C PHE F 31 27.75 -36.27 -11.76
N GLU F 32 28.64 -35.81 -12.62
CA GLU F 32 29.85 -35.11 -12.21
C GLU F 32 29.64 -33.60 -11.99
N LYS F 33 29.71 -33.17 -10.72
CA LYS F 33 29.56 -31.76 -10.38
C LYS F 33 30.78 -30.90 -10.72
N LYS F 34 31.91 -31.55 -10.99
CA LYS F 34 33.14 -30.85 -11.31
C LYS F 34 33.26 -30.43 -12.78
N TYR F 35 33.95 -29.32 -13.02
CA TYR F 35 34.34 -28.98 -14.38
C TYR F 35 35.82 -29.25 -14.64
N VAL F 36 36.15 -30.44 -15.14
CA VAL F 36 37.53 -30.74 -15.52
C VAL F 36 37.66 -30.97 -17.02
N ALA F 37 38.20 -29.97 -17.71
CA ALA F 37 38.19 -29.90 -19.17
C ALA F 37 38.87 -31.06 -19.89
N THR F 38 38.23 -31.50 -20.97
CA THR F 38 38.78 -32.51 -21.84
C THR F 38 39.95 -31.96 -22.65
N LEU F 39 40.94 -32.80 -22.88
CA LEU F 39 42.09 -32.43 -23.71
C LEU F 39 42.04 -33.20 -25.02
N GLY F 40 41.89 -32.48 -26.14
CA GLY F 40 41.69 -33.11 -27.43
C GLY F 40 40.34 -33.81 -27.54
N VAL F 41 40.33 -35.12 -27.37
CA VAL F 41 39.11 -35.90 -27.43
C VAL F 41 39.24 -37.18 -26.59
N GLU F 42 38.10 -37.79 -26.26
CA GLU F 42 38.08 -39.07 -25.56
C GLU F 42 36.92 -39.91 -26.10
N VAL F 43 37.24 -41.03 -26.76
CA VAL F 43 36.22 -41.86 -27.40
C VAL F 43 35.56 -42.80 -26.40
N HIS F 44 34.24 -42.68 -26.24
CA HIS F 44 33.49 -43.50 -25.30
C HIS F 44 32.43 -44.29 -26.03
N PRO F 45 32.40 -45.61 -25.80
CA PRO F 45 31.40 -46.50 -26.41
C PRO F 45 30.09 -46.47 -25.63
N LEU F 46 28.99 -46.14 -26.31
CA LEU F 46 27.67 -46.18 -25.69
C LEU F 46 26.76 -47.17 -26.42
N VAL F 47 26.07 -48.00 -25.66
CA VAL F 47 25.18 -49.01 -26.23
C VAL F 47 23.73 -48.85 -25.79
N PHE F 48 22.85 -48.76 -26.77
CA PHE F 48 21.42 -48.70 -26.52
C PHE F 48 20.76 -49.94 -27.11
N HIS F 49 19.82 -50.52 -26.37
CA HIS F 49 19.12 -51.70 -26.86
C HIS F 49 17.76 -51.35 -27.43
N THR F 50 17.62 -51.56 -28.74
CA THR F 50 16.42 -51.20 -29.44
C THR F 50 15.63 -52.45 -29.79
N ASN F 51 14.46 -52.24 -30.38
CA ASN F 51 13.60 -53.33 -30.81
C ASN F 51 14.07 -53.92 -32.14
N ARG F 52 15.14 -53.35 -32.67
CA ARG F 52 15.77 -53.85 -33.89
C ARG F 52 17.25 -54.21 -33.65
N GLY F 53 17.53 -54.78 -32.49
CA GLY F 53 18.88 -55.19 -32.14
C GLY F 53 19.64 -54.08 -31.43
N PRO F 54 20.80 -54.43 -30.84
CA PRO F 54 21.64 -53.43 -30.16
C PRO F 54 22.26 -52.44 -31.14
N ILE F 55 22.65 -51.28 -30.64
CA ILE F 55 23.26 -50.24 -31.46
C ILE F 55 24.38 -49.56 -30.67
N LYS F 56 25.54 -49.41 -31.28
CA LYS F 56 26.70 -48.84 -30.60
C LYS F 56 27.10 -47.48 -31.14
N PHE F 57 27.09 -46.46 -30.29
CA PHE F 57 27.64 -45.16 -30.65
C PHE F 57 29.08 -45.06 -30.14
N ASN F 58 29.97 -44.55 -30.97
CA ASN F 58 31.31 -44.22 -30.51
C ASN F 58 31.44 -42.73 -30.28
N VAL F 59 30.92 -42.27 -29.15
CA VAL F 59 30.99 -40.87 -28.80
C VAL F 59 32.41 -40.35 -28.86
N TRP F 60 32.62 -39.33 -29.69
CA TRP F 60 33.90 -38.65 -29.77
C TRP F 60 33.77 -37.33 -29.03
N ASP F 61 33.86 -37.40 -27.73
CA ASP F 61 33.71 -36.23 -26.88
C ASP F 61 34.92 -35.30 -27.00
N THR F 62 34.84 -34.37 -27.95
CA THR F 62 35.92 -33.41 -28.21
C THR F 62 35.94 -32.27 -27.20
N ALA F 63 36.97 -31.44 -27.27
CA ALA F 63 37.17 -30.38 -26.30
C ALA F 63 36.72 -29.04 -26.85
N GLY F 64 36.00 -28.28 -26.01
CA GLY F 64 35.52 -26.96 -26.37
C GLY F 64 36.50 -25.82 -26.12
N LEU F 65 37.43 -26.01 -25.18
CA LEU F 65 38.41 -24.96 -24.89
C LEU F 65 39.48 -24.85 -25.97
N GLU F 66 39.72 -23.63 -26.41
CA GLU F 66 40.58 -23.36 -27.57
C GLU F 66 41.98 -23.91 -27.39
N LYS F 67 42.51 -23.80 -26.18
CA LYS F 67 43.89 -24.21 -25.96
C LYS F 67 44.01 -25.72 -25.89
N PHE F 68 42.89 -26.39 -25.68
CA PHE F 68 42.88 -27.84 -25.54
C PHE F 68 42.25 -28.52 -26.73
N GLY F 69 42.10 -27.78 -27.83
CA GLY F 69 41.39 -28.25 -29.02
C GLY F 69 41.94 -29.50 -29.69
N GLY F 70 43.27 -29.59 -29.81
CA GLY F 70 43.92 -30.74 -30.43
C GLY F 70 43.84 -30.79 -31.95
N LEU F 71 43.40 -31.93 -32.47
CA LEU F 71 43.26 -32.12 -33.91
C LEU F 71 41.78 -32.07 -34.26
N ARG F 72 41.23 -30.87 -34.25
CA ARG F 72 39.78 -30.67 -34.21
C ARG F 72 38.99 -31.27 -35.37
N ASP F 73 39.02 -30.58 -36.51
CA ASP F 73 38.36 -31.12 -37.69
C ASP F 73 38.98 -32.49 -38.01
N GLY F 74 40.22 -32.69 -37.60
CA GLY F 74 40.86 -33.98 -37.74
C GLY F 74 40.00 -35.09 -37.18
N TYR F 75 39.40 -34.83 -36.02
CA TYR F 75 38.57 -35.83 -35.32
C TYR F 75 37.29 -36.11 -36.08
N TYR F 76 36.74 -35.08 -36.70
CA TYR F 76 35.44 -35.21 -37.36
C TYR F 76 35.41 -36.24 -38.49
N ILE F 77 36.52 -36.34 -39.22
CA ILE F 77 36.58 -37.19 -40.40
C ILE F 77 35.91 -38.54 -40.21
N GLN F 78 35.08 -38.93 -41.18
CA GLN F 78 34.39 -40.22 -41.17
C GLN F 78 33.30 -40.35 -40.09
N ALA F 79 32.87 -39.23 -39.53
CA ALA F 79 31.72 -39.19 -38.63
C ALA F 79 30.41 -39.45 -39.37
N GLN F 80 29.42 -39.96 -38.64
CA GLN F 80 28.14 -40.32 -39.27
C GLN F 80 26.96 -39.65 -38.58
N CYS F 81 27.24 -38.89 -37.53
CA CYS F 81 26.22 -38.16 -36.78
C CYS F 81 26.89 -37.25 -35.75
N ALA F 82 26.20 -36.18 -35.35
CA ALA F 82 26.80 -35.22 -34.44
C ALA F 82 25.84 -34.67 -33.41
N ILE F 83 26.39 -34.17 -32.32
CA ILE F 83 25.62 -33.55 -31.27
C ILE F 83 26.27 -32.24 -30.86
N ILE F 84 25.84 -31.14 -31.45
CA ILE F 84 26.33 -29.83 -31.06
C ILE F 84 25.63 -29.43 -29.79
N MET F 85 26.37 -28.99 -28.79
CA MET F 85 25.74 -28.65 -27.52
C MET F 85 26.05 -27.23 -27.05
N PHE F 86 25.13 -26.64 -26.29
CA PHE F 86 25.36 -25.33 -25.67
C PHE F 86 24.70 -25.26 -24.30
N ASP F 87 24.98 -24.19 -23.55
CA ASP F 87 24.53 -24.04 -22.18
C ASP F 87 23.50 -22.90 -22.08
N VAL F 88 22.23 -23.24 -21.86
CA VAL F 88 21.16 -22.25 -21.89
C VAL F 88 21.29 -21.23 -20.77
N THR F 89 22.37 -21.34 -19.99
CA THR F 89 22.65 -20.33 -18.97
C THR F 89 23.81 -19.42 -19.42
N SER F 90 24.27 -19.64 -20.65
CA SER F 90 25.37 -18.85 -21.21
C SER F 90 25.14 -18.53 -22.70
N ARG F 91 24.65 -17.33 -22.98
CA ARG F 91 24.31 -16.92 -24.34
C ARG F 91 25.45 -17.11 -25.35
N VAL F 92 26.68 -16.88 -24.90
CA VAL F 92 27.85 -17.00 -25.75
C VAL F 92 27.96 -18.40 -26.37
N THR F 93 27.61 -19.41 -25.59
CA THR F 93 27.66 -20.79 -26.06
C THR F 93 26.73 -21.05 -27.24
N TYR F 94 25.56 -20.40 -27.26
CA TYR F 94 24.64 -20.51 -28.37
C TYR F 94 25.06 -19.64 -29.56
N LYS F 95 25.75 -18.54 -29.27
CA LYS F 95 26.19 -17.66 -30.34
C LYS F 95 27.34 -18.27 -31.16
N ASN F 96 27.96 -19.31 -30.62
CA ASN F 96 29.10 -19.92 -31.31
C ASN F 96 28.76 -21.24 -32.00
N VAL F 97 27.60 -21.78 -31.68
CA VAL F 97 27.11 -22.97 -32.36
C VAL F 97 27.35 -22.91 -33.88
N PRO F 98 27.06 -21.76 -34.51
CA PRO F 98 27.34 -21.62 -35.95
C PRO F 98 28.79 -21.92 -36.33
N ASN F 99 29.74 -21.57 -35.46
CA ASN F 99 31.13 -21.88 -35.71
C ASN F 99 31.41 -23.39 -35.61
N TRP F 100 30.89 -24.03 -34.56
CA TRP F 100 30.94 -25.48 -34.42
C TRP F 100 30.27 -26.23 -35.57
N HIS F 101 29.10 -25.76 -36.02
CA HIS F 101 28.42 -26.38 -37.15
C HIS F 101 29.16 -26.16 -38.47
N ARG F 102 29.79 -24.98 -38.60
CA ARG F 102 30.59 -24.65 -39.78
C ARG F 102 31.76 -25.61 -39.94
N ASP F 103 32.56 -25.74 -38.88
CA ASP F 103 33.73 -26.60 -38.91
C ASP F 103 33.31 -28.03 -39.25
N LEU F 104 32.13 -28.41 -38.79
CA LEU F 104 31.68 -29.80 -38.87
C LEU F 104 31.19 -30.25 -40.26
N VAL F 105 30.45 -29.38 -40.96
CA VAL F 105 29.80 -29.78 -42.21
C VAL F 105 30.73 -29.65 -43.41
N ARG F 106 31.83 -28.94 -43.22
CA ARG F 106 32.88 -28.89 -44.24
C ARG F 106 33.67 -30.21 -44.24
N VAL F 107 33.62 -30.92 -43.11
CA VAL F 107 34.20 -32.26 -43.06
C VAL F 107 33.13 -33.29 -43.39
N CYS F 108 31.95 -33.14 -42.80
CA CYS F 108 30.86 -34.10 -42.97
C CYS F 108 29.65 -33.44 -43.66
N GLU F 109 29.65 -33.44 -44.99
CA GLU F 109 28.72 -32.61 -45.77
C GLU F 109 27.26 -33.04 -45.69
N ASN F 110 26.99 -34.28 -45.28
CA ASN F 110 25.63 -34.67 -44.94
C ASN F 110 25.55 -35.78 -43.91
N ILE F 111 25.34 -35.38 -42.66
CA ILE F 111 25.09 -36.34 -41.58
C ILE F 111 24.00 -35.77 -40.71
N PRO F 112 23.23 -36.66 -40.05
CA PRO F 112 22.25 -36.20 -39.07
C PRO F 112 22.95 -35.53 -37.91
N ILE F 113 22.50 -34.33 -37.56
CA ILE F 113 23.08 -33.58 -36.46
C ILE F 113 21.96 -33.15 -35.54
N VAL F 114 22.20 -33.23 -34.23
CA VAL F 114 21.24 -32.78 -33.25
C VAL F 114 21.88 -31.63 -32.49
N LEU F 115 21.07 -30.62 -32.18
CA LEU F 115 21.50 -29.47 -31.40
C LEU F 115 20.91 -29.60 -30.00
N CYS F 116 21.74 -29.52 -28.97
CA CYS F 116 21.24 -29.68 -27.60
C CYS F 116 21.46 -28.47 -26.73
N GLY F 117 20.39 -28.04 -26.07
CA GLY F 117 20.47 -27.00 -25.07
C GLY F 117 20.39 -27.63 -23.70
N ASN F 118 21.52 -27.61 -22.99
CA ASN F 118 21.69 -28.30 -21.71
C ASN F 118 21.53 -27.34 -20.55
N LYS F 119 21.37 -27.86 -19.33
CA LYS F 119 21.18 -27.05 -18.14
C LYS F 119 19.76 -26.48 -17.97
N VAL F 120 18.77 -27.12 -18.58
CA VAL F 120 17.41 -26.57 -18.49
C VAL F 120 16.90 -26.66 -17.08
N ASP F 121 17.57 -27.44 -16.24
CA ASP F 121 17.13 -27.65 -14.87
C ASP F 121 17.39 -26.38 -14.07
N ILE F 122 18.42 -25.64 -14.45
CA ILE F 122 18.75 -24.39 -13.76
C ILE F 122 17.64 -23.35 -13.90
N LYS F 123 17.19 -22.82 -12.77
CA LYS F 123 16.05 -21.91 -12.74
C LYS F 123 16.30 -20.58 -13.50
N ASP F 124 17.47 -19.99 -13.29
CA ASP F 124 17.76 -18.70 -13.91
C ASP F 124 18.32 -18.87 -15.33
N ARG F 125 17.42 -19.05 -16.30
CA ARG F 125 17.78 -19.32 -17.67
C ARG F 125 17.99 -18.03 -18.48
N LYS F 126 18.95 -18.04 -19.41
CA LYS F 126 19.32 -16.82 -20.14
C LYS F 126 19.04 -16.92 -21.63
N VAL F 127 19.14 -18.14 -22.18
CA VAL F 127 18.79 -18.37 -23.57
C VAL F 127 17.34 -18.87 -23.66
N LYS F 128 16.41 -17.92 -23.75
CA LYS F 128 14.99 -18.22 -23.82
C LYS F 128 14.72 -19.05 -25.05
N ALA F 129 13.78 -19.99 -24.95
CA ALA F 129 13.43 -20.88 -26.05
C ALA F 129 13.13 -20.11 -27.33
N LYS F 130 12.63 -18.88 -27.17
CA LYS F 130 12.27 -18.06 -28.32
C LYS F 130 13.46 -17.79 -29.24
N SER F 131 14.67 -17.87 -28.71
CA SER F 131 15.86 -17.46 -29.45
C SER F 131 16.51 -18.59 -30.23
N ILE F 132 16.30 -19.82 -29.79
CA ILE F 132 16.92 -20.97 -30.43
C ILE F 132 16.25 -21.25 -31.77
N VAL F 133 16.91 -20.85 -32.85
CA VAL F 133 16.33 -21.00 -34.18
C VAL F 133 17.35 -21.42 -35.25
N PHE F 134 18.61 -21.48 -34.87
CA PHE F 134 19.68 -21.85 -35.78
C PHE F 134 19.37 -23.14 -36.55
N HIS F 135 18.85 -24.15 -35.85
CA HIS F 135 18.63 -25.46 -36.44
C HIS F 135 17.70 -25.43 -37.64
N ARG F 136 16.67 -24.58 -37.56
CA ARG F 136 15.66 -24.45 -38.60
C ARG F 136 16.21 -24.49 -40.04
N LYS F 137 17.00 -23.50 -40.42
CA LYS F 137 17.48 -23.39 -41.79
C LYS F 137 18.67 -24.31 -42.09
N LYS F 138 19.03 -25.14 -41.11
CA LYS F 138 20.10 -26.11 -41.31
C LYS F 138 19.53 -27.51 -41.22
N ASN F 139 18.21 -27.59 -41.11
CA ASN F 139 17.53 -28.88 -41.11
C ASN F 139 18.15 -29.82 -40.09
N LEU F 140 18.30 -29.32 -38.86
CA LEU F 140 18.82 -30.10 -37.75
C LEU F 140 17.72 -30.24 -36.71
N GLN F 141 17.86 -31.23 -35.84
CA GLN F 141 16.90 -31.47 -34.75
C GLN F 141 17.28 -30.68 -33.50
N TYR F 142 16.29 -30.22 -32.74
CA TYR F 142 16.61 -29.55 -31.46
C TYR F 142 15.94 -30.19 -30.25
N TYR F 143 16.66 -30.17 -29.13
CA TYR F 143 16.12 -30.66 -27.86
C TYR F 143 16.60 -29.87 -26.63
N ASP F 144 15.69 -29.70 -25.70
CA ASP F 144 16.00 -29.20 -24.37
C ASP F 144 16.37 -30.42 -23.53
N ILE F 145 17.58 -30.41 -22.95
CA ILE F 145 18.04 -31.52 -22.13
C ILE F 145 18.60 -31.07 -20.78
N SER F 146 18.83 -32.04 -19.90
CA SER F 146 19.49 -31.81 -18.63
C SER F 146 20.30 -33.05 -18.27
N ALA F 147 21.60 -32.88 -18.11
CA ALA F 147 22.43 -33.98 -17.65
C ALA F 147 22.17 -34.23 -16.15
N LYS F 148 21.77 -33.18 -15.45
CA LYS F 148 21.54 -33.23 -14.01
C LYS F 148 20.23 -33.91 -13.60
N SER F 149 19.18 -33.72 -14.38
CA SER F 149 17.86 -34.24 -14.02
C SER F 149 17.40 -35.33 -14.95
N ASN F 150 18.19 -35.60 -15.99
CA ASN F 150 17.82 -36.59 -17.01
C ASN F 150 16.64 -36.15 -17.86
N TYR F 151 16.42 -34.85 -17.95
CA TYR F 151 15.32 -34.33 -18.74
C TYR F 151 15.61 -34.56 -20.22
N ASN F 152 14.74 -35.31 -20.88
CA ASN F 152 14.90 -35.63 -22.30
C ASN F 152 16.26 -36.22 -22.59
N PHE F 153 16.80 -36.90 -21.57
CA PHE F 153 18.12 -37.55 -21.57
C PHE F 153 18.49 -38.31 -22.84
N GLU F 154 17.61 -39.22 -23.29
CA GLU F 154 17.92 -40.11 -24.41
C GLU F 154 17.47 -39.59 -25.79
N LYS F 155 16.80 -38.44 -25.81
CA LYS F 155 16.24 -37.94 -27.05
C LYS F 155 17.24 -37.80 -28.22
N PRO F 156 18.41 -37.18 -28.00
CA PRO F 156 19.36 -36.97 -29.09
C PRO F 156 19.78 -38.28 -29.75
N PHE F 157 19.75 -39.35 -28.97
CA PHE F 157 20.19 -40.66 -29.43
C PHE F 157 19.08 -41.42 -30.16
N LEU F 158 17.87 -41.36 -29.63
CA LEU F 158 16.73 -42.01 -30.26
C LEU F 158 16.53 -41.49 -31.68
N TRP F 159 16.70 -40.18 -31.85
CA TRP F 159 16.52 -39.54 -33.15
C TRP F 159 17.57 -40.00 -34.16
N LEU F 160 18.83 -39.94 -33.76
CA LEU F 160 19.92 -40.36 -34.62
C LEU F 160 19.80 -41.82 -35.04
N ALA F 161 19.42 -42.67 -34.08
CA ALA F 161 19.23 -44.09 -34.37
C ALA F 161 18.14 -44.26 -35.42
N ARG F 162 17.00 -43.61 -35.18
CA ARG F 162 15.89 -43.63 -36.12
C ARG F 162 16.34 -43.21 -37.54
N LYS F 163 17.32 -42.31 -37.62
CA LYS F 163 17.83 -41.80 -38.89
C LYS F 163 18.85 -42.73 -39.57
N LEU F 164 19.77 -43.29 -38.79
CA LEU F 164 20.84 -44.11 -39.35
C LEU F 164 20.34 -45.50 -39.73
N ILE F 165 19.40 -46.02 -38.96
CA ILE F 165 18.77 -47.31 -39.25
C ILE F 165 17.69 -47.16 -40.32
N GLY F 166 17.17 -45.95 -40.45
CA GLY F 166 16.08 -45.68 -41.39
C GLY F 166 14.77 -46.27 -40.91
N ASP F 167 14.46 -46.06 -39.63
CA ASP F 167 13.21 -46.57 -39.05
C ASP F 167 12.62 -45.54 -38.11
N PRO F 168 11.55 -44.87 -38.55
CA PRO F 168 10.88 -43.82 -37.76
C PRO F 168 10.27 -44.35 -36.48
N ASN F 169 9.94 -45.63 -36.45
CA ASN F 169 9.26 -46.22 -35.29
C ASN F 169 10.20 -47.06 -34.43
N LEU F 170 11.49 -46.83 -34.60
CA LEU F 170 12.51 -47.48 -33.79
C LEU F 170 12.37 -47.00 -32.34
N GLU F 171 12.48 -47.92 -31.40
CA GLU F 171 12.32 -47.60 -29.98
C GLU F 171 13.45 -48.17 -29.13
N PHE F 172 13.68 -47.57 -27.96
CA PHE F 172 14.64 -48.12 -26.99
C PHE F 172 13.86 -48.99 -26.02
N VAL F 173 14.47 -50.07 -25.55
CA VAL F 173 13.77 -51.03 -24.71
C VAL F 173 14.57 -51.49 -23.50
N ALA F 174 15.88 -51.62 -23.67
CA ALA F 174 16.77 -52.07 -22.59
C ALA F 174 16.69 -53.58 -22.31
N MET F 175 17.03 -54.39 -23.30
CA MET F 175 16.99 -55.85 -23.18
C MET F 175 18.35 -56.46 -23.43
N PRO F 176 19.28 -56.29 -22.48
CA PRO F 176 20.68 -56.72 -22.66
C PRO F 176 20.79 -58.09 -23.33
#